data_2N9X
#
_entry.id   2N9X
#
loop_
_entity.id
_entity.type
_entity.pdbx_description
1 polymer 'Microtubule-associated proteins 1A/1B light chain 3B'
2 polymer 'FUN14 domain-containing protein 1'
#
loop_
_entity_poly.entity_id
_entity_poly.type
_entity_poly.pdbx_seq_one_letter_code
_entity_poly.pdbx_strand_id
1 'polypeptide(L)'
;MPSEKTFKQRRTFEQRVEDVRLIREQHPTKIPVIIERYKGEKQLPVLDKTKFLVPDHVNMSELIKIIRRRLQLNANQAFF
LLVNGHSMVSVSTPISEVYESEKDEDGFLYMVYASQETFG
;
A
2 'polypeptide(L)' DYESDDDSYEVLDLTEY B
#
# COMPACT_ATOMS: atom_id res chain seq x y z
N MET A 1 -10.76 4.68 -7.24
CA MET A 1 -9.62 5.58 -6.95
C MET A 1 -8.54 5.57 -8.04
N PRO A 2 -8.16 4.42 -8.66
CA PRO A 2 -7.13 4.38 -9.70
C PRO A 2 -7.41 5.20 -10.97
N SER A 3 -8.67 5.44 -11.33
CA SER A 3 -9.06 6.28 -12.48
C SER A 3 -9.19 7.77 -12.16
N GLU A 4 -9.55 8.12 -10.92
CA GLU A 4 -9.67 9.49 -10.41
C GLU A 4 -8.31 10.18 -10.14
N LYS A 5 -8.36 11.46 -9.74
CA LYS A 5 -7.20 12.26 -9.27
C LYS A 5 -6.64 11.73 -7.93
N THR A 6 -5.53 12.33 -7.47
CA THR A 6 -4.80 11.99 -6.23
C THR A 6 -5.64 11.64 -5.01
N PHE A 7 -5.29 10.58 -4.28
CA PHE A 7 -6.08 9.92 -3.22
C PHE A 7 -6.93 10.78 -2.24
N LYS A 8 -6.43 11.95 -1.80
CA LYS A 8 -7.19 12.88 -0.94
C LYS A 8 -8.52 13.37 -1.55
N GLN A 9 -8.60 13.43 -2.89
CA GLN A 9 -9.83 13.71 -3.65
C GLN A 9 -10.92 12.64 -3.42
N ARG A 10 -10.51 11.39 -3.13
CA ARG A 10 -11.40 10.26 -2.77
C ARG A 10 -11.72 10.17 -1.26
N ARG A 11 -10.70 10.16 -0.39
CA ARG A 11 -10.91 9.88 1.05
C ARG A 11 -9.93 10.61 1.98
N THR A 12 -10.46 11.24 3.03
CA THR A 12 -9.74 11.98 4.10
C THR A 12 -9.35 11.12 5.33
N PHE A 13 -8.45 11.61 6.18
CA PHE A 13 -7.94 10.90 7.36
C PHE A 13 -8.98 10.18 8.26
N GLU A 14 -10.00 10.89 8.73
CA GLU A 14 -11.07 10.31 9.56
C GLU A 14 -11.90 9.26 8.80
N GLN A 15 -12.11 9.45 7.51
CA GLN A 15 -12.77 8.46 6.64
C GLN A 15 -11.89 7.22 6.43
N ARG A 16 -10.55 7.34 6.47
CA ARG A 16 -9.62 6.19 6.50
C ARG A 16 -9.68 5.45 7.84
N VAL A 17 -9.94 6.15 8.96
CA VAL A 17 -10.23 5.51 10.26
C VAL A 17 -11.51 4.68 10.21
N GLU A 18 -12.57 5.18 9.56
CA GLU A 18 -13.77 4.39 9.27
C GLU A 18 -13.45 3.16 8.39
N ASP A 19 -12.64 3.30 7.33
CA ASP A 19 -12.13 2.13 6.58
C ASP A 19 -11.43 1.06 7.44
N VAL A 20 -10.56 1.47 8.37
CA VAL A 20 -9.91 0.54 9.32
C VAL A 20 -10.96 -0.15 10.20
N ARG A 21 -11.96 0.58 10.72
CA ARG A 21 -13.04 0.00 11.55
C ARG A 21 -13.85 -1.06 10.79
N LEU A 22 -14.31 -0.74 9.58
CA LEU A 22 -15.06 -1.67 8.72
C LEU A 22 -14.22 -2.89 8.33
N ILE A 23 -12.95 -2.73 7.94
CA ILE A 23 -12.13 -3.86 7.48
C ILE A 23 -11.73 -4.77 8.65
N ARG A 24 -11.36 -4.21 9.82
CA ARG A 24 -11.11 -4.99 11.05
C ARG A 24 -12.33 -5.80 11.51
N GLU A 25 -13.53 -5.28 11.31
CA GLU A 25 -14.78 -6.00 11.61
C GLU A 25 -15.03 -7.18 10.65
N GLN A 26 -14.93 -6.95 9.33
CA GLN A 26 -15.32 -7.97 8.32
C GLN A 26 -14.23 -8.99 7.96
N HIS A 27 -12.95 -8.58 7.86
CA HIS A 27 -11.83 -9.41 7.38
C HIS A 27 -10.51 -9.17 8.17
N PRO A 28 -10.45 -9.45 9.49
CA PRO A 28 -9.26 -9.18 10.32
C PRO A 28 -7.98 -9.96 9.93
N THR A 29 -8.08 -11.03 9.12
CA THR A 29 -6.93 -11.72 8.50
C THR A 29 -6.13 -10.90 7.47
N LYS A 30 -6.70 -9.80 6.96
CA LYS A 30 -6.00 -8.85 6.09
C LYS A 30 -5.66 -7.53 6.82
N ILE A 31 -4.51 -6.98 6.45
CA ILE A 31 -3.83 -5.84 7.09
C ILE A 31 -4.12 -4.55 6.29
N PRO A 32 -4.59 -3.45 6.94
CA PRO A 32 -4.90 -2.19 6.27
C PRO A 32 -3.63 -1.36 5.98
N VAL A 33 -3.32 -1.16 4.70
CA VAL A 33 -2.16 -0.36 4.24
C VAL A 33 -2.53 0.71 3.21
N ILE A 34 -1.92 1.89 3.30
CA ILE A 34 -2.06 3.01 2.36
C ILE A 34 -0.77 3.16 1.54
N ILE A 35 -0.88 3.47 0.25
CA ILE A 35 0.25 3.67 -0.67
C ILE A 35 0.11 4.97 -1.48
N GLU A 36 1.17 5.77 -1.57
CA GLU A 36 1.17 7.05 -2.29
C GLU A 36 2.54 7.37 -2.91
N ARG A 37 2.55 7.90 -4.12
CA ARG A 37 3.77 8.30 -4.85
C ARG A 37 4.47 9.48 -4.15
N TYR A 38 5.80 9.45 -4.11
CA TYR A 38 6.64 10.50 -3.53
C TYR A 38 6.47 11.91 -4.09
N LYS A 39 6.05 12.86 -3.24
CA LYS A 39 5.67 14.24 -3.65
C LYS A 39 6.85 15.05 -4.20
N GLY A 40 8.07 14.77 -3.73
CA GLY A 40 9.30 15.48 -4.13
C GLY A 40 9.81 15.13 -5.53
N GLU A 41 9.43 13.97 -6.08
CA GLU A 41 9.78 13.54 -7.45
C GLU A 41 8.73 12.57 -8.02
N LYS A 42 7.74 13.11 -8.74
CA LYS A 42 6.61 12.39 -9.37
C LYS A 42 7.01 11.69 -10.70
N GLN A 43 8.16 11.01 -10.70
CA GLN A 43 8.75 10.40 -11.91
C GLN A 43 7.99 9.14 -12.37
N LEU A 44 7.51 8.33 -11.41
CA LEU A 44 6.69 7.14 -11.66
C LEU A 44 5.25 7.50 -12.11
N PRO A 45 4.59 6.66 -12.92
CA PRO A 45 3.29 6.97 -13.53
C PRO A 45 2.14 7.08 -12.52
N VAL A 46 1.06 7.76 -12.94
CA VAL A 46 -0.19 8.01 -12.17
C VAL A 46 -1.12 6.79 -12.03
N LEU A 47 -0.56 5.59 -11.95
CA LEU A 47 -1.27 4.33 -11.68
C LEU A 47 -1.64 4.21 -10.19
N ASP A 48 -2.41 5.18 -9.70
CA ASP A 48 -2.72 5.43 -8.29
C ASP A 48 -3.46 4.28 -7.56
N LYS A 49 -2.73 3.33 -6.97
CA LYS A 49 -3.32 2.21 -6.19
C LYS A 49 -3.99 2.68 -4.89
N THR A 50 -3.49 3.77 -4.29
CA THR A 50 -3.98 4.42 -3.05
C THR A 50 -3.97 3.63 -1.73
N LYS A 51 -4.43 2.38 -1.73
CA LYS A 51 -4.41 1.48 -0.56
C LYS A 51 -4.36 0.01 -0.99
N PHE A 52 -4.09 -0.87 -0.03
CA PHE A 52 -4.20 -2.34 -0.17
C PHE A 52 -4.52 -3.10 1.11
N LEU A 53 -5.19 -4.25 0.98
CA LEU A 53 -5.55 -5.14 2.10
C LEU A 53 -4.71 -6.42 1.99
N VAL A 54 -3.61 -6.48 2.72
CA VAL A 54 -2.62 -7.57 2.58
C VAL A 54 -2.89 -8.75 3.52
N PRO A 55 -3.00 -10.01 3.06
CA PRO A 55 -3.09 -11.15 3.98
C PRO A 55 -1.89 -11.21 4.93
N ASP A 56 -2.13 -11.46 6.21
CA ASP A 56 -1.13 -11.54 7.29
C ASP A 56 0.22 -12.23 6.96
N HIS A 57 0.12 -13.35 6.23
CA HIS A 57 1.24 -14.24 5.87
C HIS A 57 1.96 -13.90 4.56
N VAL A 58 1.58 -12.83 3.84
CA VAL A 58 2.34 -12.33 2.66
C VAL A 58 3.65 -11.72 3.14
N ASN A 59 4.78 -12.02 2.48
CA ASN A 59 6.07 -11.37 2.75
C ASN A 59 6.16 -9.97 2.14
N MET A 60 6.92 -9.06 2.75
CA MET A 60 7.15 -7.70 2.24
C MET A 60 7.76 -7.71 0.82
N SER A 61 8.68 -8.64 0.55
CA SER A 61 9.23 -8.92 -0.78
C SER A 61 8.18 -9.36 -1.80
N GLU A 62 7.20 -10.17 -1.39
CA GLU A 62 6.08 -10.59 -2.23
C GLU A 62 5.10 -9.43 -2.49
N LEU A 63 4.80 -8.60 -1.47
CA LEU A 63 4.02 -7.36 -1.64
C LEU A 63 4.69 -6.42 -2.65
N ILE A 64 6.01 -6.20 -2.52
CA ILE A 64 6.82 -5.43 -3.47
C ILE A 64 6.66 -5.97 -4.90
N LYS A 65 6.69 -7.30 -5.08
CA LYS A 65 6.56 -7.95 -6.40
C LYS A 65 5.21 -7.67 -7.07
N ILE A 66 4.08 -7.90 -6.36
CA ILE A 66 2.73 -7.63 -6.92
C ILE A 66 2.53 -6.14 -7.19
N ILE A 67 2.96 -5.26 -6.29
CA ILE A 67 2.81 -3.81 -6.45
C ILE A 67 3.69 -3.27 -7.59
N ARG A 68 4.94 -3.73 -7.74
CA ARG A 68 5.81 -3.38 -8.88
C ARG A 68 5.18 -3.78 -10.22
N ARG A 69 4.61 -4.99 -10.30
CA ARG A 69 3.87 -5.48 -11.48
C ARG A 69 2.59 -4.69 -11.77
N ARG A 70 1.80 -4.34 -10.74
CA ARG A 70 0.58 -3.51 -10.88
C ARG A 70 0.87 -2.05 -11.27
N LEU A 71 2.04 -1.53 -10.89
CA LEU A 71 2.58 -0.24 -11.35
C LEU A 71 3.28 -0.32 -12.73
N GLN A 72 3.28 -1.50 -13.40
CA GLN A 72 3.86 -1.74 -14.73
C GLN A 72 5.39 -1.52 -14.83
N LEU A 73 6.12 -1.63 -13.71
CA LEU A 73 7.55 -1.29 -13.64
C LEU A 73 8.42 -2.52 -13.94
N ASN A 74 8.98 -2.59 -15.14
CA ASN A 74 9.88 -3.67 -15.60
C ASN A 74 11.18 -3.68 -14.77
N ALA A 75 11.96 -4.77 -14.83
CA ALA A 75 13.16 -4.98 -14.00
C ALA A 75 14.22 -3.86 -14.11
N ASN A 76 14.34 -3.24 -15.29
CA ASN A 76 15.24 -2.11 -15.55
C ASN A 76 14.78 -0.78 -14.92
N GLN A 77 13.49 -0.62 -14.64
CA GLN A 77 12.90 0.59 -14.04
C GLN A 77 13.07 0.58 -12.50
N ALA A 78 13.66 1.63 -11.93
CA ALA A 78 13.93 1.73 -10.50
C ALA A 78 12.64 1.90 -9.67
N PHE A 79 12.53 1.18 -8.54
CA PHE A 79 11.35 1.18 -7.66
C PHE A 79 11.61 0.82 -6.18
N PHE A 80 10.97 1.54 -5.26
CA PHE A 80 11.12 1.38 -3.81
C PHE A 80 9.81 1.59 -3.04
N LEU A 81 9.50 0.74 -2.05
CA LEU A 81 8.41 0.97 -1.08
C LEU A 81 9.04 1.46 0.22
N LEU A 82 8.61 2.64 0.66
CA LEU A 82 9.16 3.39 1.79
C LEU A 82 8.14 3.34 2.94
N VAL A 83 8.27 2.34 3.81
CA VAL A 83 7.37 2.13 4.95
C VAL A 83 7.58 3.21 6.00
N ASN A 84 6.51 3.96 6.33
CA ASN A 84 6.58 5.17 7.16
C ASN A 84 7.70 6.14 6.68
N GLY A 85 7.84 6.28 5.36
CA GLY A 85 8.82 7.18 4.72
C GLY A 85 10.24 6.63 4.55
N HIS A 86 10.54 5.39 4.95
CA HIS A 86 11.89 4.79 4.87
C HIS A 86 11.92 3.42 4.17
N SER A 87 12.91 3.18 3.31
CA SER A 87 12.97 2.00 2.44
C SER A 87 13.08 0.67 3.21
N MET A 88 12.34 -0.34 2.74
CA MET A 88 12.45 -1.75 3.18
C MET A 88 12.57 -2.72 1.98
N VAL A 89 13.06 -2.24 0.82
CA VAL A 89 13.03 -2.99 -0.45
C VAL A 89 13.67 -4.38 -0.45
N SER A 90 14.70 -4.60 0.37
CA SER A 90 15.44 -5.88 0.45
C SER A 90 14.87 -6.88 1.47
N VAL A 91 13.87 -6.50 2.30
CA VAL A 91 13.41 -7.30 3.45
C VAL A 91 12.39 -8.41 3.14
N SER A 92 12.57 -9.59 3.74
CA SER A 92 11.71 -10.78 3.52
C SER A 92 10.55 -10.93 4.53
N THR A 93 10.48 -10.07 5.55
CA THR A 93 9.54 -10.16 6.69
C THR A 93 8.03 -10.28 6.36
N PRO A 94 7.24 -11.11 7.07
CA PRO A 94 5.78 -11.12 6.94
C PRO A 94 5.14 -9.74 7.23
N ILE A 95 4.11 -9.38 6.46
CA ILE A 95 3.53 -8.02 6.49
C ILE A 95 2.95 -7.64 7.85
N SER A 96 2.43 -8.58 8.65
CA SER A 96 1.93 -8.29 10.02
C SER A 96 3.01 -7.76 10.97
N GLU A 97 4.25 -8.26 10.87
CA GLU A 97 5.37 -7.80 11.71
C GLU A 97 5.84 -6.40 11.29
N VAL A 98 5.91 -6.15 9.97
CA VAL A 98 6.18 -4.81 9.40
C VAL A 98 5.07 -3.83 9.83
N TYR A 99 3.82 -4.29 9.80
CA TYR A 99 2.65 -3.56 10.30
C TYR A 99 2.71 -3.14 11.76
N GLU A 100 2.83 -4.07 12.71
CA GLU A 100 2.91 -3.72 14.14
C GLU A 100 4.15 -2.86 14.49
N SER A 101 5.21 -2.92 13.68
CA SER A 101 6.40 -2.06 13.80
C SER A 101 6.16 -0.60 13.38
N GLU A 102 5.34 -0.36 12.34
CA GLU A 102 5.18 0.97 11.69
C GLU A 102 3.73 1.51 11.59
N LYS A 103 2.76 0.82 12.18
CA LYS A 103 1.34 1.23 12.33
C LYS A 103 1.22 2.62 12.95
N ASP A 104 0.42 3.48 12.31
CA ASP A 104 0.25 4.90 12.68
C ASP A 104 -0.92 5.07 13.69
N GLU A 105 -1.20 6.32 14.10
CA GLU A 105 -2.10 6.72 15.19
C GLU A 105 -3.48 6.01 15.26
N ASP A 106 -4.10 5.72 14.12
CA ASP A 106 -5.46 5.16 14.02
C ASP A 106 -5.61 3.75 13.40
N GLY A 107 -4.53 2.97 13.38
CA GLY A 107 -4.51 1.54 13.04
C GLY A 107 -4.16 1.19 11.60
N PHE A 108 -3.98 2.18 10.72
CA PHE A 108 -3.41 2.01 9.36
C PHE A 108 -1.88 2.01 9.27
N LEU A 109 -1.31 1.38 8.23
CA LEU A 109 0.12 1.47 7.89
C LEU A 109 0.32 2.33 6.63
N TYR A 110 1.35 3.17 6.60
CA TYR A 110 1.74 3.95 5.41
C TYR A 110 2.95 3.44 4.62
N MET A 111 2.88 3.45 3.29
CA MET A 111 4.00 3.21 2.38
C MET A 111 4.07 4.31 1.32
N VAL A 112 5.12 5.14 1.31
CA VAL A 112 5.36 6.07 0.19
C VAL A 112 6.14 5.30 -0.88
N TYR A 113 5.95 5.52 -2.18
CA TYR A 113 6.71 4.77 -3.19
C TYR A 113 7.37 5.75 -4.17
N ALA A 114 8.53 5.36 -4.69
CA ALA A 114 9.39 6.26 -5.47
C ALA A 114 10.38 5.50 -6.37
N SER A 115 10.91 6.21 -7.38
CA SER A 115 12.03 5.77 -8.22
C SER A 115 13.39 5.87 -7.52
N GLN A 116 13.48 6.68 -6.46
CA GLN A 116 14.62 6.85 -5.54
C GLN A 116 14.10 7.37 -4.19
N GLU A 117 14.74 7.00 -3.07
CA GLU A 117 14.20 7.26 -1.72
C GLU A 117 14.02 8.76 -1.39
N THR A 118 14.95 9.61 -1.83
CA THR A 118 14.88 11.08 -1.76
C THR A 118 15.44 11.81 -2.99
N PHE A 119 14.92 13.00 -3.30
CA PHE A 119 15.36 13.82 -4.43
C PHE A 119 15.27 15.33 -4.17
N GLY A 120 14.21 15.78 -3.47
CA GLY A 120 14.00 17.17 -3.03
C GLY A 120 12.71 17.36 -2.25
N ASP B 1 -12.90 -8.41 -10.51
CA ASP B 1 -12.01 -7.29 -10.07
C ASP B 1 -12.73 -6.22 -9.22
N TYR B 2 -11.98 -5.44 -8.42
CA TYR B 2 -12.52 -4.30 -7.67
C TYR B 2 -11.36 -3.32 -7.42
N GLU B 3 -10.25 -3.80 -6.82
CA GLU B 3 -9.10 -2.97 -6.40
C GLU B 3 -9.55 -1.79 -5.50
N SER B 4 -8.97 -0.58 -5.60
CA SER B 4 -9.22 0.51 -4.62
C SER B 4 -10.47 1.38 -4.88
N ASP B 5 -11.47 1.25 -4.01
CA ASP B 5 -12.68 2.07 -3.86
C ASP B 5 -13.42 2.00 -2.50
N ASP B 6 -14.32 1.03 -2.28
CA ASP B 6 -15.22 1.02 -1.11
C ASP B 6 -15.72 -0.32 -0.51
N ASP B 7 -16.04 -0.27 0.79
CA ASP B 7 -16.75 -1.29 1.58
C ASP B 7 -16.27 -2.76 1.53
N SER B 8 -16.86 -3.58 0.65
CA SER B 8 -16.61 -5.04 0.58
C SER B 8 -15.38 -5.40 -0.29
N TYR B 9 -14.63 -4.39 -0.73
CA TYR B 9 -13.55 -4.49 -1.70
C TYR B 9 -12.42 -5.51 -1.52
N GLU B 10 -11.97 -6.12 -2.61
CA GLU B 10 -10.75 -6.93 -2.66
C GLU B 10 -9.61 -6.07 -3.21
N VAL B 11 -9.04 -5.19 -2.37
CA VAL B 11 -8.09 -4.15 -2.82
C VAL B 11 -6.76 -4.66 -3.38
N LEU B 12 -6.23 -5.78 -2.89
CA LEU B 12 -5.04 -6.42 -3.49
C LEU B 12 -5.39 -7.13 -4.82
N ASP B 13 -6.67 -7.22 -5.16
CA ASP B 13 -7.26 -7.78 -6.37
C ASP B 13 -6.73 -9.19 -6.75
N LEU B 14 -6.55 -10.05 -5.72
CA LEU B 14 -6.10 -11.44 -5.83
C LEU B 14 -6.75 -12.32 -4.75
N THR B 15 -6.94 -13.61 -5.07
CA THR B 15 -7.42 -14.64 -4.12
C THR B 15 -6.17 -15.23 -3.47
N GLU B 16 -6.03 -15.02 -2.15
CA GLU B 16 -4.95 -15.58 -1.33
C GLU B 16 -5.10 -17.11 -1.10
N TYR B 17 -3.97 -17.75 -0.74
CA TYR B 17 -3.85 -19.19 -0.43
C TYR B 17 -3.19 -19.53 0.92
N MET A 1 -12.36 7.26 -6.98
CA MET A 1 -11.25 7.41 -5.97
C MET A 1 -9.86 6.92 -6.45
N PRO A 2 -9.62 5.63 -6.80
CA PRO A 2 -8.25 5.10 -7.02
C PRO A 2 -7.47 5.66 -8.22
N SER A 3 -8.14 6.01 -9.33
CA SER A 3 -7.48 6.34 -10.60
C SER A 3 -6.68 7.64 -10.56
N GLU A 4 -5.40 7.57 -10.96
CA GLU A 4 -4.44 8.68 -11.23
C GLU A 4 -4.11 9.67 -10.09
N LYS A 5 -4.90 9.72 -9.02
CA LYS A 5 -4.81 10.65 -7.88
C LYS A 5 -5.03 9.92 -6.54
N THR A 6 -4.72 10.58 -5.42
CA THR A 6 -4.91 10.02 -4.07
C THR A 6 -6.37 10.02 -3.59
N PHE A 7 -6.69 9.32 -2.49
CA PHE A 7 -8.00 9.43 -1.85
C PHE A 7 -8.28 10.77 -1.15
N LYS A 8 -7.28 11.63 -0.91
CA LYS A 8 -7.45 12.89 -0.15
C LYS A 8 -8.40 13.89 -0.84
N GLN A 9 -8.63 13.70 -2.14
CA GLN A 9 -9.66 14.39 -2.93
C GLN A 9 -11.10 14.09 -2.44
N ARG A 10 -11.29 13.03 -1.61
CA ARG A 10 -12.60 12.49 -1.19
C ARG A 10 -12.68 12.15 0.31
N ARG A 11 -11.72 11.39 0.86
CA ARG A 11 -11.73 10.87 2.25
C ARG A 11 -10.97 11.76 3.24
N THR A 12 -11.30 11.60 4.52
CA THR A 12 -10.75 12.34 5.68
C THR A 12 -10.47 11.36 6.82
N PHE A 13 -9.66 11.75 7.81
CA PHE A 13 -9.23 10.88 8.92
C PHE A 13 -10.34 10.06 9.62
N GLU A 14 -11.40 10.73 10.06
CA GLU A 14 -12.53 10.08 10.74
C GLU A 14 -13.29 9.08 9.83
N GLN A 15 -13.37 9.35 8.52
CA GLN A 15 -13.93 8.42 7.54
C GLN A 15 -13.01 7.22 7.31
N ARG A 16 -11.69 7.45 7.20
CA ARG A 16 -10.69 6.37 7.07
C ARG A 16 -10.60 5.47 8.31
N VAL A 17 -10.83 6.03 9.51
CA VAL A 17 -10.90 5.26 10.76
C VAL A 17 -12.15 4.37 10.77
N GLU A 18 -13.32 4.83 10.28
CA GLU A 18 -14.47 3.92 10.15
C GLU A 18 -14.22 2.83 9.11
N ASP A 19 -13.59 3.19 7.98
CA ASP A 19 -13.07 2.25 6.98
C ASP A 19 -12.16 1.16 7.58
N VAL A 20 -11.11 1.52 8.32
CA VAL A 20 -10.26 0.54 9.01
C VAL A 20 -11.02 -0.36 10.01
N ARG A 21 -11.98 0.19 10.74
CA ARG A 21 -12.86 -0.55 11.66
C ARG A 21 -13.73 -1.57 10.93
N LEU A 22 -14.52 -1.14 9.94
CA LEU A 22 -15.40 -2.02 9.17
C LEU A 22 -14.63 -3.05 8.32
N ILE A 23 -13.40 -2.72 7.89
CA ILE A 23 -12.48 -3.67 7.24
C ILE A 23 -12.00 -4.75 8.21
N ARG A 24 -11.52 -4.38 9.40
CA ARG A 24 -11.11 -5.37 10.43
C ARG A 24 -12.28 -6.24 10.91
N GLU A 25 -13.48 -5.67 10.96
CA GLU A 25 -14.71 -6.41 11.30
C GLU A 25 -15.04 -7.52 10.28
N GLN A 26 -14.99 -7.22 8.97
CA GLN A 26 -15.30 -8.23 7.93
C GLN A 26 -14.14 -9.21 7.68
N HIS A 27 -12.87 -8.75 7.77
CA HIS A 27 -11.66 -9.57 7.53
C HIS A 27 -10.53 -9.25 8.53
N PRO A 28 -10.50 -9.88 9.72
CA PRO A 28 -9.45 -9.66 10.73
C PRO A 28 -8.01 -9.95 10.24
N THR A 29 -7.86 -10.96 9.38
CA THR A 29 -6.57 -11.43 8.81
C THR A 29 -5.90 -10.54 7.77
N LYS A 30 -6.60 -9.53 7.23
CA LYS A 30 -6.00 -8.52 6.34
C LYS A 30 -5.47 -7.31 7.12
N ILE A 31 -4.32 -6.83 6.67
CA ILE A 31 -3.47 -5.81 7.32
C ILE A 31 -3.58 -4.50 6.54
N PRO A 32 -4.10 -3.40 7.13
CA PRO A 32 -4.42 -2.19 6.39
C PRO A 32 -3.19 -1.29 6.13
N VAL A 33 -2.94 -0.98 4.86
CA VAL A 33 -1.77 -0.21 4.38
C VAL A 33 -2.14 0.89 3.37
N ILE A 34 -1.50 2.06 3.47
CA ILE A 34 -1.58 3.14 2.47
C ILE A 34 -0.35 3.06 1.55
N ILE A 35 -0.52 3.33 0.25
CA ILE A 35 0.56 3.52 -0.72
C ILE A 35 0.40 4.87 -1.43
N GLU A 36 1.47 5.66 -1.54
CA GLU A 36 1.45 6.94 -2.26
C GLU A 36 2.71 7.15 -3.13
N ARG A 37 2.56 7.72 -4.32
CA ARG A 37 3.70 8.15 -5.15
C ARG A 37 4.44 9.31 -4.44
N TYR A 38 5.78 9.32 -4.47
CA TYR A 38 6.56 10.35 -3.79
C TYR A 38 6.25 11.81 -4.18
N LYS A 39 5.91 12.64 -3.17
CA LYS A 39 5.36 13.99 -3.35
C LYS A 39 6.28 14.95 -4.13
N GLY A 40 7.60 14.82 -3.95
CA GLY A 40 8.60 15.71 -4.54
C GLY A 40 8.97 15.40 -6.00
N GLU A 41 8.67 14.20 -6.51
CA GLU A 41 9.04 13.75 -7.87
C GLU A 41 8.04 12.73 -8.42
N LYS A 42 6.87 13.21 -8.87
CA LYS A 42 5.74 12.43 -9.42
C LYS A 42 5.97 11.85 -10.84
N GLN A 43 7.19 11.41 -11.14
CA GLN A 43 7.61 10.93 -12.47
C GLN A 43 7.00 9.58 -12.87
N LEU A 44 7.05 8.60 -11.96
CA LEU A 44 6.63 7.21 -12.22
C LEU A 44 5.08 7.09 -12.32
N PRO A 45 4.54 6.11 -13.06
CA PRO A 45 3.09 5.87 -13.15
C PRO A 45 2.49 5.43 -11.80
N VAL A 46 1.16 5.59 -11.65
CA VAL A 46 0.39 5.18 -10.45
C VAL A 46 -0.79 4.24 -10.73
N LEU A 47 -1.38 4.31 -11.93
CA LEU A 47 -2.60 3.58 -12.31
C LEU A 47 -3.70 3.75 -11.23
N ASP A 48 -4.03 2.66 -10.50
CA ASP A 48 -4.99 2.65 -9.38
C ASP A 48 -4.40 2.63 -7.96
N LYS A 49 -3.07 2.56 -7.78
CA LYS A 49 -2.47 2.31 -6.45
C LYS A 49 -2.68 3.46 -5.44
N THR A 50 -3.46 3.21 -4.39
CA THR A 50 -3.63 4.08 -3.21
C THR A 50 -3.70 3.37 -1.84
N LYS A 51 -4.27 2.17 -1.77
CA LYS A 51 -4.52 1.42 -0.53
C LYS A 51 -4.38 -0.09 -0.74
N PHE A 52 -3.73 -0.80 0.18
CA PHE A 52 -3.71 -2.27 0.21
C PHE A 52 -3.97 -2.94 1.56
N LEU A 53 -4.96 -3.82 1.62
CA LEU A 53 -5.28 -4.67 2.77
C LEU A 53 -4.59 -6.04 2.57
N VAL A 54 -3.36 -6.20 3.05
CA VAL A 54 -2.52 -7.37 2.75
C VAL A 54 -2.82 -8.55 3.68
N PRO A 55 -3.06 -9.80 3.20
CA PRO A 55 -3.21 -10.94 4.10
C PRO A 55 -1.96 -11.15 4.97
N ASP A 56 -2.14 -11.39 6.28
CA ASP A 56 -1.08 -11.40 7.28
C ASP A 56 0.14 -12.32 7.02
N HIS A 57 -0.07 -13.42 6.28
CA HIS A 57 0.97 -14.38 5.88
C HIS A 57 1.88 -13.90 4.72
N VAL A 58 1.48 -12.86 3.96
CA VAL A 58 2.27 -12.29 2.85
C VAL A 58 3.50 -11.57 3.40
N ASN A 59 4.67 -11.83 2.83
CA ASN A 59 5.93 -11.19 3.20
C ASN A 59 6.21 -9.89 2.43
N MET A 60 7.07 -9.03 2.98
CA MET A 60 7.42 -7.72 2.43
C MET A 60 8.01 -7.83 1.00
N SER A 61 8.79 -8.88 0.73
CA SER A 61 9.36 -9.19 -0.58
C SER A 61 8.29 -9.50 -1.65
N GLU A 62 7.35 -10.40 -1.37
CA GLU A 62 6.22 -10.69 -2.29
C GLU A 62 5.31 -9.49 -2.51
N LEU A 63 5.05 -8.66 -1.48
CA LEU A 63 4.33 -7.39 -1.61
C LEU A 63 5.05 -6.42 -2.57
N ILE A 64 6.38 -6.30 -2.47
CA ILE A 64 7.18 -5.51 -3.43
C ILE A 64 7.05 -6.09 -4.85
N LYS A 65 7.13 -7.42 -5.02
CA LYS A 65 7.03 -8.09 -6.34
C LYS A 65 5.69 -7.87 -7.05
N ILE A 66 4.55 -8.00 -6.36
CA ILE A 66 3.22 -7.73 -6.97
C ILE A 66 3.10 -6.27 -7.41
N ILE A 67 3.52 -5.32 -6.56
CA ILE A 67 3.47 -3.88 -6.89
C ILE A 67 4.42 -3.53 -8.05
N ARG A 68 5.65 -4.08 -8.06
CA ARG A 68 6.62 -3.90 -9.16
C ARG A 68 6.12 -4.46 -10.51
N ARG A 69 5.35 -5.56 -10.49
CA ARG A 69 4.71 -6.14 -11.68
C ARG A 69 3.50 -5.31 -12.17
N ARG A 70 2.60 -4.91 -11.25
CA ARG A 70 1.36 -4.19 -11.59
C ARG A 70 1.63 -2.76 -12.08
N LEU A 71 2.56 -2.03 -11.47
CA LEU A 71 3.04 -0.74 -12.00
C LEU A 71 3.86 -1.01 -13.27
N GLN A 72 3.66 -0.19 -14.32
CA GLN A 72 4.36 -0.37 -15.60
C GLN A 72 5.84 0.01 -15.50
N LEU A 73 6.69 -1.02 -15.38
CA LEU A 73 8.11 -0.96 -15.06
C LEU A 73 8.91 -2.03 -15.83
N ASN A 74 10.23 -1.87 -15.88
CA ASN A 74 11.19 -2.76 -16.56
C ASN A 74 12.57 -2.62 -15.89
N ALA A 75 13.51 -3.54 -16.15
CA ALA A 75 14.83 -3.60 -15.50
C ALA A 75 15.66 -2.30 -15.63
N ASN A 76 15.50 -1.58 -16.75
CA ASN A 76 16.19 -0.31 -17.02
C ASN A 76 15.61 0.89 -16.22
N GLN A 77 14.35 0.82 -15.78
CA GLN A 77 13.67 1.88 -15.03
C GLN A 77 13.98 1.79 -13.52
N ALA A 78 14.28 2.93 -12.89
CA ALA A 78 14.53 3.01 -11.45
C ALA A 78 13.20 3.04 -10.65
N PHE A 79 13.02 2.08 -9.73
CA PHE A 79 11.87 2.00 -8.81
C PHE A 79 12.12 1.34 -7.45
N PHE A 80 11.60 1.95 -6.38
CA PHE A 80 11.63 1.43 -5.02
C PHE A 80 10.30 1.61 -4.27
N LEU A 81 9.76 0.54 -3.68
CA LEU A 81 8.62 0.60 -2.75
C LEU A 81 9.18 0.69 -1.32
N LEU A 82 8.79 1.74 -0.60
CA LEU A 82 9.35 2.18 0.68
C LEU A 82 8.31 2.07 1.81
N VAL A 83 8.73 1.71 3.01
CA VAL A 83 7.92 1.75 4.25
C VAL A 83 8.39 2.91 5.15
N ASN A 84 7.47 3.80 5.52
CA ASN A 84 7.75 5.07 6.20
C ASN A 84 8.95 5.83 5.56
N GLY A 85 9.01 5.82 4.22
CA GLY A 85 10.05 6.48 3.40
C GLY A 85 11.43 5.79 3.32
N HIS A 86 11.61 4.58 3.88
CA HIS A 86 12.85 3.77 3.77
C HIS A 86 12.63 2.46 2.99
N SER A 87 13.64 2.00 2.24
CA SER A 87 13.54 0.75 1.45
C SER A 87 13.50 -0.51 2.30
N MET A 88 12.76 -1.53 1.84
CA MET A 88 12.72 -2.88 2.42
C MET A 88 13.08 -4.00 1.42
N VAL A 89 13.65 -3.67 0.25
CA VAL A 89 13.97 -4.65 -0.82
C VAL A 89 14.97 -5.72 -0.34
N SER A 90 15.82 -5.37 0.63
CA SER A 90 16.81 -6.25 1.26
C SER A 90 16.27 -7.26 2.29
N VAL A 91 14.96 -7.24 2.62
CA VAL A 91 14.40 -8.02 3.74
C VAL A 91 13.06 -8.72 3.48
N SER A 92 12.88 -9.90 4.08
CA SER A 92 11.77 -10.85 3.85
C SER A 92 10.70 -10.87 4.95
N THR A 93 10.62 -9.82 5.78
CA THR A 93 9.69 -9.69 6.94
C THR A 93 8.19 -9.95 6.67
N PRO A 94 7.45 -10.65 7.55
CA PRO A 94 5.98 -10.77 7.43
C PRO A 94 5.27 -9.40 7.52
N ILE A 95 4.24 -9.16 6.71
CA ILE A 95 3.59 -7.84 6.64
C ILE A 95 2.93 -7.40 7.96
N SER A 96 2.47 -8.34 8.79
CA SER A 96 1.92 -8.04 10.13
C SER A 96 2.98 -7.44 11.08
N GLU A 97 4.23 -7.94 11.03
CA GLU A 97 5.35 -7.39 11.83
C GLU A 97 5.79 -6.01 11.33
N VAL A 98 5.88 -5.82 10.00
CA VAL A 98 6.11 -4.49 9.41
C VAL A 98 4.97 -3.51 9.76
N TYR A 99 3.73 -4.01 9.81
CA TYR A 99 2.59 -3.26 10.28
C TYR A 99 2.66 -2.75 11.72
N GLU A 100 2.74 -3.64 12.72
CA GLU A 100 2.78 -3.23 14.13
C GLU A 100 3.99 -2.34 14.47
N SER A 101 5.10 -2.45 13.73
CA SER A 101 6.28 -1.60 13.89
C SER A 101 6.21 -0.22 13.22
N GLU A 102 5.43 -0.02 12.14
CA GLU A 102 5.35 1.24 11.37
C GLU A 102 3.90 1.79 11.16
N LYS A 103 2.93 1.24 11.89
CA LYS A 103 1.53 1.70 12.04
C LYS A 103 1.42 3.12 12.62
N ASP A 104 0.52 3.91 12.06
CA ASP A 104 0.17 5.28 12.50
C ASP A 104 -1.16 5.32 13.27
N GLU A 105 -1.50 6.48 13.86
CA GLU A 105 -2.67 6.70 14.73
C GLU A 105 -4.04 6.49 14.06
N ASP A 106 -4.13 6.57 12.74
CA ASP A 106 -5.33 6.23 11.97
C ASP A 106 -5.60 4.70 11.87
N GLY A 107 -4.66 3.88 12.34
CA GLY A 107 -4.70 2.42 12.28
C GLY A 107 -4.06 1.80 11.03
N PHE A 108 -3.49 2.59 10.12
CA PHE A 108 -2.82 2.14 8.89
C PHE A 108 -1.28 2.09 8.93
N LEU A 109 -0.68 1.16 8.19
CA LEU A 109 0.77 1.17 7.93
C LEU A 109 1.03 2.11 6.74
N TYR A 110 2.08 2.92 6.79
CA TYR A 110 2.47 3.81 5.69
C TYR A 110 3.54 3.32 4.72
N MET A 111 3.21 3.26 3.43
CA MET A 111 4.16 3.02 2.34
C MET A 111 4.12 4.16 1.31
N VAL A 112 5.26 4.44 0.69
CA VAL A 112 5.38 5.35 -0.47
C VAL A 112 6.30 4.72 -1.51
N TYR A 113 6.33 5.20 -2.74
CA TYR A 113 7.29 4.69 -3.73
C TYR A 113 7.90 5.82 -4.55
N ALA A 114 9.11 5.60 -5.04
CA ALA A 114 9.96 6.61 -5.68
C ALA A 114 10.94 5.99 -6.68
N SER A 115 11.56 6.84 -7.49
CA SER A 115 12.68 6.51 -8.40
C SER A 115 14.04 6.32 -7.69
N GLN A 116 14.05 6.25 -6.35
CA GLN A 116 15.23 6.29 -5.49
C GLN A 116 15.02 5.54 -4.16
N GLU A 117 16.09 5.00 -3.57
CA GLU A 117 16.03 4.16 -2.35
C GLU A 117 15.58 4.94 -1.10
N THR A 118 15.91 6.23 -1.04
CA THR A 118 15.52 7.18 0.01
C THR A 118 15.58 8.56 -0.66
N PHE A 119 14.52 9.35 -0.52
CA PHE A 119 14.51 10.77 -0.93
C PHE A 119 15.32 11.73 -0.04
N GLY A 120 15.93 12.76 -0.66
CA GLY A 120 16.72 13.81 0.01
C GLY A 120 15.92 15.07 0.29
N ASP B 1 -10.12 -8.02 -10.60
CA ASP B 1 -11.00 -6.81 -10.63
C ASP B 1 -10.68 -5.74 -9.58
N TYR B 2 -11.15 -5.91 -8.34
CA TYR B 2 -11.00 -4.89 -7.27
C TYR B 2 -9.60 -4.45 -6.85
N GLU B 3 -9.42 -3.13 -6.71
CA GLU B 3 -8.18 -2.54 -6.18
C GLU B 3 -8.37 -1.13 -5.55
N SER B 4 -7.66 -0.86 -4.45
CA SER B 4 -7.50 0.45 -3.78
C SER B 4 -8.75 1.28 -3.40
N ASP B 5 -9.97 0.71 -3.49
CA ASP B 5 -11.24 1.41 -3.26
C ASP B 5 -11.69 1.46 -1.77
N ASP B 6 -12.83 0.85 -1.41
CA ASP B 6 -13.46 0.98 -0.09
C ASP B 6 -14.47 -0.17 0.13
N ASP B 7 -14.85 -0.38 1.40
CA ASP B 7 -15.90 -1.29 1.86
C ASP B 7 -15.81 -2.77 1.39
N SER B 8 -16.56 -3.15 0.35
CA SER B 8 -16.68 -4.54 -0.12
C SER B 8 -15.50 -5.05 -0.96
N TYR B 9 -14.55 -4.16 -1.31
CA TYR B 9 -13.43 -4.47 -2.21
C TYR B 9 -12.45 -5.45 -1.53
N GLU B 10 -11.84 -6.35 -2.33
CA GLU B 10 -10.92 -7.39 -1.83
C GLU B 10 -9.41 -7.10 -1.99
N VAL B 11 -9.04 -6.10 -2.81
CA VAL B 11 -7.69 -5.50 -2.98
C VAL B 11 -6.54 -6.32 -3.58
N LEU B 12 -5.47 -5.61 -3.99
CA LEU B 12 -4.21 -6.11 -4.60
C LEU B 12 -4.42 -6.79 -5.95
N ASP B 13 -5.65 -6.73 -6.47
CA ASP B 13 -6.12 -7.50 -7.61
C ASP B 13 -5.79 -9.02 -7.50
N LEU B 14 -5.84 -9.53 -6.25
CA LEU B 14 -5.36 -10.87 -5.86
C LEU B 14 -6.30 -11.56 -4.85
N THR B 15 -6.64 -12.83 -5.12
CA THR B 15 -7.36 -13.72 -4.19
C THR B 15 -6.48 -14.44 -3.16
N GLU B 16 -7.07 -14.90 -2.05
CA GLU B 16 -6.42 -15.70 -1.01
C GLU B 16 -7.37 -16.73 -0.38
N TYR B 17 -6.82 -17.88 0.03
CA TYR B 17 -7.54 -19.04 0.58
C TYR B 17 -8.38 -18.84 1.87
N MET A 1 -10.09 4.94 -5.65
CA MET A 1 -9.42 5.67 -6.80
C MET A 1 -8.11 4.97 -7.21
N PRO A 2 -8.01 4.28 -8.37
CA PRO A 2 -6.79 3.55 -8.77
C PRO A 2 -5.58 4.41 -9.21
N SER A 3 -5.80 5.64 -9.67
CA SER A 3 -4.77 6.47 -10.33
C SER A 3 -5.11 7.98 -10.27
N GLU A 4 -4.24 8.82 -10.84
CA GLU A 4 -4.38 10.26 -11.10
C GLU A 4 -4.53 11.23 -9.90
N LYS A 5 -5.15 10.79 -8.79
CA LYS A 5 -5.37 11.55 -7.55
C LYS A 5 -5.06 10.70 -6.30
N THR A 6 -4.71 11.35 -5.20
CA THR A 6 -4.46 10.68 -3.90
C THR A 6 -5.71 10.12 -3.21
N PHE A 7 -5.54 9.17 -2.29
CA PHE A 7 -6.65 8.55 -1.53
C PHE A 7 -7.41 9.50 -0.57
N LYS A 8 -6.83 10.66 -0.24
CA LYS A 8 -7.48 11.72 0.57
C LYS A 8 -8.81 12.23 0.01
N GLN A 9 -8.95 12.24 -1.32
CA GLN A 9 -10.17 12.73 -1.99
C GLN A 9 -11.36 11.77 -1.79
N ARG A 10 -11.10 10.45 -1.72
CA ARG A 10 -12.13 9.42 -1.45
C ARG A 10 -12.50 9.36 0.05
N ARG A 11 -11.50 9.34 0.95
CA ARG A 11 -11.72 9.24 2.42
C ARG A 11 -10.85 10.22 3.23
N THR A 12 -11.52 11.08 4.00
CA THR A 12 -10.93 11.97 5.03
C THR A 12 -10.87 11.18 6.35
N PHE A 13 -10.16 11.70 7.36
CA PHE A 13 -9.82 10.98 8.60
C PHE A 13 -10.92 10.17 9.30
N GLU A 14 -12.10 10.75 9.56
CA GLU A 14 -13.19 10.03 10.23
C GLU A 14 -13.77 8.89 9.38
N GLN A 15 -13.90 9.09 8.06
CA GLN A 15 -14.37 8.06 7.12
C GLN A 15 -13.31 6.97 6.92
N ARG A 16 -12.04 7.38 6.82
CA ARG A 16 -10.84 6.55 6.73
C ARG A 16 -10.72 5.59 7.91
N VAL A 17 -10.85 6.12 9.14
CA VAL A 17 -10.77 5.33 10.39
C VAL A 17 -11.87 4.27 10.37
N GLU A 18 -13.13 4.63 10.05
CA GLU A 18 -14.23 3.65 9.96
C GLU A 18 -13.98 2.56 8.91
N ASP A 19 -13.54 2.92 7.70
CA ASP A 19 -13.18 1.98 6.62
C ASP A 19 -12.07 0.99 7.01
N VAL A 20 -10.90 1.49 7.43
CA VAL A 20 -9.80 0.62 7.86
C VAL A 20 -10.14 -0.23 9.10
N ARG A 21 -10.89 0.30 10.08
CA ARG A 21 -11.33 -0.46 11.26
C ARG A 21 -12.29 -1.59 10.88
N LEU A 22 -13.36 -1.28 10.13
CA LEU A 22 -14.37 -2.27 9.73
C LEU A 22 -13.75 -3.35 8.84
N ILE A 23 -13.05 -2.95 7.78
CA ILE A 23 -12.54 -3.89 6.77
C ILE A 23 -11.49 -4.83 7.38
N ARG A 24 -10.72 -4.40 8.38
CA ARG A 24 -9.80 -5.29 9.12
C ARG A 24 -10.58 -6.23 10.05
N GLU A 25 -11.49 -5.71 10.87
CA GLU A 25 -12.24 -6.50 11.86
C GLU A 25 -13.06 -7.64 11.23
N GLN A 26 -13.66 -7.43 10.05
CA GLN A 26 -14.40 -8.47 9.31
C GLN A 26 -13.50 -9.54 8.63
N HIS A 27 -12.18 -9.34 8.54
CA HIS A 27 -11.19 -10.38 8.13
C HIS A 27 -9.82 -10.16 8.80
N PRO A 28 -9.61 -10.56 10.07
CA PRO A 28 -8.42 -10.19 10.85
C PRO A 28 -7.06 -10.66 10.28
N THR A 29 -7.05 -11.70 9.45
CA THR A 29 -5.84 -12.18 8.74
C THR A 29 -5.20 -11.22 7.73
N LYS A 30 -5.87 -10.11 7.38
CA LYS A 30 -5.31 -9.03 6.54
C LYS A 30 -4.91 -7.78 7.32
N ILE A 31 -4.02 -7.01 6.70
CA ILE A 31 -3.46 -5.72 7.13
C ILE A 31 -3.85 -4.64 6.09
N PRO A 32 -4.57 -3.56 6.45
CA PRO A 32 -4.78 -2.42 5.56
C PRO A 32 -3.46 -1.67 5.32
N VAL A 33 -3.20 -1.31 4.06
CA VAL A 33 -1.99 -0.62 3.61
C VAL A 33 -2.36 0.51 2.65
N ILE A 34 -1.78 1.69 2.83
CA ILE A 34 -1.85 2.81 1.86
C ILE A 34 -0.54 2.84 1.09
N ILE A 35 -0.59 3.13 -0.22
CA ILE A 35 0.58 3.34 -1.07
C ILE A 35 0.42 4.67 -1.81
N GLU A 36 1.47 5.48 -1.89
CA GLU A 36 1.45 6.68 -2.74
C GLU A 36 2.82 7.04 -3.32
N ARG A 37 2.83 7.71 -4.46
CA ARG A 37 4.04 8.32 -5.03
C ARG A 37 4.64 9.33 -4.05
N TYR A 38 5.96 9.30 -3.86
CA TYR A 38 6.67 10.13 -2.87
C TYR A 38 6.45 11.65 -2.98
N LYS A 39 6.14 12.31 -1.85
CA LYS A 39 5.69 13.72 -1.80
C LYS A 39 6.70 14.72 -2.36
N GLY A 40 7.98 14.56 -2.02
CA GLY A 40 9.05 15.52 -2.33
C GLY A 40 9.56 15.45 -3.78
N GLU A 41 9.45 14.28 -4.44
CA GLU A 41 9.92 14.04 -5.80
C GLU A 41 8.96 13.12 -6.55
N LYS A 42 7.92 13.71 -7.16
CA LYS A 42 6.83 13.02 -7.90
C LYS A 42 7.25 12.57 -9.31
N GLN A 43 8.47 12.04 -9.45
CA GLN A 43 9.11 11.76 -10.75
C GLN A 43 8.60 10.49 -11.46
N LEU A 44 8.28 9.43 -10.70
CA LEU A 44 7.70 8.19 -11.25
C LEU A 44 6.24 8.40 -11.73
N PRO A 45 5.68 7.49 -12.56
CA PRO A 45 4.28 7.53 -13.00
C PRO A 45 3.24 7.57 -11.86
N VAL A 46 2.06 8.17 -12.14
CA VAL A 46 0.99 8.40 -11.16
C VAL A 46 0.12 7.19 -10.80
N LEU A 47 0.09 6.16 -11.66
CA LEU A 47 -0.65 4.92 -11.43
C LEU A 47 -0.06 4.14 -10.24
N ASP A 48 -0.82 4.00 -9.14
CA ASP A 48 -0.33 3.35 -7.91
C ASP A 48 -1.31 2.39 -7.21
N LYS A 49 -2.58 2.32 -7.66
CA LYS A 49 -3.71 1.62 -6.99
C LYS A 49 -4.07 2.14 -5.57
N THR A 50 -3.21 2.99 -5.00
CA THR A 50 -3.33 3.81 -3.79
C THR A 50 -3.60 3.17 -2.42
N LYS A 51 -4.10 1.93 -2.40
CA LYS A 51 -4.63 1.24 -1.21
C LYS A 51 -4.54 -0.27 -1.41
N PHE A 52 -4.37 -1.06 -0.36
CA PHE A 52 -4.32 -2.55 -0.38
C PHE A 52 -4.79 -3.20 0.93
N LEU A 53 -5.30 -4.44 0.89
CA LEU A 53 -5.59 -5.24 2.10
C LEU A 53 -4.73 -6.51 2.05
N VAL A 54 -3.52 -6.46 2.61
CA VAL A 54 -2.49 -7.50 2.44
C VAL A 54 -2.61 -8.65 3.46
N PRO A 55 -2.66 -9.94 3.04
CA PRO A 55 -2.63 -11.08 3.98
C PRO A 55 -1.36 -11.11 4.83
N ASP A 56 -1.49 -11.44 6.12
CA ASP A 56 -0.40 -11.40 7.11
C ASP A 56 0.86 -12.23 6.77
N HIS A 57 0.68 -13.33 6.03
CA HIS A 57 1.76 -14.22 5.56
C HIS A 57 2.61 -13.64 4.42
N VAL A 58 2.19 -12.55 3.76
CA VAL A 58 2.92 -11.93 2.65
C VAL A 58 4.22 -11.31 3.19
N ASN A 59 5.36 -11.67 2.58
CA ASN A 59 6.65 -11.04 2.87
C ASN A 59 6.77 -9.66 2.20
N MET A 60 7.62 -8.76 2.72
CA MET A 60 7.84 -7.45 2.06
C MET A 60 8.41 -7.54 0.65
N SER A 61 9.32 -8.48 0.40
CA SER A 61 9.81 -8.82 -0.94
C SER A 61 8.67 -9.26 -1.88
N GLU A 62 7.72 -10.05 -1.39
CA GLU A 62 6.52 -10.47 -2.12
C GLU A 62 5.57 -9.28 -2.39
N LEU A 63 5.29 -8.42 -1.40
CA LEU A 63 4.48 -7.20 -1.59
C LEU A 63 5.11 -6.29 -2.66
N ILE A 64 6.43 -6.07 -2.57
CA ILE A 64 7.22 -5.35 -3.59
C ILE A 64 7.02 -5.99 -4.98
N LYS A 65 7.05 -7.33 -5.08
CA LYS A 65 6.92 -8.05 -6.36
C LYS A 65 5.53 -7.88 -7.00
N ILE A 66 4.42 -8.02 -6.24
CA ILE A 66 3.07 -7.76 -6.80
C ILE A 66 2.90 -6.29 -7.19
N ILE A 67 3.39 -5.34 -6.38
CA ILE A 67 3.37 -3.90 -6.71
C ILE A 67 4.16 -3.60 -7.99
N ARG A 68 5.41 -4.10 -8.14
CA ARG A 68 6.23 -3.93 -9.36
C ARG A 68 5.60 -4.52 -10.63
N ARG A 69 4.75 -5.54 -10.51
CA ARG A 69 4.11 -6.23 -11.64
C ARG A 69 2.72 -5.68 -12.02
N ARG A 70 1.90 -5.30 -11.02
CA ARG A 70 0.57 -4.66 -11.24
C ARG A 70 0.69 -3.21 -11.68
N LEU A 71 1.65 -2.47 -11.12
CA LEU A 71 2.04 -1.12 -11.59
C LEU A 71 3.06 -1.26 -12.72
N GLN A 72 3.16 -0.27 -13.61
CA GLN A 72 4.13 -0.24 -14.72
C GLN A 72 5.56 0.13 -14.24
N LEU A 73 6.09 -0.65 -13.28
CA LEU A 73 7.33 -0.41 -12.53
C LEU A 73 8.21 -1.67 -12.55
N ASN A 74 8.43 -2.22 -13.77
CA ASN A 74 9.25 -3.40 -14.06
C ASN A 74 10.64 -3.36 -13.39
N ALA A 75 11.24 -4.51 -13.08
CA ALA A 75 12.53 -4.65 -12.39
C ALA A 75 13.66 -3.73 -12.91
N ASN A 76 13.69 -3.45 -14.21
CA ASN A 76 14.65 -2.56 -14.86
C ASN A 76 14.53 -1.08 -14.40
N GLN A 77 13.33 -0.63 -14.00
CA GLN A 77 13.08 0.72 -13.48
C GLN A 77 13.59 0.89 -12.04
N ALA A 78 14.28 2.01 -11.77
CA ALA A 78 14.76 2.40 -10.45
C ALA A 78 13.59 2.69 -9.50
N PHE A 79 13.46 1.90 -8.43
CA PHE A 79 12.32 1.91 -7.52
C PHE A 79 12.58 1.41 -6.10
N PHE A 80 11.99 2.08 -5.10
CA PHE A 80 12.08 1.74 -3.68
C PHE A 80 10.69 1.90 -3.06
N LEU A 81 10.18 0.86 -2.38
CA LEU A 81 8.95 0.92 -1.59
C LEU A 81 9.30 1.17 -0.11
N LEU A 82 8.79 2.28 0.44
CA LEU A 82 9.16 2.84 1.74
C LEU A 82 7.97 2.77 2.71
N VAL A 83 8.18 2.45 3.99
CA VAL A 83 7.17 2.55 5.06
C VAL A 83 7.49 3.75 5.94
N ASN A 84 6.52 4.65 6.14
CA ASN A 84 6.70 5.93 6.84
C ASN A 84 7.95 6.73 6.32
N GLY A 85 8.24 6.59 5.02
CA GLY A 85 9.38 7.21 4.33
C GLY A 85 10.76 6.53 4.47
N HIS A 86 10.86 5.34 5.10
CA HIS A 86 12.10 4.54 5.17
C HIS A 86 12.03 3.24 4.36
N SER A 87 13.11 2.84 3.69
CA SER A 87 13.12 1.75 2.70
C SER A 87 12.93 0.34 3.28
N MET A 88 12.27 -0.52 2.50
CA MET A 88 12.14 -1.97 2.74
C MET A 88 12.70 -2.82 1.58
N VAL A 89 13.42 -2.23 0.61
CA VAL A 89 13.82 -2.88 -0.66
C VAL A 89 14.56 -4.23 -0.54
N SER A 90 15.33 -4.41 0.53
CA SER A 90 16.11 -5.63 0.80
C SER A 90 15.48 -6.59 1.84
N VAL A 91 14.37 -6.21 2.48
CA VAL A 91 13.81 -6.94 3.65
C VAL A 91 12.86 -8.10 3.31
N SER A 92 13.06 -9.25 3.97
CA SER A 92 12.26 -10.49 3.80
C SER A 92 11.07 -10.62 4.78
N THR A 93 10.97 -9.74 5.77
CA THR A 93 9.99 -9.86 6.88
C THR A 93 8.49 -9.89 6.50
N PRO A 94 7.62 -10.64 7.21
CA PRO A 94 6.17 -10.60 6.97
C PRO A 94 5.54 -9.22 7.21
N ILE A 95 4.48 -8.90 6.45
CA ILE A 95 3.76 -7.61 6.53
C ILE A 95 3.16 -7.36 7.93
N SER A 96 2.84 -8.41 8.70
CA SER A 96 2.40 -8.32 10.10
C SER A 96 3.47 -7.78 11.05
N GLU A 97 4.74 -8.12 10.84
CA GLU A 97 5.87 -7.59 11.63
C GLU A 97 6.09 -6.10 11.32
N VAL A 98 6.00 -5.71 10.04
CA VAL A 98 5.97 -4.31 9.63
C VAL A 98 4.80 -3.56 10.27
N TYR A 99 3.60 -4.15 10.26
CA TYR A 99 2.42 -3.64 10.96
C TYR A 99 2.62 -3.28 12.44
N GLU A 100 3.05 -4.21 13.28
CA GLU A 100 3.26 -3.90 14.70
C GLU A 100 4.36 -2.85 14.95
N SER A 101 5.35 -2.76 14.05
CA SER A 101 6.46 -1.80 14.14
C SER A 101 6.13 -0.38 13.60
N GLU A 102 5.28 -0.28 12.57
CA GLU A 102 5.04 0.96 11.79
C GLU A 102 3.57 1.43 11.67
N LYS A 103 2.60 0.76 12.30
CA LYS A 103 1.19 1.17 12.22
C LYS A 103 0.94 2.59 12.77
N ASP A 104 0.00 3.28 12.13
CA ASP A 104 -0.57 4.57 12.50
C ASP A 104 -2.09 4.70 12.29
N GLU A 105 -2.79 5.39 13.20
CA GLU A 105 -4.26 5.42 13.26
C GLU A 105 -4.96 6.01 12.02
N ASP A 106 -4.29 6.88 11.26
CA ASP A 106 -4.78 7.45 10.01
C ASP A 106 -4.76 6.53 8.77
N GLY A 107 -4.26 5.29 8.88
CA GLY A 107 -4.29 4.36 7.74
C GLY A 107 -3.65 2.98 7.91
N PHE A 108 -3.46 2.49 9.14
CA PHE A 108 -2.67 1.28 9.38
C PHE A 108 -1.21 1.40 8.91
N LEU A 109 -0.81 0.72 7.82
CA LEU A 109 0.52 0.89 7.24
C LEU A 109 0.55 1.94 6.13
N TYR A 110 1.12 3.11 6.42
CA TYR A 110 1.44 4.12 5.40
C TYR A 110 2.74 3.79 4.65
N MET A 111 2.63 3.48 3.37
CA MET A 111 3.76 3.31 2.46
C MET A 111 3.82 4.40 1.38
N VAL A 112 5.03 4.80 1.00
CA VAL A 112 5.29 5.66 -0.18
C VAL A 112 6.33 5.02 -1.09
N TYR A 113 6.30 5.26 -2.40
CA TYR A 113 7.34 4.72 -3.29
C TYR A 113 8.03 5.86 -4.05
N ALA A 114 9.29 5.61 -4.41
CA ALA A 114 10.22 6.61 -4.92
C ALA A 114 11.26 5.98 -5.85
N SER A 115 11.82 6.78 -6.77
CA SER A 115 12.99 6.41 -7.59
C SER A 115 14.34 6.61 -6.88
N GLN A 116 14.31 6.99 -5.60
CA GLN A 116 15.44 7.24 -4.70
C GLN A 116 15.02 6.95 -3.24
N GLU A 117 15.90 6.38 -2.42
CA GLU A 117 15.59 6.04 -1.02
C GLU A 117 15.49 7.27 -0.09
N THR A 118 16.09 8.40 -0.50
CA THR A 118 16.06 9.70 0.17
C THR A 118 16.30 10.85 -0.82
N PHE A 119 15.87 12.07 -0.49
CA PHE A 119 15.89 13.23 -1.38
C PHE A 119 16.14 14.59 -0.70
N GLY A 120 16.79 15.53 -1.41
CA GLY A 120 17.21 16.85 -0.91
C GLY A 120 16.14 17.93 -1.02
N ASP B 1 -11.78 -7.87 -10.83
CA ASP B 1 -13.09 -7.16 -10.80
C ASP B 1 -13.06 -5.75 -10.21
N TYR B 2 -13.38 -5.58 -8.92
CA TYR B 2 -13.53 -4.28 -8.25
C TYR B 2 -12.28 -3.44 -7.99
N GLU B 3 -11.14 -4.08 -7.72
CA GLU B 3 -9.89 -3.44 -7.25
C GLU B 3 -10.13 -2.35 -6.18
N SER B 4 -9.82 -1.07 -6.44
CA SER B 4 -9.93 0.03 -5.48
C SER B 4 -11.39 0.40 -5.21
N ASP B 5 -11.83 0.25 -3.96
CA ASP B 5 -13.21 0.53 -3.54
C ASP B 5 -13.22 0.65 -2.00
N ASP B 6 -14.43 0.70 -1.44
CA ASP B 6 -14.75 0.60 -0.02
C ASP B 6 -15.97 -0.30 0.30
N ASP B 7 -15.95 -0.96 1.47
CA ASP B 7 -16.90 -2.01 1.89
C ASP B 7 -16.99 -3.30 1.03
N SER B 8 -16.45 -4.42 1.55
CA SER B 8 -16.45 -5.77 0.94
C SER B 8 -15.83 -5.83 -0.49
N TYR B 9 -14.49 -5.81 -0.56
CA TYR B 9 -13.71 -5.69 -1.80
C TYR B 9 -12.24 -6.11 -1.52
N GLU B 10 -11.39 -6.06 -2.56
CA GLU B 10 -9.93 -6.27 -2.49
C GLU B 10 -9.21 -5.49 -3.61
N VAL B 11 -8.24 -4.63 -3.26
CA VAL B 11 -7.45 -3.84 -4.24
C VAL B 11 -6.34 -4.61 -4.95
N LEU B 12 -5.79 -5.65 -4.32
CA LEU B 12 -4.83 -6.57 -4.94
C LEU B 12 -5.48 -7.39 -6.08
N ASP B 13 -6.82 -7.43 -6.11
CA ASP B 13 -7.68 -8.28 -6.95
C ASP B 13 -7.23 -9.77 -6.87
N LEU B 14 -6.73 -10.18 -5.69
CA LEU B 14 -6.07 -11.45 -5.39
C LEU B 14 -7.04 -12.48 -4.79
N THR B 15 -6.76 -13.79 -4.96
CA THR B 15 -7.68 -14.89 -4.56
C THR B 15 -7.93 -15.09 -3.06
N GLU B 16 -7.07 -14.58 -2.17
CA GLU B 16 -7.27 -14.63 -0.72
C GLU B 16 -8.40 -13.68 -0.27
N TYR B 17 -9.38 -14.19 0.49
CA TYR B 17 -10.51 -13.42 1.03
C TYR B 17 -10.19 -12.27 2.00
N MET A 1 -11.39 4.31 -5.81
CA MET A 1 -11.15 5.24 -6.96
C MET A 1 -9.79 4.97 -7.64
N PRO A 2 -9.74 4.20 -8.74
CA PRO A 2 -8.48 3.84 -9.42
C PRO A 2 -7.90 4.96 -10.33
N SER A 3 -8.75 5.90 -10.76
CA SER A 3 -8.47 6.98 -11.72
C SER A 3 -7.60 8.13 -11.16
N GLU A 4 -7.37 9.15 -11.99
CA GLU A 4 -6.49 10.31 -11.73
C GLU A 4 -6.77 11.07 -10.41
N LYS A 5 -5.70 11.70 -9.88
CA LYS A 5 -5.59 12.34 -8.54
C LYS A 5 -5.64 11.32 -7.39
N THR A 6 -5.10 11.69 -6.22
CA THR A 6 -4.99 10.77 -5.06
C THR A 6 -6.32 10.31 -4.44
N PHE A 7 -6.29 9.24 -3.64
CA PHE A 7 -7.43 8.79 -2.83
C PHE A 7 -7.98 9.78 -1.78
N LYS A 8 -7.21 10.84 -1.45
CA LYS A 8 -7.66 11.94 -0.57
C LYS A 8 -8.90 12.70 -1.10
N GLN A 9 -9.11 12.68 -2.43
CA GLN A 9 -10.32 13.23 -3.07
C GLN A 9 -11.61 12.44 -2.73
N ARG A 10 -11.50 11.23 -2.16
CA ARG A 10 -12.63 10.43 -1.63
C ARG A 10 -12.61 10.33 -0.10
N ARG A 11 -11.51 9.84 0.51
CA ARG A 11 -11.40 9.66 1.98
C ARG A 11 -10.14 10.35 2.53
N THR A 12 -10.34 11.32 3.41
CA THR A 12 -9.32 12.00 4.24
C THR A 12 -8.94 11.11 5.43
N PHE A 13 -7.91 11.45 6.20
CA PHE A 13 -7.43 10.64 7.33
C PHE A 13 -8.48 10.06 8.30
N GLU A 14 -9.37 10.89 8.85
CA GLU A 14 -10.47 10.46 9.72
C GLU A 14 -11.47 9.52 9.00
N GLN A 15 -11.74 9.80 7.72
CA GLN A 15 -12.58 8.95 6.87
C GLN A 15 -11.90 7.62 6.49
N ARG A 16 -10.57 7.58 6.41
CA ARG A 16 -9.80 6.33 6.26
C ARG A 16 -9.77 5.51 7.55
N VAL A 17 -9.74 6.14 8.72
CA VAL A 17 -9.85 5.43 10.02
C VAL A 17 -11.20 4.70 10.12
N GLU A 18 -12.31 5.29 9.63
CA GLU A 18 -13.60 4.57 9.49
C GLU A 18 -13.47 3.34 8.57
N ASP A 19 -12.94 3.51 7.36
CA ASP A 19 -12.68 2.43 6.39
C ASP A 19 -11.86 1.27 6.98
N VAL A 20 -10.68 1.59 7.53
CA VAL A 20 -9.80 0.65 8.22
C VAL A 20 -10.52 -0.04 9.39
N ARG A 21 -11.30 0.66 10.21
CA ARG A 21 -12.02 0.07 11.36
C ARG A 21 -13.06 -0.95 10.91
N LEU A 22 -13.98 -0.59 10.02
CA LEU A 22 -14.99 -1.50 9.49
C LEU A 22 -14.36 -2.70 8.78
N ILE A 23 -13.29 -2.49 8.01
CA ILE A 23 -12.53 -3.57 7.37
C ILE A 23 -11.90 -4.53 8.40
N ARG A 24 -11.21 -4.02 9.43
CA ARG A 24 -10.53 -4.86 10.42
C ARG A 24 -11.53 -5.66 11.26
N GLU A 25 -12.70 -5.10 11.56
CA GLU A 25 -13.80 -5.80 12.26
C GLU A 25 -14.33 -7.00 11.46
N GLN A 26 -14.51 -6.90 10.13
CA GLN A 26 -14.91 -8.05 9.30
C GLN A 26 -13.74 -9.01 8.97
N HIS A 27 -12.49 -8.53 8.93
CA HIS A 27 -11.30 -9.30 8.54
C HIS A 27 -10.12 -9.14 9.53
N PRO A 28 -10.16 -9.77 10.73
CA PRO A 28 -9.04 -9.74 11.70
C PRO A 28 -7.77 -10.47 11.23
N THR A 29 -7.85 -11.31 10.18
CA THR A 29 -6.71 -11.96 9.52
C THR A 29 -5.87 -11.09 8.57
N LYS A 30 -6.31 -9.84 8.30
CA LYS A 30 -5.69 -8.93 7.30
C LYS A 30 -5.19 -7.62 7.90
N ILE A 31 -4.23 -7.00 7.20
CA ILE A 31 -3.60 -5.71 7.49
C ILE A 31 -4.04 -4.69 6.43
N PRO A 32 -4.82 -3.65 6.79
CA PRO A 32 -5.12 -2.53 5.89
C PRO A 32 -3.89 -1.63 5.66
N VAL A 33 -3.58 -1.34 4.39
CA VAL A 33 -2.45 -0.50 3.96
C VAL A 33 -2.86 0.58 2.96
N ILE A 34 -2.42 1.83 3.15
CA ILE A 34 -2.56 2.91 2.16
C ILE A 34 -1.25 3.07 1.39
N ILE A 35 -1.31 3.30 0.07
CA ILE A 35 -0.14 3.57 -0.78
C ILE A 35 -0.30 4.91 -1.53
N GLU A 36 0.57 5.87 -1.26
CA GLU A 36 0.54 7.21 -1.89
C GLU A 36 1.86 7.50 -2.61
N ARG A 37 1.80 7.96 -3.87
CA ARG A 37 3.00 8.40 -4.62
C ARG A 37 3.63 9.63 -3.95
N TYR A 38 4.97 9.66 -3.91
CA TYR A 38 5.75 10.70 -3.21
C TYR A 38 5.49 12.17 -3.59
N LYS A 39 5.48 13.08 -2.60
CA LYS A 39 5.06 14.49 -2.77
C LYS A 39 5.95 15.28 -3.74
N GLY A 40 7.27 15.17 -3.58
CA GLY A 40 8.26 16.00 -4.27
C GLY A 40 8.59 15.56 -5.72
N GLU A 41 8.24 14.34 -6.11
CA GLU A 41 8.53 13.78 -7.45
C GLU A 41 7.48 12.76 -7.88
N LYS A 42 6.70 13.08 -8.92
CA LYS A 42 5.58 12.27 -9.46
C LYS A 42 6.02 11.29 -10.57
N GLN A 43 7.30 10.91 -10.63
CA GLN A 43 7.93 10.16 -11.72
C GLN A 43 7.26 8.80 -12.06
N LEU A 44 7.01 7.96 -11.05
CA LEU A 44 6.50 6.59 -11.24
C LEU A 44 4.97 6.57 -11.46
N PRO A 45 4.42 5.59 -12.22
CA PRO A 45 2.99 5.55 -12.57
C PRO A 45 2.10 5.14 -11.40
N VAL A 46 1.14 6.00 -11.01
CA VAL A 46 0.12 5.70 -9.98
C VAL A 46 -1.09 4.89 -10.49
N LEU A 47 -0.82 3.92 -11.37
CA LEU A 47 -1.83 3.15 -12.12
C LEU A 47 -2.73 2.32 -11.20
N ASP A 48 -4.03 2.62 -11.16
CA ASP A 48 -5.11 1.86 -10.52
C ASP A 48 -5.10 1.63 -9.00
N LYS A 49 -3.94 1.68 -8.33
CA LYS A 49 -3.75 1.31 -6.92
C LYS A 49 -3.35 2.49 -6.02
N THR A 50 -4.12 2.69 -4.95
CA THR A 50 -3.98 3.74 -3.90
C THR A 50 -4.13 3.20 -2.46
N LYS A 51 -4.60 1.96 -2.30
CA LYS A 51 -4.64 1.19 -1.03
C LYS A 51 -4.75 -0.30 -1.28
N PHE A 52 -4.27 -1.12 -0.35
CA PHE A 52 -4.41 -2.58 -0.35
C PHE A 52 -4.63 -3.24 1.02
N LEU A 53 -5.51 -4.24 1.10
CA LEU A 53 -5.67 -5.11 2.26
C LEU A 53 -4.80 -6.34 2.03
N VAL A 54 -3.98 -6.72 3.01
CA VAL A 54 -2.97 -7.79 2.87
C VAL A 54 -3.14 -8.90 3.92
N PRO A 55 -3.23 -10.19 3.55
CA PRO A 55 -3.28 -11.29 4.53
C PRO A 55 -1.91 -11.54 5.17
N ASP A 56 -1.90 -11.99 6.42
CA ASP A 56 -0.70 -12.22 7.24
C ASP A 56 0.44 -13.06 6.61
N HIS A 57 0.07 -14.01 5.73
CA HIS A 57 1.02 -14.89 5.02
C HIS A 57 1.97 -14.16 4.05
N VAL A 58 1.59 -12.99 3.53
CA VAL A 58 2.43 -12.18 2.60
C VAL A 58 3.56 -11.50 3.40
N ASN A 59 4.80 -11.55 2.90
CA ASN A 59 5.92 -10.76 3.44
C ASN A 59 6.21 -9.50 2.60
N MET A 60 7.04 -8.59 3.12
CA MET A 60 7.29 -7.29 2.46
C MET A 60 7.87 -7.46 1.05
N SER A 61 8.84 -8.35 0.86
CA SER A 61 9.41 -8.63 -0.46
C SER A 61 8.40 -9.25 -1.45
N GLU A 62 7.48 -10.12 -1.01
CA GLU A 62 6.36 -10.58 -1.85
C GLU A 62 5.40 -9.44 -2.20
N LEU A 63 5.09 -8.55 -1.25
CA LEU A 63 4.26 -7.36 -1.53
C LEU A 63 4.91 -6.47 -2.62
N ILE A 64 6.23 -6.28 -2.57
CA ILE A 64 6.99 -5.64 -3.66
C ILE A 64 6.78 -6.38 -4.97
N LYS A 65 6.88 -7.71 -4.98
CA LYS A 65 6.80 -8.56 -6.18
C LYS A 65 5.45 -8.48 -6.89
N ILE A 66 4.32 -8.57 -6.16
CA ILE A 66 2.99 -8.33 -6.77
C ILE A 66 2.84 -6.90 -7.29
N ILE A 67 3.23 -5.90 -6.51
CA ILE A 67 3.04 -4.48 -6.87
C ILE A 67 3.89 -4.09 -8.09
N ARG A 68 5.17 -4.48 -8.14
CA ARG A 68 6.06 -4.19 -9.30
C ARG A 68 5.69 -4.97 -10.56
N ARG A 69 5.00 -6.12 -10.45
CA ARG A 69 4.40 -6.82 -11.60
C ARG A 69 3.10 -6.17 -12.09
N ARG A 70 2.20 -5.80 -11.18
CA ARG A 70 0.84 -5.33 -11.53
C ARG A 70 0.85 -3.87 -12.01
N LEU A 71 1.72 -3.03 -11.46
CA LEU A 71 2.03 -1.68 -11.97
C LEU A 71 2.96 -1.82 -13.20
N GLN A 72 2.90 -0.88 -14.14
CA GLN A 72 3.75 -0.87 -15.35
C GLN A 72 5.20 -0.41 -15.10
N LEU A 73 5.77 -0.86 -13.98
CA LEU A 73 7.19 -0.73 -13.64
C LEU A 73 8.04 -1.78 -14.40
N ASN A 74 9.35 -1.55 -14.46
CA ASN A 74 10.33 -2.38 -15.18
C ASN A 74 11.70 -2.32 -14.45
N ALA A 75 12.56 -3.32 -14.63
CA ALA A 75 13.88 -3.40 -13.98
C ALA A 75 14.80 -2.19 -14.28
N ASN A 76 14.58 -1.47 -15.39
CA ASN A 76 15.27 -0.21 -15.72
C ASN A 76 14.86 0.99 -14.83
N GLN A 77 13.68 0.93 -14.19
CA GLN A 77 13.15 1.97 -13.30
C GLN A 77 13.57 1.69 -11.83
N ALA A 78 14.02 2.73 -11.12
CA ALA A 78 14.24 2.65 -9.67
C ALA A 78 12.88 2.69 -8.92
N PHE A 79 12.69 1.81 -7.94
CA PHE A 79 11.40 1.63 -7.24
C PHE A 79 11.46 1.24 -5.76
N PHE A 80 10.67 1.93 -4.92
CA PHE A 80 10.61 1.75 -3.47
C PHE A 80 9.22 1.94 -2.85
N LEU A 81 8.83 1.05 -1.93
CA LEU A 81 7.65 1.21 -1.07
C LEU A 81 8.15 1.64 0.31
N LEU A 82 8.18 2.96 0.55
CA LEU A 82 8.72 3.54 1.78
C LEU A 82 7.69 3.42 2.90
N VAL A 83 7.73 2.31 3.65
CA VAL A 83 6.82 2.07 4.77
C VAL A 83 7.15 3.02 5.93
N ASN A 84 6.15 3.84 6.30
CA ASN A 84 6.31 4.97 7.23
C ASN A 84 7.54 5.87 6.89
N GLY A 85 7.81 6.05 5.59
CA GLY A 85 8.90 6.91 5.08
C GLY A 85 10.29 6.28 4.92
N HIS A 86 10.48 4.97 5.16
CA HIS A 86 11.77 4.27 4.93
C HIS A 86 11.61 2.95 4.16
N SER A 87 12.63 2.56 3.39
CA SER A 87 12.61 1.33 2.57
C SER A 87 12.66 0.04 3.41
N MET A 88 11.94 -0.99 2.94
CA MET A 88 12.01 -2.39 3.42
C MET A 88 11.94 -3.39 2.25
N VAL A 89 12.35 -3.01 1.03
CA VAL A 89 12.13 -3.82 -0.20
C VAL A 89 12.80 -5.20 -0.19
N SER A 90 13.93 -5.34 0.52
CA SER A 90 14.67 -6.60 0.68
C SER A 90 14.21 -7.47 1.86
N VAL A 91 13.29 -6.99 2.69
CA VAL A 91 12.91 -7.62 3.98
C VAL A 91 11.95 -8.80 3.79
N SER A 92 12.33 -9.96 4.35
CA SER A 92 11.57 -11.23 4.30
C SER A 92 10.46 -11.36 5.36
N THR A 93 10.32 -10.39 6.27
CA THR A 93 9.34 -10.40 7.37
C THR A 93 7.85 -10.32 6.99
N PRO A 94 6.92 -11.05 7.66
CA PRO A 94 5.47 -10.96 7.40
C PRO A 94 4.90 -9.54 7.48
N ILE A 95 3.86 -9.25 6.70
CA ILE A 95 3.22 -7.91 6.68
C ILE A 95 2.63 -7.51 8.04
N SER A 96 2.25 -8.48 8.87
CA SER A 96 1.83 -8.28 10.26
C SER A 96 2.98 -7.82 11.18
N GLU A 97 4.21 -8.32 10.97
CA GLU A 97 5.41 -7.84 11.68
C GLU A 97 5.85 -6.45 11.19
N VAL A 98 5.70 -6.16 9.88
CA VAL A 98 5.87 -4.80 9.34
C VAL A 98 4.86 -3.85 9.98
N TYR A 99 3.59 -4.26 10.08
CA TYR A 99 2.59 -3.54 10.85
C TYR A 99 2.93 -3.30 12.33
N GLU A 100 3.31 -4.33 13.08
CA GLU A 100 3.73 -4.16 14.48
C GLU A 100 4.93 -3.18 14.64
N SER A 101 5.81 -3.11 13.63
CA SER A 101 6.94 -2.16 13.59
C SER A 101 6.55 -0.72 13.21
N GLU A 102 5.59 -0.54 12.28
CA GLU A 102 5.26 0.75 11.64
C GLU A 102 3.77 1.16 11.73
N LYS A 103 3.05 0.63 12.72
CA LYS A 103 1.65 0.94 13.03
C LYS A 103 1.41 2.45 13.21
N ASP A 104 0.42 2.95 12.49
CA ASP A 104 0.06 4.37 12.44
C ASP A 104 -0.70 4.93 13.68
N GLU A 105 -0.80 6.26 13.81
CA GLU A 105 -1.47 6.97 14.91
C GLU A 105 -2.94 6.53 15.15
N ASP A 106 -3.71 6.31 14.08
CA ASP A 106 -5.09 5.79 14.14
C ASP A 106 -5.49 4.70 13.12
N GLY A 107 -4.85 4.66 11.95
CA GLY A 107 -4.99 3.59 10.97
C GLY A 107 -4.04 2.41 11.23
N PHE A 108 -4.01 1.45 10.29
CA PHE A 108 -3.02 0.36 10.28
C PHE A 108 -1.63 0.74 9.76
N LEU A 109 -1.44 0.77 8.43
CA LEU A 109 -0.10 0.91 7.83
C LEU A 109 -0.06 1.85 6.61
N TYR A 110 1.01 2.63 6.48
CA TYR A 110 1.29 3.54 5.35
C TYR A 110 2.55 3.24 4.53
N MET A 111 2.48 3.35 3.20
CA MET A 111 3.63 3.19 2.29
C MET A 111 3.71 4.36 1.29
N VAL A 112 4.82 5.09 1.28
CA VAL A 112 5.08 6.13 0.27
C VAL A 112 5.80 5.56 -0.95
N TYR A 113 5.15 5.61 -2.10
CA TYR A 113 5.64 5.09 -3.38
C TYR A 113 6.58 6.04 -4.14
N ALA A 114 7.85 5.67 -4.29
CA ALA A 114 8.91 6.57 -4.79
C ALA A 114 10.01 5.85 -5.60
N SER A 115 10.81 6.63 -6.33
CA SER A 115 12.01 6.17 -7.03
C SER A 115 13.31 6.24 -6.18
N GLN A 116 13.26 6.83 -4.99
CA GLN A 116 14.38 6.98 -4.04
C GLN A 116 14.23 6.07 -2.80
N GLU A 117 15.35 5.62 -2.23
CA GLU A 117 15.37 4.76 -1.02
C GLU A 117 14.90 5.50 0.26
N THR A 118 15.04 6.83 0.29
CA THR A 118 14.48 7.73 1.32
C THR A 118 14.36 9.15 0.74
N PHE A 119 13.38 9.92 1.23
CA PHE A 119 13.26 11.36 0.94
C PHE A 119 14.09 12.32 1.82
N GLY A 120 14.81 11.77 2.81
CA GLY A 120 15.66 12.51 3.77
C GLY A 120 14.91 12.92 5.04
N ASP B 1 -8.82 -5.86 -11.50
CA ASP B 1 -10.11 -6.32 -10.94
C ASP B 1 -10.14 -5.93 -9.45
N TYR B 2 -11.27 -5.41 -8.97
CA TYR B 2 -11.38 -4.77 -7.64
C TYR B 2 -10.53 -3.53 -7.37
N GLU B 3 -9.22 -3.73 -7.21
CA GLU B 3 -8.22 -2.73 -6.78
C GLU B 3 -8.73 -1.83 -5.63
N SER B 4 -8.31 -0.57 -5.56
CA SER B 4 -8.53 0.34 -4.43
C SER B 4 -9.93 0.97 -4.30
N ASP B 5 -10.99 0.15 -4.33
CA ASP B 5 -12.38 0.55 -4.09
C ASP B 5 -12.91 0.49 -2.63
N ASP B 6 -13.85 -0.39 -2.28
CA ASP B 6 -14.46 -0.43 -0.93
C ASP B 6 -15.07 -1.80 -0.53
N ASP B 7 -15.26 -2.00 0.78
CA ASP B 7 -16.01 -3.08 1.45
C ASP B 7 -15.62 -4.56 1.22
N SER B 8 -16.24 -5.23 0.25
CA SER B 8 -16.11 -6.67 -0.02
C SER B 8 -14.89 -7.06 -0.86
N TYR B 9 -14.07 -6.07 -1.23
CA TYR B 9 -12.98 -6.17 -2.20
C TYR B 9 -11.77 -7.10 -1.94
N GLU B 10 -11.16 -7.62 -3.02
CA GLU B 10 -9.87 -8.35 -3.00
C GLU B 10 -8.63 -7.41 -2.89
N VAL B 11 -8.76 -6.17 -3.37
CA VAL B 11 -7.84 -5.00 -3.23
C VAL B 11 -6.43 -5.05 -3.82
N LEU B 12 -5.71 -6.17 -3.70
CA LEU B 12 -4.37 -6.36 -4.29
C LEU B 12 -4.43 -6.60 -5.80
N ASP B 13 -5.65 -6.76 -6.35
CA ASP B 13 -5.87 -7.20 -7.74
C ASP B 13 -5.24 -8.60 -8.02
N LEU B 14 -5.25 -9.40 -6.95
CA LEU B 14 -4.68 -10.73 -6.72
C LEU B 14 -5.43 -11.30 -5.49
N THR B 15 -5.86 -12.57 -5.55
CA THR B 15 -6.61 -13.21 -4.45
C THR B 15 -5.78 -13.62 -3.22
N GLU B 16 -6.45 -13.90 -2.10
CA GLU B 16 -5.82 -14.47 -0.89
C GLU B 16 -5.30 -15.92 -1.05
N TYR B 17 -5.59 -16.57 -2.19
CA TYR B 17 -5.23 -17.96 -2.53
C TYR B 17 -5.62 -19.08 -1.53
N MET A 1 -10.95 5.49 -4.39
CA MET A 1 -10.77 6.15 -5.72
C MET A 1 -9.52 5.60 -6.45
N PRO A 2 -9.69 4.67 -7.40
CA PRO A 2 -8.61 4.24 -8.29
C PRO A 2 -8.40 5.24 -9.46
N SER A 3 -9.39 6.10 -9.73
CA SER A 3 -9.35 7.25 -10.65
C SER A 3 -8.31 8.33 -10.28
N GLU A 4 -8.18 9.36 -11.13
CA GLU A 4 -7.16 10.42 -10.99
C GLU A 4 -7.15 11.19 -9.66
N LYS A 5 -5.95 11.64 -9.27
CA LYS A 5 -5.57 12.23 -7.96
C LYS A 5 -5.65 11.23 -6.79
N THR A 6 -4.82 11.47 -5.76
CA THR A 6 -4.75 10.60 -4.56
C THR A 6 -5.97 10.65 -3.63
N PHE A 7 -6.08 9.69 -2.70
CA PHE A 7 -7.28 9.44 -1.89
C PHE A 7 -7.79 10.61 -1.04
N LYS A 8 -6.96 11.61 -0.73
CA LYS A 8 -7.36 12.82 0.02
C LYS A 8 -8.46 13.66 -0.69
N GLN A 9 -8.67 13.39 -1.98
CA GLN A 9 -9.80 13.89 -2.77
C GLN A 9 -11.18 13.42 -2.22
N ARG A 10 -11.23 12.29 -1.50
CA ARG A 10 -12.45 11.73 -0.89
C ARG A 10 -12.35 11.43 0.63
N ARG A 11 -11.24 10.84 1.12
CA ARG A 11 -11.11 10.38 2.52
C ARG A 11 -10.48 11.40 3.48
N THR A 12 -10.86 11.29 4.76
CA THR A 12 -10.40 12.11 5.90
C THR A 12 -10.07 11.29 7.16
N PHE A 13 -9.38 11.89 8.15
CA PHE A 13 -8.90 11.20 9.36
C PHE A 13 -9.86 10.24 10.07
N GLU A 14 -11.07 10.72 10.40
CA GLU A 14 -12.08 9.92 11.10
C GLU A 14 -12.60 8.76 10.21
N GLN A 15 -12.70 8.98 8.90
CA GLN A 15 -13.10 7.96 7.93
C GLN A 15 -12.00 6.92 7.70
N ARG A 16 -10.72 7.32 7.74
CA ARG A 16 -9.56 6.42 7.66
C ARG A 16 -9.48 5.49 8.88
N VAL A 17 -9.77 6.02 10.08
CA VAL A 17 -9.92 5.20 11.30
C VAL A 17 -11.16 4.28 11.23
N GLU A 18 -12.29 4.75 10.69
CA GLU A 18 -13.48 3.92 10.45
C GLU A 18 -13.15 2.73 9.53
N ASP A 19 -12.45 2.98 8.41
CA ASP A 19 -11.91 1.96 7.50
C ASP A 19 -11.07 0.88 8.19
N VAL A 20 -10.11 1.26 9.04
CA VAL A 20 -9.28 0.29 9.80
C VAL A 20 -10.18 -0.63 10.62
N ARG A 21 -11.14 -0.07 11.39
CA ARG A 21 -12.07 -0.87 12.20
C ARG A 21 -12.95 -1.80 11.36
N LEU A 22 -13.70 -1.27 10.39
CA LEU A 22 -14.68 -2.03 9.63
C LEU A 22 -14.00 -3.10 8.74
N ILE A 23 -12.83 -2.82 8.17
CA ILE A 23 -12.14 -3.77 7.30
C ILE A 23 -11.52 -4.93 8.11
N ARG A 24 -10.95 -4.64 9.29
CA ARG A 24 -10.45 -5.67 10.23
C ARG A 24 -11.60 -6.49 10.81
N GLU A 25 -12.75 -5.87 11.09
CA GLU A 25 -13.94 -6.57 11.60
C GLU A 25 -14.58 -7.52 10.56
N GLN A 26 -14.72 -7.10 9.29
CA GLN A 26 -15.27 -7.98 8.24
C GLN A 26 -14.25 -9.06 7.78
N HIS A 27 -12.94 -8.75 7.82
CA HIS A 27 -11.85 -9.66 7.43
C HIS A 27 -10.64 -9.58 8.40
N PRO A 28 -10.64 -10.33 9.52
CA PRO A 28 -9.55 -10.29 10.51
C PRO A 28 -8.15 -10.66 9.99
N THR A 29 -8.07 -11.46 8.92
CA THR A 29 -6.81 -11.83 8.22
C THR A 29 -6.23 -10.78 7.28
N LYS A 30 -6.97 -9.71 6.96
CA LYS A 30 -6.52 -8.62 6.07
C LYS A 30 -5.92 -7.44 6.83
N ILE A 31 -4.95 -6.76 6.20
CA ILE A 31 -4.07 -5.75 6.79
C ILE A 31 -4.15 -4.44 5.97
N PRO A 32 -4.46 -3.28 6.58
CA PRO A 32 -4.69 -2.01 5.88
C PRO A 32 -3.37 -1.28 5.53
N VAL A 33 -3.08 -1.03 4.25
CA VAL A 33 -1.84 -0.35 3.77
C VAL A 33 -2.07 0.72 2.69
N ILE A 34 -1.17 1.69 2.57
CA ILE A 34 -1.22 2.78 1.56
C ILE A 34 0.01 2.71 0.65
N ILE A 35 -0.12 3.10 -0.62
CA ILE A 35 1.01 3.26 -1.55
C ILE A 35 0.88 4.58 -2.34
N GLU A 36 1.50 5.64 -1.82
CA GLU A 36 1.50 6.95 -2.46
C GLU A 36 2.69 7.12 -3.43
N ARG A 37 2.44 7.50 -4.69
CA ARG A 37 3.54 7.89 -5.61
C ARG A 37 4.14 9.22 -5.11
N TYR A 38 5.46 9.31 -4.97
CA TYR A 38 6.10 10.46 -4.31
C TYR A 38 5.76 11.85 -4.90
N LYS A 39 5.32 12.79 -4.05
CA LYS A 39 4.76 14.10 -4.45
C LYS A 39 5.66 14.90 -5.41
N GLY A 40 6.98 14.84 -5.21
CA GLY A 40 7.99 15.53 -6.01
C GLY A 40 8.47 14.76 -7.26
N GLU A 41 7.97 13.54 -7.51
CA GLU A 41 8.46 12.64 -8.55
C GLU A 41 7.33 11.75 -9.12
N LYS A 42 6.29 12.38 -9.68
CA LYS A 42 5.16 11.70 -10.37
C LYS A 42 5.53 11.07 -11.74
N GLN A 43 6.77 10.60 -11.87
CA GLN A 43 7.38 10.05 -13.10
C GLN A 43 6.97 8.59 -13.38
N LEU A 44 7.03 7.73 -12.35
CA LEU A 44 6.75 6.28 -12.48
C LEU A 44 5.25 6.01 -12.74
N PRO A 45 4.90 4.94 -13.49
CA PRO A 45 3.51 4.58 -13.75
C PRO A 45 2.78 4.16 -12.47
N VAL A 46 1.56 4.71 -12.26
CA VAL A 46 0.70 4.43 -11.09
C VAL A 46 -0.43 3.42 -11.32
N LEU A 47 -0.82 3.22 -12.58
CA LEU A 47 -1.79 2.21 -13.04
C LEU A 47 -3.04 2.05 -12.14
N ASP A 48 -3.62 3.18 -11.73
CA ASP A 48 -4.82 3.26 -10.88
C ASP A 48 -4.71 2.77 -9.42
N LYS A 49 -3.49 2.60 -8.89
CA LYS A 49 -3.22 2.30 -7.46
C LYS A 49 -3.16 3.57 -6.57
N THR A 50 -3.47 3.41 -5.28
CA THR A 50 -3.41 4.46 -4.23
C THR A 50 -3.35 3.79 -2.85
N LYS A 51 -4.22 2.82 -2.61
CA LYS A 51 -4.39 2.07 -1.34
C LYS A 51 -4.32 0.55 -1.57
N PHE A 52 -4.03 -0.21 -0.52
CA PHE A 52 -4.00 -1.68 -0.50
C PHE A 52 -4.55 -2.36 0.76
N LEU A 53 -5.00 -3.61 0.63
CA LEU A 53 -5.53 -4.43 1.73
C LEU A 53 -4.90 -5.82 1.58
N VAL A 54 -3.86 -6.10 2.37
CA VAL A 54 -2.99 -7.28 2.21
C VAL A 54 -3.34 -8.45 3.12
N PRO A 55 -3.38 -9.72 2.65
CA PRO A 55 -3.50 -10.87 3.54
C PRO A 55 -2.27 -10.98 4.47
N ASP A 56 -2.47 -11.28 5.75
CA ASP A 56 -1.40 -11.45 6.75
C ASP A 56 -0.31 -12.48 6.39
N HIS A 57 -0.65 -13.44 5.53
CA HIS A 57 0.24 -14.46 4.96
C HIS A 57 1.36 -13.88 4.06
N VAL A 58 1.18 -12.67 3.51
CA VAL A 58 2.12 -12.03 2.57
C VAL A 58 3.34 -11.48 3.33
N ASN A 59 4.55 -11.85 2.88
CA ASN A 59 5.80 -11.23 3.36
C ASN A 59 6.01 -9.85 2.73
N MET A 60 6.71 -8.93 3.40
CA MET A 60 6.96 -7.58 2.87
C MET A 60 7.71 -7.61 1.52
N SER A 61 8.66 -8.53 1.36
CA SER A 61 9.34 -8.84 0.10
C SER A 61 8.38 -9.31 -1.01
N GLU A 62 7.36 -10.10 -0.67
CA GLU A 62 6.31 -10.52 -1.60
C GLU A 62 5.36 -9.35 -1.95
N LEU A 63 5.03 -8.47 -0.99
CA LEU A 63 4.27 -7.24 -1.28
C LEU A 63 5.03 -6.34 -2.25
N ILE A 64 6.33 -6.12 -2.02
CA ILE A 64 7.22 -5.41 -2.95
C ILE A 64 7.13 -6.00 -4.37
N LYS A 65 7.10 -7.33 -4.48
CA LYS A 65 7.00 -8.06 -5.76
C LYS A 65 5.66 -7.81 -6.48
N ILE A 66 4.50 -7.93 -5.80
CA ILE A 66 3.20 -7.66 -6.44
C ILE A 66 3.05 -6.19 -6.82
N ILE A 67 3.52 -5.25 -5.99
CA ILE A 67 3.55 -3.82 -6.36
C ILE A 67 4.40 -3.60 -7.62
N ARG A 68 5.64 -4.11 -7.65
CA ARG A 68 6.55 -3.96 -8.79
C ARG A 68 5.98 -4.56 -10.07
N ARG A 69 5.34 -5.73 -9.98
CA ARG A 69 4.81 -6.49 -11.13
C ARG A 69 3.42 -6.04 -11.62
N ARG A 70 2.53 -5.58 -10.72
CA ARG A 70 1.19 -5.09 -11.11
C ARG A 70 1.28 -3.75 -11.83
N LEU A 71 2.17 -2.85 -11.38
CA LEU A 71 2.53 -1.62 -12.09
C LEU A 71 3.33 -1.94 -13.37
N GLN A 72 3.22 -1.09 -14.41
CA GLN A 72 3.93 -1.22 -15.69
C GLN A 72 5.43 -0.84 -15.65
N LEU A 73 6.10 -1.17 -14.54
CA LEU A 73 7.55 -1.02 -14.38
C LEU A 73 8.33 -2.08 -15.19
N ASN A 74 9.61 -1.81 -15.46
CA ASN A 74 10.49 -2.65 -16.26
C ASN A 74 11.95 -2.48 -15.80
N ALA A 75 12.86 -3.39 -16.17
CA ALA A 75 14.24 -3.45 -15.70
C ALA A 75 15.06 -2.16 -15.90
N ASN A 76 14.75 -1.40 -16.97
CA ASN A 76 15.40 -0.13 -17.29
C ASN A 76 15.05 1.01 -16.30
N GLN A 77 13.88 0.93 -15.63
CA GLN A 77 13.39 1.95 -14.70
C GLN A 77 13.95 1.71 -13.29
N ALA A 78 14.45 2.76 -12.63
CA ALA A 78 14.79 2.72 -11.20
C ALA A 78 13.51 2.74 -10.33
N PHE A 79 13.50 1.98 -9.23
CA PHE A 79 12.33 1.82 -8.35
C PHE A 79 12.63 1.50 -6.87
N PHE A 80 11.89 2.15 -5.96
CA PHE A 80 11.90 1.89 -4.52
C PHE A 80 10.52 1.95 -3.86
N LEU A 81 10.18 0.96 -3.02
CA LEU A 81 8.99 0.99 -2.15
C LEU A 81 9.44 1.26 -0.71
N LEU A 82 8.95 2.36 -0.13
CA LEU A 82 9.39 2.95 1.14
C LEU A 82 8.27 2.86 2.19
N VAL A 83 8.55 2.36 3.39
CA VAL A 83 7.61 2.40 4.53
C VAL A 83 7.92 3.64 5.37
N ASN A 84 6.92 4.48 5.63
CA ASN A 84 7.08 5.77 6.35
C ASN A 84 8.30 6.59 5.85
N GLY A 85 8.41 6.70 4.51
CA GLY A 85 9.44 7.47 3.80
C GLY A 85 10.85 6.87 3.76
N HIS A 86 11.05 5.63 4.25
CA HIS A 86 12.37 4.95 4.32
C HIS A 86 12.33 3.55 3.69
N SER A 87 13.43 3.10 3.07
CA SER A 87 13.46 1.84 2.31
C SER A 87 13.33 0.59 3.19
N MET A 88 12.54 -0.38 2.72
CA MET A 88 12.38 -1.73 3.29
C MET A 88 12.64 -2.84 2.25
N VAL A 89 13.34 -2.52 1.15
CA VAL A 89 13.48 -3.40 -0.03
C VAL A 89 13.98 -4.83 0.22
N SER A 90 14.79 -5.03 1.25
CA SER A 90 15.39 -6.34 1.60
C SER A 90 14.63 -7.14 2.68
N VAL A 91 13.62 -6.57 3.34
CA VAL A 91 12.97 -7.17 4.53
C VAL A 91 11.96 -8.29 4.24
N SER A 92 12.08 -9.42 4.95
CA SER A 92 11.31 -10.66 4.72
C SER A 92 10.10 -10.85 5.67
N THR A 93 9.93 -10.00 6.68
CA THR A 93 8.87 -10.14 7.71
C THR A 93 7.42 -10.11 7.20
N PRO A 94 6.44 -10.79 7.83
CA PRO A 94 5.02 -10.72 7.44
C PRO A 94 4.44 -9.30 7.48
N ILE A 95 3.54 -8.97 6.55
CA ILE A 95 2.97 -7.64 6.41
C ILE A 95 2.18 -7.18 7.65
N SER A 96 1.62 -8.12 8.43
CA SER A 96 0.99 -7.87 9.73
C SER A 96 1.96 -7.32 10.77
N GLU A 97 3.20 -7.83 10.83
CA GLU A 97 4.25 -7.33 11.71
C GLU A 97 4.70 -5.92 11.31
N VAL A 98 4.82 -5.67 9.99
CA VAL A 98 5.04 -4.30 9.48
C VAL A 98 3.89 -3.36 9.84
N TYR A 99 2.63 -3.76 9.66
CA TYR A 99 1.47 -2.99 10.14
C TYR A 99 1.45 -2.64 11.63
N GLU A 100 1.72 -3.61 12.50
CA GLU A 100 1.74 -3.41 13.94
C GLU A 100 2.83 -2.42 14.39
N SER A 101 3.95 -2.36 13.67
CA SER A 101 5.07 -1.44 13.93
C SER A 101 5.00 -0.08 13.20
N GLU A 102 4.39 -0.03 12.00
CA GLU A 102 4.43 1.12 11.07
C GLU A 102 3.08 1.76 10.72
N LYS A 103 1.97 1.38 11.36
CA LYS A 103 0.68 2.11 11.22
C LYS A 103 0.84 3.57 11.72
N ASP A 104 0.21 4.52 11.03
CA ASP A 104 0.20 5.93 11.43
C ASP A 104 -0.97 6.27 12.38
N GLU A 105 -0.94 7.43 13.04
CA GLU A 105 -2.03 7.93 13.90
C GLU A 105 -3.37 8.08 13.14
N ASP A 106 -3.31 8.45 11.86
CA ASP A 106 -4.45 8.51 10.94
C ASP A 106 -5.06 7.12 10.58
N GLY A 107 -4.43 6.03 11.05
CA GLY A 107 -4.70 4.67 10.63
C GLY A 107 -3.93 4.30 9.36
N PHE A 108 -3.98 3.03 8.95
CA PHE A 108 -3.24 2.47 7.81
C PHE A 108 -1.69 2.40 7.94
N LEU A 109 -1.09 1.34 7.38
CA LEU A 109 0.37 1.24 7.20
C LEU A 109 0.78 2.12 6.01
N TYR A 110 1.36 3.29 6.27
CA TYR A 110 1.85 4.17 5.22
C TYR A 110 3.08 3.73 4.42
N MET A 111 2.95 3.64 3.09
CA MET A 111 4.08 3.45 2.17
C MET A 111 4.05 4.53 1.08
N VAL A 112 5.25 4.94 0.65
CA VAL A 112 5.49 5.83 -0.49
C VAL A 112 6.34 5.06 -1.50
N TYR A 113 6.23 5.30 -2.81
CA TYR A 113 7.17 4.68 -3.76
C TYR A 113 7.62 5.77 -4.73
N ALA A 114 8.83 5.59 -5.25
CA ALA A 114 9.58 6.60 -6.02
C ALA A 114 10.69 5.96 -6.89
N SER A 115 11.36 6.77 -7.70
CA SER A 115 12.56 6.36 -8.48
C SER A 115 13.84 6.33 -7.60
N GLN A 116 13.81 6.98 -6.44
CA GLN A 116 14.91 7.10 -5.47
C GLN A 116 14.42 6.90 -4.02
N GLU A 117 15.31 6.46 -3.10
CA GLU A 117 14.94 6.30 -1.67
C GLU A 117 14.96 7.63 -0.90
N THR A 118 15.92 8.52 -1.20
CA THR A 118 15.98 9.92 -0.72
C THR A 118 16.47 10.93 -1.78
N PHE A 119 15.96 12.17 -1.69
CA PHE A 119 16.24 13.26 -2.65
C PHE A 119 17.58 14.00 -2.55
N GLY A 120 18.36 13.72 -1.49
CA GLY A 120 19.69 14.31 -1.23
C GLY A 120 20.85 13.43 -1.69
N ASP B 1 -15.56 0.56 -7.82
CA ASP B 1 -14.66 -0.59 -8.12
C ASP B 1 -13.92 -1.16 -6.90
N TYR B 2 -13.95 -2.48 -6.72
CA TYR B 2 -13.42 -3.17 -5.53
C TYR B 2 -11.90 -3.26 -5.35
N GLU B 3 -11.13 -2.75 -6.32
CA GLU B 3 -9.68 -2.55 -6.21
C GLU B 3 -9.31 -1.28 -5.39
N SER B 4 -10.29 -0.46 -4.96
CA SER B 4 -10.01 0.78 -4.19
C SER B 4 -11.18 1.46 -3.44
N ASP B 5 -12.43 1.38 -3.91
CA ASP B 5 -13.54 2.22 -3.38
C ASP B 5 -14.05 2.10 -1.92
N ASP B 6 -15.19 1.42 -1.70
CA ASP B 6 -15.93 1.40 -0.42
C ASP B 6 -16.37 0.02 0.12
N ASP B 7 -16.36 -0.14 1.46
CA ASP B 7 -16.86 -1.30 2.21
C ASP B 7 -16.33 -2.69 1.85
N SER B 8 -17.01 -3.42 0.96
CA SER B 8 -16.79 -4.85 0.65
C SER B 8 -15.54 -5.15 -0.22
N TYR B 9 -14.58 -4.23 -0.28
CA TYR B 9 -13.39 -4.35 -1.13
C TYR B 9 -12.35 -5.42 -0.78
N GLU B 10 -11.58 -5.86 -1.77
CA GLU B 10 -10.38 -6.71 -1.57
C GLU B 10 -9.07 -6.00 -1.94
N VAL B 11 -9.12 -4.91 -2.73
CA VAL B 11 -8.03 -3.95 -3.01
C VAL B 11 -6.78 -4.44 -3.77
N LEU B 12 -6.18 -5.56 -3.35
CA LEU B 12 -4.97 -6.17 -3.93
C LEU B 12 -5.25 -6.89 -5.26
N ASP B 13 -6.52 -6.94 -5.68
CA ASP B 13 -7.00 -7.60 -6.90
C ASP B 13 -6.57 -9.09 -7.06
N LEU B 14 -6.43 -9.79 -5.92
CA LEU B 14 -6.04 -11.20 -5.78
C LEU B 14 -6.54 -11.81 -4.47
N THR B 15 -6.54 -13.14 -4.36
CA THR B 15 -6.86 -13.92 -3.14
C THR B 15 -5.79 -14.94 -2.72
N GLU B 16 -5.69 -15.22 -1.41
CA GLU B 16 -4.68 -16.15 -0.86
C GLU B 16 -5.05 -17.64 -1.03
N TYR B 17 -6.36 -17.95 -1.08
CA TYR B 17 -6.93 -19.31 -1.07
C TYR B 17 -7.78 -19.74 -2.28
N MET A 1 -9.85 5.11 -4.19
CA MET A 1 -10.05 5.57 -5.60
C MET A 1 -8.78 5.32 -6.43
N PRO A 2 -8.76 4.34 -7.36
CA PRO A 2 -7.65 4.18 -8.28
C PRO A 2 -7.55 5.39 -9.23
N SER A 3 -6.39 6.04 -9.27
CA SER A 3 -6.15 7.32 -9.96
C SER A 3 -4.65 7.65 -10.04
N GLU A 4 -4.28 8.58 -10.94
CA GLU A 4 -2.93 9.16 -10.97
C GLU A 4 -2.67 10.06 -9.73
N LYS A 5 -3.74 10.60 -9.14
CA LYS A 5 -3.73 11.47 -7.95
C LYS A 5 -3.91 10.70 -6.63
N THR A 6 -3.61 11.36 -5.51
CA THR A 6 -3.69 10.78 -4.14
C THR A 6 -5.08 10.34 -3.67
N PHE A 7 -5.16 9.46 -2.66
CA PHE A 7 -6.44 8.95 -2.14
C PHE A 7 -7.25 10.10 -1.49
N LYS A 8 -6.63 11.24 -1.14
CA LYS A 8 -7.31 12.42 -0.55
C LYS A 8 -8.34 13.06 -1.51
N GLN A 9 -8.28 12.68 -2.79
CA GLN A 9 -9.28 13.00 -3.82
C GLN A 9 -10.68 12.41 -3.51
N ARG A 10 -10.77 11.34 -2.69
CA ARG A 10 -12.04 10.72 -2.25
C ARG A 10 -12.24 10.68 -0.73
N ARG A 11 -11.34 10.00 0.01
CA ARG A 11 -11.52 9.70 1.46
C ARG A 11 -10.86 10.73 2.40
N THR A 12 -11.28 10.69 3.67
CA THR A 12 -10.83 11.55 4.81
C THR A 12 -10.39 10.75 6.04
N PHE A 13 -9.79 11.41 7.04
CA PHE A 13 -9.35 10.77 8.29
C PHE A 13 -10.36 9.86 9.01
N GLU A 14 -11.58 10.37 9.26
CA GLU A 14 -12.64 9.59 9.92
C GLU A 14 -13.06 8.38 9.07
N GLN A 15 -13.06 8.53 7.75
CA GLN A 15 -13.40 7.44 6.82
C GLN A 15 -12.27 6.40 6.72
N ARG A 16 -10.99 6.79 6.82
CA ARG A 16 -9.88 5.83 6.96
C ARG A 16 -9.96 5.04 8.28
N VAL A 17 -10.26 5.73 9.39
CA VAL A 17 -10.45 5.10 10.70
C VAL A 17 -11.62 4.11 10.64
N GLU A 18 -12.75 4.47 10.02
CA GLU A 18 -13.86 3.53 9.80
C GLU A 18 -13.48 2.32 8.94
N ASP A 19 -12.77 2.53 7.82
CA ASP A 19 -12.17 1.42 7.06
C ASP A 19 -11.36 0.45 7.92
N VAL A 20 -10.35 0.94 8.66
CA VAL A 20 -9.52 0.10 9.54
C VAL A 20 -10.37 -0.64 10.56
N ARG A 21 -11.30 0.05 11.25
CA ARG A 21 -12.17 -0.57 12.26
C ARG A 21 -12.98 -1.73 11.66
N LEU A 22 -13.65 -1.48 10.53
CA LEU A 22 -14.46 -2.48 9.83
C LEU A 22 -13.60 -3.63 9.32
N ILE A 23 -12.53 -3.33 8.57
CA ILE A 23 -11.67 -4.33 7.90
C ILE A 23 -10.95 -5.25 8.90
N ARG A 24 -10.43 -4.72 10.01
CA ARG A 24 -9.81 -5.54 11.07
C ARG A 24 -10.83 -6.41 11.82
N GLU A 25 -12.06 -5.95 11.98
CA GLU A 25 -13.16 -6.76 12.55
C GLU A 25 -13.66 -7.87 11.60
N GLN A 26 -13.97 -7.56 10.33
CA GLN A 26 -14.50 -8.57 9.38
C GLN A 26 -13.44 -9.52 8.82
N HIS A 27 -12.17 -9.08 8.70
CA HIS A 27 -11.05 -9.86 8.14
C HIS A 27 -9.75 -9.71 8.96
N PRO A 28 -9.68 -10.28 10.18
CA PRO A 28 -8.50 -10.15 11.07
C PRO A 28 -7.20 -10.76 10.50
N THR A 29 -7.28 -11.62 9.48
CA THR A 29 -6.12 -12.11 8.71
C THR A 29 -5.52 -11.12 7.69
N LYS A 30 -6.21 -9.99 7.41
CA LYS A 30 -5.79 -8.96 6.45
C LYS A 30 -5.38 -7.64 7.11
N ILE A 31 -4.50 -6.89 6.43
CA ILE A 31 -3.80 -5.70 6.93
C ILE A 31 -4.08 -4.48 6.02
N PRO A 32 -4.52 -3.33 6.56
CA PRO A 32 -4.83 -2.13 5.77
C PRO A 32 -3.57 -1.31 5.41
N VAL A 33 -3.31 -1.16 4.11
CA VAL A 33 -2.11 -0.47 3.55
C VAL A 33 -2.49 0.54 2.47
N ILE A 34 -1.76 1.66 2.36
CA ILE A 34 -1.93 2.67 1.29
C ILE A 34 -0.60 2.95 0.60
N ILE A 35 -0.63 3.09 -0.73
CA ILE A 35 0.53 3.46 -1.56
C ILE A 35 0.37 4.89 -2.09
N GLU A 36 1.42 5.69 -1.96
CA GLU A 36 1.48 7.06 -2.51
C GLU A 36 2.87 7.37 -3.07
N ARG A 37 2.94 8.03 -4.23
CA ARG A 37 4.23 8.46 -4.82
C ARG A 37 4.94 9.50 -3.95
N TYR A 38 6.29 9.47 -3.94
CA TYR A 38 7.16 10.38 -3.19
C TYR A 38 6.96 11.89 -3.45
N LYS A 39 6.87 12.69 -2.39
CA LYS A 39 6.47 14.11 -2.45
C LYS A 39 7.48 15.02 -3.18
N GLY A 40 8.77 14.70 -3.08
CA GLY A 40 9.84 15.52 -3.65
C GLY A 40 10.00 15.39 -5.18
N GLU A 41 9.58 14.26 -5.77
CA GLU A 41 9.71 13.99 -7.21
C GLU A 41 8.78 12.90 -7.72
N LYS A 42 7.97 13.18 -8.76
CA LYS A 42 7.12 12.21 -9.48
C LYS A 42 7.78 11.64 -10.74
N GLN A 43 9.03 11.18 -10.62
CA GLN A 43 9.83 10.67 -11.75
C GLN A 43 9.19 9.44 -12.41
N LEU A 44 8.86 8.44 -11.60
CA LEU A 44 8.14 7.23 -12.06
C LEU A 44 6.61 7.45 -11.96
N PRO A 45 5.82 6.98 -12.95
CA PRO A 45 4.39 7.27 -13.04
C PRO A 45 3.52 6.47 -12.06
N VAL A 46 2.39 7.05 -11.63
CA VAL A 46 1.33 6.37 -10.87
C VAL A 46 0.29 5.84 -11.87
N LEU A 47 0.30 4.53 -12.14
CA LEU A 47 -0.54 3.93 -13.20
C LEU A 47 -2.01 3.85 -12.78
N ASP A 48 -2.30 3.25 -11.63
CA ASP A 48 -3.68 2.97 -11.19
C ASP A 48 -3.94 2.81 -9.68
N LYS A 49 -3.28 1.86 -9.01
CA LYS A 49 -3.60 1.48 -7.62
C LYS A 49 -3.19 2.51 -6.54
N THR A 50 -3.93 2.49 -5.43
CA THR A 50 -3.83 3.42 -4.28
C THR A 50 -3.98 2.81 -2.86
N LYS A 51 -4.77 1.73 -2.73
CA LYS A 51 -5.06 1.02 -1.46
C LYS A 51 -4.78 -0.48 -1.61
N PHE A 52 -4.44 -1.15 -0.52
CA PHE A 52 -4.37 -2.61 -0.44
C PHE A 52 -4.62 -3.28 0.92
N LEU A 53 -5.47 -4.31 0.93
CA LEU A 53 -5.69 -5.21 2.07
C LEU A 53 -4.77 -6.42 1.88
N VAL A 54 -3.65 -6.45 2.60
CA VAL A 54 -2.64 -7.52 2.46
C VAL A 54 -2.89 -8.70 3.41
N PRO A 55 -2.94 -9.97 2.95
CA PRO A 55 -2.96 -11.12 3.86
C PRO A 55 -1.68 -11.21 4.70
N ASP A 56 -1.81 -11.52 5.99
CA ASP A 56 -0.71 -11.54 6.96
C ASP A 56 0.52 -12.42 6.59
N HIS A 57 0.29 -13.46 5.78
CA HIS A 57 1.33 -14.37 5.26
C HIS A 57 2.24 -13.76 4.18
N VAL A 58 1.84 -12.65 3.54
CA VAL A 58 2.68 -11.92 2.55
C VAL A 58 3.86 -11.26 3.28
N ASN A 59 5.10 -11.45 2.78
CA ASN A 59 6.27 -10.72 3.30
C ASN A 59 6.54 -9.42 2.50
N MET A 60 7.29 -8.48 3.09
CA MET A 60 7.51 -7.16 2.49
C MET A 60 8.25 -7.22 1.14
N SER A 61 9.25 -8.09 0.97
CA SER A 61 9.93 -8.32 -0.31
C SER A 61 8.97 -8.85 -1.40
N GLU A 62 8.09 -9.79 -1.06
CA GLU A 62 7.04 -10.31 -1.94
C GLU A 62 6.03 -9.21 -2.33
N LEU A 63 5.60 -8.38 -1.37
CA LEU A 63 4.73 -7.22 -1.62
C LEU A 63 5.37 -6.22 -2.60
N ILE A 64 6.66 -5.94 -2.43
CA ILE A 64 7.49 -5.19 -3.39
C ILE A 64 7.44 -5.83 -4.79
N LYS A 65 7.60 -7.15 -4.89
CA LYS A 65 7.62 -7.89 -6.17
C LYS A 65 6.29 -7.80 -6.93
N ILE A 66 5.13 -8.00 -6.28
CA ILE A 66 3.82 -7.83 -6.95
C ILE A 66 3.61 -6.38 -7.41
N ILE A 67 3.86 -5.40 -6.55
CA ILE A 67 3.64 -3.97 -6.88
C ILE A 67 4.53 -3.53 -8.04
N ARG A 68 5.82 -3.92 -8.06
CA ARG A 68 6.74 -3.65 -9.17
C ARG A 68 6.26 -4.28 -10.49
N ARG A 69 5.63 -5.46 -10.44
CA ARG A 69 5.09 -6.19 -11.60
C ARG A 69 3.76 -5.63 -12.13
N ARG A 70 2.84 -5.23 -11.24
CA ARG A 70 1.53 -4.62 -11.61
C ARG A 70 1.69 -3.19 -12.19
N LEU A 71 2.61 -2.40 -11.65
CA LEU A 71 3.02 -1.12 -12.24
C LEU A 71 3.80 -1.39 -13.55
N GLN A 72 3.66 -0.54 -14.57
CA GLN A 72 4.27 -0.72 -15.91
C GLN A 72 5.78 -0.37 -15.97
N LEU A 73 6.52 -0.74 -14.92
CA LEU A 73 7.95 -0.43 -14.74
C LEU A 73 8.83 -1.53 -15.34
N ASN A 74 9.54 -1.21 -16.42
CA ASN A 74 10.57 -2.08 -17.02
C ASN A 74 11.82 -2.18 -16.10
N ALA A 75 12.68 -3.18 -16.33
CA ALA A 75 13.84 -3.48 -15.49
C ALA A 75 14.86 -2.32 -15.35
N ASN A 76 14.88 -1.38 -16.31
CA ASN A 76 15.70 -0.16 -16.26
C ASN A 76 15.23 0.87 -15.20
N GLN A 77 13.97 0.79 -14.75
CA GLN A 77 13.38 1.71 -13.76
C GLN A 77 13.77 1.27 -12.34
N ALA A 78 14.51 2.11 -11.60
CA ALA A 78 14.91 1.84 -10.22
C ALA A 78 13.72 2.04 -9.25
N PHE A 79 13.07 0.95 -8.83
CA PHE A 79 11.87 0.96 -7.98
C PHE A 79 12.08 0.87 -6.46
N PHE A 80 11.33 1.67 -5.70
CA PHE A 80 11.27 1.65 -4.23
C PHE A 80 9.85 1.66 -3.64
N LEU A 81 9.62 0.91 -2.55
CA LEU A 81 8.37 0.93 -1.77
C LEU A 81 8.72 1.09 -0.28
N LEU A 82 8.80 2.33 0.17
CA LEU A 82 9.33 2.74 1.47
C LEU A 82 8.25 2.76 2.55
N VAL A 83 8.41 2.10 3.70
CA VAL A 83 7.45 2.24 4.82
C VAL A 83 7.59 3.62 5.47
N ASN A 84 6.60 4.50 5.29
CA ASN A 84 6.64 5.92 5.68
C ASN A 84 7.99 6.63 5.41
N GLY A 85 8.60 6.34 4.25
CA GLY A 85 9.87 6.92 3.80
C GLY A 85 11.16 6.14 4.17
N HIS A 86 11.08 5.09 5.01
CA HIS A 86 12.20 4.18 5.32
C HIS A 86 12.25 2.98 4.34
N SER A 87 13.43 2.64 3.83
CA SER A 87 13.62 1.53 2.88
C SER A 87 13.48 0.12 3.50
N MET A 88 12.91 -0.81 2.71
CA MET A 88 12.73 -2.24 3.03
C MET A 88 12.87 -3.12 1.76
N VAL A 89 13.84 -2.78 0.89
CA VAL A 89 14.00 -3.32 -0.49
C VAL A 89 13.93 -4.85 -0.67
N SER A 90 14.45 -5.62 0.29
CA SER A 90 14.56 -7.09 0.20
C SER A 90 14.20 -7.84 1.50
N VAL A 91 13.54 -7.16 2.46
CA VAL A 91 13.32 -7.69 3.82
C VAL A 91 12.27 -8.80 3.94
N SER A 92 12.56 -9.83 4.73
CA SER A 92 11.73 -11.04 4.90
C SER A 92 10.52 -10.87 5.84
N THR A 93 10.35 -9.70 6.47
CA THR A 93 9.28 -9.40 7.45
C THR A 93 7.84 -9.67 6.98
N PRO A 94 6.99 -10.41 7.73
CA PRO A 94 5.57 -10.56 7.40
C PRO A 94 4.83 -9.23 7.59
N ILE A 95 3.88 -8.94 6.70
CA ILE A 95 3.22 -7.62 6.60
C ILE A 95 2.46 -7.22 7.88
N SER A 96 2.01 -8.18 8.68
CA SER A 96 1.40 -7.95 10.00
C SER A 96 2.37 -7.33 11.01
N GLU A 97 3.61 -7.82 11.09
CA GLU A 97 4.66 -7.24 11.95
C GLU A 97 5.10 -5.86 11.45
N VAL A 98 5.15 -5.66 10.12
CA VAL A 98 5.34 -4.32 9.54
C VAL A 98 4.20 -3.36 9.92
N TYR A 99 2.95 -3.81 9.84
CA TYR A 99 1.78 -3.08 10.37
C TYR A 99 1.82 -2.69 11.85
N GLU A 100 2.21 -3.61 12.73
CA GLU A 100 2.39 -3.32 14.15
C GLU A 100 3.52 -2.30 14.41
N SER A 101 4.55 -2.28 13.56
CA SER A 101 5.68 -1.34 13.65
C SER A 101 5.45 0.02 12.94
N GLU A 102 4.61 0.07 11.90
CA GLU A 102 4.46 1.21 10.97
C GLU A 102 3.00 1.72 10.81
N LYS A 103 2.12 1.45 11.78
CA LYS A 103 0.77 2.05 11.86
C LYS A 103 0.83 3.58 11.97
N ASP A 104 0.01 4.25 11.17
CA ASP A 104 -0.21 5.71 11.20
C ASP A 104 -1.35 6.07 12.17
N GLU A 105 -1.66 7.37 12.30
CA GLU A 105 -2.67 7.87 13.26
C GLU A 105 -4.12 7.44 12.97
N ASP A 106 -4.42 6.99 11.74
CA ASP A 106 -5.75 6.50 11.34
C ASP A 106 -5.82 4.96 11.53
N GLY A 107 -4.68 4.29 11.74
CA GLY A 107 -4.54 2.85 11.84
C GLY A 107 -4.15 2.13 10.52
N PHE A 108 -3.86 2.89 9.46
CA PHE A 108 -3.29 2.40 8.20
C PHE A 108 -1.76 2.22 8.22
N LEU A 109 -1.22 1.40 7.32
CA LEU A 109 0.23 1.32 7.07
C LEU A 109 0.55 2.18 5.83
N TYR A 110 1.31 3.27 5.98
CA TYR A 110 1.83 4.05 4.84
C TYR A 110 3.01 3.44 4.06
N MET A 111 2.88 3.34 2.73
CA MET A 111 4.00 2.99 1.84
C MET A 111 4.22 4.07 0.78
N VAL A 112 5.39 4.71 0.82
CA VAL A 112 5.81 5.72 -0.16
C VAL A 112 6.52 5.06 -1.34
N TYR A 113 5.87 5.08 -2.49
CA TYR A 113 6.44 4.70 -3.78
C TYR A 113 7.46 5.69 -4.35
N ALA A 114 8.69 5.26 -4.60
CA ALA A 114 9.80 6.15 -4.93
C ALA A 114 10.82 5.56 -5.91
N SER A 115 11.82 6.37 -6.28
CA SER A 115 13.00 6.00 -7.08
C SER A 115 14.34 6.19 -6.34
N GLN A 116 14.25 6.56 -5.05
CA GLN A 116 15.34 6.77 -4.09
C GLN A 116 14.74 6.71 -2.67
N GLU A 117 15.52 6.41 -1.64
CA GLU A 117 15.06 6.56 -0.25
C GLU A 117 14.93 8.05 0.15
N THR A 118 15.95 8.84 -0.20
CA THR A 118 16.00 10.31 -0.01
C THR A 118 17.01 10.96 -0.97
N PHE A 119 16.82 12.24 -1.30
CA PHE A 119 17.83 13.06 -2.00
C PHE A 119 18.99 13.60 -1.16
N GLY A 120 18.91 13.47 0.17
CA GLY A 120 19.91 13.91 1.15
C GLY A 120 19.89 15.41 1.44
N ASP B 1 -11.75 -6.03 -10.79
CA ASP B 1 -12.71 -4.94 -10.57
C ASP B 1 -12.46 -4.18 -9.25
N TYR B 2 -12.33 -2.85 -9.33
CA TYR B 2 -12.14 -1.94 -8.18
C TYR B 2 -11.04 -2.28 -7.16
N GLU B 3 -9.83 -2.59 -7.66
CA GLU B 3 -8.64 -3.05 -6.88
C GLU B 3 -8.07 -2.01 -5.88
N SER B 4 -8.72 -0.85 -5.69
CA SER B 4 -8.31 0.26 -4.80
C SER B 4 -9.45 1.16 -4.27
N ASP B 5 -10.67 0.64 -4.08
CA ASP B 5 -11.81 1.36 -3.45
C ASP B 5 -12.26 0.90 -2.04
N ASP B 6 -13.42 0.28 -1.90
CA ASP B 6 -14.04 -0.05 -0.61
C ASP B 6 -15.12 -1.16 -0.62
N ASP B 7 -15.39 -1.74 0.57
CA ASP B 7 -16.49 -2.68 0.85
C ASP B 7 -16.57 -3.98 0.00
N SER B 8 -15.87 -5.03 0.45
CA SER B 8 -15.72 -6.34 -0.22
C SER B 8 -15.18 -6.18 -1.65
N TYR B 9 -13.85 -5.95 -1.75
CA TYR B 9 -13.17 -5.55 -2.97
C TYR B 9 -11.93 -6.37 -3.36
N GLU B 10 -11.58 -6.44 -4.65
CA GLU B 10 -10.46 -7.24 -5.19
C GLU B 10 -9.09 -6.55 -5.01
N VAL B 11 -8.83 -6.04 -3.80
CA VAL B 11 -7.69 -5.18 -3.48
C VAL B 11 -6.32 -5.86 -3.66
N LEU B 12 -5.26 -5.09 -3.98
CA LEU B 12 -3.93 -5.65 -4.33
C LEU B 12 -4.00 -6.48 -5.63
N ASP B 13 -5.12 -6.37 -6.36
CA ASP B 13 -5.45 -7.23 -7.49
C ASP B 13 -5.40 -8.74 -7.15
N LEU B 14 -5.91 -9.06 -5.95
CA LEU B 14 -5.98 -10.39 -5.31
C LEU B 14 -7.36 -10.60 -4.65
N THR B 15 -7.65 -11.84 -4.24
CA THR B 15 -8.80 -12.22 -3.40
C THR B 15 -8.45 -12.99 -2.13
N GLU B 16 -7.74 -14.12 -2.27
CA GLU B 16 -7.21 -14.96 -1.18
C GLU B 16 -8.27 -15.39 -0.14
N TYR B 17 -9.51 -15.61 -0.60
CA TYR B 17 -10.65 -16.10 0.19
C TYR B 17 -10.52 -17.51 0.82
N MET A 1 -9.51 4.87 -3.31
CA MET A 1 -10.05 5.28 -4.63
C MET A 1 -9.23 4.65 -5.76
N PRO A 2 -9.82 3.92 -6.73
CA PRO A 2 -9.12 3.45 -7.93
C PRO A 2 -8.83 4.63 -8.89
N SER A 3 -7.78 5.40 -8.60
CA SER A 3 -7.45 6.66 -9.30
C SER A 3 -5.95 7.01 -9.23
N GLU A 4 -5.51 7.87 -10.15
CA GLU A 4 -4.18 8.50 -10.13
C GLU A 4 -4.00 9.42 -8.90
N LYS A 5 -5.12 9.99 -8.39
CA LYS A 5 -5.19 10.95 -7.29
C LYS A 5 -4.99 10.31 -5.90
N THR A 6 -4.70 11.16 -4.90
CA THR A 6 -4.52 10.75 -3.49
C THR A 6 -5.76 10.16 -2.80
N PHE A 7 -5.58 9.35 -1.75
CA PHE A 7 -6.69 8.90 -0.89
C PHE A 7 -7.24 9.98 0.06
N LYS A 8 -6.42 10.96 0.46
CA LYS A 8 -6.88 12.14 1.24
C LYS A 8 -7.82 13.06 0.42
N GLN A 9 -7.62 13.11 -0.90
CA GLN A 9 -8.54 13.76 -1.85
C GLN A 9 -9.94 13.10 -1.88
N ARG A 10 -10.04 11.81 -1.51
CA ARG A 10 -11.28 11.02 -1.44
C ARG A 10 -11.92 10.96 -0.04
N ARG A 11 -11.12 10.77 1.03
CA ARG A 11 -11.60 10.62 2.43
C ARG A 11 -10.77 11.42 3.45
N THR A 12 -11.45 12.04 4.41
CA THR A 12 -10.85 12.68 5.61
C THR A 12 -10.42 11.70 6.69
N PHE A 13 -9.61 12.11 7.68
CA PHE A 13 -9.10 11.23 8.75
C PHE A 13 -10.13 10.33 9.45
N GLU A 14 -11.25 10.92 9.91
CA GLU A 14 -12.32 10.14 10.56
C GLU A 14 -12.97 9.13 9.60
N GLN A 15 -13.13 9.49 8.32
CA GLN A 15 -13.66 8.62 7.28
C GLN A 15 -12.68 7.48 6.93
N ARG A 16 -11.37 7.77 6.88
CA ARG A 16 -10.31 6.75 6.69
C ARG A 16 -10.19 5.80 7.90
N VAL A 17 -10.39 6.31 9.11
CA VAL A 17 -10.45 5.48 10.33
C VAL A 17 -11.71 4.61 10.29
N GLU A 18 -12.87 5.10 9.86
CA GLU A 18 -14.06 4.25 9.65
C GLU A 18 -13.82 3.15 8.60
N ASP A 19 -13.25 3.48 7.44
CA ASP A 19 -12.79 2.53 6.42
C ASP A 19 -11.87 1.45 7.00
N VAL A 20 -10.77 1.83 7.66
CA VAL A 20 -9.85 0.88 8.29
C VAL A 20 -10.47 0.00 9.39
N ARG A 21 -11.33 0.57 10.24
CA ARG A 21 -11.98 -0.13 11.37
C ARG A 21 -13.05 -1.11 10.89
N LEU A 22 -13.80 -0.78 9.84
CA LEU A 22 -14.72 -1.71 9.16
C LEU A 22 -13.94 -2.82 8.45
N ILE A 23 -12.89 -2.47 7.71
CA ILE A 23 -12.04 -3.44 7.01
C ILE A 23 -11.42 -4.46 7.95
N ARG A 24 -10.87 -4.05 9.09
CA ARG A 24 -10.31 -4.99 10.08
C ARG A 24 -11.41 -5.84 10.74
N GLU A 25 -12.63 -5.32 10.91
CA GLU A 25 -13.78 -6.08 11.42
C GLU A 25 -14.22 -7.19 10.45
N GLN A 26 -14.44 -6.86 9.17
CA GLN A 26 -14.90 -7.83 8.16
C GLN A 26 -13.79 -8.77 7.65
N HIS A 27 -12.51 -8.39 7.76
CA HIS A 27 -11.34 -9.19 7.33
C HIS A 27 -10.19 -9.20 8.37
N PRO A 28 -10.31 -9.89 9.51
CA PRO A 28 -9.30 -9.88 10.58
C PRO A 28 -7.89 -10.37 10.16
N THR A 29 -7.81 -11.35 9.25
CA THR A 29 -6.55 -11.88 8.69
C THR A 29 -5.80 -10.98 7.72
N LYS A 30 -6.45 -9.91 7.22
CA LYS A 30 -5.82 -8.88 6.38
C LYS A 30 -5.25 -7.73 7.22
N ILE A 31 -4.29 -7.03 6.63
CA ILE A 31 -3.51 -5.93 7.20
C ILE A 31 -3.69 -4.70 6.30
N PRO A 32 -4.08 -3.53 6.85
CA PRO A 32 -4.38 -2.34 6.06
C PRO A 32 -3.12 -1.54 5.69
N VAL A 33 -2.92 -1.25 4.40
CA VAL A 33 -1.74 -0.54 3.86
C VAL A 33 -2.10 0.58 2.89
N ILE A 34 -1.44 1.73 2.97
CA ILE A 34 -1.53 2.81 1.96
C ILE A 34 -0.26 2.79 1.10
N ILE A 35 -0.41 2.97 -0.21
CA ILE A 35 0.70 3.12 -1.16
C ILE A 35 0.58 4.46 -1.89
N GLU A 36 1.57 5.34 -1.74
CA GLU A 36 1.49 6.73 -2.21
C GLU A 36 2.77 7.19 -2.90
N ARG A 37 2.65 7.68 -4.14
CA ARG A 37 3.76 8.27 -4.92
C ARG A 37 4.35 9.48 -4.19
N TYR A 38 5.68 9.59 -4.16
CA TYR A 38 6.40 10.60 -3.34
C TYR A 38 6.02 12.08 -3.55
N LYS A 39 5.91 12.86 -2.46
CA LYS A 39 5.43 14.26 -2.46
C LYS A 39 6.25 15.18 -3.36
N GLY A 40 7.57 15.20 -3.18
CA GLY A 40 8.49 16.15 -3.83
C GLY A 40 8.82 15.85 -5.29
N GLU A 41 8.65 14.60 -5.73
CA GLU A 41 8.91 14.17 -7.11
C GLU A 41 8.02 12.97 -7.50
N LYS A 42 7.23 13.13 -8.57
CA LYS A 42 6.23 12.16 -9.07
C LYS A 42 6.67 11.54 -10.40
N GLN A 43 7.93 11.10 -10.46
CA GLN A 43 8.60 10.67 -11.70
C GLN A 43 8.13 9.32 -12.24
N LEU A 44 7.93 8.32 -11.37
CA LEU A 44 7.50 6.97 -11.75
C LEU A 44 6.02 6.93 -12.23
N PRO A 45 5.61 5.90 -12.99
CA PRO A 45 4.24 5.69 -13.47
C PRO A 45 3.15 5.89 -12.42
N VAL A 46 2.04 6.50 -12.87
CA VAL A 46 0.94 7.02 -12.03
C VAL A 46 -0.34 6.15 -12.00
N LEU A 47 -0.18 4.82 -12.06
CA LEU A 47 -1.28 3.85 -12.17
C LEU A 47 -2.33 3.98 -11.05
N ASP A 48 -3.57 3.60 -11.37
CA ASP A 48 -4.78 3.83 -10.57
C ASP A 48 -5.01 2.97 -9.32
N LYS A 49 -3.98 2.83 -8.46
CA LYS A 49 -4.04 2.15 -7.15
C LYS A 49 -3.36 2.97 -6.04
N THR A 50 -3.95 2.92 -4.85
CA THR A 50 -3.56 3.74 -3.67
C THR A 50 -3.56 3.04 -2.30
N LYS A 51 -4.13 1.84 -2.20
CA LYS A 51 -4.32 1.14 -0.91
C LYS A 51 -4.41 -0.38 -1.09
N PHE A 52 -3.89 -1.12 -0.12
CA PHE A 52 -3.81 -2.59 -0.11
C PHE A 52 -4.23 -3.28 1.19
N LEU A 53 -5.04 -4.34 1.09
CA LEU A 53 -5.53 -5.15 2.22
C LEU A 53 -4.79 -6.50 2.11
N VAL A 54 -3.65 -6.61 2.79
CA VAL A 54 -2.70 -7.71 2.64
C VAL A 54 -2.88 -8.85 3.64
N PRO A 55 -2.96 -10.14 3.24
CA PRO A 55 -2.94 -11.27 4.18
C PRO A 55 -1.70 -11.26 5.08
N ASP A 56 -1.88 -11.48 6.38
CA ASP A 56 -0.85 -11.31 7.41
C ASP A 56 0.50 -12.00 7.20
N HIS A 57 0.51 -13.16 6.51
CA HIS A 57 1.70 -13.97 6.20
C HIS A 57 2.53 -13.49 4.99
N VAL A 58 2.02 -12.57 4.15
CA VAL A 58 2.75 -12.05 2.97
C VAL A 58 3.99 -11.27 3.44
N ASN A 59 5.18 -11.55 2.88
CA ASN A 59 6.40 -10.78 3.19
C ASN A 59 6.57 -9.54 2.29
N MET A 60 7.47 -8.63 2.64
CA MET A 60 7.69 -7.39 1.87
C MET A 60 8.13 -7.61 0.41
N SER A 61 8.99 -8.59 0.14
CA SER A 61 9.41 -8.92 -1.24
C SER A 61 8.24 -9.44 -2.09
N GLU A 62 7.38 -10.28 -1.50
CA GLU A 62 6.16 -10.78 -2.15
C GLU A 62 5.14 -9.64 -2.40
N LEU A 63 4.95 -8.73 -1.43
CA LEU A 63 4.16 -7.51 -1.62
C LEU A 63 4.72 -6.65 -2.77
N ILE A 64 6.04 -6.47 -2.82
CA ILE A 64 6.74 -5.71 -3.88
C ILE A 64 6.49 -6.33 -5.26
N LYS A 65 6.47 -7.66 -5.40
CA LYS A 65 6.14 -8.35 -6.66
C LYS A 65 4.74 -8.02 -7.19
N ILE A 66 3.70 -8.14 -6.36
CA ILE A 66 2.32 -7.79 -6.79
C ILE A 66 2.17 -6.27 -7.03
N ILE A 67 2.73 -5.43 -6.17
CA ILE A 67 2.72 -3.96 -6.35
C ILE A 67 3.43 -3.54 -7.64
N ARG A 68 4.60 -4.10 -7.97
CA ARG A 68 5.29 -3.90 -9.27
C ARG A 68 4.40 -4.28 -10.45
N ARG A 69 3.72 -5.43 -10.39
CA ARG A 69 2.80 -5.90 -11.44
C ARG A 69 1.57 -5.01 -11.61
N ARG A 70 1.02 -4.46 -10.51
CA ARG A 70 -0.12 -3.50 -10.54
C ARG A 70 0.28 -2.08 -11.00
N LEU A 71 1.49 -1.64 -10.66
CA LEU A 71 2.08 -0.37 -11.13
C LEU A 71 2.79 -0.48 -12.50
N GLN A 72 2.81 -1.65 -13.13
CA GLN A 72 3.46 -1.94 -14.43
C GLN A 72 4.98 -1.62 -14.43
N LEU A 73 5.65 -1.83 -13.28
CA LEU A 73 7.08 -1.54 -13.07
C LEU A 73 7.93 -2.80 -13.28
N ASN A 74 8.36 -3.02 -14.53
CA ASN A 74 9.31 -4.09 -14.89
C ASN A 74 10.69 -3.86 -14.24
N ALA A 75 11.58 -4.85 -14.26
CA ALA A 75 12.91 -4.80 -13.63
C ALA A 75 13.81 -3.66 -14.14
N ASN A 76 13.55 -3.16 -15.35
CA ASN A 76 14.15 -1.94 -15.91
C ASN A 76 13.92 -0.68 -15.04
N GLN A 77 12.75 -0.55 -14.41
CA GLN A 77 12.39 0.59 -13.56
C GLN A 77 12.97 0.44 -12.14
N ALA A 78 13.80 1.40 -11.73
CA ALA A 78 14.26 1.52 -10.34
C ALA A 78 13.11 1.96 -9.44
N PHE A 79 12.82 1.20 -8.37
CA PHE A 79 11.66 1.37 -7.50
C PHE A 79 11.81 0.88 -6.06
N PHE A 80 11.28 1.64 -5.10
CA PHE A 80 11.38 1.35 -3.66
C PHE A 80 10.08 1.61 -2.90
N LEU A 81 9.68 0.69 -2.00
CA LEU A 81 8.60 0.90 -1.04
C LEU A 81 9.21 1.44 0.25
N LEU A 82 8.89 2.70 0.56
CA LEU A 82 9.40 3.48 1.66
C LEU A 82 8.39 3.43 2.82
N VAL A 83 8.50 2.43 3.67
CA VAL A 83 7.64 2.26 4.83
C VAL A 83 7.94 3.31 5.88
N ASN A 84 6.94 4.14 6.23
CA ASN A 84 7.10 5.34 7.05
C ASN A 84 8.29 6.23 6.57
N GLY A 85 8.46 6.33 5.23
CA GLY A 85 9.44 7.20 4.58
C GLY A 85 10.83 6.60 4.29
N HIS A 86 11.13 5.35 4.72
CA HIS A 86 12.44 4.69 4.48
C HIS A 86 12.30 3.25 3.94
N SER A 87 13.26 2.82 3.10
CA SER A 87 13.16 1.54 2.37
C SER A 87 13.15 0.30 3.28
N MET A 88 12.34 -0.71 2.90
CA MET A 88 12.33 -2.06 3.49
C MET A 88 12.47 -3.17 2.44
N VAL A 89 12.98 -2.85 1.24
CA VAL A 89 12.99 -3.78 0.08
C VAL A 89 13.77 -5.08 0.38
N SER A 90 14.81 -5.01 1.22
CA SER A 90 15.64 -6.15 1.62
C SER A 90 15.03 -7.07 2.70
N VAL A 91 13.95 -6.66 3.39
CA VAL A 91 13.42 -7.38 4.57
C VAL A 91 12.57 -8.62 4.27
N SER A 92 12.79 -9.70 5.02
CA SER A 92 12.06 -10.99 4.87
C SER A 92 10.79 -11.11 5.74
N THR A 93 10.57 -10.16 6.65
CA THR A 93 9.48 -10.23 7.67
C THR A 93 8.04 -10.15 7.13
N PRO A 94 7.04 -10.84 7.74
CA PRO A 94 5.64 -10.74 7.35
C PRO A 94 5.04 -9.34 7.53
N ILE A 95 4.07 -8.97 6.68
CA ILE A 95 3.43 -7.64 6.64
C ILE A 95 2.74 -7.27 7.96
N SER A 96 2.26 -8.24 8.74
CA SER A 96 1.72 -8.01 10.08
C SER A 96 2.76 -7.43 11.07
N GLU A 97 4.00 -7.93 11.03
CA GLU A 97 5.09 -7.41 11.88
C GLU A 97 5.49 -5.98 11.45
N VAL A 98 5.49 -5.71 10.14
CA VAL A 98 5.66 -4.34 9.61
C VAL A 98 4.53 -3.40 10.07
N TYR A 99 3.29 -3.87 10.04
CA TYR A 99 2.11 -3.19 10.57
C TYR A 99 2.13 -2.83 12.06
N GLU A 100 2.60 -3.75 12.93
CA GLU A 100 2.80 -3.48 14.35
C GLU A 100 4.00 -2.56 14.64
N SER A 101 5.13 -2.77 13.95
CA SER A 101 6.38 -1.98 14.17
C SER A 101 6.33 -0.55 13.61
N GLU A 102 5.53 -0.28 12.57
CA GLU A 102 5.30 1.05 11.98
C GLU A 102 3.84 1.54 12.13
N LYS A 103 3.18 1.11 13.21
CA LYS A 103 1.83 1.51 13.60
C LYS A 103 1.73 3.03 13.90
N ASP A 104 0.60 3.63 13.51
CA ASP A 104 0.28 5.05 13.71
C ASP A 104 -1.24 5.25 13.93
N GLU A 105 -1.65 6.42 14.40
CA GLU A 105 -3.04 6.76 14.78
C GLU A 105 -4.07 6.64 13.64
N ASP A 106 -3.62 6.73 12.39
CA ASP A 106 -4.43 6.43 11.20
C ASP A 106 -4.95 4.98 11.06
N GLY A 107 -4.40 4.05 11.84
CA GLY A 107 -4.64 2.60 11.75
C GLY A 107 -3.97 1.94 10.53
N PHE A 108 -4.02 2.60 9.37
CA PHE A 108 -3.27 2.24 8.16
C PHE A 108 -1.73 2.21 8.28
N LEU A 109 -1.08 1.19 7.71
CA LEU A 109 0.38 1.15 7.54
C LEU A 109 0.78 2.02 6.35
N TYR A 110 1.60 3.05 6.55
CA TYR A 110 2.09 3.91 5.46
C TYR A 110 3.28 3.42 4.63
N MET A 111 3.13 3.36 3.30
CA MET A 111 4.23 3.14 2.36
C MET A 111 4.21 4.24 1.29
N VAL A 112 5.26 5.05 1.25
CA VAL A 112 5.48 6.00 0.15
C VAL A 112 6.28 5.25 -0.93
N TYR A 113 6.16 5.56 -2.22
CA TYR A 113 6.99 4.89 -3.24
C TYR A 113 7.71 5.95 -4.10
N ALA A 114 8.93 5.60 -4.49
CA ALA A 114 9.87 6.48 -5.20
C ALA A 114 10.90 5.66 -6.01
N SER A 115 11.64 6.35 -6.88
CA SER A 115 12.81 5.82 -7.60
C SER A 115 14.07 5.66 -6.74
N GLN A 116 14.07 6.22 -5.51
CA GLN A 116 15.19 6.25 -4.55
C GLN A 116 14.82 5.53 -3.24
N GLU A 117 15.80 5.00 -2.52
CA GLU A 117 15.63 4.31 -1.22
C GLU A 117 15.25 5.23 -0.05
N THR A 118 15.34 6.55 -0.25
CA THR A 118 15.06 7.59 0.76
C THR A 118 14.72 8.96 0.15
N PHE A 119 14.12 9.84 0.96
CA PHE A 119 13.92 11.26 0.67
C PHE A 119 14.56 12.23 1.70
N GLY A 120 15.45 11.67 2.54
CA GLY A 120 16.05 12.31 3.72
C GLY A 120 15.22 12.08 4.99
N ASP B 1 -13.11 -2.75 -11.79
CA ASP B 1 -13.65 -2.61 -10.42
C ASP B 1 -12.69 -3.07 -9.30
N TYR B 2 -12.96 -2.68 -8.05
CA TYR B 2 -12.18 -3.05 -6.86
C TYR B 2 -10.69 -2.66 -6.85
N GLU B 3 -9.82 -3.43 -6.17
CA GLU B 3 -8.34 -3.30 -6.12
C GLU B 3 -7.76 -2.01 -5.48
N SER B 4 -8.58 -0.98 -5.24
CA SER B 4 -8.28 0.22 -4.43
C SER B 4 -9.55 0.97 -3.99
N ASP B 5 -10.64 0.26 -3.68
CA ASP B 5 -11.95 0.86 -3.36
C ASP B 5 -12.00 1.43 -1.93
N ASP B 6 -13.10 2.07 -1.54
CA ASP B 6 -13.27 2.85 -0.31
C ASP B 6 -14.51 2.46 0.52
N ASP B 7 -14.40 2.54 1.85
CA ASP B 7 -15.46 2.25 2.84
C ASP B 7 -16.23 0.90 2.71
N SER B 8 -15.64 -0.18 3.28
CA SER B 8 -16.12 -1.59 3.24
C SER B 8 -16.15 -2.20 1.82
N TYR B 9 -15.15 -3.05 1.52
CA TYR B 9 -14.84 -3.57 0.16
C TYR B 9 -13.95 -4.83 0.13
N GLU B 10 -13.40 -5.19 -1.05
CA GLU B 10 -12.42 -6.25 -1.29
C GLU B 10 -11.25 -5.70 -2.14
N VAL B 11 -10.00 -5.99 -1.78
CA VAL B 11 -8.77 -5.45 -2.42
C VAL B 11 -7.66 -6.52 -2.32
N LEU B 12 -6.60 -6.38 -3.13
CA LEU B 12 -5.54 -7.35 -3.38
C LEU B 12 -6.04 -8.53 -4.21
N ASP B 13 -6.43 -8.22 -5.45
CA ASP B 13 -7.06 -9.06 -6.46
C ASP B 13 -6.43 -10.46 -6.75
N LEU B 14 -5.18 -10.71 -6.34
CA LEU B 14 -4.59 -12.07 -6.38
C LEU B 14 -5.22 -13.05 -5.36
N THR B 15 -6.02 -12.56 -4.39
CA THR B 15 -6.71 -13.33 -3.32
C THR B 15 -5.89 -14.08 -2.28
N GLU B 16 -4.84 -14.80 -2.69
CA GLU B 16 -4.01 -15.75 -1.92
C GLU B 16 -4.74 -16.99 -1.35
N TYR B 17 -5.95 -16.79 -0.80
CA TYR B 17 -6.87 -17.82 -0.29
C TYR B 17 -7.46 -18.80 -1.32
N MET A 1 -12.59 6.17 -7.89
CA MET A 1 -11.39 6.38 -7.01
C MET A 1 -10.11 5.64 -7.44
N PRO A 2 -10.02 4.30 -7.59
CA PRO A 2 -8.81 3.64 -8.13
C PRO A 2 -8.50 4.10 -9.57
N SER A 3 -7.56 5.05 -9.70
CA SER A 3 -7.26 5.79 -10.94
C SER A 3 -5.89 6.51 -10.85
N GLU A 4 -5.55 7.32 -11.87
CA GLU A 4 -4.36 8.17 -11.88
C GLU A 4 -4.42 9.29 -10.81
N LYS A 5 -5.62 9.78 -10.47
CA LYS A 5 -5.84 10.79 -9.42
C LYS A 5 -5.80 10.17 -8.03
N THR A 6 -5.40 10.94 -7.02
CA THR A 6 -5.34 10.50 -5.61
C THR A 6 -6.70 10.27 -4.95
N PHE A 7 -6.74 9.56 -3.81
CA PHE A 7 -7.97 9.36 -3.03
C PHE A 7 -8.67 10.59 -2.47
N LYS A 8 -8.05 11.78 -2.53
CA LYS A 8 -8.71 13.08 -2.24
C LYS A 8 -9.91 13.36 -3.15
N GLN A 9 -10.07 12.60 -4.23
CA GLN A 9 -11.25 12.58 -5.11
C GLN A 9 -12.53 12.13 -4.35
N ARG A 10 -12.41 11.26 -3.33
CA ARG A 10 -13.56 10.76 -2.51
C ARG A 10 -13.30 10.63 -1.00
N ARG A 11 -12.20 10.00 -0.58
CA ARG A 11 -11.92 9.68 0.84
C ARG A 11 -11.20 10.82 1.59
N THR A 12 -11.37 10.80 2.91
CA THR A 12 -10.83 11.75 3.91
C THR A 12 -10.44 10.95 5.15
N PHE A 13 -9.64 11.51 6.07
CA PHE A 13 -9.17 10.77 7.25
C PHE A 13 -10.23 10.02 8.07
N GLU A 14 -11.35 10.68 8.36
CA GLU A 14 -12.47 10.06 9.10
C GLU A 14 -13.09 8.89 8.34
N GLN A 15 -13.23 9.00 7.01
CA GLN A 15 -13.71 7.88 6.18
C GLN A 15 -12.67 6.74 6.10
N ARG A 16 -11.37 7.07 6.04
CA ARG A 16 -10.29 6.05 6.11
C ARG A 16 -10.25 5.33 7.46
N VAL A 17 -10.48 6.05 8.56
CA VAL A 17 -10.59 5.47 9.92
C VAL A 17 -11.74 4.46 9.95
N GLU A 18 -12.92 4.79 9.41
CA GLU A 18 -14.02 3.82 9.29
C GLU A 18 -13.64 2.59 8.45
N ASP A 19 -13.09 2.79 7.24
CA ASP A 19 -12.56 1.72 6.40
C ASP A 19 -11.58 0.75 7.10
N VAL A 20 -10.56 1.30 7.77
CA VAL A 20 -9.52 0.55 8.49
C VAL A 20 -10.13 -0.18 9.70
N ARG A 21 -10.98 0.49 10.49
CA ARG A 21 -11.57 -0.08 11.71
C ARG A 21 -12.49 -1.27 11.39
N LEU A 22 -13.36 -1.14 10.39
CA LEU A 22 -14.18 -2.25 9.91
C LEU A 22 -13.35 -3.40 9.33
N ILE A 23 -12.35 -3.13 8.46
CA ILE A 23 -11.60 -4.22 7.81
C ILE A 23 -10.79 -5.03 8.84
N ARG A 24 -10.10 -4.35 9.77
CA ARG A 24 -9.27 -5.04 10.79
C ARG A 24 -10.12 -5.87 11.76
N GLU A 25 -11.33 -5.40 12.08
CA GLU A 25 -12.28 -6.13 12.93
C GLU A 25 -12.95 -7.32 12.20
N GLN A 26 -13.37 -7.15 10.95
CA GLN A 26 -14.11 -8.21 10.21
C GLN A 26 -13.20 -9.36 9.74
N HIS A 27 -11.91 -9.09 9.46
CA HIS A 27 -10.91 -10.10 9.02
C HIS A 27 -9.57 -9.96 9.77
N PRO A 28 -9.41 -10.56 10.97
CA PRO A 28 -8.14 -10.54 11.72
C PRO A 28 -6.93 -11.16 10.99
N THR A 29 -7.17 -12.03 10.00
CA THR A 29 -6.15 -12.56 9.07
C THR A 29 -5.60 -11.58 8.02
N LYS A 30 -6.22 -10.40 7.86
CA LYS A 30 -5.83 -9.37 6.89
C LYS A 30 -5.33 -8.08 7.53
N ILE A 31 -4.47 -7.38 6.79
CA ILE A 31 -3.70 -6.21 7.20
C ILE A 31 -4.07 -5.02 6.30
N PRO A 32 -4.54 -3.88 6.86
CA PRO A 32 -4.80 -2.67 6.08
C PRO A 32 -3.48 -1.93 5.78
N VAL A 33 -3.23 -1.66 4.50
CA VAL A 33 -2.03 -0.99 3.99
C VAL A 33 -2.38 0.14 3.01
N ILE A 34 -1.60 1.22 2.98
CA ILE A 34 -1.74 2.30 1.97
C ILE A 34 -0.37 2.59 1.33
N ILE A 35 -0.34 2.62 -0.01
CA ILE A 35 0.78 3.09 -0.83
C ILE A 35 0.48 4.52 -1.31
N GLU A 36 1.50 5.35 -1.54
CA GLU A 36 1.31 6.74 -1.97
C GLU A 36 2.33 7.16 -3.04
N ARG A 37 1.86 7.71 -4.17
CA ARG A 37 2.70 8.37 -5.18
C ARG A 37 3.43 9.53 -4.49
N TYR A 38 4.75 9.41 -4.33
CA TYR A 38 5.52 10.33 -3.50
C TYR A 38 5.41 11.83 -3.82
N LYS A 39 5.17 12.67 -2.81
CA LYS A 39 4.82 14.11 -2.97
C LYS A 39 5.84 14.90 -3.82
N GLY A 40 7.12 14.56 -3.72
CA GLY A 40 8.21 15.22 -4.45
C GLY A 40 8.42 14.77 -5.90
N GLU A 41 7.81 13.65 -6.34
CA GLU A 41 8.06 13.06 -7.66
C GLU A 41 6.88 12.25 -8.22
N LYS A 42 6.37 12.66 -9.39
CA LYS A 42 5.28 11.99 -10.15
C LYS A 42 5.75 11.24 -11.40
N GLN A 43 6.98 10.71 -11.38
CA GLN A 43 7.59 10.01 -12.51
C GLN A 43 7.21 8.52 -12.60
N LEU A 44 7.22 7.79 -11.47
CA LEU A 44 6.77 6.37 -11.48
C LEU A 44 5.24 6.26 -11.54
N PRO A 45 4.68 5.32 -12.34
CA PRO A 45 3.24 5.23 -12.59
C PRO A 45 2.44 4.69 -11.40
N VAL A 46 1.34 5.35 -11.03
CA VAL A 46 0.37 4.86 -10.03
C VAL A 46 -0.70 3.90 -10.57
N LEU A 47 -1.03 4.03 -11.87
CA LEU A 47 -2.08 3.33 -12.61
C LEU A 47 -3.49 3.41 -11.98
N ASP A 48 -3.71 2.63 -10.91
CA ASP A 48 -4.96 2.55 -10.16
C ASP A 48 -4.85 2.23 -8.65
N LYS A 49 -3.62 2.12 -8.10
CA LYS A 49 -3.37 1.59 -6.75
C LYS A 49 -2.97 2.64 -5.70
N THR A 50 -3.75 2.69 -4.61
CA THR A 50 -3.53 3.53 -3.40
C THR A 50 -3.82 2.82 -2.08
N LYS A 51 -5.04 2.31 -1.91
CA LYS A 51 -5.39 1.40 -0.78
C LYS A 51 -4.93 -0.03 -1.08
N PHE A 52 -4.65 -0.80 -0.03
CA PHE A 52 -4.35 -2.25 -0.07
C PHE A 52 -4.88 -3.08 1.11
N LEU A 53 -5.35 -4.30 0.86
CA LEU A 53 -5.67 -5.31 1.88
C LEU A 53 -4.69 -6.47 1.65
N VAL A 54 -3.88 -6.80 2.66
CA VAL A 54 -2.82 -7.82 2.53
C VAL A 54 -3.00 -8.99 3.52
N PRO A 55 -3.02 -10.27 3.08
CA PRO A 55 -3.04 -11.43 3.98
C PRO A 55 -1.76 -11.50 4.86
N ASP A 56 -1.92 -11.88 6.13
CA ASP A 56 -0.83 -11.95 7.13
C ASP A 56 0.48 -12.65 6.70
N HIS A 57 0.37 -13.76 5.96
CA HIS A 57 1.51 -14.58 5.51
C HIS A 57 2.32 -13.97 4.34
N VAL A 58 1.89 -12.86 3.73
CA VAL A 58 2.64 -12.19 2.66
C VAL A 58 3.92 -11.57 3.24
N ASN A 59 5.08 -11.87 2.64
CA ASN A 59 6.36 -11.25 2.99
C ASN A 59 6.42 -9.80 2.47
N MET A 60 7.19 -8.91 3.11
CA MET A 60 7.40 -7.53 2.64
C MET A 60 8.01 -7.49 1.22
N SER A 61 8.95 -8.39 0.95
CA SER A 61 9.50 -8.64 -0.39
C SER A 61 8.44 -9.11 -1.40
N GLU A 62 7.49 -9.96 -0.98
CA GLU A 62 6.38 -10.43 -1.82
C GLU A 62 5.37 -9.32 -2.12
N LEU A 63 5.06 -8.45 -1.15
CA LEU A 63 4.27 -7.22 -1.38
C LEU A 63 4.97 -6.32 -2.42
N ILE A 64 6.28 -6.10 -2.24
CA ILE A 64 7.11 -5.40 -3.24
C ILE A 64 6.98 -6.03 -4.63
N LYS A 65 6.99 -7.37 -4.72
CA LYS A 65 6.86 -8.09 -6.01
C LYS A 65 5.50 -7.85 -6.69
N ILE A 66 4.37 -7.94 -5.99
CA ILE A 66 3.04 -7.66 -6.60
C ILE A 66 2.93 -6.19 -7.02
N ILE A 67 3.40 -5.23 -6.21
CA ILE A 67 3.43 -3.80 -6.58
C ILE A 67 4.31 -3.59 -7.83
N ARG A 68 5.52 -4.13 -7.85
CA ARG A 68 6.48 -3.99 -8.98
C ARG A 68 5.92 -4.57 -10.28
N ARG A 69 5.34 -5.78 -10.21
CA ARG A 69 4.74 -6.49 -11.36
C ARG A 69 3.48 -5.79 -11.89
N ARG A 70 2.55 -5.42 -11.01
CA ARG A 70 1.27 -4.76 -11.41
C ARG A 70 1.46 -3.33 -11.95
N LEU A 71 2.44 -2.59 -11.43
CA LEU A 71 2.82 -1.26 -11.92
C LEU A 71 3.86 -1.30 -13.07
N GLN A 72 4.18 -2.49 -13.58
CA GLN A 72 5.05 -2.73 -14.76
C GLN A 72 6.45 -2.12 -14.64
N LEU A 73 7.01 -2.11 -13.41
CA LEU A 73 8.32 -1.51 -13.10
C LEU A 73 9.46 -2.48 -13.49
N ASN A 74 9.98 -2.32 -14.71
CA ASN A 74 11.12 -3.07 -15.23
C ASN A 74 12.41 -2.76 -14.44
N ALA A 75 13.33 -3.73 -14.33
CA ALA A 75 14.57 -3.60 -13.55
C ALA A 75 15.50 -2.46 -13.98
N ASN A 76 15.36 -1.93 -15.21
CA ASN A 76 16.05 -0.72 -15.68
C ASN A 76 15.57 0.58 -14.99
N GLN A 77 14.35 0.62 -14.45
CA GLN A 77 13.84 1.74 -13.66
C GLN A 77 14.32 1.67 -12.21
N ALA A 78 14.73 2.81 -11.64
CA ALA A 78 15.01 2.92 -10.20
C ALA A 78 13.68 2.92 -9.43
N PHE A 79 13.59 2.17 -8.32
CA PHE A 79 12.37 1.96 -7.55
C PHE A 79 12.52 1.66 -6.05
N PHE A 80 11.73 2.35 -5.22
CA PHE A 80 11.63 2.17 -3.77
C PHE A 80 10.20 2.20 -3.23
N LEU A 81 9.81 1.18 -2.46
CA LEU A 81 8.57 1.15 -1.69
C LEU A 81 8.92 1.41 -0.21
N LEU A 82 8.92 2.69 0.17
CA LEU A 82 9.42 3.21 1.43
C LEU A 82 8.35 3.10 2.54
N VAL A 83 8.48 2.12 3.42
CA VAL A 83 7.61 1.94 4.60
C VAL A 83 7.85 3.05 5.63
N ASN A 84 6.82 3.83 5.96
CA ASN A 84 6.91 4.99 6.86
C ASN A 84 8.12 5.92 6.55
N GLY A 85 8.42 6.11 5.25
CA GLY A 85 9.53 6.96 4.77
C GLY A 85 10.92 6.33 4.73
N HIS A 86 11.09 5.01 4.99
CA HIS A 86 12.38 4.29 4.93
C HIS A 86 12.30 2.99 4.11
N SER A 87 13.41 2.56 3.52
CA SER A 87 13.48 1.35 2.68
C SER A 87 13.32 0.05 3.50
N MET A 88 12.68 -0.96 2.89
CA MET A 88 12.60 -2.35 3.40
C MET A 88 12.84 -3.40 2.30
N VAL A 89 13.47 -3.05 1.17
CA VAL A 89 13.57 -3.94 -0.01
C VAL A 89 14.31 -5.25 0.25
N SER A 90 15.28 -5.24 1.18
CA SER A 90 16.06 -6.43 1.58
C SER A 90 15.30 -7.41 2.49
N VAL A 91 14.26 -6.95 3.21
CA VAL A 91 13.59 -7.73 4.29
C VAL A 91 12.59 -8.81 3.83
N SER A 92 12.69 -10.00 4.42
CA SER A 92 11.75 -11.12 4.25
C SER A 92 10.54 -11.07 5.21
N THR A 93 10.53 -10.14 6.17
CA THR A 93 9.53 -10.00 7.24
C THR A 93 8.04 -10.11 6.84
N PRO A 94 7.20 -10.88 7.58
CA PRO A 94 5.76 -10.92 7.34
C PRO A 94 5.10 -9.54 7.45
N ILE A 95 4.14 -9.25 6.58
CA ILE A 95 3.51 -7.91 6.47
C ILE A 95 2.75 -7.53 7.74
N SER A 96 2.26 -8.49 8.53
CA SER A 96 1.65 -8.26 9.84
C SER A 96 2.64 -7.77 10.91
N GLU A 97 3.87 -8.30 10.93
CA GLU A 97 4.93 -7.83 11.83
C GLU A 97 5.44 -6.44 11.41
N VAL A 98 5.57 -6.18 10.10
CA VAL A 98 5.85 -4.84 9.56
C VAL A 98 4.72 -3.86 9.92
N TYR A 99 3.46 -4.31 9.84
CA TYR A 99 2.28 -3.58 10.30
C TYR A 99 2.30 -3.11 11.75
N GLU A 100 2.65 -3.99 12.69
CA GLU A 100 2.80 -3.62 14.09
C GLU A 100 4.03 -2.71 14.34
N SER A 101 5.12 -2.94 13.61
CA SER A 101 6.37 -2.16 13.72
C SER A 101 6.24 -0.71 13.21
N GLU A 102 5.53 -0.49 12.09
CA GLU A 102 5.41 0.80 11.39
C GLU A 102 3.97 1.34 11.30
N LYS A 103 3.15 1.02 12.31
CA LYS A 103 1.73 1.38 12.40
C LYS A 103 1.55 2.91 12.50
N ASP A 104 0.65 3.48 11.69
CA ASP A 104 0.27 4.89 11.70
C ASP A 104 -1.11 5.09 12.40
N GLU A 105 -1.33 6.32 12.88
CA GLU A 105 -2.38 6.85 13.76
C GLU A 105 -3.45 5.85 14.26
N ASP A 106 -4.50 5.58 13.47
CA ASP A 106 -5.65 4.77 13.92
C ASP A 106 -5.43 3.25 13.99
N GLY A 107 -4.42 2.74 13.27
CA GLY A 107 -4.13 1.30 13.16
C GLY A 107 -3.96 0.80 11.72
N PHE A 108 -3.21 1.52 10.89
CA PHE A 108 -2.89 1.12 9.49
C PHE A 108 -1.39 1.12 9.16
N LEU A 109 -0.93 0.33 8.19
CA LEU A 109 0.45 0.39 7.70
C LEU A 109 0.57 1.35 6.52
N TYR A 110 1.46 2.33 6.59
CA TYR A 110 1.64 3.37 5.57
C TYR A 110 2.98 3.36 4.82
N MET A 111 2.95 3.52 3.50
CA MET A 111 4.11 3.45 2.62
C MET A 111 4.08 4.55 1.54
N VAL A 112 5.23 5.12 1.21
CA VAL A 112 5.42 6.03 0.05
C VAL A 112 6.25 5.38 -1.05
N TYR A 113 5.98 5.74 -2.30
CA TYR A 113 6.49 5.08 -3.50
C TYR A 113 7.23 6.03 -4.45
N ALA A 114 8.53 5.80 -4.70
CA ALA A 114 9.40 6.75 -5.39
C ALA A 114 10.51 6.08 -6.22
N SER A 115 11.09 6.82 -7.15
CA SER A 115 12.31 6.43 -7.89
C SER A 115 13.58 6.60 -7.04
N GLN A 116 13.53 7.53 -6.07
CA GLN A 116 14.62 7.88 -5.15
C GLN A 116 14.40 7.21 -3.77
N GLU A 117 15.47 6.91 -3.03
CA GLU A 117 15.39 6.45 -1.63
C GLU A 117 15.05 7.60 -0.66
N THR A 118 15.42 8.84 -1.01
CA THR A 118 15.05 10.09 -0.34
C THR A 118 15.19 11.29 -1.30
N PHE A 119 14.48 12.39 -1.07
CA PHE A 119 14.50 13.57 -1.94
C PHE A 119 14.32 14.95 -1.27
N GLY A 120 13.26 15.11 -0.47
CA GLY A 120 12.95 16.32 0.31
C GLY A 120 11.59 16.26 1.01
N ASP B 1 -13.52 -3.27 -10.28
CA ASP B 1 -14.30 -2.84 -9.08
C ASP B 1 -13.63 -3.13 -7.74
N TYR B 2 -13.71 -4.37 -7.22
CA TYR B 2 -13.31 -4.69 -5.84
C TYR B 2 -11.83 -4.57 -5.45
N GLU B 3 -10.96 -4.17 -6.38
CA GLU B 3 -9.57 -3.78 -6.13
C GLU B 3 -9.48 -2.47 -5.30
N SER B 4 -10.60 -1.75 -5.09
CA SER B 4 -10.77 -0.61 -4.16
C SER B 4 -12.22 -0.13 -3.96
N ASP B 5 -13.17 -0.45 -4.84
CA ASP B 5 -14.55 0.08 -4.78
C ASP B 5 -15.29 -0.23 -3.45
N ASP B 6 -15.83 0.81 -2.80
CA ASP B 6 -16.39 0.82 -1.44
C ASP B 6 -17.19 -0.40 -0.90
N ASP B 7 -16.86 -0.84 0.33
CA ASP B 7 -17.40 -2.02 1.03
C ASP B 7 -17.16 -3.44 0.44
N SER B 8 -17.00 -4.44 1.33
CA SER B 8 -16.88 -5.88 0.99
C SER B 8 -15.77 -6.24 -0.02
N TYR B 9 -14.71 -5.42 -0.07
CA TYR B 9 -13.64 -5.46 -1.07
C TYR B 9 -12.50 -6.49 -0.94
N GLU B 10 -11.74 -6.69 -2.02
CA GLU B 10 -10.54 -7.55 -2.09
C GLU B 10 -9.23 -6.76 -2.02
N VAL B 11 -9.13 -5.61 -2.70
CA VAL B 11 -8.04 -4.62 -2.59
C VAL B 11 -6.59 -5.10 -2.74
N LEU B 12 -6.31 -6.01 -3.67
CA LEU B 12 -4.94 -6.41 -4.08
C LEU B 12 -4.84 -7.01 -5.51
N ASP B 13 -5.97 -7.34 -6.14
CA ASP B 13 -6.09 -8.10 -7.38
C ASP B 13 -5.30 -9.43 -7.47
N LEU B 14 -5.20 -10.14 -6.33
CA LEU B 14 -4.67 -11.50 -6.21
C LEU B 14 -5.78 -12.55 -5.89
N THR B 15 -6.98 -12.10 -5.52
CA THR B 15 -8.14 -12.95 -5.15
C THR B 15 -8.04 -13.75 -3.85
N GLU B 16 -7.15 -13.35 -2.94
CA GLU B 16 -6.95 -13.96 -1.60
C GLU B 16 -8.04 -13.54 -0.57
N TYR B 17 -9.25 -13.22 -1.03
CA TYR B 17 -10.38 -12.71 -0.25
C TYR B 17 -10.94 -13.59 0.87
N MET A 1 -11.81 6.45 -4.08
CA MET A 1 -11.25 7.02 -5.36
C MET A 1 -9.96 6.31 -5.80
N PRO A 2 -10.01 5.29 -6.70
CA PRO A 2 -8.80 4.65 -7.25
C PRO A 2 -8.08 5.51 -8.31
N SER A 3 -8.83 6.26 -9.12
CA SER A 3 -8.35 6.96 -10.32
C SER A 3 -7.29 8.05 -10.09
N GLU A 4 -6.07 7.82 -10.59
CA GLU A 4 -4.89 8.72 -10.72
C GLU A 4 -4.44 9.54 -9.49
N LYS A 5 -5.30 10.43 -9.00
CA LYS A 5 -5.04 11.42 -7.92
C LYS A 5 -4.86 10.72 -6.55
N THR A 6 -4.19 11.39 -5.62
CA THR A 6 -4.03 10.87 -4.23
C THR A 6 -5.33 10.53 -3.52
N PHE A 7 -5.31 9.52 -2.64
CA PHE A 7 -6.45 9.17 -1.78
C PHE A 7 -6.62 10.32 -0.77
N LYS A 8 -5.52 10.94 -0.30
CA LYS A 8 -5.52 11.98 0.76
C LYS A 8 -6.28 13.26 0.35
N GLN A 9 -6.30 13.53 -0.96
CA GLN A 9 -7.13 14.57 -1.58
C GLN A 9 -8.65 14.32 -1.39
N ARG A 10 -9.08 13.06 -1.21
CA ARG A 10 -10.49 12.68 -0.99
C ARG A 10 -10.81 12.36 0.48
N ARG A 11 -9.98 11.54 1.17
CA ARG A 11 -10.22 11.04 2.55
C ARG A 11 -9.12 11.46 3.52
N THR A 12 -9.50 11.68 4.79
CA THR A 12 -8.59 11.89 5.93
C THR A 12 -9.02 11.20 7.22
N PHE A 13 -8.40 11.48 8.37
CA PHE A 13 -8.55 10.76 9.64
C PHE A 13 -9.89 10.13 10.01
N GLU A 14 -10.99 10.89 10.04
CA GLU A 14 -12.31 10.34 10.41
C GLU A 14 -12.79 9.27 9.41
N GLN A 15 -12.61 9.52 8.10
CA GLN A 15 -12.93 8.55 7.04
C GLN A 15 -11.98 7.34 7.08
N ARG A 16 -10.68 7.56 7.34
CA ARG A 16 -9.69 6.47 7.49
C ARG A 16 -9.94 5.57 8.70
N VAL A 17 -10.30 6.15 9.85
CA VAL A 17 -10.62 5.40 11.08
C VAL A 17 -11.90 4.58 10.84
N GLU A 18 -12.93 5.14 10.19
CA GLU A 18 -14.10 4.35 9.76
C GLU A 18 -13.72 3.21 8.80
N ASP A 19 -12.92 3.47 7.76
CA ASP A 19 -12.37 2.42 6.90
C ASP A 19 -11.65 1.28 7.64
N VAL A 20 -10.71 1.60 8.55
CA VAL A 20 -10.00 0.59 9.36
C VAL A 20 -10.97 -0.16 10.27
N ARG A 21 -11.89 0.51 10.97
CA ARG A 21 -12.87 -0.14 11.88
C ARG A 21 -13.79 -1.11 11.14
N LEU A 22 -14.30 -0.72 9.97
CA LEU A 22 -15.10 -1.58 9.09
C LEU A 22 -14.28 -2.78 8.59
N ILE A 23 -13.05 -2.55 8.11
CA ILE A 23 -12.19 -3.64 7.60
C ILE A 23 -11.75 -4.61 8.70
N ARG A 24 -11.48 -4.14 9.92
CA ARG A 24 -11.17 -4.98 11.09
C ARG A 24 -12.37 -5.85 11.52
N GLU A 25 -13.60 -5.40 11.31
CA GLU A 25 -14.81 -6.22 11.50
C GLU A 25 -15.01 -7.22 10.35
N GLN A 26 -14.82 -6.79 9.10
CA GLN A 26 -15.00 -7.61 7.89
C GLN A 26 -13.98 -8.75 7.75
N HIS A 27 -12.68 -8.45 7.91
CA HIS A 27 -11.55 -9.34 7.60
C HIS A 27 -10.42 -9.30 8.66
N PRO A 28 -10.59 -9.90 9.85
CA PRO A 28 -9.59 -9.87 10.92
C PRO A 28 -8.18 -10.38 10.57
N THR A 29 -8.08 -11.27 9.57
CA THR A 29 -6.81 -11.81 9.04
C THR A 29 -6.00 -10.89 8.10
N LYS A 30 -6.56 -9.74 7.70
CA LYS A 30 -5.95 -8.82 6.72
C LYS A 30 -5.53 -7.48 7.33
N ILE A 31 -4.39 -6.97 6.85
CA ILE A 31 -3.75 -5.72 7.23
C ILE A 31 -4.24 -4.57 6.33
N PRO A 32 -4.68 -3.42 6.87
CA PRO A 32 -4.98 -2.22 6.08
C PRO A 32 -3.70 -1.43 5.75
N VAL A 33 -3.51 -1.07 4.49
CA VAL A 33 -2.29 -0.44 3.95
C VAL A 33 -2.61 0.76 3.03
N ILE A 34 -1.83 1.84 3.12
CA ILE A 34 -1.87 2.97 2.17
C ILE A 34 -0.64 2.90 1.26
N ILE A 35 -0.79 3.25 -0.02
CA ILE A 35 0.32 3.44 -0.96
C ILE A 35 0.15 4.77 -1.71
N GLU A 36 1.20 5.60 -1.78
CA GLU A 36 1.20 6.82 -2.59
C GLU A 36 2.46 7.01 -3.42
N ARG A 37 2.33 7.62 -4.59
CA ARG A 37 3.46 8.07 -5.40
C ARG A 37 4.23 9.19 -4.65
N TYR A 38 5.55 9.08 -4.61
CA TYR A 38 6.45 9.89 -3.78
C TYR A 38 6.38 11.43 -3.93
N LYS A 39 6.53 12.18 -2.83
CA LYS A 39 6.36 13.64 -2.81
C LYS A 39 7.44 14.38 -3.63
N GLY A 40 8.67 13.84 -3.64
CA GLY A 40 9.82 14.41 -4.38
C GLY A 40 9.85 14.10 -5.88
N GLU A 41 9.09 13.11 -6.36
CA GLU A 41 9.03 12.70 -7.77
C GLU A 41 7.69 12.04 -8.16
N LYS A 42 7.01 12.61 -9.17
CA LYS A 42 5.72 12.14 -9.73
C LYS A 42 5.84 11.39 -11.06
N GLN A 43 7.06 11.04 -11.45
CA GLN A 43 7.42 10.51 -12.77
C GLN A 43 6.85 9.11 -13.06
N LEU A 44 6.85 8.20 -12.08
CA LEU A 44 6.33 6.84 -12.27
C LEU A 44 4.79 6.79 -12.50
N PRO A 45 4.28 5.81 -13.27
CA PRO A 45 2.84 5.53 -13.38
C PRO A 45 2.27 4.93 -12.08
N VAL A 46 0.95 5.00 -11.88
CA VAL A 46 0.25 4.54 -10.65
C VAL A 46 -0.77 3.40 -10.81
N LEU A 47 -1.26 3.15 -12.04
CA LEU A 47 -2.23 2.08 -12.37
C LEU A 47 -3.47 2.07 -11.44
N ASP A 48 -3.94 3.26 -11.08
CA ASP A 48 -5.16 3.49 -10.30
C ASP A 48 -5.23 2.84 -8.90
N LYS A 49 -4.09 2.76 -8.19
CA LYS A 49 -3.97 2.09 -6.88
C LYS A 49 -3.35 2.99 -5.79
N THR A 50 -4.09 3.18 -4.69
CA THR A 50 -3.80 4.10 -3.58
C THR A 50 -4.02 3.52 -2.17
N LYS A 51 -4.83 2.47 -2.05
CA LYS A 51 -5.09 1.70 -0.82
C LYS A 51 -4.94 0.20 -1.09
N PHE A 52 -4.54 -0.56 -0.08
CA PHE A 52 -4.40 -2.02 -0.12
C PHE A 52 -4.84 -2.78 1.14
N LEU A 53 -5.30 -4.02 0.98
CA LEU A 53 -5.54 -4.97 2.07
C LEU A 53 -4.64 -6.18 1.81
N VAL A 54 -3.96 -6.68 2.83
CA VAL A 54 -2.96 -7.77 2.69
C VAL A 54 -3.13 -8.87 3.73
N PRO A 55 -3.31 -10.15 3.38
CA PRO A 55 -3.41 -11.23 4.37
C PRO A 55 -2.06 -11.47 5.08
N ASP A 56 -2.11 -11.76 6.38
CA ASP A 56 -0.95 -11.81 7.27
C ASP A 56 0.22 -12.73 6.85
N HIS A 57 -0.05 -13.79 6.08
CA HIS A 57 0.96 -14.74 5.58
C HIS A 57 1.91 -14.15 4.52
N VAL A 58 1.58 -12.99 3.92
CA VAL A 58 2.39 -12.36 2.84
C VAL A 58 3.69 -11.79 3.42
N ASN A 59 4.83 -12.13 2.82
CA ASN A 59 6.14 -11.52 3.11
C ASN A 59 6.18 -10.06 2.62
N MET A 60 6.93 -9.16 3.28
CA MET A 60 7.06 -7.77 2.81
C MET A 60 7.69 -7.67 1.42
N SER A 61 8.67 -8.52 1.11
CA SER A 61 9.23 -8.70 -0.24
C SER A 61 8.20 -9.22 -1.26
N GLU A 62 7.28 -10.09 -0.85
CA GLU A 62 6.19 -10.59 -1.71
C GLU A 62 5.14 -9.51 -1.99
N LEU A 63 4.77 -8.68 -0.99
CA LEU A 63 3.95 -7.48 -1.20
C LEU A 63 4.61 -6.53 -2.21
N ILE A 64 5.91 -6.29 -2.05
CA ILE A 64 6.70 -5.50 -3.01
C ILE A 64 6.62 -6.09 -4.43
N LYS A 65 6.73 -7.42 -4.56
CA LYS A 65 6.65 -8.11 -5.85
C LYS A 65 5.28 -7.95 -6.53
N ILE A 66 4.15 -8.03 -5.82
CA ILE A 66 2.83 -7.75 -6.42
C ILE A 66 2.71 -6.30 -6.88
N ILE A 67 3.15 -5.31 -6.08
CA ILE A 67 3.15 -3.90 -6.54
C ILE A 67 4.06 -3.72 -7.77
N ARG A 68 5.28 -4.26 -7.74
CA ARG A 68 6.27 -4.18 -8.84
C ARG A 68 5.75 -4.81 -10.15
N ARG A 69 4.95 -5.89 -10.07
CA ARG A 69 4.33 -6.56 -11.23
C ARG A 69 2.99 -5.96 -11.70
N ARG A 70 2.16 -5.42 -10.79
CA ARG A 70 0.91 -4.71 -11.14
C ARG A 70 1.18 -3.35 -11.80
N LEU A 71 2.20 -2.62 -11.32
CA LEU A 71 2.72 -1.43 -12.00
C LEU A 71 3.43 -1.88 -13.29
N GLN A 72 3.33 -1.10 -14.38
CA GLN A 72 3.93 -1.42 -15.68
C GLN A 72 5.43 -1.08 -15.74
N LEU A 73 6.20 -1.63 -14.79
CA LEU A 73 7.62 -1.35 -14.55
C LEU A 73 8.44 -2.64 -14.56
N ASN A 74 8.98 -2.99 -15.73
CA ASN A 74 9.88 -4.14 -15.92
C ASN A 74 11.23 -3.96 -15.18
N ALA A 75 12.04 -5.02 -15.11
CA ALA A 75 13.30 -5.06 -14.35
C ALA A 75 14.30 -3.93 -14.72
N ASN A 76 14.27 -3.49 -15.98
CA ASN A 76 15.10 -2.39 -16.49
C ASN A 76 14.75 -1.03 -15.84
N GLN A 77 13.50 -0.83 -15.41
CA GLN A 77 13.03 0.42 -14.79
C GLN A 77 13.47 0.49 -13.31
N ALA A 78 13.97 1.66 -12.88
CA ALA A 78 14.30 1.93 -11.48
C ALA A 78 13.02 2.08 -10.63
N PHE A 79 12.99 1.41 -9.48
CA PHE A 79 11.86 1.41 -8.54
C PHE A 79 12.23 1.09 -7.07
N PHE A 80 11.57 1.77 -6.12
CA PHE A 80 11.67 1.52 -4.68
C PHE A 80 10.33 1.67 -3.97
N LEU A 81 9.93 0.67 -3.17
CA LEU A 81 8.78 0.76 -2.26
C LEU A 81 9.30 1.18 -0.87
N LEU A 82 8.80 2.32 -0.38
CA LEU A 82 9.27 3.03 0.79
C LEU A 82 8.22 2.97 1.92
N VAL A 83 8.29 1.97 2.79
CA VAL A 83 7.45 1.89 4.00
C VAL A 83 7.86 2.96 5.01
N ASN A 84 6.92 3.77 5.50
CA ASN A 84 7.20 4.92 6.37
C ASN A 84 8.35 5.79 5.81
N GLY A 85 8.32 6.03 4.49
CA GLY A 85 9.32 6.83 3.76
C GLY A 85 10.70 6.17 3.53
N HIS A 86 10.89 4.90 3.89
CA HIS A 86 12.19 4.19 3.82
C HIS A 86 12.11 2.81 3.15
N SER A 87 13.11 2.44 2.36
CA SER A 87 13.09 1.23 1.53
C SER A 87 12.99 -0.08 2.33
N MET A 88 12.19 -1.04 1.83
CA MET A 88 12.07 -2.40 2.38
C MET A 88 12.29 -3.52 1.34
N VAL A 89 12.87 -3.24 0.17
CA VAL A 89 13.01 -4.22 -0.94
C VAL A 89 13.84 -5.47 -0.61
N SER A 90 14.69 -5.41 0.42
CA SER A 90 15.51 -6.52 0.91
C SER A 90 14.87 -7.37 2.03
N VAL A 91 13.77 -6.92 2.66
CA VAL A 91 13.22 -7.54 3.89
C VAL A 91 12.19 -8.67 3.67
N SER A 92 12.44 -9.84 4.27
CA SER A 92 11.58 -11.04 4.12
C SER A 92 10.42 -11.13 5.12
N THR A 93 10.45 -10.34 6.21
CA THR A 93 9.48 -10.43 7.32
C THR A 93 7.98 -10.35 6.96
N PRO A 94 7.06 -11.06 7.66
CA PRO A 94 5.62 -11.01 7.36
C PRO A 94 5.01 -9.61 7.48
N ILE A 95 3.98 -9.32 6.67
CA ILE A 95 3.30 -8.02 6.63
C ILE A 95 2.65 -7.65 7.98
N SER A 96 2.28 -8.64 8.81
CA SER A 96 1.81 -8.44 10.19
C SER A 96 2.89 -7.86 11.13
N GLU A 97 4.14 -8.27 10.98
CA GLU A 97 5.27 -7.71 11.76
C GLU A 97 5.59 -6.27 11.31
N VAL A 98 5.57 -6.01 10.00
CA VAL A 98 5.64 -4.64 9.46
C VAL A 98 4.47 -3.78 9.91
N TYR A 99 3.25 -4.33 9.99
CA TYR A 99 2.10 -3.67 10.61
C TYR A 99 2.30 -3.21 12.05
N GLU A 100 2.72 -4.11 12.93
CA GLU A 100 2.99 -3.77 14.33
C GLU A 100 4.10 -2.69 14.46
N SER A 101 5.09 -2.70 13.55
CA SER A 101 6.21 -1.75 13.53
C SER A 101 5.90 -0.39 12.88
N GLU A 102 5.03 -0.35 11.85
CA GLU A 102 4.81 0.84 10.98
C GLU A 102 3.35 1.32 10.84
N LYS A 103 2.41 0.81 11.64
CA LYS A 103 1.04 1.37 11.72
C LYS A 103 1.05 2.78 12.32
N ASP A 104 0.22 3.68 11.79
CA ASP A 104 -0.05 5.01 12.34
C ASP A 104 -1.31 4.98 13.25
N GLU A 105 -1.63 6.11 13.89
CA GLU A 105 -2.69 6.24 14.91
C GLU A 105 -4.13 6.00 14.41
N ASP A 106 -4.37 6.00 13.09
CA ASP A 106 -5.62 5.57 12.46
C ASP A 106 -5.76 4.04 12.35
N GLY A 107 -4.66 3.30 12.50
CA GLY A 107 -4.52 1.86 12.28
C GLY A 107 -4.06 1.45 10.88
N PHE A 108 -3.88 2.38 9.93
CA PHE A 108 -3.24 2.11 8.63
C PHE A 108 -1.71 1.91 8.66
N LEU A 109 -1.20 0.96 7.86
CA LEU A 109 0.24 0.82 7.60
C LEU A 109 0.62 1.72 6.41
N TYR A 110 1.54 2.67 6.61
CA TYR A 110 1.92 3.64 5.58
C TYR A 110 3.06 3.27 4.63
N MET A 111 2.85 3.41 3.31
CA MET A 111 3.86 3.17 2.28
C MET A 111 3.77 4.26 1.19
N VAL A 112 4.92 4.58 0.58
CA VAL A 112 5.03 5.42 -0.63
C VAL A 112 5.97 4.74 -1.62
N TYR A 113 5.97 5.06 -2.92
CA TYR A 113 6.88 4.40 -3.88
C TYR A 113 7.43 5.46 -4.84
N ALA A 114 8.62 5.19 -5.37
CA ALA A 114 9.42 6.15 -6.12
C ALA A 114 10.39 5.47 -7.11
N SER A 115 10.92 6.24 -8.06
CA SER A 115 12.03 5.83 -8.93
C SER A 115 13.37 5.77 -8.17
N GLN A 116 13.48 6.60 -7.12
CA GLN A 116 14.65 6.80 -6.26
C GLN A 116 14.20 7.09 -4.81
N GLU A 117 14.94 6.62 -3.80
CA GLU A 117 14.57 6.81 -2.38
C GLU A 117 14.68 8.28 -1.91
N THR A 118 15.54 9.08 -2.57
CA THR A 118 15.71 10.52 -2.33
C THR A 118 16.30 11.22 -3.55
N PHE A 119 15.98 12.51 -3.73
CA PHE A 119 16.63 13.37 -4.73
C PHE A 119 18.08 13.79 -4.45
N GLY A 120 18.56 13.57 -3.21
CA GLY A 120 19.91 13.87 -2.74
C GLY A 120 20.15 15.36 -2.47
N ASP B 1 -13.45 -8.63 -8.23
CA ASP B 1 -13.97 -7.32 -7.75
C ASP B 1 -12.90 -6.21 -7.71
N TYR B 2 -13.31 -4.95 -7.51
CA TYR B 2 -12.45 -3.76 -7.64
C TYR B 2 -11.26 -3.60 -6.68
N GLU B 3 -10.16 -3.02 -7.20
CA GLU B 3 -9.01 -2.58 -6.43
C GLU B 3 -9.25 -1.23 -5.71
N SER B 4 -8.41 -0.94 -4.71
CA SER B 4 -8.22 0.35 -4.00
C SER B 4 -9.39 1.20 -3.43
N ASP B 5 -10.67 1.00 -3.78
CA ASP B 5 -11.75 1.97 -3.42
C ASP B 5 -12.20 1.96 -1.92
N ASP B 6 -13.29 1.27 -1.55
CA ASP B 6 -13.73 1.13 -0.15
C ASP B 6 -14.66 -0.09 0.11
N ASP B 7 -15.08 -0.24 1.38
CA ASP B 7 -16.06 -1.21 1.86
C ASP B 7 -15.73 -2.70 1.67
N SER B 8 -16.56 -3.44 0.93
CA SER B 8 -16.43 -4.90 0.69
C SER B 8 -15.35 -5.29 -0.31
N TYR B 9 -14.47 -4.35 -0.69
CA TYR B 9 -13.44 -4.51 -1.73
C TYR B 9 -12.45 -5.69 -1.61
N GLU B 10 -12.03 -6.26 -2.75
CA GLU B 10 -10.91 -7.24 -2.82
C GLU B 10 -9.53 -6.55 -2.79
N VAL B 11 -9.48 -5.26 -3.17
CA VAL B 11 -8.36 -4.31 -3.02
C VAL B 11 -7.04 -4.55 -3.75
N LEU B 12 -6.42 -5.71 -3.55
CA LEU B 12 -5.06 -6.07 -3.99
C LEU B 12 -5.01 -6.61 -5.42
N ASP B 13 -6.18 -6.84 -6.04
CA ASP B 13 -6.37 -7.55 -7.31
C ASP B 13 -5.93 -9.05 -7.34
N LEU B 14 -4.71 -9.33 -6.85
CA LEU B 14 -4.17 -10.67 -6.57
C LEU B 14 -5.04 -11.42 -5.54
N THR B 15 -5.24 -12.73 -5.77
CA THR B 15 -5.89 -13.68 -4.84
C THR B 15 -5.31 -13.76 -3.42
N GLU B 16 -6.16 -13.98 -2.40
CA GLU B 16 -5.75 -14.01 -0.98
C GLU B 16 -4.84 -15.19 -0.56
N TYR B 17 -4.65 -16.19 -1.44
CA TYR B 17 -3.74 -17.33 -1.27
C TYR B 17 -2.80 -17.65 -2.44
N MET A 1 -6.70 3.76 -6.50
CA MET A 1 -7.94 4.12 -7.24
C MET A 1 -7.67 4.11 -8.75
N PRO A 2 -8.21 3.13 -9.51
CA PRO A 2 -7.81 2.92 -10.90
C PRO A 2 -8.32 3.96 -11.91
N SER A 3 -9.37 4.74 -11.58
CA SER A 3 -9.93 5.74 -12.51
C SER A 3 -9.09 7.02 -12.62
N GLU A 4 -9.02 7.84 -11.54
CA GLU A 4 -8.41 9.18 -11.55
C GLU A 4 -7.88 9.62 -10.17
N LYS A 5 -6.81 10.43 -10.17
CA LYS A 5 -6.21 11.13 -9.01
C LYS A 5 -5.64 10.24 -7.88
N THR A 6 -4.96 10.88 -6.93
CA THR A 6 -4.47 10.26 -5.67
C THR A 6 -5.59 9.80 -4.72
N PHE A 7 -5.26 9.00 -3.69
CA PHE A 7 -6.26 8.40 -2.79
C PHE A 7 -7.12 9.37 -1.97
N LYS A 8 -6.67 10.63 -1.84
CA LYS A 8 -7.45 11.75 -1.28
C LYS A 8 -8.78 12.00 -2.02
N GLN A 9 -8.87 11.61 -3.30
CA GLN A 9 -10.10 11.66 -4.10
C GLN A 9 -11.20 10.72 -3.55
N ARG A 10 -10.82 9.56 -3.01
CA ARG A 10 -11.75 8.58 -2.38
C ARG A 10 -11.95 8.75 -0.87
N ARG A 11 -10.86 8.97 -0.10
CA ARG A 11 -10.90 8.94 1.39
C ARG A 11 -10.22 10.13 2.09
N THR A 12 -10.67 10.37 3.31
CA THR A 12 -10.13 11.32 4.32
C THR A 12 -9.85 10.65 5.67
N PHE A 13 -9.10 11.28 6.58
CA PHE A 13 -8.75 10.70 7.89
C PHE A 13 -9.89 10.05 8.69
N GLU A 14 -11.02 10.75 8.86
CA GLU A 14 -12.20 10.22 9.57
C GLU A 14 -12.79 8.98 8.86
N GLN A 15 -12.85 9.00 7.52
CA GLN A 15 -13.34 7.86 6.73
C GLN A 15 -12.35 6.68 6.74
N ARG A 16 -11.04 6.93 6.89
CA ARG A 16 -10.03 5.87 7.10
C ARG A 16 -10.06 5.29 8.51
N VAL A 17 -10.35 6.11 9.53
CA VAL A 17 -10.62 5.64 10.91
C VAL A 17 -11.85 4.72 10.89
N GLU A 18 -12.89 5.03 10.09
CA GLU A 18 -13.99 4.07 9.87
C GLU A 18 -13.52 2.82 9.10
N ASP A 19 -12.78 2.95 7.99
CA ASP A 19 -12.24 1.78 7.26
C ASP A 19 -11.39 0.81 8.09
N VAL A 20 -10.51 1.30 8.97
CA VAL A 20 -9.76 0.42 9.88
C VAL A 20 -10.67 -0.29 10.89
N ARG A 21 -11.63 0.43 11.50
CA ARG A 21 -12.64 -0.16 12.40
C ARG A 21 -13.46 -1.25 11.71
N LEU A 22 -13.94 -0.95 10.51
CA LEU A 22 -14.73 -1.86 9.68
C LEU A 22 -13.91 -3.08 9.24
N ILE A 23 -12.70 -2.92 8.69
CA ILE A 23 -11.89 -4.05 8.22
C ILE A 23 -11.41 -4.94 9.40
N ARG A 24 -11.09 -4.36 10.56
CA ARG A 24 -10.82 -5.11 11.81
C ARG A 24 -12.01 -5.99 12.24
N GLU A 25 -13.24 -5.54 12.03
CA GLU A 25 -14.44 -6.38 12.24
C GLU A 25 -14.70 -7.39 11.11
N GLN A 26 -14.43 -7.04 9.84
CA GLN A 26 -14.70 -7.88 8.67
C GLN A 26 -13.80 -9.12 8.58
N HIS A 27 -12.47 -8.91 8.64
CA HIS A 27 -11.44 -9.93 8.36
C HIS A 27 -10.18 -9.68 9.20
N PRO A 28 -10.12 -10.17 10.46
CA PRO A 28 -8.99 -9.91 11.37
C PRO A 28 -7.62 -10.43 10.88
N THR A 29 -7.63 -11.41 9.96
CA THR A 29 -6.44 -11.90 9.22
C THR A 29 -5.84 -10.95 8.17
N LYS A 30 -6.54 -9.87 7.80
CA LYS A 30 -6.09 -8.88 6.81
C LYS A 30 -5.56 -7.59 7.45
N ILE A 31 -4.54 -7.04 6.82
CA ILE A 31 -3.70 -5.94 7.32
C ILE A 31 -3.86 -4.66 6.48
N PRO A 32 -4.13 -3.48 7.09
CA PRO A 32 -4.46 -2.24 6.36
C PRO A 32 -3.24 -1.40 5.94
N VAL A 33 -3.11 -1.08 4.65
CA VAL A 33 -1.91 -0.43 4.06
C VAL A 33 -2.28 0.59 2.95
N ILE A 34 -1.47 1.64 2.77
CA ILE A 34 -1.70 2.74 1.79
C ILE A 34 -0.41 2.97 0.98
N ILE A 35 -0.51 3.08 -0.35
CA ILE A 35 0.64 3.32 -1.26
C ILE A 35 0.47 4.63 -2.00
N GLU A 36 1.48 5.50 -1.95
CA GLU A 36 1.43 6.84 -2.55
C GLU A 36 2.72 7.16 -3.32
N ARG A 37 2.60 7.62 -4.57
CA ARG A 37 3.75 8.04 -5.38
C ARG A 37 4.45 9.26 -4.76
N TYR A 38 5.78 9.25 -4.75
CA TYR A 38 6.60 10.30 -4.12
C TYR A 38 6.36 11.74 -4.61
N LYS A 39 6.14 12.69 -3.68
CA LYS A 39 5.67 14.06 -3.98
C LYS A 39 6.66 14.89 -4.81
N GLY A 40 7.95 14.79 -4.49
CA GLY A 40 9.01 15.63 -5.08
C GLY A 40 9.48 15.23 -6.48
N GLU A 41 9.27 13.97 -6.89
CA GLU A 41 9.67 13.42 -8.20
C GLU A 41 8.69 12.34 -8.64
N LYS A 42 7.60 12.75 -9.31
CA LYS A 42 6.52 11.89 -9.83
C LYS A 42 6.90 11.19 -11.15
N GLN A 43 8.15 10.77 -11.30
CA GLN A 43 8.73 10.29 -12.57
C GLN A 43 8.17 8.94 -13.05
N LEU A 44 7.98 7.97 -12.15
CA LEU A 44 7.33 6.70 -12.47
C LEU A 44 5.80 6.87 -12.57
N PRO A 45 5.10 6.08 -13.40
CA PRO A 45 3.64 6.15 -13.51
C PRO A 45 2.93 5.57 -12.29
N VAL A 46 1.81 6.18 -11.85
CA VAL A 46 0.94 5.61 -10.80
C VAL A 46 0.03 4.47 -11.29
N LEU A 47 -0.40 4.56 -12.56
CA LEU A 47 -1.33 3.65 -13.28
C LEU A 47 -2.71 3.46 -12.63
N ASP A 48 -2.75 2.83 -11.46
CA ASP A 48 -3.99 2.38 -10.81
C ASP A 48 -4.00 2.22 -9.29
N LYS A 49 -3.01 1.53 -8.71
CA LYS A 49 -3.00 1.13 -7.30
C LYS A 49 -2.60 2.27 -6.35
N THR A 50 -3.37 2.42 -5.26
CA THR A 50 -3.23 3.47 -4.22
C THR A 50 -3.66 3.05 -2.82
N LYS A 51 -4.71 2.21 -2.72
CA LYS A 51 -5.17 1.59 -1.47
C LYS A 51 -4.84 0.10 -1.52
N PHE A 52 -4.46 -0.52 -0.40
CA PHE A 52 -4.31 -1.98 -0.31
C PHE A 52 -4.69 -2.62 1.04
N LEU A 53 -4.99 -3.92 1.05
CA LEU A 53 -5.15 -4.74 2.25
C LEU A 53 -4.40 -6.05 1.99
N VAL A 54 -3.75 -6.63 3.00
CA VAL A 54 -2.87 -7.81 2.81
C VAL A 54 -3.16 -8.95 3.79
N PRO A 55 -3.28 -10.23 3.36
CA PRO A 55 -3.34 -11.36 4.29
C PRO A 55 -2.06 -11.44 5.13
N ASP A 56 -2.19 -11.68 6.44
CA ASP A 56 -1.09 -11.59 7.42
C ASP A 56 0.18 -12.41 7.14
N HIS A 57 0.03 -13.54 6.43
CA HIS A 57 1.12 -14.45 6.05
C HIS A 57 1.99 -13.98 4.87
N VAL A 58 1.59 -12.93 4.13
CA VAL A 58 2.39 -12.37 3.02
C VAL A 58 3.66 -11.68 3.57
N ASN A 59 4.83 -12.05 3.05
CA ASN A 59 6.10 -11.41 3.41
C ASN A 59 6.31 -10.08 2.66
N MET A 60 7.12 -9.17 3.20
CA MET A 60 7.38 -7.86 2.58
C MET A 60 7.88 -7.94 1.14
N SER A 61 8.88 -8.79 0.85
CA SER A 61 9.36 -9.00 -0.52
C SER A 61 8.27 -9.55 -1.46
N GLU A 62 7.41 -10.45 -0.98
CA GLU A 62 6.27 -10.98 -1.74
C GLU A 62 5.21 -9.91 -2.03
N LEU A 63 4.89 -9.07 -1.04
CA LEU A 63 4.00 -7.91 -1.22
C LEU A 63 4.58 -6.92 -2.23
N ILE A 64 5.89 -6.68 -2.16
CA ILE A 64 6.60 -5.78 -3.08
C ILE A 64 6.62 -6.34 -4.51
N LYS A 65 6.69 -7.67 -4.70
CA LYS A 65 6.55 -8.33 -6.01
C LYS A 65 5.17 -8.09 -6.67
N ILE A 66 4.05 -8.29 -5.96
CA ILE A 66 2.71 -8.00 -6.53
C ILE A 66 2.57 -6.52 -6.89
N ILE A 67 3.03 -5.61 -6.01
CA ILE A 67 2.97 -4.17 -6.25
C ILE A 67 3.82 -3.78 -7.48
N ARG A 68 5.08 -4.23 -7.56
CA ARG A 68 5.97 -3.99 -8.73
C ARG A 68 5.36 -4.51 -10.04
N ARG A 69 4.80 -5.73 -10.00
CA ARG A 69 4.18 -6.38 -11.17
C ARG A 69 2.88 -5.70 -11.62
N ARG A 70 1.99 -5.30 -10.70
CA ARG A 70 0.75 -4.55 -11.02
C ARG A 70 1.04 -3.14 -11.54
N LEU A 71 2.09 -2.49 -11.04
CA LEU A 71 2.65 -1.24 -11.57
C LEU A 71 3.40 -1.41 -12.92
N GLN A 72 3.43 -2.63 -13.50
CA GLN A 72 4.04 -2.97 -14.80
C GLN A 72 5.56 -2.68 -14.88
N LEU A 73 6.25 -2.60 -13.73
CA LEU A 73 7.67 -2.23 -13.67
C LEU A 73 8.58 -3.42 -13.97
N ASN A 74 9.33 -3.35 -15.07
CA ASN A 74 10.36 -4.33 -15.44
C ASN A 74 11.65 -4.16 -14.62
N ALA A 75 12.50 -5.20 -14.59
CA ALA A 75 13.75 -5.24 -13.83
C ALA A 75 14.75 -4.09 -14.16
N ASN A 76 14.69 -3.59 -15.38
CA ASN A 76 15.51 -2.47 -15.87
C ASN A 76 15.20 -1.12 -15.16
N GLN A 77 13.97 -0.94 -14.66
CA GLN A 77 13.55 0.32 -14.03
C GLN A 77 14.07 0.44 -12.59
N ALA A 78 14.57 1.62 -12.21
CA ALA A 78 14.90 1.94 -10.82
C ALA A 78 13.60 2.08 -10.00
N PHE A 79 13.46 1.31 -8.92
CA PHE A 79 12.22 1.18 -8.15
C PHE A 79 12.34 1.01 -6.63
N PHE A 80 11.51 1.74 -5.89
CA PHE A 80 11.42 1.74 -4.44
C PHE A 80 10.00 1.70 -3.87
N LEU A 81 9.77 0.86 -2.85
CA LEU A 81 8.55 0.80 -2.06
C LEU A 81 8.93 1.06 -0.59
N LEU A 82 8.91 2.34 -0.22
CA LEU A 82 9.45 2.85 1.05
C LEU A 82 8.42 2.77 2.19
N VAL A 83 8.51 1.75 3.04
CA VAL A 83 7.66 1.60 4.24
C VAL A 83 8.04 2.67 5.27
N ASN A 84 7.14 3.62 5.55
CA ASN A 84 7.41 4.82 6.36
C ASN A 84 8.74 5.52 5.98
N GLY A 85 9.04 5.62 4.67
CA GLY A 85 10.24 6.29 4.15
C GLY A 85 11.52 5.44 4.10
N HIS A 86 11.46 4.13 4.43
CA HIS A 86 12.62 3.21 4.42
C HIS A 86 12.38 1.97 3.53
N SER A 87 13.41 1.52 2.81
CA SER A 87 13.28 0.38 1.86
C SER A 87 13.16 -0.97 2.56
N MET A 88 12.32 -1.87 2.01
CA MET A 88 12.11 -3.24 2.50
C MET A 88 12.12 -4.32 1.40
N VAL A 89 12.62 -4.02 0.18
CA VAL A 89 12.51 -4.91 -0.99
C VAL A 89 13.13 -6.30 -0.84
N SER A 90 14.15 -6.43 0.01
CA SER A 90 14.87 -7.69 0.28
C SER A 90 14.41 -8.43 1.54
N VAL A 91 13.56 -7.82 2.38
CA VAL A 91 13.24 -8.35 3.73
C VAL A 91 12.17 -9.45 3.79
N SER A 92 12.40 -10.47 4.61
CA SER A 92 11.53 -11.66 4.76
C SER A 92 10.34 -11.48 5.71
N THR A 93 10.27 -10.37 6.46
CA THR A 93 9.24 -10.10 7.49
C THR A 93 7.77 -10.25 7.05
N PRO A 94 6.89 -10.94 7.81
CA PRO A 94 5.46 -10.97 7.52
C PRO A 94 4.82 -9.59 7.75
N ILE A 95 3.91 -9.18 6.86
CA ILE A 95 3.33 -7.82 6.84
C ILE A 95 2.62 -7.43 8.15
N SER A 96 2.04 -8.39 8.89
CA SER A 96 1.36 -8.12 10.18
C SER A 96 2.31 -7.55 11.24
N GLU A 97 3.51 -8.11 11.37
CA GLU A 97 4.52 -7.65 12.33
C GLU A 97 5.03 -6.24 11.97
N VAL A 98 5.31 -6.02 10.68
CA VAL A 98 5.67 -4.68 10.16
C VAL A 98 4.55 -3.67 10.41
N TYR A 99 3.30 -4.03 10.11
CA TYR A 99 2.13 -3.20 10.41
C TYR A 99 1.93 -2.76 11.85
N GLU A 100 1.90 -3.70 12.80
CA GLU A 100 1.71 -3.34 14.22
C GLU A 100 2.84 -2.45 14.77
N SER A 101 4.06 -2.57 14.22
CA SER A 101 5.18 -1.66 14.50
C SER A 101 5.10 -0.29 13.79
N GLU A 102 4.66 -0.26 12.53
CA GLU A 102 4.72 0.91 11.63
C GLU A 102 3.39 1.60 11.30
N LYS A 103 2.26 1.20 11.90
CA LYS A 103 0.95 1.86 11.75
C LYS A 103 1.02 3.36 12.13
N ASP A 104 0.37 4.21 11.33
CA ASP A 104 0.23 5.65 11.58
C ASP A 104 -1.17 5.94 12.17
N GLU A 105 -1.46 7.20 12.51
CA GLU A 105 -2.69 7.66 13.18
C GLU A 105 -4.01 7.29 12.46
N ASP A 106 -3.97 7.12 11.13
CA ASP A 106 -5.09 6.56 10.33
C ASP A 106 -5.52 5.13 10.70
N GLY A 107 -4.66 4.40 11.42
CA GLY A 107 -4.79 2.95 11.68
C GLY A 107 -4.27 2.08 10.52
N PHE A 108 -3.67 2.71 9.51
CA PHE A 108 -3.04 2.12 8.32
C PHE A 108 -1.50 2.21 8.29
N LEU A 109 -0.82 1.28 7.62
CA LEU A 109 0.61 1.40 7.31
C LEU A 109 0.80 2.30 6.07
N TYR A 110 1.82 3.15 6.03
CA TYR A 110 2.20 3.94 4.85
C TYR A 110 3.38 3.44 4.02
N MET A 111 3.24 3.47 2.70
CA MET A 111 4.26 3.10 1.72
C MET A 111 4.45 4.20 0.67
N VAL A 112 5.64 4.82 0.62
CA VAL A 112 5.99 5.79 -0.43
C VAL A 112 6.62 5.09 -1.63
N TYR A 113 5.91 5.08 -2.75
CA TYR A 113 6.36 4.54 -4.04
C TYR A 113 7.21 5.53 -4.86
N ALA A 114 8.43 5.15 -5.26
CA ALA A 114 9.38 6.10 -5.85
C ALA A 114 10.40 5.47 -6.81
N SER A 115 11.06 6.34 -7.60
CA SER A 115 12.23 6.03 -8.44
C SER A 115 13.55 5.93 -7.67
N GLN A 116 13.59 6.43 -6.43
CA GLN A 116 14.76 6.58 -5.55
C GLN A 116 14.35 6.52 -4.06
N GLU A 117 15.31 6.32 -3.16
CA GLU A 117 15.09 6.33 -1.71
C GLU A 117 15.08 7.76 -1.11
N THR A 118 15.70 8.75 -1.79
CA THR A 118 15.76 10.17 -1.39
C THR A 118 16.04 10.96 -2.67
N PHE A 119 15.55 12.21 -2.71
CA PHE A 119 15.77 13.15 -3.80
C PHE A 119 15.92 14.61 -3.39
N GLY A 120 16.79 15.37 -4.08
CA GLY A 120 17.16 16.75 -3.76
C GLY A 120 18.66 17.01 -3.90
N ASP B 1 -14.47 1.55 -7.37
CA ASP B 1 -13.78 0.38 -7.97
C ASP B 1 -13.10 -0.53 -6.96
N TYR B 2 -13.08 -1.84 -7.20
CA TYR B 2 -12.66 -2.84 -6.21
C TYR B 2 -11.26 -2.84 -5.59
N GLU B 3 -10.30 -2.12 -6.16
CA GLU B 3 -9.00 -1.89 -5.50
C GLU B 3 -9.12 -0.85 -4.36
N SER B 4 -10.08 0.10 -4.44
CA SER B 4 -10.25 1.23 -3.49
C SER B 4 -11.48 1.21 -2.57
N ASP B 5 -12.46 0.33 -2.82
CA ASP B 5 -13.79 0.33 -2.16
C ASP B 5 -13.87 -0.10 -0.66
N ASP B 6 -14.92 -0.83 -0.25
CA ASP B 6 -15.23 -1.15 1.15
C ASP B 6 -16.12 -2.41 1.38
N ASP B 7 -16.32 -2.79 2.66
CA ASP B 7 -17.14 -3.92 3.15
C ASP B 7 -16.70 -5.35 2.81
N SER B 8 -16.47 -5.63 1.53
CA SER B 8 -15.85 -6.85 1.00
C SER B 8 -15.39 -6.56 -0.44
N TYR B 9 -14.08 -6.59 -0.68
CA TYR B 9 -13.49 -6.11 -1.93
C TYR B 9 -12.18 -6.80 -2.38
N GLU B 10 -11.91 -6.82 -3.70
CA GLU B 10 -10.71 -7.46 -4.27
C GLU B 10 -9.40 -6.83 -3.79
N VAL B 11 -9.44 -5.51 -3.53
CA VAL B 11 -8.46 -4.64 -2.87
C VAL B 11 -6.98 -4.69 -3.29
N LEU B 12 -6.27 -5.79 -3.04
CA LEU B 12 -4.92 -6.07 -3.53
C LEU B 12 -4.94 -6.46 -5.02
N ASP B 13 -6.12 -6.54 -5.63
CA ASP B 13 -6.34 -7.07 -6.99
C ASP B 13 -5.57 -8.39 -7.26
N LEU B 14 -5.62 -9.32 -6.29
CA LEU B 14 -4.83 -10.57 -6.23
C LEU B 14 -5.66 -11.84 -5.94
N THR B 15 -6.88 -11.72 -5.38
CA THR B 15 -7.67 -12.88 -4.92
C THR B 15 -7.04 -13.73 -3.80
N GLU B 16 -6.26 -13.07 -2.92
CA GLU B 16 -5.53 -13.62 -1.74
C GLU B 16 -4.61 -14.84 -1.99
N TYR B 17 -4.28 -15.15 -3.25
CA TYR B 17 -3.42 -16.27 -3.69
C TYR B 17 -2.29 -15.94 -4.69
N MET A 1 -12.91 5.37 -7.31
CA MET A 1 -11.79 6.31 -6.98
C MET A 1 -10.41 6.05 -7.65
N PRO A 2 -9.91 4.82 -7.96
CA PRO A 2 -8.53 4.64 -8.44
C PRO A 2 -8.27 5.45 -9.72
N SER A 3 -7.31 6.39 -9.64
CA SER A 3 -7.02 7.43 -10.65
C SER A 3 -5.58 7.94 -10.52
N GLU A 4 -5.15 8.84 -11.41
CA GLU A 4 -3.89 9.58 -11.30
C GLU A 4 -3.81 10.40 -9.99
N LYS A 5 -4.95 10.95 -9.57
CA LYS A 5 -5.12 11.73 -8.33
C LYS A 5 -5.25 10.81 -7.11
N THR A 6 -4.71 11.24 -5.96
CA THR A 6 -4.83 10.50 -4.68
C THR A 6 -6.25 10.40 -4.13
N PHE A 7 -6.50 9.47 -3.20
CA PHE A 7 -7.81 9.34 -2.53
C PHE A 7 -8.23 10.56 -1.70
N LYS A 8 -7.32 11.49 -1.38
CA LYS A 8 -7.63 12.71 -0.58
C LYS A 8 -8.64 13.64 -1.27
N GLN A 9 -8.81 13.48 -2.59
CA GLN A 9 -9.86 14.12 -3.38
C GLN A 9 -11.29 13.67 -2.95
N ARG A 10 -11.41 12.54 -2.23
CA ARG A 10 -12.68 11.93 -1.78
C ARG A 10 -12.73 11.56 -0.28
N ARG A 11 -11.72 10.85 0.28
CA ARG A 11 -11.69 10.40 1.68
C ARG A 11 -10.97 11.39 2.61
N THR A 12 -11.30 11.33 3.90
CA THR A 12 -10.71 12.12 5.01
C THR A 12 -10.25 11.28 6.19
N PHE A 13 -9.45 11.82 7.11
CA PHE A 13 -8.92 11.08 8.27
C PHE A 13 -9.94 10.29 9.11
N GLU A 14 -11.03 10.94 9.50
CA GLU A 14 -12.12 10.29 10.27
C GLU A 14 -12.81 9.19 9.47
N GLN A 15 -13.03 9.41 8.16
CA GLN A 15 -13.62 8.41 7.26
C GLN A 15 -12.71 7.20 7.09
N ARG A 16 -11.38 7.42 6.92
CA ARG A 16 -10.38 6.35 6.82
C ARG A 16 -10.23 5.57 8.13
N VAL A 17 -10.34 6.22 9.30
CA VAL A 17 -10.32 5.57 10.61
C VAL A 17 -11.58 4.70 10.78
N GLU A 18 -12.77 5.19 10.43
CA GLU A 18 -14.00 4.36 10.42
C GLU A 18 -13.87 3.15 9.49
N ASP A 19 -13.43 3.37 8.25
CA ASP A 19 -13.11 2.33 7.28
C ASP A 19 -12.11 1.27 7.79
N VAL A 20 -10.97 1.67 8.36
CA VAL A 20 -10.00 0.73 8.91
C VAL A 20 -10.52 -0.12 10.06
N ARG A 21 -11.28 0.48 11.00
CA ARG A 21 -11.93 -0.22 12.11
C ARG A 21 -12.98 -1.23 11.63
N LEU A 22 -13.83 -0.83 10.66
CA LEU A 22 -14.79 -1.72 10.01
C LEU A 22 -14.09 -2.87 9.30
N ILE A 23 -13.07 -2.58 8.49
CA ILE A 23 -12.28 -3.58 7.75
C ILE A 23 -11.65 -4.62 8.67
N ARG A 24 -11.02 -4.21 9.77
CA ARG A 24 -10.37 -5.16 10.71
C ARG A 24 -11.40 -6.02 11.46
N GLU A 25 -12.63 -5.53 11.65
CA GLU A 25 -13.75 -6.30 12.18
C GLU A 25 -14.36 -7.28 11.15
N GLN A 26 -14.62 -6.86 9.91
CA GLN A 26 -15.20 -7.75 8.87
C GLN A 26 -14.20 -8.79 8.33
N HIS A 27 -12.90 -8.48 8.27
CA HIS A 27 -11.83 -9.37 7.76
C HIS A 27 -10.54 -9.30 8.61
N PRO A 28 -10.48 -9.91 9.82
CA PRO A 28 -9.33 -9.83 10.73
C PRO A 28 -7.99 -10.30 10.13
N THR A 29 -8.01 -11.28 9.22
CA THR A 29 -6.83 -11.78 8.48
C THR A 29 -6.23 -10.84 7.44
N LYS A 30 -6.94 -9.79 7.03
CA LYS A 30 -6.42 -8.71 6.17
C LYS A 30 -5.79 -7.58 6.98
N ILE A 31 -4.80 -6.92 6.38
CA ILE A 31 -3.90 -5.93 6.96
C ILE A 31 -3.99 -4.62 6.15
N PRO A 32 -4.21 -3.45 6.78
CA PRO A 32 -4.45 -2.19 6.07
C PRO A 32 -3.15 -1.50 5.62
N VAL A 33 -3.07 -1.14 4.34
CA VAL A 33 -1.88 -0.56 3.69
C VAL A 33 -2.27 0.62 2.79
N ILE A 34 -1.44 1.65 2.70
CA ILE A 34 -1.59 2.74 1.72
C ILE A 34 -0.27 2.92 0.98
N ILE A 35 -0.31 3.01 -0.35
CA ILE A 35 0.86 3.40 -1.17
C ILE A 35 0.61 4.77 -1.81
N GLU A 36 1.64 5.62 -1.84
CA GLU A 36 1.56 6.97 -2.42
C GLU A 36 2.91 7.37 -3.00
N ARG A 37 2.86 7.89 -4.23
CA ARG A 37 4.01 8.41 -4.98
C ARG A 37 4.64 9.63 -4.27
N TYR A 38 5.96 9.78 -4.38
CA TYR A 38 6.73 10.81 -3.68
C TYR A 38 6.29 12.28 -3.88
N LYS A 39 6.00 13.01 -2.78
CA LYS A 39 5.45 14.38 -2.83
C LYS A 39 6.37 15.41 -3.50
N GLY A 40 7.68 15.26 -3.33
CA GLY A 40 8.68 16.20 -3.86
C GLY A 40 8.88 16.09 -5.38
N GLU A 41 8.66 14.90 -5.97
CA GLU A 41 8.71 14.67 -7.42
C GLU A 41 7.87 13.46 -7.84
N LYS A 42 6.96 13.63 -8.80
CA LYS A 42 6.21 12.57 -9.50
C LYS A 42 7.13 11.85 -10.52
N GLN A 43 8.26 11.33 -10.04
CA GLN A 43 9.36 10.81 -10.88
C GLN A 43 9.02 9.52 -11.62
N LEU A 44 8.25 8.66 -10.96
CA LEU A 44 7.82 7.35 -11.46
C LEU A 44 6.34 7.37 -11.90
N PRO A 45 5.91 6.42 -12.76
CA PRO A 45 4.61 6.43 -13.43
C PRO A 45 3.38 6.75 -12.57
N VAL A 46 2.48 7.58 -13.10
CA VAL A 46 1.25 8.09 -12.45
C VAL A 46 0.05 7.12 -12.50
N LEU A 47 0.33 5.81 -12.46
CA LEU A 47 -0.68 4.75 -12.44
C LEU A 47 -1.57 4.79 -11.17
N ASP A 48 -2.76 4.22 -11.29
CA ASP A 48 -3.88 4.29 -10.35
C ASP A 48 -3.83 3.43 -9.06
N LYS A 49 -2.62 3.12 -8.58
CA LYS A 49 -2.37 2.31 -7.36
C LYS A 49 -2.30 3.21 -6.11
N THR A 50 -3.24 3.06 -5.17
CA THR A 50 -3.39 3.93 -3.97
C THR A 50 -3.67 3.21 -2.63
N LYS A 51 -4.92 2.91 -2.32
CA LYS A 51 -5.36 2.23 -1.08
C LYS A 51 -5.24 0.71 -1.22
N PHE A 52 -4.75 0.01 -0.19
CA PHE A 52 -4.52 -1.44 -0.19
C PHE A 52 -4.93 -2.23 1.06
N LEU A 53 -5.40 -3.47 0.89
CA LEU A 53 -5.62 -4.43 1.98
C LEU A 53 -4.88 -5.71 1.58
N VAL A 54 -4.11 -6.29 2.50
CA VAL A 54 -3.19 -7.41 2.21
C VAL A 54 -3.42 -8.58 3.17
N PRO A 55 -3.54 -9.84 2.73
CA PRO A 55 -3.62 -10.99 3.63
C PRO A 55 -2.36 -11.12 4.50
N ASP A 56 -2.51 -11.43 5.79
CA ASP A 56 -1.41 -11.62 6.75
C ASP A 56 -0.34 -12.66 6.34
N HIS A 57 -0.71 -13.58 5.45
CA HIS A 57 0.17 -14.60 4.84
C HIS A 57 1.31 -13.99 3.99
N VAL A 58 1.08 -12.80 3.41
CA VAL A 58 1.96 -12.18 2.40
C VAL A 58 3.25 -11.65 3.03
N ASN A 59 4.40 -11.94 2.43
CA ASN A 59 5.69 -11.34 2.77
C ASN A 59 5.82 -9.89 2.28
N MET A 60 6.60 -9.05 2.95
CA MET A 60 6.87 -7.67 2.49
C MET A 60 7.52 -7.64 1.10
N SER A 61 8.49 -8.52 0.84
CA SER A 61 9.08 -8.76 -0.48
C SER A 61 8.09 -9.26 -1.53
N GLU A 62 7.12 -10.07 -1.13
CA GLU A 62 6.02 -10.58 -1.98
C GLU A 62 5.03 -9.47 -2.35
N LEU A 63 4.62 -8.63 -1.39
CA LEU A 63 3.83 -7.41 -1.65
C LEU A 63 4.58 -6.47 -2.61
N ILE A 64 5.88 -6.26 -2.39
CA ILE A 64 6.75 -5.52 -3.31
C ILE A 64 6.69 -6.11 -4.73
N LYS A 65 6.76 -7.44 -4.89
CA LYS A 65 6.74 -8.12 -6.19
C LYS A 65 5.44 -7.87 -6.96
N ILE A 66 4.27 -8.07 -6.33
CA ILE A 66 2.97 -7.78 -6.98
C ILE A 66 2.81 -6.29 -7.29
N ILE A 67 3.19 -5.39 -6.37
CA ILE A 67 3.07 -3.93 -6.56
C ILE A 67 3.99 -3.45 -7.71
N ARG A 68 5.26 -3.89 -7.75
CA ARG A 68 6.23 -3.54 -8.82
C ARG A 68 5.72 -4.00 -10.20
N ARG A 69 5.16 -5.22 -10.27
CA ARG A 69 4.53 -5.78 -11.48
C ARG A 69 3.27 -5.01 -11.89
N ARG A 70 2.37 -4.69 -10.96
CA ARG A 70 1.11 -3.94 -11.22
C ARG A 70 1.37 -2.48 -11.63
N LEU A 71 2.48 -1.89 -11.15
CA LEU A 71 3.03 -0.60 -11.60
C LEU A 71 3.78 -0.68 -12.95
N GLN A 72 3.85 -1.85 -13.60
CA GLN A 72 4.53 -2.10 -14.88
C GLN A 72 6.05 -1.83 -14.87
N LEU A 73 6.70 -1.88 -13.70
CA LEU A 73 8.12 -1.58 -13.53
C LEU A 73 8.97 -2.85 -13.73
N ASN A 74 9.47 -3.06 -14.95
CA ASN A 74 10.32 -4.21 -15.32
C ASN A 74 11.69 -4.20 -14.62
N ALA A 75 12.42 -5.31 -14.64
CA ALA A 75 13.68 -5.50 -13.89
C ALA A 75 14.75 -4.42 -14.15
N ASN A 76 14.82 -3.90 -15.38
CA ASN A 76 15.75 -2.84 -15.78
C ASN A 76 15.39 -1.46 -15.19
N GLN A 77 14.10 -1.22 -14.89
CA GLN A 77 13.62 0.03 -14.28
C GLN A 77 13.88 0.06 -12.76
N ALA A 78 14.45 1.17 -12.26
CA ALA A 78 14.66 1.39 -10.83
C ALA A 78 13.32 1.63 -10.08
N PHE A 79 13.23 1.14 -8.84
CA PHE A 79 12.05 1.25 -7.98
C PHE A 79 12.32 1.22 -6.47
N PHE A 80 11.72 2.15 -5.72
CA PHE A 80 11.76 2.23 -4.26
C PHE A 80 10.40 2.16 -3.56
N LEU A 81 10.25 1.20 -2.64
CA LEU A 81 9.11 1.07 -1.73
C LEU A 81 9.58 1.39 -0.31
N LEU A 82 9.07 2.49 0.26
CA LEU A 82 9.56 3.07 1.51
C LEU A 82 8.51 3.03 2.62
N VAL A 83 8.57 2.07 3.55
CA VAL A 83 7.64 2.04 4.70
C VAL A 83 8.00 3.21 5.63
N ASN A 84 7.05 4.13 5.81
CA ASN A 84 7.24 5.39 6.56
C ASN A 84 8.54 6.16 6.18
N GLY A 85 8.94 6.09 4.90
CA GLY A 85 10.15 6.73 4.37
C GLY A 85 11.44 5.90 4.42
N HIS A 86 11.48 4.77 5.15
CA HIS A 86 12.63 3.84 5.16
C HIS A 86 12.49 2.76 4.08
N SER A 87 13.53 2.47 3.31
CA SER A 87 13.47 1.46 2.24
C SER A 87 13.20 0.05 2.76
N MET A 88 12.23 -0.63 2.15
CA MET A 88 11.81 -1.99 2.50
C MET A 88 12.10 -3.04 1.42
N VAL A 89 12.80 -2.67 0.34
CA VAL A 89 12.97 -3.50 -0.88
C VAL A 89 13.61 -4.88 -0.59
N SER A 90 14.53 -4.95 0.38
CA SER A 90 15.21 -6.19 0.81
C SER A 90 14.50 -7.00 1.92
N VAL A 91 13.41 -6.49 2.49
CA VAL A 91 12.77 -7.05 3.70
C VAL A 91 11.84 -8.22 3.39
N SER A 92 12.10 -9.40 3.99
CA SER A 92 11.31 -10.63 3.83
C SER A 92 10.08 -10.72 4.75
N THR A 93 10.10 -10.02 5.89
CA THR A 93 9.10 -10.08 6.99
C THR A 93 7.61 -10.10 6.61
N PRO A 94 6.75 -10.93 7.25
CA PRO A 94 5.30 -10.94 6.99
C PRO A 94 4.63 -9.57 7.18
N ILE A 95 3.67 -9.24 6.31
CA ILE A 95 3.04 -7.92 6.24
C ILE A 95 2.32 -7.53 7.54
N SER A 96 1.77 -8.50 8.28
CA SER A 96 1.16 -8.31 9.60
C SER A 96 2.18 -7.82 10.65
N GLU A 97 3.37 -8.41 10.69
CA GLU A 97 4.45 -8.01 11.61
C GLU A 97 5.02 -6.62 11.25
N VAL A 98 5.14 -6.32 9.95
CA VAL A 98 5.46 -4.96 9.48
C VAL A 98 4.39 -3.96 9.89
N TYR A 99 3.10 -4.30 9.73
CA TYR A 99 1.98 -3.52 10.27
C TYR A 99 2.00 -3.24 11.77
N GLU A 100 2.18 -4.25 12.62
CA GLU A 100 2.30 -4.07 14.08
C GLU A 100 3.50 -3.17 14.48
N SER A 101 4.55 -3.14 13.66
CA SER A 101 5.74 -2.29 13.88
C SER A 101 5.62 -0.86 13.30
N GLU A 102 4.94 -0.68 12.16
CA GLU A 102 4.94 0.57 11.38
C GLU A 102 3.55 1.19 11.05
N LYS A 103 2.46 0.72 11.68
CA LYS A 103 1.13 1.34 11.65
C LYS A 103 1.16 2.81 12.10
N ASP A 104 0.60 3.72 11.28
CA ASP A 104 0.48 5.15 11.59
C ASP A 104 -0.81 5.43 12.41
N GLU A 105 -0.98 6.65 12.90
CA GLU A 105 -2.04 7.06 13.85
C GLU A 105 -3.48 6.85 13.32
N ASP A 106 -3.70 6.90 12.01
CA ASP A 106 -4.98 6.59 11.37
C ASP A 106 -5.29 5.08 11.22
N GLY A 107 -4.37 4.21 11.66
CA GLY A 107 -4.46 2.76 11.60
C GLY A 107 -3.93 2.11 10.31
N PHE A 108 -3.48 2.88 9.32
CA PHE A 108 -2.84 2.36 8.09
C PHE A 108 -1.32 2.16 8.12
N LEU A 109 -0.81 1.14 7.43
CA LEU A 109 0.62 0.98 7.16
C LEU A 109 1.00 1.79 5.91
N TYR A 110 1.66 2.94 6.08
CA TYR A 110 2.11 3.79 4.98
C TYR A 110 3.35 3.34 4.21
N MET A 111 3.29 3.45 2.87
CA MET A 111 4.36 3.11 1.94
C MET A 111 4.55 4.22 0.90
N VAL A 112 5.72 4.87 0.88
CA VAL A 112 6.06 5.88 -0.14
C VAL A 112 6.72 5.24 -1.36
N TYR A 113 6.29 5.65 -2.55
CA TYR A 113 6.75 5.17 -3.87
C TYR A 113 7.62 6.16 -4.65
N ALA A 114 8.85 5.78 -4.98
CA ALA A 114 9.85 6.72 -5.52
C ALA A 114 10.91 6.02 -6.38
N SER A 115 11.77 6.81 -7.06
CA SER A 115 12.97 6.30 -7.78
C SER A 115 14.22 6.23 -6.87
N GLN A 116 14.09 6.68 -5.61
CA GLN A 116 15.18 6.90 -4.66
C GLN A 116 14.65 6.79 -3.21
N GLU A 117 15.53 6.54 -2.22
CA GLU A 117 15.12 6.53 -0.80
C GLU A 117 14.95 7.92 -0.18
N THR A 118 15.76 8.90 -0.59
CA THR A 118 15.74 10.27 -0.03
C THR A 118 14.53 11.15 -0.41
N PHE A 119 14.22 12.12 0.45
CA PHE A 119 13.01 12.97 0.36
C PHE A 119 13.20 14.50 0.50
N GLY A 120 14.42 14.98 0.17
CA GLY A 120 14.86 16.38 0.35
C GLY A 120 15.21 16.72 1.80
N ASP B 1 -15.05 -8.39 -9.00
CA ASP B 1 -14.19 -7.81 -7.93
C ASP B 1 -13.36 -6.59 -8.38
N TYR B 2 -12.86 -5.79 -7.43
CA TYR B 2 -12.11 -4.54 -7.66
C TYR B 2 -10.92 -4.22 -6.74
N GLU B 3 -10.02 -3.37 -7.24
CA GLU B 3 -8.79 -2.91 -6.55
C GLU B 3 -9.06 -1.76 -5.54
N SER B 4 -8.31 -0.65 -5.57
CA SER B 4 -8.27 0.46 -4.59
C SER B 4 -9.55 1.33 -4.45
N ASP B 5 -10.69 0.71 -4.12
CA ASP B 5 -11.97 1.37 -3.74
C ASP B 5 -12.29 1.41 -2.22
N ASP B 6 -13.43 0.84 -1.79
CA ASP B 6 -13.93 0.77 -0.40
C ASP B 6 -14.76 -0.50 -0.06
N ASP B 7 -14.93 -0.78 1.23
CA ASP B 7 -15.85 -1.79 1.79
C ASP B 7 -15.73 -3.27 1.36
N SER B 8 -16.45 -3.66 0.29
CA SER B 8 -16.64 -5.05 -0.17
C SER B 8 -15.56 -5.55 -1.15
N TYR B 9 -14.62 -4.67 -1.53
CA TYR B 9 -13.47 -4.92 -2.39
C TYR B 9 -12.48 -6.06 -2.00
N GLU B 10 -11.69 -6.54 -2.98
CA GLU B 10 -10.55 -7.46 -2.74
C GLU B 10 -9.18 -6.73 -2.74
N VAL B 11 -9.12 -5.51 -3.30
CA VAL B 11 -8.03 -4.52 -3.23
C VAL B 11 -6.69 -4.86 -3.90
N LEU B 12 -6.06 -5.97 -3.50
CA LEU B 12 -4.81 -6.46 -4.09
C LEU B 12 -5.04 -7.14 -5.45
N ASP B 13 -6.31 -7.40 -5.81
CA ASP B 13 -6.73 -8.13 -7.00
C ASP B 13 -5.99 -9.48 -7.20
N LEU B 14 -5.87 -10.23 -6.09
CA LEU B 14 -5.06 -11.46 -5.98
C LEU B 14 -5.59 -12.39 -4.86
N THR B 15 -5.98 -13.61 -5.22
CA THR B 15 -6.39 -14.68 -4.28
C THR B 15 -5.28 -15.28 -3.42
N GLU B 16 -5.57 -15.61 -2.15
CA GLU B 16 -4.65 -16.32 -1.24
C GLU B 16 -5.41 -17.12 -0.16
N TYR B 17 -4.88 -18.31 0.18
CA TYR B 17 -5.45 -19.27 1.14
C TYR B 17 -4.50 -19.86 2.20
N MET A 1 -10.88 4.23 -4.80
CA MET A 1 -10.62 4.91 -6.11
C MET A 1 -9.26 4.47 -6.72
N PRO A 2 -9.17 3.39 -7.53
CA PRO A 2 -7.95 3.02 -8.25
C PRO A 2 -7.68 4.01 -9.42
N SER A 3 -6.95 5.09 -9.16
CA SER A 3 -6.66 6.18 -10.13
C SER A 3 -5.30 6.85 -9.87
N GLU A 4 -4.90 7.79 -10.74
CA GLU A 4 -3.68 8.61 -10.64
C GLU A 4 -3.66 9.47 -9.36
N LYS A 5 -4.82 9.98 -8.95
CA LYS A 5 -4.99 10.84 -7.76
C LYS A 5 -5.10 10.01 -6.47
N THR A 6 -4.64 10.59 -5.35
CA THR A 6 -4.75 9.99 -4.00
C THR A 6 -6.19 9.81 -3.51
N PHE A 7 -6.39 9.04 -2.42
CA PHE A 7 -7.69 8.91 -1.76
C PHE A 7 -8.23 10.26 -1.22
N LYS A 8 -7.38 11.27 -1.00
CA LYS A 8 -7.79 12.55 -0.34
C LYS A 8 -8.79 13.37 -1.15
N GLN A 9 -8.84 13.15 -2.48
CA GLN A 9 -9.88 13.68 -3.36
C GLN A 9 -11.28 13.17 -2.98
N ARG A 10 -11.37 11.93 -2.45
CA ARG A 10 -12.62 11.25 -2.09
C ARG A 10 -12.92 11.23 -0.59
N ARG A 11 -11.95 10.92 0.28
CA ARG A 11 -12.15 10.65 1.73
C ARG A 11 -11.13 11.37 2.64
N THR A 12 -11.55 11.70 3.87
CA THR A 12 -10.73 12.27 4.96
C THR A 12 -9.96 11.23 5.79
N PHE A 13 -9.01 11.68 6.62
CA PHE A 13 -8.35 10.83 7.61
C PHE A 13 -9.28 10.14 8.62
N GLU A 14 -10.26 10.84 9.18
CA GLU A 14 -11.27 10.23 10.07
C GLU A 14 -12.13 9.19 9.33
N GLN A 15 -12.39 9.41 8.03
CA GLN A 15 -13.03 8.39 7.18
C GLN A 15 -12.10 7.19 6.91
N ARG A 16 -10.77 7.37 6.86
CA ARG A 16 -9.81 6.24 6.85
C ARG A 16 -9.94 5.42 8.13
N VAL A 17 -10.02 6.06 9.30
CA VAL A 17 -10.25 5.38 10.59
C VAL A 17 -11.52 4.53 10.59
N GLU A 18 -12.66 5.09 10.16
CA GLU A 18 -13.93 4.35 10.09
C GLU A 18 -13.87 3.15 9.13
N ASP A 19 -13.38 3.34 7.90
CA ASP A 19 -13.17 2.26 6.93
C ASP A 19 -12.28 1.13 7.48
N VAL A 20 -11.11 1.48 8.04
CA VAL A 20 -10.19 0.50 8.64
C VAL A 20 -10.85 -0.23 9.83
N ARG A 21 -11.64 0.45 10.69
CA ARG A 21 -12.36 -0.23 11.78
C ARG A 21 -13.35 -1.27 11.25
N LEU A 22 -14.26 -0.88 10.35
CA LEU A 22 -15.23 -1.80 9.77
C LEU A 22 -14.54 -2.98 9.06
N ILE A 23 -13.43 -2.72 8.35
CA ILE A 23 -12.60 -3.77 7.73
C ILE A 23 -12.01 -4.73 8.76
N ARG A 24 -11.38 -4.26 9.84
CA ARG A 24 -10.80 -5.12 10.88
C ARG A 24 -11.85 -5.96 11.61
N GLU A 25 -13.07 -5.42 11.78
CA GLU A 25 -14.21 -6.15 12.33
C GLU A 25 -14.70 -7.31 11.44
N GLN A 26 -14.64 -7.19 10.10
CA GLN A 26 -15.00 -8.28 9.17
C GLN A 26 -13.82 -9.21 8.76
N HIS A 27 -12.57 -8.72 8.81
CA HIS A 27 -11.37 -9.42 8.30
C HIS A 27 -10.15 -9.31 9.25
N PRO A 28 -10.17 -9.96 10.44
CA PRO A 28 -9.04 -9.91 11.38
C PRO A 28 -7.73 -10.58 10.88
N THR A 29 -7.79 -11.43 9.85
CA THR A 29 -6.62 -11.99 9.13
C THR A 29 -5.90 -11.05 8.15
N LYS A 30 -6.46 -9.87 7.87
CA LYS A 30 -5.91 -8.91 6.89
C LYS A 30 -5.42 -7.61 7.54
N ILE A 31 -4.40 -7.03 6.90
CA ILE A 31 -3.62 -5.88 7.38
C ILE A 31 -3.94 -4.64 6.53
N PRO A 32 -4.38 -3.50 7.12
CA PRO A 32 -4.73 -2.30 6.38
C PRO A 32 -3.49 -1.50 5.95
N VAL A 33 -3.15 -1.57 4.67
CA VAL A 33 -2.03 -0.85 4.04
C VAL A 33 -2.49 0.24 3.09
N ILE A 34 -1.86 1.41 3.13
CA ILE A 34 -2.11 2.56 2.24
C ILE A 34 -0.83 2.84 1.44
N ILE A 35 -0.96 3.14 0.14
CA ILE A 35 0.16 3.54 -0.73
C ILE A 35 -0.09 4.91 -1.39
N GLU A 36 0.98 5.68 -1.57
CA GLU A 36 0.97 6.96 -2.28
C GLU A 36 2.27 7.15 -3.07
N ARG A 37 2.23 7.65 -4.31
CA ARG A 37 3.47 8.07 -5.02
C ARG A 37 4.11 9.27 -4.29
N TYR A 38 5.43 9.26 -4.12
CA TYR A 38 6.14 10.28 -3.34
C TYR A 38 5.94 11.75 -3.77
N LYS A 39 5.61 12.63 -2.81
CA LYS A 39 5.15 14.01 -3.07
C LYS A 39 6.13 14.85 -3.90
N GLY A 40 5.59 15.50 -4.93
CA GLY A 40 6.35 16.34 -5.88
C GLY A 40 7.26 15.57 -6.85
N GLU A 41 7.20 14.23 -6.86
CA GLU A 41 8.14 13.36 -7.57
C GLU A 41 7.42 12.25 -8.35
N LYS A 42 6.40 12.59 -9.13
CA LYS A 42 5.66 11.70 -10.05
C LYS A 42 6.48 11.29 -11.30
N GLN A 43 7.75 10.93 -11.10
CA GLN A 43 8.72 10.66 -12.18
C GLN A 43 8.47 9.30 -12.86
N LEU A 44 8.33 8.23 -12.07
CA LEU A 44 7.87 6.92 -12.57
C LEU A 44 6.35 6.97 -12.84
N PRO A 45 5.80 6.08 -13.68
CA PRO A 45 4.38 6.07 -14.06
C PRO A 45 3.42 6.14 -12.85
N VAL A 46 2.69 7.25 -12.74
CA VAL A 46 1.72 7.51 -11.66
C VAL A 46 0.37 6.81 -11.95
N LEU A 47 0.45 5.48 -12.01
CA LEU A 47 -0.65 4.56 -12.30
C LEU A 47 -1.63 4.42 -11.12
N ASP A 48 -2.59 3.52 -11.28
CA ASP A 48 -3.62 3.16 -10.30
C ASP A 48 -3.13 2.60 -8.92
N LYS A 49 -4.10 2.26 -8.06
CA LYS A 49 -3.99 1.72 -6.68
C LYS A 49 -3.60 2.74 -5.60
N THR A 50 -4.24 2.60 -4.43
CA THR A 50 -4.13 3.47 -3.24
C THR A 50 -4.24 2.71 -1.90
N LYS A 51 -4.92 1.56 -1.87
CA LYS A 51 -5.22 0.77 -0.65
C LYS A 51 -4.98 -0.72 -0.90
N PHE A 52 -4.43 -1.44 0.08
CA PHE A 52 -4.24 -2.89 0.03
C PHE A 52 -4.60 -3.48 1.40
N LEU A 53 -5.57 -4.39 1.44
CA LEU A 53 -5.87 -5.21 2.63
C LEU A 53 -5.12 -6.53 2.48
N VAL A 54 -3.88 -6.56 2.99
CA VAL A 54 -2.94 -7.67 2.74
C VAL A 54 -3.10 -8.82 3.75
N PRO A 55 -3.19 -10.10 3.34
CA PRO A 55 -3.19 -11.23 4.29
C PRO A 55 -1.92 -11.25 5.14
N ASP A 56 -2.06 -11.50 6.45
CA ASP A 56 -1.00 -11.38 7.46
C ASP A 56 0.36 -12.05 7.14
N HIS A 57 0.33 -13.25 6.55
CA HIS A 57 1.50 -14.06 6.21
C HIS A 57 2.37 -13.51 5.05
N VAL A 58 1.85 -12.59 4.23
CA VAL A 58 2.55 -12.06 3.03
C VAL A 58 3.83 -11.32 3.44
N ASN A 59 4.95 -11.64 2.78
CA ASN A 59 6.25 -10.99 3.00
C ASN A 59 6.29 -9.59 2.37
N MET A 60 7.09 -8.66 2.90
CA MET A 60 7.36 -7.37 2.23
C MET A 60 7.89 -7.55 0.81
N SER A 61 8.86 -8.45 0.62
CA SER A 61 9.39 -8.85 -0.69
C SER A 61 8.31 -9.35 -1.67
N GLU A 62 7.30 -10.07 -1.18
CA GLU A 62 6.17 -10.56 -1.98
C GLU A 62 5.21 -9.44 -2.38
N LEU A 63 4.81 -8.57 -1.43
CA LEU A 63 4.03 -7.34 -1.68
C LEU A 63 4.75 -6.42 -2.68
N ILE A 64 6.06 -6.26 -2.53
CA ILE A 64 6.94 -5.55 -3.47
C ILE A 64 6.87 -6.19 -4.86
N LYS A 65 6.98 -7.51 -4.97
CA LYS A 65 7.00 -8.24 -6.26
C LYS A 65 5.71 -8.06 -7.05
N ILE A 66 4.54 -8.20 -6.40
CA ILE A 66 3.24 -7.97 -7.08
C ILE A 66 3.11 -6.49 -7.51
N ILE A 67 3.42 -5.52 -6.63
CA ILE A 67 3.33 -4.09 -6.97
C ILE A 67 4.29 -3.72 -8.12
N ARG A 68 5.54 -4.19 -8.08
CA ARG A 68 6.57 -3.95 -9.11
C ARG A 68 6.13 -4.45 -10.50
N ARG A 69 5.44 -5.59 -10.56
CA ARG A 69 4.96 -6.21 -11.82
C ARG A 69 3.61 -5.64 -12.31
N ARG A 70 2.73 -5.21 -11.39
CA ARG A 70 1.49 -4.47 -11.72
C ARG A 70 1.78 -3.08 -12.28
N LEU A 71 2.77 -2.38 -11.73
CA LEU A 71 3.31 -1.14 -12.28
C LEU A 71 4.12 -1.41 -13.57
N GLN A 72 4.16 -0.44 -14.50
CA GLN A 72 4.88 -0.54 -15.77
C GLN A 72 6.39 -0.31 -15.59
N LEU A 73 7.11 -1.37 -15.21
CA LEU A 73 8.53 -1.35 -14.84
C LEU A 73 9.32 -2.52 -15.46
N ASN A 74 10.64 -2.32 -15.61
CA ASN A 74 11.61 -3.31 -16.10
C ASN A 74 12.90 -3.25 -15.26
N ALA A 75 13.77 -4.26 -15.36
CA ALA A 75 14.96 -4.42 -14.52
C ALA A 75 15.92 -3.21 -14.51
N ASN A 76 16.00 -2.50 -15.64
CA ASN A 76 16.84 -1.30 -15.80
C ASN A 76 16.28 -0.04 -15.08
N GLN A 77 14.97 0.01 -14.79
CA GLN A 77 14.31 1.16 -14.17
C GLN A 77 14.52 1.18 -12.65
N ALA A 78 14.93 2.32 -12.08
CA ALA A 78 15.20 2.44 -10.64
C ALA A 78 13.90 2.64 -9.83
N PHE A 79 13.42 1.55 -9.22
CA PHE A 79 12.18 1.48 -8.43
C PHE A 79 12.31 1.24 -6.93
N PHE A 80 11.48 1.92 -6.12
CA PHE A 80 11.40 1.75 -4.67
C PHE A 80 10.00 1.75 -4.05
N LEU A 81 9.75 0.87 -3.07
CA LEU A 81 8.56 0.88 -2.22
C LEU A 81 9.03 1.06 -0.77
N LEU A 82 8.74 2.23 -0.21
CA LEU A 82 9.26 2.71 1.08
C LEU A 82 8.22 2.57 2.19
N VAL A 83 8.64 2.11 3.36
CA VAL A 83 7.84 2.12 4.61
C VAL A 83 8.37 3.22 5.52
N ASN A 84 7.49 4.07 6.05
CA ASN A 84 7.82 5.32 6.77
C ASN A 84 8.76 6.31 6.02
N GLY A 85 8.90 6.13 4.69
CA GLY A 85 9.87 6.86 3.84
C GLY A 85 11.28 6.27 3.76
N HIS A 86 11.52 5.05 4.26
CA HIS A 86 12.79 4.29 4.12
C HIS A 86 12.59 2.93 3.42
N SER A 87 13.63 2.41 2.77
CA SER A 87 13.53 1.24 1.90
C SER A 87 13.30 -0.09 2.62
N MET A 88 12.46 -0.94 2.01
CA MET A 88 12.24 -2.35 2.37
C MET A 88 12.50 -3.29 1.17
N VAL A 89 13.22 -2.83 0.14
CA VAL A 89 13.38 -3.50 -1.17
C VAL A 89 13.77 -4.99 -1.17
N SER A 90 14.57 -5.42 -0.19
CA SER A 90 15.07 -6.79 -0.02
C SER A 90 14.54 -7.51 1.24
N VAL A 91 13.61 -6.90 1.97
CA VAL A 91 13.17 -7.35 3.31
C VAL A 91 12.13 -8.47 3.22
N SER A 92 12.38 -9.58 3.91
CA SER A 92 11.51 -10.78 3.95
C SER A 92 10.40 -10.75 5.01
N THR A 93 10.43 -9.79 5.95
CA THR A 93 9.47 -9.68 7.07
C THR A 93 7.97 -9.77 6.71
N PRO A 94 7.15 -10.54 7.46
CA PRO A 94 5.69 -10.57 7.27
C PRO A 94 5.04 -9.19 7.45
N ILE A 95 4.03 -8.89 6.63
CA ILE A 95 3.33 -7.61 6.60
C ILE A 95 2.61 -7.30 7.92
N SER A 96 2.19 -8.32 8.67
CA SER A 96 1.65 -8.17 10.04
C SER A 96 2.68 -7.62 11.03
N GLU A 97 3.90 -8.16 11.06
CA GLU A 97 4.98 -7.71 11.93
C GLU A 97 5.47 -6.30 11.56
N VAL A 98 5.50 -5.97 10.26
CA VAL A 98 5.74 -4.59 9.78
C VAL A 98 4.61 -3.67 10.23
N TYR A 99 3.34 -4.08 10.11
CA TYR A 99 2.19 -3.38 10.69
C TYR A 99 2.24 -3.07 12.19
N GLU A 100 2.64 -4.05 13.02
CA GLU A 100 2.87 -3.82 14.45
C GLU A 100 4.05 -2.87 14.73
N SER A 101 5.09 -2.89 13.90
CA SER A 101 6.30 -2.04 14.03
C SER A 101 6.11 -0.60 13.51
N GLU A 102 5.25 -0.39 12.52
CA GLU A 102 5.09 0.86 11.74
C GLU A 102 3.64 1.38 11.73
N LYS A 103 2.88 1.06 12.78
CA LYS A 103 1.49 1.47 12.99
C LYS A 103 1.37 3.00 13.13
N ASP A 104 0.59 3.63 12.26
CA ASP A 104 0.29 5.07 12.36
C ASP A 104 -0.83 5.33 13.42
N GLU A 105 -1.08 6.61 13.72
CA GLU A 105 -1.90 7.15 14.81
C GLU A 105 -3.19 6.37 15.16
N ASP A 106 -3.96 5.95 14.15
CA ASP A 106 -5.25 5.24 14.30
C ASP A 106 -5.33 3.77 13.82
N GLY A 107 -4.17 3.10 13.71
CA GLY A 107 -4.10 1.65 13.48
C GLY A 107 -4.05 1.21 12.02
N PHE A 108 -3.29 1.91 11.18
CA PHE A 108 -3.01 1.56 9.77
C PHE A 108 -1.57 1.78 9.29
N LEU A 109 -1.14 1.05 8.24
CA LEU A 109 0.25 1.05 7.76
C LEU A 109 0.41 1.88 6.47
N TYR A 110 1.16 2.98 6.55
CA TYR A 110 1.55 3.79 5.38
C TYR A 110 2.81 3.33 4.61
N MET A 111 2.77 3.41 3.28
CA MET A 111 3.92 3.23 2.38
C MET A 111 3.95 4.31 1.30
N VAL A 112 5.14 4.66 0.80
CA VAL A 112 5.30 5.53 -0.39
C VAL A 112 6.04 4.86 -1.55
N TYR A 113 5.47 4.98 -2.75
CA TYR A 113 6.07 4.60 -4.03
C TYR A 113 7.05 5.65 -4.56
N ALA A 114 8.30 5.29 -4.77
CA ALA A 114 9.41 6.21 -5.05
C ALA A 114 10.43 5.63 -6.06
N SER A 115 11.50 6.37 -6.29
CA SER A 115 12.63 6.01 -7.17
C SER A 115 13.98 6.38 -6.54
N GLN A 116 14.02 6.36 -5.20
CA GLN A 116 15.11 6.71 -4.30
C GLN A 116 15.02 5.83 -3.05
N GLU A 117 16.14 5.58 -2.36
CA GLU A 117 16.15 4.75 -1.13
C GLU A 117 15.40 5.40 0.05
N THR A 118 15.32 6.73 0.06
CA THR A 118 14.57 7.54 1.04
C THR A 118 14.23 8.92 0.46
N PHE A 119 13.26 9.63 1.07
CA PHE A 119 12.91 11.01 0.72
C PHE A 119 14.03 12.07 0.74
N GLY A 120 13.88 13.13 -0.07
CA GLY A 120 14.82 14.26 -0.17
C GLY A 120 14.90 15.12 1.09
N ASP B 1 -9.52 -2.66 -12.20
CA ASP B 1 -10.98 -2.79 -11.93
C ASP B 1 -11.46 -2.01 -10.69
N TYR B 2 -11.42 -2.63 -9.51
CA TYR B 2 -11.84 -2.01 -8.23
C TYR B 2 -10.89 -2.29 -7.04
N GLU B 3 -9.64 -2.68 -7.31
CA GLU B 3 -8.62 -3.19 -6.37
C GLU B 3 -8.14 -2.20 -5.29
N SER B 4 -8.75 -1.01 -5.17
CA SER B 4 -8.56 0.00 -4.12
C SER B 4 -9.87 0.70 -3.68
N ASP B 5 -11.03 0.03 -3.82
CA ASP B 5 -12.35 0.50 -3.38
C ASP B 5 -12.75 0.20 -1.92
N ASP B 6 -13.81 -0.59 -1.68
CA ASP B 6 -14.41 -0.79 -0.34
C ASP B 6 -15.17 -2.11 -0.10
N ASP B 7 -15.42 -2.41 1.18
CA ASP B 7 -16.23 -3.54 1.67
C ASP B 7 -15.81 -4.97 1.25
N SER B 8 -16.43 -5.52 0.20
CA SER B 8 -16.23 -6.90 -0.28
C SER B 8 -15.08 -7.08 -1.29
N TYR B 9 -14.44 -5.98 -1.71
CA TYR B 9 -13.45 -5.91 -2.78
C TYR B 9 -12.24 -6.87 -2.64
N GLU B 10 -11.90 -7.59 -3.71
CA GLU B 10 -10.66 -8.38 -3.83
C GLU B 10 -9.42 -7.47 -4.01
N VAL B 11 -8.99 -6.84 -2.92
CA VAL B 11 -7.87 -5.88 -2.89
C VAL B 11 -6.51 -6.43 -3.31
N LEU B 12 -5.62 -5.60 -3.88
CA LEU B 12 -4.30 -6.00 -4.40
C LEU B 12 -4.42 -7.00 -5.59
N ASP B 13 -5.63 -7.11 -6.15
CA ASP B 13 -6.12 -7.99 -7.23
C ASP B 13 -5.86 -9.51 -7.21
N LEU B 14 -4.86 -9.99 -6.46
CA LEU B 14 -4.37 -11.37 -6.43
C LEU B 14 -5.28 -12.37 -5.68
N THR B 15 -5.15 -13.65 -6.00
CA THR B 15 -5.95 -14.77 -5.45
C THR B 15 -5.79 -15.12 -3.96
N GLU B 16 -4.81 -14.52 -3.28
CA GLU B 16 -4.56 -14.73 -1.84
C GLU B 16 -5.64 -14.09 -0.92
N TYR B 17 -6.43 -13.14 -1.44
CA TYR B 17 -7.52 -12.49 -0.70
C TYR B 17 -8.64 -13.43 -0.19
N MET A 1 -11.99 4.31 -5.55
CA MET A 1 -11.12 5.45 -5.97
C MET A 1 -10.48 5.30 -7.38
N PRO A 2 -9.59 4.32 -7.68
CA PRO A 2 -8.80 4.24 -8.93
C PRO A 2 -9.53 4.63 -10.23
N SER A 3 -9.31 5.88 -10.68
CA SER A 3 -9.98 6.50 -11.84
C SER A 3 -9.36 7.83 -12.30
N GLU A 4 -8.75 8.64 -11.43
CA GLU A 4 -8.34 10.02 -11.76
C GLU A 4 -7.25 10.65 -10.85
N LYS A 5 -7.40 10.61 -9.52
CA LYS A 5 -6.57 11.37 -8.57
C LYS A 5 -6.44 10.71 -7.17
N THR A 6 -5.33 11.00 -6.49
CA THR A 6 -4.93 10.55 -5.14
C THR A 6 -6.03 10.47 -4.06
N PHE A 7 -6.09 9.38 -3.28
CA PHE A 7 -7.18 9.04 -2.34
C PHE A 7 -7.72 10.11 -1.37
N LYS A 8 -6.88 11.06 -0.96
CA LYS A 8 -7.25 12.27 -0.17
C LYS A 8 -8.36 13.11 -0.83
N GLN A 9 -8.50 13.04 -2.16
CA GLN A 9 -9.59 13.69 -2.91
C GLN A 9 -10.97 13.15 -2.50
N ARG A 10 -11.06 11.86 -2.16
CA ARG A 10 -12.31 11.17 -1.78
C ARG A 10 -12.48 10.94 -0.27
N ARG A 11 -11.43 10.59 0.47
CA ARG A 11 -11.53 10.12 1.88
C ARG A 11 -10.68 10.97 2.85
N THR A 12 -11.36 11.70 3.73
CA THR A 12 -10.78 12.47 4.85
C THR A 12 -10.44 11.57 6.05
N PHE A 13 -9.66 12.08 7.01
CA PHE A 13 -9.17 11.30 8.16
C PHE A 13 -10.21 10.49 8.94
N GLU A 14 -11.33 11.10 9.33
CA GLU A 14 -12.40 10.40 10.07
C GLU A 14 -13.06 9.29 9.23
N GLN A 15 -13.18 9.48 7.91
CA GLN A 15 -13.66 8.45 6.99
C GLN A 15 -12.66 7.30 6.82
N ARG A 16 -11.35 7.61 6.80
CA ARG A 16 -10.27 6.61 6.76
C ARG A 16 -10.15 5.81 8.06
N VAL A 17 -10.41 6.44 9.21
CA VAL A 17 -10.49 5.77 10.52
C VAL A 17 -11.70 4.83 10.53
N GLU A 18 -12.87 5.20 9.97
CA GLU A 18 -13.96 4.23 9.79
C GLU A 18 -13.58 3.07 8.85
N ASP A 19 -12.97 3.34 7.69
CA ASP A 19 -12.40 2.28 6.84
C ASP A 19 -11.48 1.29 7.56
N VAL A 20 -10.53 1.79 8.36
CA VAL A 20 -9.63 0.94 9.16
C VAL A 20 -10.32 0.15 10.29
N ARG A 21 -11.26 0.78 11.01
CA ARG A 21 -12.09 0.15 12.05
C ARG A 21 -12.94 -0.98 11.48
N LEU A 22 -13.70 -0.68 10.44
CA LEU A 22 -14.62 -1.61 9.79
C LEU A 22 -13.85 -2.82 9.22
N ILE A 23 -12.75 -2.60 8.48
CA ILE A 23 -12.01 -3.72 7.87
C ILE A 23 -11.37 -4.63 8.92
N ARG A 24 -10.80 -4.06 10.00
CA ARG A 24 -10.23 -4.87 11.11
C ARG A 24 -11.29 -5.76 11.77
N GLU A 25 -12.56 -5.32 11.82
CA GLU A 25 -13.68 -6.17 12.25
C GLU A 25 -14.14 -7.23 11.22
N GLN A 26 -14.41 -6.87 9.95
CA GLN A 26 -15.03 -7.81 8.98
C GLN A 26 -14.06 -8.67 8.14
N HIS A 27 -12.77 -8.31 8.07
CA HIS A 27 -11.69 -9.17 7.49
C HIS A 27 -10.43 -9.23 8.40
N PRO A 28 -10.49 -9.88 9.58
CA PRO A 28 -9.37 -9.90 10.53
C PRO A 28 -8.04 -10.49 10.01
N THR A 29 -8.12 -11.41 9.04
CA THR A 29 -6.95 -12.00 8.34
C THR A 29 -6.21 -11.08 7.35
N LYS A 30 -6.78 -9.91 7.02
CA LYS A 30 -6.22 -8.94 6.07
C LYS A 30 -5.77 -7.65 6.77
N ILE A 31 -4.66 -7.13 6.26
CA ILE A 31 -3.88 -6.02 6.82
C ILE A 31 -4.10 -4.75 5.98
N PRO A 32 -4.54 -3.62 6.56
CA PRO A 32 -4.75 -2.37 5.82
C PRO A 32 -3.43 -1.60 5.62
N VAL A 33 -3.19 -1.16 4.39
CA VAL A 33 -1.95 -0.48 3.95
C VAL A 33 -2.25 0.67 3.00
N ILE A 34 -1.70 1.86 3.25
CA ILE A 34 -1.73 2.99 2.30
C ILE A 34 -0.35 3.11 1.63
N ILE A 35 -0.33 3.40 0.33
CA ILE A 35 0.88 3.60 -0.47
C ILE A 35 0.75 4.91 -1.26
N GLU A 36 1.78 5.74 -1.25
CA GLU A 36 1.75 7.02 -1.97
C GLU A 36 3.05 7.25 -2.74
N ARG A 37 2.90 7.73 -3.98
CA ARG A 37 4.01 8.14 -4.84
C ARG A 37 4.69 9.39 -4.24
N TYR A 38 6.02 9.45 -4.25
CA TYR A 38 6.75 10.49 -3.52
C TYR A 38 6.33 11.95 -3.85
N LYS A 39 5.85 12.69 -2.84
CA LYS A 39 5.21 14.01 -3.01
C LYS A 39 6.10 15.04 -3.75
N GLY A 40 7.41 14.97 -3.54
CA GLY A 40 8.42 15.86 -4.15
C GLY A 40 8.81 15.54 -5.60
N GLU A 41 8.56 14.31 -6.07
CA GLU A 41 8.82 13.89 -7.46
C GLU A 41 7.94 12.71 -7.90
N LYS A 42 6.98 12.98 -8.80
CA LYS A 42 6.08 11.98 -9.40
C LYS A 42 6.60 11.49 -10.76
N GLN A 43 7.83 11.02 -10.77
CA GLN A 43 8.54 10.52 -11.97
C GLN A 43 7.91 9.26 -12.59
N LEU A 44 7.50 8.32 -11.75
CA LEU A 44 6.86 7.06 -12.17
C LEU A 44 5.33 7.26 -12.39
N PRO A 45 4.67 6.39 -13.18
CA PRO A 45 3.28 6.58 -13.63
C PRO A 45 2.29 6.93 -12.54
N VAL A 46 1.52 8.01 -12.72
CA VAL A 46 0.67 8.66 -11.71
C VAL A 46 -0.69 7.99 -11.40
N LEU A 47 -0.77 6.66 -11.47
CA LEU A 47 -1.98 5.88 -11.14
C LEU A 47 -2.41 6.07 -9.67
N ASP A 48 -3.69 6.25 -9.41
CA ASP A 48 -4.28 6.55 -8.10
C ASP A 48 -4.54 5.34 -7.18
N LYS A 49 -3.62 4.37 -7.16
CA LYS A 49 -3.72 3.12 -6.38
C LYS A 49 -3.33 3.32 -4.90
N THR A 50 -3.83 4.38 -4.26
CA THR A 50 -3.38 4.82 -2.92
C THR A 50 -3.61 3.91 -1.71
N LYS A 51 -4.56 2.96 -1.80
CA LYS A 51 -4.96 2.06 -0.69
C LYS A 51 -4.89 0.58 -1.09
N PHE A 52 -4.54 -0.27 -0.14
CA PHE A 52 -4.41 -1.73 -0.25
C PHE A 52 -4.81 -2.55 0.98
N LEU A 53 -5.22 -3.80 0.75
CA LEU A 53 -5.43 -4.83 1.76
C LEU A 53 -4.45 -5.96 1.44
N VAL A 54 -3.89 -6.63 2.45
CA VAL A 54 -2.91 -7.72 2.25
C VAL A 54 -3.16 -8.90 3.20
N PRO A 55 -3.24 -10.17 2.77
CA PRO A 55 -3.31 -11.31 3.68
C PRO A 55 -2.10 -11.36 4.63
N ASP A 56 -2.33 -11.65 5.90
CA ASP A 56 -1.32 -11.57 6.98
C ASP A 56 -0.01 -12.35 6.75
N HIS A 57 -0.06 -13.45 5.99
CA HIS A 57 1.08 -14.32 5.65
C HIS A 57 1.98 -13.81 4.50
N VAL A 58 1.57 -12.76 3.76
CA VAL A 58 2.38 -12.19 2.66
C VAL A 58 3.63 -11.50 3.21
N ASN A 59 4.81 -11.80 2.65
CA ASN A 59 6.07 -11.13 3.00
C ASN A 59 6.26 -9.81 2.22
N MET A 60 7.08 -8.88 2.74
CA MET A 60 7.35 -7.60 2.08
C MET A 60 7.83 -7.75 0.64
N SER A 61 8.79 -8.64 0.36
CA SER A 61 9.27 -8.92 -1.01
C SER A 61 8.14 -9.41 -1.93
N GLU A 62 7.22 -10.24 -1.42
CA GLU A 62 6.08 -10.75 -2.19
C GLU A 62 5.04 -9.66 -2.48
N LEU A 63 4.74 -8.78 -1.50
CA LEU A 63 3.93 -7.57 -1.73
C LEU A 63 4.58 -6.67 -2.78
N ILE A 64 5.89 -6.45 -2.66
CA ILE A 64 6.66 -5.59 -3.57
C ILE A 64 6.64 -6.13 -5.01
N LYS A 65 6.69 -7.45 -5.22
CA LYS A 65 6.51 -8.08 -6.54
C LYS A 65 5.15 -7.78 -7.19
N ILE A 66 4.03 -7.98 -6.47
CA ILE A 66 2.70 -7.67 -7.03
C ILE A 66 2.52 -6.16 -7.28
N ILE A 67 2.97 -5.30 -6.36
CA ILE A 67 2.91 -3.83 -6.55
C ILE A 67 3.75 -3.39 -7.75
N ARG A 68 4.99 -3.91 -7.90
CA ARG A 68 5.86 -3.64 -9.06
C ARG A 68 5.21 -4.07 -10.39
N ARG A 69 4.53 -5.22 -10.40
CA ARG A 69 3.81 -5.75 -11.58
C ARG A 69 2.55 -4.97 -11.93
N ARG A 70 1.74 -4.57 -10.93
CA ARG A 70 0.47 -3.86 -11.14
C ARG A 70 0.68 -2.42 -11.61
N LEU A 71 1.74 -1.76 -11.14
CA LEU A 71 2.20 -0.47 -11.67
C LEU A 71 2.82 -0.67 -13.07
N GLN A 72 2.72 0.34 -13.96
CA GLN A 72 3.21 0.28 -15.35
C GLN A 72 4.73 0.46 -15.49
N LEU A 73 5.51 -0.27 -14.69
CA LEU A 73 6.97 -0.27 -14.67
C LEU A 73 7.58 -1.16 -15.77
N ASN A 74 8.89 -1.05 -15.95
CA ASN A 74 9.69 -1.74 -16.97
C ASN A 74 11.13 -1.93 -16.44
N ALA A 75 11.90 -2.89 -16.96
CA ALA A 75 13.28 -3.15 -16.54
C ALA A 75 14.24 -1.95 -16.71
N ASN A 76 13.92 -1.02 -17.63
CA ASN A 76 14.65 0.25 -17.83
C ASN A 76 14.37 1.32 -16.76
N GLN A 77 13.26 1.22 -16.01
CA GLN A 77 12.89 2.17 -14.95
C GLN A 77 13.52 1.82 -13.59
N ALA A 78 14.00 2.85 -12.88
CA ALA A 78 14.43 2.74 -11.48
C ALA A 78 13.21 2.78 -10.55
N PHE A 79 13.13 1.88 -9.58
CA PHE A 79 12.01 1.74 -8.64
C PHE A 79 12.35 1.25 -7.23
N PHE A 80 11.77 1.88 -6.20
CA PHE A 80 11.87 1.50 -4.79
C PHE A 80 10.55 1.64 -4.01
N LEU A 81 10.14 0.59 -3.31
CA LEU A 81 9.03 0.61 -2.35
C LEU A 81 9.59 0.81 -0.94
N LEU A 82 9.04 1.79 -0.22
CA LEU A 82 9.52 2.30 1.04
C LEU A 82 8.45 2.19 2.15
N VAL A 83 8.83 1.84 3.38
CA VAL A 83 7.95 1.91 4.56
C VAL A 83 8.42 3.15 5.33
N ASN A 84 7.52 4.10 5.61
CA ASN A 84 7.86 5.42 6.19
C ASN A 84 9.14 6.05 5.58
N GLY A 85 9.18 6.11 4.24
CA GLY A 85 10.22 6.76 3.45
C GLY A 85 11.57 6.02 3.36
N HIS A 86 11.70 4.79 3.88
CA HIS A 86 12.92 3.97 3.80
C HIS A 86 12.68 2.61 3.13
N SER A 87 13.55 2.18 2.23
CA SER A 87 13.35 1.00 1.36
C SER A 87 13.24 -0.33 2.11
N MET A 88 12.33 -1.18 1.63
CA MET A 88 12.09 -2.55 2.13
C MET A 88 12.27 -3.65 1.08
N VAL A 89 12.82 -3.34 -0.11
CA VAL A 89 12.93 -4.31 -1.24
C VAL A 89 13.77 -5.56 -0.95
N SER A 90 14.68 -5.50 0.04
CA SER A 90 15.52 -6.62 0.50
C SER A 90 14.95 -7.43 1.67
N VAL A 91 13.87 -6.96 2.34
CA VAL A 91 13.38 -7.53 3.61
C VAL A 91 12.41 -8.71 3.50
N SER A 92 12.56 -9.69 4.39
CA SER A 92 11.76 -10.94 4.44
C SER A 92 10.48 -10.86 5.29
N THR A 93 10.28 -9.78 6.06
CA THR A 93 9.21 -9.65 7.07
C THR A 93 7.76 -9.89 6.62
N PRO A 94 6.92 -10.66 7.36
CA PRO A 94 5.50 -10.78 7.07
C PRO A 94 4.75 -9.46 7.34
N ILE A 95 3.81 -9.11 6.46
CA ILE A 95 3.14 -7.80 6.42
C ILE A 95 2.39 -7.46 7.71
N SER A 96 1.84 -8.46 8.42
CA SER A 96 1.16 -8.26 9.71
C SER A 96 2.10 -7.72 10.80
N GLU A 97 3.33 -8.24 10.88
CA GLU A 97 4.33 -7.77 11.86
C GLU A 97 4.83 -6.35 11.52
N VAL A 98 5.03 -6.04 10.23
CA VAL A 98 5.32 -4.67 9.77
C VAL A 98 4.18 -3.71 10.14
N TYR A 99 2.93 -4.12 9.93
CA TYR A 99 1.74 -3.38 10.35
C TYR A 99 1.58 -3.11 11.85
N GLU A 100 1.56 -4.14 12.70
CA GLU A 100 1.41 -3.96 14.14
C GLU A 100 2.57 -3.15 14.78
N SER A 101 3.76 -3.14 14.15
CA SER A 101 4.91 -2.34 14.58
C SER A 101 4.92 -0.89 14.04
N GLU A 102 4.57 -0.66 12.77
CA GLU A 102 4.76 0.61 12.05
C GLU A 102 3.45 1.29 11.57
N LYS A 103 2.26 0.81 11.98
CA LYS A 103 1.00 1.53 11.75
C LYS A 103 1.00 2.89 12.47
N ASP A 104 0.43 3.90 11.82
CA ASP A 104 0.45 5.30 12.24
C ASP A 104 -0.91 5.92 12.61
N GLU A 105 -1.03 7.27 12.67
CA GLU A 105 -2.20 7.97 13.22
C GLU A 105 -3.56 7.61 12.57
N ASP A 106 -3.58 7.34 11.26
CA ASP A 106 -4.76 6.82 10.55
C ASP A 106 -5.24 5.41 10.98
N GLY A 107 -4.39 4.69 11.72
CA GLY A 107 -4.57 3.30 12.17
C GLY A 107 -4.03 2.23 11.21
N PHE A 108 -3.60 2.60 9.99
CA PHE A 108 -2.97 1.72 8.99
C PHE A 108 -1.45 1.85 8.80
N LEU A 109 -0.83 0.87 8.12
CA LEU A 109 0.58 0.94 7.74
C LEU A 109 0.78 1.89 6.54
N TYR A 110 1.66 2.87 6.70
CA TYR A 110 2.14 3.73 5.60
C TYR A 110 3.31 3.21 4.75
N MET A 111 3.19 3.33 3.43
CA MET A 111 4.24 3.09 2.45
C MET A 111 4.38 4.31 1.51
N VAL A 112 5.59 4.56 1.02
CA VAL A 112 5.90 5.54 -0.04
C VAL A 112 6.59 4.80 -1.18
N TYR A 113 6.47 5.22 -2.44
CA TYR A 113 7.25 4.62 -3.53
C TYR A 113 7.74 5.74 -4.45
N ALA A 114 8.90 5.50 -5.06
CA ALA A 114 9.67 6.48 -5.83
C ALA A 114 10.70 5.76 -6.72
N SER A 115 11.47 6.51 -7.51
CA SER A 115 12.63 5.96 -8.25
C SER A 115 13.91 5.89 -7.40
N GLN A 116 13.90 6.43 -6.18
CA GLN A 116 15.07 6.65 -5.33
C GLN A 116 14.77 6.45 -3.82
N GLU A 117 15.80 6.16 -3.02
CA GLU A 117 15.72 6.06 -1.54
C GLU A 117 15.65 7.43 -0.85
N THR A 118 16.34 8.44 -1.40
CA THR A 118 16.51 9.78 -0.80
C THR A 118 15.22 10.62 -0.94
N PHE A 119 15.16 11.70 -0.17
CA PHE A 119 14.15 12.77 -0.27
C PHE A 119 14.71 14.19 -0.04
N GLY A 120 14.14 15.19 -0.73
CA GLY A 120 14.57 16.60 -0.66
C GLY A 120 14.25 17.29 0.67
N ASP B 1 -15.01 -2.78 -9.32
CA ASP B 1 -15.47 -2.47 -7.93
C ASP B 1 -14.52 -2.88 -6.80
N TYR B 2 -14.43 -4.17 -6.48
CA TYR B 2 -13.72 -4.67 -5.28
C TYR B 2 -12.20 -4.53 -5.18
N GLU B 3 -11.55 -3.93 -6.18
CA GLU B 3 -10.14 -3.51 -6.13
C GLU B 3 -9.99 -2.18 -5.35
N SER B 4 -11.10 -1.54 -4.90
CA SER B 4 -11.06 -0.31 -4.08
C SER B 4 -12.38 0.10 -3.37
N ASP B 5 -13.54 -0.32 -3.86
CA ASP B 5 -14.85 0.20 -3.39
C ASP B 5 -15.60 -0.51 -2.25
N ASP B 6 -16.00 0.26 -1.23
CA ASP B 6 -16.90 -0.09 -0.11
C ASP B 6 -16.57 -1.29 0.83
N ASP B 7 -15.56 -1.11 1.69
CA ASP B 7 -15.16 -1.96 2.85
C ASP B 7 -14.92 -3.48 2.72
N SER B 8 -15.88 -4.26 2.24
CA SER B 8 -15.79 -5.72 2.09
C SER B 8 -14.83 -6.19 0.98
N TYR B 9 -14.20 -5.24 0.30
CA TYR B 9 -13.23 -5.40 -0.78
C TYR B 9 -12.04 -6.36 -0.63
N GLU B 10 -11.45 -6.74 -1.78
CA GLU B 10 -10.17 -7.47 -1.85
C GLU B 10 -8.98 -6.51 -1.94
N VAL B 11 -9.13 -5.40 -2.69
CA VAL B 11 -8.15 -4.32 -2.95
C VAL B 11 -6.84 -4.68 -3.65
N LEU B 12 -6.25 -5.84 -3.34
CA LEU B 12 -5.05 -6.37 -4.01
C LEU B 12 -5.37 -7.02 -5.38
N ASP B 13 -6.64 -7.36 -5.61
CA ASP B 13 -7.09 -8.15 -6.76
C ASP B 13 -6.24 -9.41 -7.07
N LEU B 14 -5.98 -10.21 -6.03
CA LEU B 14 -5.02 -11.33 -6.01
C LEU B 14 -5.56 -12.53 -5.23
N THR B 15 -5.28 -13.75 -5.72
CA THR B 15 -5.55 -15.01 -5.00
C THR B 15 -4.86 -15.16 -3.63
N GLU B 16 -5.64 -15.33 -2.56
CA GLU B 16 -5.15 -15.53 -1.19
C GLU B 16 -4.64 -16.96 -0.93
N TYR B 17 -3.94 -17.15 0.20
CA TYR B 17 -3.46 -18.44 0.72
C TYR B 17 -3.63 -18.73 2.22
N MET A 1 -7.84 4.80 -4.68
CA MET A 1 -8.41 5.55 -5.84
C MET A 1 -7.43 5.52 -7.05
N PRO A 2 -7.53 4.55 -7.98
CA PRO A 2 -6.57 4.38 -9.09
C PRO A 2 -6.77 5.44 -10.20
N SER A 3 -6.30 6.66 -9.93
CA SER A 3 -6.38 7.83 -10.83
C SER A 3 -5.32 8.88 -10.45
N GLU A 4 -5.35 10.05 -11.10
CA GLU A 4 -4.55 11.24 -10.75
C GLU A 4 -4.90 11.79 -9.35
N LYS A 5 -4.00 12.61 -8.78
CA LYS A 5 -4.05 13.21 -7.42
C LYS A 5 -4.00 12.18 -6.27
N THR A 6 -3.86 12.67 -5.04
CA THR A 6 -3.74 11.86 -3.80
C THR A 6 -5.04 11.19 -3.34
N PHE A 7 -5.00 10.34 -2.30
CA PHE A 7 -6.24 9.80 -1.70
C PHE A 7 -7.11 10.87 -1.02
N LYS A 8 -6.60 12.09 -0.79
CA LYS A 8 -7.34 13.20 -0.15
C LYS A 8 -8.63 13.60 -0.90
N GLN A 9 -8.68 13.28 -2.21
CA GLN A 9 -9.88 13.46 -3.05
C GLN A 9 -11.09 12.61 -2.60
N ARG A 10 -10.89 11.54 -1.81
CA ARG A 10 -11.96 10.70 -1.20
C ARG A 10 -11.87 10.48 0.31
N ARG A 11 -10.67 10.37 0.90
CA ARG A 11 -10.44 9.95 2.31
C ARG A 11 -9.66 10.99 3.14
N THR A 12 -10.06 11.11 4.41
CA THR A 12 -9.42 11.86 5.51
C THR A 12 -9.43 11.08 6.83
N PHE A 13 -8.90 11.62 7.92
CA PHE A 13 -8.74 10.91 9.21
C PHE A 13 -9.95 10.12 9.73
N GLU A 14 -11.15 10.72 9.70
CA GLU A 14 -12.38 10.05 10.16
C GLU A 14 -12.79 8.90 9.23
N GLN A 15 -12.66 9.08 7.92
CA GLN A 15 -12.95 8.03 6.93
C GLN A 15 -11.89 6.92 6.96
N ARG A 16 -10.62 7.25 7.25
CA ARG A 16 -9.53 6.29 7.51
C ARG A 16 -9.82 5.40 8.72
N VAL A 17 -10.24 6.00 9.83
CA VAL A 17 -10.62 5.28 11.06
C VAL A 17 -11.85 4.40 10.80
N GLU A 18 -12.89 4.89 10.10
CA GLU A 18 -14.02 4.04 9.72
C GLU A 18 -13.63 2.89 8.78
N ASP A 19 -12.84 3.14 7.75
CA ASP A 19 -12.31 2.09 6.87
C ASP A 19 -11.58 0.97 7.63
N VAL A 20 -10.69 1.32 8.56
CA VAL A 20 -10.00 0.35 9.42
C VAL A 20 -11.00 -0.38 10.32
N ARG A 21 -11.95 0.32 10.97
CA ARG A 21 -12.98 -0.30 11.84
C ARG A 21 -13.84 -1.32 11.08
N LEU A 22 -14.31 -0.94 9.90
CA LEU A 22 -15.09 -1.79 9.00
C LEU A 22 -14.26 -3.00 8.55
N ILE A 23 -13.02 -2.80 8.09
CA ILE A 23 -12.16 -3.90 7.62
C ILE A 23 -11.74 -4.85 8.75
N ARG A 24 -11.53 -4.37 9.99
CA ARG A 24 -11.35 -5.23 11.16
C ARG A 24 -12.56 -6.11 11.47
N GLU A 25 -13.78 -5.64 11.17
CA GLU A 25 -14.99 -6.46 11.24
C GLU A 25 -15.13 -7.46 10.06
N GLN A 26 -15.06 -7.00 8.80
CA GLN A 26 -15.35 -7.83 7.61
C GLN A 26 -14.18 -8.71 7.12
N HIS A 27 -12.92 -8.34 7.39
CA HIS A 27 -11.70 -9.01 6.89
C HIS A 27 -10.56 -9.07 7.95
N PRO A 28 -10.77 -9.67 9.14
CA PRO A 28 -9.79 -9.63 10.25
C PRO A 28 -8.41 -10.24 9.94
N THR A 29 -8.31 -11.16 8.96
CA THR A 29 -7.04 -11.73 8.46
C THR A 29 -6.19 -10.83 7.55
N LYS A 30 -6.71 -9.66 7.15
CA LYS A 30 -6.06 -8.73 6.21
C LYS A 30 -5.66 -7.39 6.85
N ILE A 31 -4.53 -6.87 6.38
CA ILE A 31 -3.78 -5.71 6.91
C ILE A 31 -3.92 -4.53 5.93
N PRO A 32 -4.55 -3.40 6.30
CA PRO A 32 -4.56 -2.20 5.46
C PRO A 32 -3.19 -1.55 5.25
N VAL A 33 -3.01 -1.00 4.05
CA VAL A 33 -1.79 -0.32 3.58
C VAL A 33 -2.22 0.89 2.75
N ILE A 34 -1.81 2.09 3.14
CA ILE A 34 -1.94 3.29 2.30
C ILE A 34 -0.67 3.39 1.46
N ILE A 35 -0.80 3.65 0.15
CA ILE A 35 0.33 3.82 -0.78
C ILE A 35 0.25 5.21 -1.45
N GLU A 36 1.38 5.77 -1.88
CA GLU A 36 1.39 6.99 -2.70
C GLU A 36 2.64 7.09 -3.57
N ARG A 37 2.52 7.68 -4.77
CA ARG A 37 3.69 8.05 -5.57
C ARG A 37 4.51 9.10 -4.80
N TYR A 38 5.84 8.95 -4.74
CA TYR A 38 6.71 9.76 -3.88
C TYR A 38 6.66 11.29 -4.04
N LYS A 39 6.61 12.02 -2.90
CA LYS A 39 6.39 13.47 -2.84
C LYS A 39 7.48 14.28 -3.59
N GLY A 40 8.75 13.93 -3.37
CA GLY A 40 9.91 14.70 -3.84
C GLY A 40 10.21 14.58 -5.33
N GLU A 41 9.78 13.49 -5.99
CA GLU A 41 10.01 13.26 -7.42
C GLU A 41 8.92 12.35 -8.03
N LYS A 42 8.01 12.93 -8.83
CA LYS A 42 6.81 12.27 -9.39
C LYS A 42 7.03 11.71 -10.82
N GLN A 43 8.20 11.11 -11.07
CA GLN A 43 8.60 10.58 -12.38
C GLN A 43 7.78 9.37 -12.86
N LEU A 44 7.49 8.45 -11.93
CA LEU A 44 6.79 7.19 -12.22
C LEU A 44 5.30 7.44 -12.53
N PRO A 45 4.64 6.57 -13.32
CA PRO A 45 3.29 6.81 -13.86
C PRO A 45 2.18 6.85 -12.79
N VAL A 46 1.04 7.45 -13.16
CA VAL A 46 -0.18 7.62 -12.33
C VAL A 46 -1.00 6.34 -12.06
N LEU A 47 -0.36 5.17 -12.13
CA LEU A 47 -0.93 3.87 -11.73
C LEU A 47 -1.06 3.71 -10.20
N ASP A 48 -0.71 4.74 -9.43
CA ASP A 48 -0.85 4.80 -7.97
C ASP A 48 -2.29 4.47 -7.52
N LYS A 49 -2.51 3.24 -7.05
CA LYS A 49 -3.83 2.77 -6.57
C LYS A 49 -4.26 3.43 -5.24
N THR A 50 -3.37 4.15 -4.56
CA THR A 50 -3.56 4.84 -3.25
C THR A 50 -3.90 4.02 -2.01
N LYS A 51 -4.63 2.91 -2.14
CA LYS A 51 -4.92 1.95 -1.04
C LYS A 51 -4.55 0.52 -1.44
N PHE A 52 -4.26 -0.31 -0.43
CA PHE A 52 -4.06 -1.75 -0.49
C PHE A 52 -4.53 -2.51 0.77
N LEU A 53 -4.86 -3.79 0.63
CA LEU A 53 -5.13 -4.72 1.74
C LEU A 53 -4.24 -5.94 1.51
N VAL A 54 -3.73 -6.56 2.57
CA VAL A 54 -2.76 -7.67 2.46
C VAL A 54 -3.02 -8.81 3.45
N PRO A 55 -3.13 -10.10 3.04
CA PRO A 55 -3.22 -11.20 4.01
C PRO A 55 -2.00 -11.24 4.94
N ASP A 56 -2.20 -11.46 6.23
CA ASP A 56 -1.16 -11.36 7.26
C ASP A 56 0.11 -12.22 7.04
N HIS A 57 -0.03 -13.36 6.36
CA HIS A 57 1.07 -14.28 6.01
C HIS A 57 1.98 -13.82 4.85
N VAL A 58 1.59 -12.78 4.09
CA VAL A 58 2.40 -12.24 2.97
C VAL A 58 3.69 -11.61 3.51
N ASN A 59 4.82 -11.82 2.84
CA ASN A 59 6.09 -11.20 3.17
C ASN A 59 6.20 -9.75 2.64
N MET A 60 7.02 -8.91 3.27
CA MET A 60 7.20 -7.51 2.85
C MET A 60 7.75 -7.39 1.41
N SER A 61 8.80 -8.15 1.07
CA SER A 61 9.32 -8.27 -0.31
C SER A 61 8.28 -8.84 -1.30
N GLU A 62 7.42 -9.75 -0.85
CA GLU A 62 6.33 -10.32 -1.66
C GLU A 62 5.26 -9.26 -2.00
N LEU A 63 4.84 -8.42 -1.03
CA LEU A 63 3.99 -7.25 -1.28
C LEU A 63 4.64 -6.30 -2.29
N ILE A 64 5.94 -6.01 -2.11
CA ILE A 64 6.70 -5.14 -3.02
C ILE A 64 6.67 -5.67 -4.46
N LYS A 65 6.81 -6.99 -4.64
CA LYS A 65 6.82 -7.62 -5.97
C LYS A 65 5.47 -7.49 -6.69
N ILE A 66 4.33 -7.70 -6.00
CA ILE A 66 3.00 -7.48 -6.60
C ILE A 66 2.74 -6.00 -6.87
N ILE A 67 3.19 -5.08 -6.01
CA ILE A 67 3.13 -3.62 -6.27
C ILE A 67 3.93 -3.23 -7.53
N ARG A 68 5.18 -3.72 -7.70
CA ARG A 68 6.00 -3.46 -8.89
C ARG A 68 5.30 -3.94 -10.17
N ARG A 69 4.67 -5.12 -10.12
CA ARG A 69 3.89 -5.73 -11.22
C ARG A 69 2.60 -4.95 -11.54
N ARG A 70 1.80 -4.56 -10.53
CA ARG A 70 0.57 -3.74 -10.71
C ARG A 70 0.85 -2.33 -11.25
N LEU A 71 2.01 -1.77 -10.89
CA LEU A 71 2.55 -0.51 -11.46
C LEU A 71 3.19 -0.70 -12.86
N GLN A 72 3.16 -1.90 -13.45
CA GLN A 72 3.74 -2.25 -14.76
C GLN A 72 5.26 -2.00 -14.89
N LEU A 73 5.98 -1.89 -13.76
CA LEU A 73 7.41 -1.53 -13.75
C LEU A 73 8.27 -2.75 -14.08
N ASN A 74 8.75 -2.83 -15.32
CA ASN A 74 9.64 -3.88 -15.81
C ASN A 74 11.02 -3.82 -15.10
N ALA A 75 11.75 -4.94 -15.01
CA ALA A 75 13.08 -5.01 -14.38
C ALA A 75 14.11 -4.04 -15.00
N ASN A 76 13.90 -3.63 -16.27
CA ASN A 76 14.68 -2.61 -16.96
C ASN A 76 14.61 -1.20 -16.32
N GLN A 77 13.48 -0.85 -15.67
CA GLN A 77 13.25 0.47 -15.07
C GLN A 77 13.39 0.46 -13.53
N ALA A 78 14.00 1.53 -12.99
CA ALA A 78 14.38 1.67 -11.58
C ALA A 78 13.15 1.90 -10.67
N PHE A 79 13.14 1.22 -9.52
CA PHE A 79 12.05 1.26 -8.52
C PHE A 79 12.43 0.87 -7.09
N PHE A 80 11.83 1.56 -6.11
CA PHE A 80 11.90 1.24 -4.68
C PHE A 80 10.54 1.53 -4.03
N LEU A 81 10.05 0.61 -3.18
CA LEU A 81 8.89 0.81 -2.32
C LEU A 81 9.39 1.14 -0.90
N LEU A 82 8.95 2.28 -0.38
CA LEU A 82 9.42 2.92 0.84
C LEU A 82 8.36 2.89 1.94
N VAL A 83 8.48 1.98 2.91
CA VAL A 83 7.59 1.95 4.10
C VAL A 83 8.01 3.03 5.09
N ASN A 84 7.07 3.88 5.53
CA ASN A 84 7.36 5.06 6.37
C ASN A 84 8.56 5.88 5.82
N GLY A 85 8.57 6.10 4.50
CA GLY A 85 9.60 6.87 3.78
C GLY A 85 10.97 6.18 3.60
N HIS A 86 11.14 4.91 3.98
CA HIS A 86 12.42 4.17 3.92
C HIS A 86 12.30 2.82 3.19
N SER A 87 13.30 2.46 2.38
CA SER A 87 13.25 1.26 1.51
C SER A 87 13.22 -0.05 2.30
N MET A 88 12.37 -0.99 1.84
CA MET A 88 12.22 -2.34 2.41
C MET A 88 12.39 -3.47 1.36
N VAL A 89 13.03 -3.18 0.22
CA VAL A 89 13.08 -4.06 -0.97
C VAL A 89 13.52 -5.52 -0.73
N SER A 90 14.47 -5.75 0.19
CA SER A 90 15.02 -7.09 0.49
C SER A 90 14.41 -7.76 1.74
N VAL A 91 13.42 -7.14 2.39
CA VAL A 91 12.91 -7.58 3.71
C VAL A 91 11.96 -8.78 3.59
N SER A 92 12.35 -9.91 4.18
CA SER A 92 11.55 -11.15 4.20
C SER A 92 10.43 -11.19 5.25
N THR A 93 10.45 -10.27 6.24
CA THR A 93 9.48 -10.17 7.35
C THR A 93 7.99 -10.19 6.97
N PRO A 94 7.10 -10.88 7.72
CA PRO A 94 5.65 -10.84 7.48
C PRO A 94 5.06 -9.43 7.58
N ILE A 95 4.10 -9.12 6.71
CA ILE A 95 3.50 -7.77 6.58
C ILE A 95 2.77 -7.35 7.88
N SER A 96 2.19 -8.29 8.62
CA SER A 96 1.60 -8.04 9.95
C SER A 96 2.62 -7.59 11.01
N GLU A 97 3.84 -8.14 11.00
CA GLU A 97 4.94 -7.71 11.88
C GLU A 97 5.48 -6.33 11.49
N VAL A 98 5.55 -6.02 10.19
CA VAL A 98 5.85 -4.66 9.71
C VAL A 98 4.77 -3.68 10.19
N TYR A 99 3.49 -4.06 10.11
CA TYR A 99 2.39 -3.31 10.75
C TYR A 99 2.55 -3.04 12.25
N GLU A 100 2.82 -4.08 13.05
CA GLU A 100 3.02 -3.96 14.49
C GLU A 100 4.15 -2.97 14.85
N SER A 101 5.22 -2.90 14.05
CA SER A 101 6.30 -1.92 14.19
C SER A 101 5.89 -0.50 13.74
N GLU A 102 5.34 -0.36 12.54
CA GLU A 102 5.00 0.93 11.88
C GLU A 102 3.55 1.41 12.14
N LYS A 103 3.00 1.07 13.31
CA LYS A 103 1.65 1.43 13.75
C LYS A 103 1.50 2.96 13.98
N ASP A 104 0.37 3.52 13.55
CA ASP A 104 0.00 4.94 13.66
C ASP A 104 -1.44 5.23 14.10
N GLU A 105 -1.70 6.44 14.62
CA GLU A 105 -2.96 6.81 15.29
C GLU A 105 -4.23 6.77 14.40
N ASP A 106 -4.10 7.07 13.11
CA ASP A 106 -5.19 6.94 12.13
C ASP A 106 -5.40 5.50 11.63
N GLY A 107 -4.63 4.54 12.16
CA GLY A 107 -4.72 3.11 11.92
C GLY A 107 -3.95 2.62 10.69
N PHE A 108 -3.16 1.56 10.87
CA PHE A 108 -2.49 0.81 9.79
C PHE A 108 -1.32 1.44 9.01
N LEU A 109 -0.75 0.70 8.04
CA LEU A 109 0.52 1.02 7.37
C LEU A 109 0.49 2.19 6.37
N TYR A 110 1.66 2.85 6.25
CA TYR A 110 1.99 3.86 5.23
C TYR A 110 3.20 3.51 4.33
N MET A 111 3.06 3.66 3.02
CA MET A 111 4.11 3.36 2.03
C MET A 111 4.11 4.41 0.91
N VAL A 112 5.28 4.72 0.34
CA VAL A 112 5.41 5.53 -0.88
C VAL A 112 6.36 4.86 -1.87
N TYR A 113 6.18 5.01 -3.18
CA TYR A 113 7.07 4.34 -4.16
C TYR A 113 7.73 5.39 -5.05
N ALA A 114 8.95 5.09 -5.50
CA ALA A 114 9.84 6.05 -6.16
C ALA A 114 10.88 5.37 -7.08
N SER A 115 11.51 6.16 -7.96
CA SER A 115 12.68 5.73 -8.76
C SER A 115 14.01 5.73 -7.97
N GLN A 116 14.03 6.38 -6.80
CA GLN A 116 15.15 6.55 -5.86
C GLN A 116 14.63 6.77 -4.43
N GLU A 117 15.40 6.46 -3.39
CA GLU A 117 14.91 6.53 -2.00
C GLU A 117 14.64 7.96 -1.48
N THR A 118 15.40 8.96 -1.97
CA THR A 118 15.30 10.37 -1.57
C THR A 118 15.91 11.16 -2.74
N PHE A 119 15.23 12.22 -3.18
CA PHE A 119 15.63 12.95 -4.38
C PHE A 119 16.85 13.88 -4.25
N GLY A 120 17.00 14.51 -3.07
CA GLY A 120 18.13 15.38 -2.72
C GLY A 120 18.00 16.00 -1.32
N ASP B 1 -13.18 -2.37 -10.44
CA ASP B 1 -14.03 -1.92 -9.30
C ASP B 1 -13.47 -2.21 -7.90
N TYR B 2 -13.53 -3.45 -7.40
CA TYR B 2 -13.13 -3.82 -6.04
C TYR B 2 -11.65 -3.69 -5.61
N GLU B 3 -10.83 -3.09 -6.47
CA GLU B 3 -9.45 -2.65 -6.18
C GLU B 3 -9.45 -1.33 -5.35
N SER B 4 -10.60 -0.66 -5.22
CA SER B 4 -10.76 0.63 -4.49
C SER B 4 -12.22 0.99 -4.18
N ASP B 5 -13.20 0.57 -4.98
CA ASP B 5 -14.63 0.92 -4.80
C ASP B 5 -15.19 0.46 -3.43
N ASP B 6 -15.76 1.39 -2.66
CA ASP B 6 -16.18 1.28 -1.25
C ASP B 6 -16.74 -0.05 -0.68
N ASP B 7 -16.44 -0.29 0.61
CA ASP B 7 -16.91 -1.41 1.43
C ASP B 7 -16.43 -2.83 1.09
N SER B 8 -17.14 -3.56 0.21
CA SER B 8 -16.95 -5.00 -0.06
C SER B 8 -15.66 -5.38 -0.82
N TYR B 9 -14.61 -4.56 -0.75
CA TYR B 9 -13.38 -4.69 -1.54
C TYR B 9 -12.37 -5.79 -1.18
N GLU B 10 -11.43 -6.04 -2.11
CA GLU B 10 -10.24 -6.88 -1.90
C GLU B 10 -8.93 -6.08 -2.09
N VAL B 11 -8.98 -4.94 -2.81
CA VAL B 11 -7.92 -3.90 -2.95
C VAL B 11 -6.62 -4.28 -3.68
N LEU B 12 -6.06 -5.46 -3.42
CA LEU B 12 -4.81 -5.97 -4.00
C LEU B 12 -4.99 -6.55 -5.42
N ASP B 13 -6.25 -6.74 -5.84
CA ASP B 13 -6.63 -7.48 -7.04
C ASP B 13 -5.95 -8.87 -7.10
N LEU B 14 -5.98 -9.56 -5.95
CA LEU B 14 -5.34 -10.84 -5.64
C LEU B 14 -6.08 -11.49 -4.46
N THR B 15 -6.24 -12.81 -4.46
CA THR B 15 -6.95 -13.58 -3.41
C THR B 15 -6.14 -14.71 -2.76
N GLU B 16 -6.41 -14.97 -1.48
CA GLU B 16 -5.79 -16.01 -0.66
C GLU B 16 -6.19 -17.45 -1.09
N TYR B 17 -5.33 -18.43 -0.74
CA TYR B 17 -5.51 -19.87 -1.02
C TYR B 17 -5.10 -20.83 0.10
N MET A 1 -12.38 5.25 -5.51
CA MET A 1 -11.02 5.81 -5.21
C MET A 1 -9.89 5.44 -6.20
N PRO A 2 -9.60 4.16 -6.58
CA PRO A 2 -8.43 3.86 -7.43
C PRO A 2 -8.51 4.55 -8.80
N SER A 3 -7.55 5.44 -9.06
CA SER A 3 -7.47 6.31 -10.24
C SER A 3 -6.05 6.85 -10.41
N GLU A 4 -5.76 7.57 -11.51
CA GLU A 4 -4.47 8.26 -11.74
C GLU A 4 -4.32 9.55 -10.91
N LYS A 5 -4.82 9.55 -9.67
CA LYS A 5 -4.84 10.70 -8.73
C LYS A 5 -4.79 10.21 -7.28
N THR A 6 -4.14 10.98 -6.41
CA THR A 6 -3.89 10.67 -4.98
C THR A 6 -5.12 10.41 -4.09
N PHE A 7 -5.04 9.44 -3.16
CA PHE A 7 -6.14 9.06 -2.24
C PHE A 7 -6.84 10.18 -1.45
N LYS A 8 -6.08 11.24 -1.09
CA LYS A 8 -6.57 12.47 -0.44
C LYS A 8 -7.71 13.19 -1.20
N GLN A 9 -7.87 12.90 -2.49
CA GLN A 9 -9.00 13.38 -3.33
C GLN A 9 -10.37 12.87 -2.84
N ARG A 10 -10.41 11.71 -2.14
CA ARG A 10 -11.66 11.07 -1.67
C ARG A 10 -11.80 11.01 -0.14
N ARG A 11 -11.07 10.12 0.56
CA ARG A 11 -11.17 10.01 2.03
C ARG A 11 -10.12 10.86 2.77
N THR A 12 -10.57 11.53 3.83
CA THR A 12 -9.75 12.24 4.83
C THR A 12 -9.21 11.21 5.81
N PHE A 13 -8.24 11.59 6.66
CA PHE A 13 -7.77 10.74 7.76
C PHE A 13 -8.88 10.28 8.74
N GLU A 14 -9.87 11.13 9.00
CA GLU A 14 -11.05 10.78 9.82
C GLU A 14 -11.93 9.70 9.15
N GLN A 15 -12.23 9.86 7.85
CA GLN A 15 -12.92 8.81 7.08
C GLN A 15 -12.08 7.52 6.94
N ARG A 16 -10.75 7.66 6.85
CA ARG A 16 -9.77 6.57 6.83
C ARG A 16 -9.79 5.79 8.15
N VAL A 17 -9.94 6.44 9.30
CA VAL A 17 -10.07 5.77 10.62
C VAL A 17 -11.39 4.97 10.68
N GLU A 18 -12.50 5.50 10.17
CA GLU A 18 -13.75 4.71 10.05
C GLU A 18 -13.60 3.49 9.12
N ASP A 19 -13.07 3.70 7.92
CA ASP A 19 -12.73 2.67 6.94
C ASP A 19 -11.82 1.57 7.50
N VAL A 20 -10.67 1.94 8.05
CA VAL A 20 -9.73 1.00 8.69
C VAL A 20 -10.31 0.24 9.89
N ARG A 21 -11.14 0.88 10.73
CA ARG A 21 -11.86 0.17 11.80
C ARG A 21 -12.88 -0.80 11.23
N LEU A 22 -13.76 -0.38 10.32
CA LEU A 22 -14.78 -1.25 9.71
C LEU A 22 -14.13 -2.48 9.07
N ILE A 23 -13.04 -2.28 8.34
CA ILE A 23 -12.20 -3.36 7.81
C ILE A 23 -11.70 -4.31 8.90
N ARG A 24 -11.15 -3.81 10.02
CA ARG A 24 -10.74 -4.65 11.16
C ARG A 24 -11.91 -5.37 11.85
N GLU A 25 -13.09 -4.77 11.90
CA GLU A 25 -14.30 -5.40 12.46
C GLU A 25 -14.81 -6.56 11.59
N GLN A 26 -14.87 -6.38 10.25
CA GLN A 26 -15.36 -7.43 9.32
C GLN A 26 -14.31 -8.44 8.88
N HIS A 27 -13.01 -8.10 8.86
CA HIS A 27 -11.91 -8.89 8.26
C HIS A 27 -10.61 -8.86 9.12
N PRO A 28 -10.55 -9.58 10.25
CA PRO A 28 -9.40 -9.57 11.17
C PRO A 28 -8.08 -10.14 10.59
N THR A 29 -8.16 -11.04 9.60
CA THR A 29 -7.01 -11.73 8.98
C THR A 29 -6.14 -10.94 7.99
N LYS A 30 -6.58 -9.72 7.62
CA LYS A 30 -5.94 -8.86 6.60
C LYS A 30 -5.47 -7.52 7.17
N ILE A 31 -4.39 -7.01 6.57
CA ILE A 31 -3.68 -5.76 6.92
C ILE A 31 -4.04 -4.68 5.91
N PRO A 32 -4.85 -3.66 6.27
CA PRO A 32 -5.11 -2.51 5.39
C PRO A 32 -3.90 -1.56 5.25
N VAL A 33 -3.66 -1.13 4.01
CA VAL A 33 -2.54 -0.28 3.58
C VAL A 33 -2.97 0.83 2.62
N ILE A 34 -2.60 2.07 2.91
CA ILE A 34 -2.74 3.21 1.97
C ILE A 34 -1.41 3.34 1.20
N ILE A 35 -1.47 3.59 -0.12
CA ILE A 35 -0.27 3.78 -0.96
C ILE A 35 -0.34 5.09 -1.76
N GLU A 36 0.76 5.85 -1.78
CA GLU A 36 0.87 7.14 -2.49
C GLU A 36 2.24 7.31 -3.16
N ARG A 37 2.29 7.96 -4.33
CA ARG A 37 3.55 8.39 -4.97
C ARG A 37 4.29 9.44 -4.13
N TYR A 38 5.62 9.35 -4.06
CA TYR A 38 6.48 10.26 -3.29
C TYR A 38 6.37 11.77 -3.61
N LYS A 39 6.09 12.58 -2.58
CA LYS A 39 5.74 14.00 -2.71
C LYS A 39 6.92 14.90 -3.12
N GLY A 40 8.14 14.52 -2.73
CA GLY A 40 9.37 15.27 -3.02
C GLY A 40 9.89 15.10 -4.45
N GLU A 41 9.56 13.99 -5.12
CA GLU A 41 9.96 13.70 -6.51
C GLU A 41 8.94 12.78 -7.20
N LYS A 42 7.98 13.37 -7.92
CA LYS A 42 6.88 12.68 -8.64
C LYS A 42 7.31 12.07 -10.00
N GLN A 43 8.55 11.55 -10.10
CA GLN A 43 9.17 11.13 -11.36
C GLN A 43 8.58 9.84 -11.95
N LEU A 44 8.24 8.86 -11.08
CA LEU A 44 7.55 7.62 -11.49
C LEU A 44 6.12 7.90 -11.97
N PRO A 45 5.54 7.08 -12.87
CA PRO A 45 4.14 7.20 -13.27
C PRO A 45 3.19 6.91 -12.10
N VAL A 46 1.96 7.44 -12.17
CA VAL A 46 0.85 7.10 -11.26
C VAL A 46 -0.22 6.28 -11.97
N LEU A 47 -0.70 5.23 -11.30
CA LEU A 47 -1.66 4.24 -11.81
C LEU A 47 -2.78 3.99 -10.78
N ASP A 48 -3.84 3.28 -11.19
CA ASP A 48 -5.05 3.01 -10.40
C ASP A 48 -4.92 2.04 -9.20
N LYS A 49 -3.90 2.23 -8.35
CA LYS A 49 -3.69 1.51 -7.07
C LYS A 49 -3.33 2.48 -5.95
N THR A 50 -4.36 3.00 -5.28
CA THR A 50 -4.30 3.98 -4.17
C THR A 50 -4.33 3.27 -2.80
N LYS A 51 -4.78 2.01 -2.73
CA LYS A 51 -5.06 1.28 -1.49
C LYS A 51 -5.00 -0.24 -1.70
N PHE A 52 -4.57 -0.99 -0.69
CA PHE A 52 -4.65 -2.46 -0.65
C PHE A 52 -4.86 -3.10 0.73
N LEU A 53 -5.62 -4.19 0.81
CA LEU A 53 -5.73 -5.04 2.01
C LEU A 53 -4.96 -6.33 1.73
N VAL A 54 -4.05 -6.73 2.62
CA VAL A 54 -3.10 -7.84 2.42
C VAL A 54 -3.27 -8.97 3.44
N PRO A 55 -3.43 -10.25 3.06
CA PRO A 55 -3.49 -11.34 4.04
C PRO A 55 -2.13 -11.56 4.72
N ASP A 56 -2.14 -11.89 6.01
CA ASP A 56 -0.95 -11.93 6.88
C ASP A 56 0.24 -12.79 6.42
N HIS A 57 -0.01 -13.84 5.62
CA HIS A 57 1.01 -14.75 5.08
C HIS A 57 1.92 -14.11 4.00
N VAL A 58 1.55 -12.98 3.39
CA VAL A 58 2.39 -12.25 2.42
C VAL A 58 3.57 -11.60 3.14
N ASN A 59 4.80 -11.71 2.60
CA ASN A 59 5.96 -10.98 3.14
C ASN A 59 6.21 -9.65 2.38
N MET A 60 6.98 -8.74 2.97
CA MET A 60 7.21 -7.39 2.43
C MET A 60 7.82 -7.39 1.01
N SER A 61 8.84 -8.23 0.75
CA SER A 61 9.44 -8.38 -0.57
C SER A 61 8.45 -8.94 -1.61
N GLU A 62 7.60 -9.90 -1.21
CA GLU A 62 6.55 -10.45 -2.06
C GLU A 62 5.49 -9.40 -2.41
N LEU A 63 5.06 -8.57 -1.45
CA LEU A 63 4.19 -7.41 -1.70
C LEU A 63 4.85 -6.43 -2.68
N ILE A 64 6.13 -6.10 -2.49
CA ILE A 64 6.90 -5.24 -3.39
C ILE A 64 6.93 -5.79 -4.82
N LYS A 65 7.15 -7.10 -5.00
CA LYS A 65 7.14 -7.77 -6.32
C LYS A 65 5.80 -7.62 -7.06
N ILE A 66 4.68 -7.94 -6.41
CA ILE A 66 3.35 -7.82 -7.05
C ILE A 66 3.00 -6.35 -7.33
N ILE A 67 3.26 -5.44 -6.39
CA ILE A 67 2.93 -4.02 -6.57
C ILE A 67 3.81 -3.36 -7.65
N ARG A 68 5.12 -3.67 -7.73
CA ARG A 68 6.02 -3.19 -8.80
C ARG A 68 5.49 -3.59 -10.18
N ARG A 69 5.07 -4.86 -10.34
CA ARG A 69 4.45 -5.38 -11.58
C ARG A 69 3.08 -4.77 -11.88
N ARG A 70 2.18 -4.64 -10.90
CA ARG A 70 0.86 -4.00 -11.09
C ARG A 70 0.94 -2.49 -11.40
N LEU A 71 2.01 -1.82 -10.97
CA LEU A 71 2.36 -0.44 -11.38
C LEU A 71 3.07 -0.37 -12.75
N GLN A 72 3.14 -1.48 -13.50
CA GLN A 72 3.75 -1.62 -14.83
C GLN A 72 5.26 -1.33 -14.89
N LEU A 73 5.97 -1.41 -13.74
CA LEU A 73 7.41 -1.15 -13.65
C LEU A 73 8.21 -2.45 -13.91
N ASN A 74 9.01 -2.47 -14.98
CA ASN A 74 9.98 -3.54 -15.25
C ASN A 74 11.25 -3.38 -14.37
N ALA A 75 12.08 -4.44 -14.29
CA ALA A 75 13.25 -4.50 -13.41
C ALA A 75 14.31 -3.42 -13.67
N ASN A 76 14.33 -2.81 -14.86
CA ASN A 76 15.20 -1.67 -15.20
C ASN A 76 14.80 -0.36 -14.46
N GLN A 77 13.55 -0.23 -14.01
CA GLN A 77 13.06 0.92 -13.23
C GLN A 77 13.39 0.76 -11.74
N ALA A 78 13.95 1.80 -11.12
CA ALA A 78 14.14 1.84 -9.67
C ALA A 78 12.80 2.08 -8.95
N PHE A 79 12.44 1.22 -7.99
CA PHE A 79 11.21 1.32 -7.20
C PHE A 79 11.25 0.71 -5.79
N PHE A 80 10.76 1.45 -4.80
CA PHE A 80 10.79 1.10 -3.38
C PHE A 80 9.45 1.47 -2.71
N LEU A 81 8.87 0.59 -1.88
CA LEU A 81 7.72 0.92 -1.01
C LEU A 81 8.27 1.35 0.36
N LEU A 82 8.17 2.64 0.67
CA LEU A 82 8.68 3.24 1.90
C LEU A 82 7.57 3.28 2.96
N VAL A 83 7.59 2.34 3.90
CA VAL A 83 6.59 2.26 4.99
C VAL A 83 6.74 3.41 5.96
N ASN A 84 5.76 4.31 6.06
CA ASN A 84 5.86 5.59 6.78
C ASN A 84 7.11 6.43 6.36
N GLY A 85 7.60 6.24 5.12
CA GLY A 85 8.85 6.86 4.61
C GLY A 85 10.15 6.07 4.90
N HIS A 86 10.11 4.99 5.70
CA HIS A 86 11.24 4.08 5.97
C HIS A 86 11.28 2.92 4.96
N SER A 87 12.40 2.69 4.29
CA SER A 87 12.57 1.55 3.37
C SER A 87 12.64 0.20 4.11
N MET A 88 11.97 -0.82 3.57
CA MET A 88 12.00 -2.20 4.09
C MET A 88 12.27 -3.26 2.98
N VAL A 89 12.79 -2.85 1.80
CA VAL A 89 12.90 -3.73 0.63
C VAL A 89 13.89 -4.90 0.76
N SER A 90 14.86 -4.78 1.67
CA SER A 90 15.81 -5.85 2.04
C SER A 90 15.22 -6.96 2.91
N VAL A 91 14.03 -6.75 3.50
CA VAL A 91 13.41 -7.62 4.52
C VAL A 91 12.36 -8.59 3.95
N SER A 92 12.43 -9.87 4.34
CA SER A 92 11.47 -10.93 3.96
C SER A 92 10.47 -11.25 5.09
N THR A 93 10.13 -10.24 5.90
CA THR A 93 9.20 -10.37 7.05
C THR A 93 7.71 -10.36 6.68
N PRO A 94 6.81 -11.10 7.37
CA PRO A 94 5.37 -11.06 7.12
C PRO A 94 4.75 -9.65 7.23
N ILE A 95 3.71 -9.36 6.46
CA ILE A 95 3.03 -8.05 6.44
C ILE A 95 2.39 -7.71 7.80
N SER A 96 2.06 -8.71 8.62
CA SER A 96 1.64 -8.54 10.03
C SER A 96 2.78 -8.07 10.94
N GLU A 97 4.01 -8.56 10.73
CA GLU A 97 5.22 -8.08 11.42
C GLU A 97 5.61 -6.67 10.94
N VAL A 98 5.43 -6.36 9.64
CA VAL A 98 5.56 -4.99 9.12
C VAL A 98 4.55 -4.09 9.83
N TYR A 99 3.29 -4.52 9.95
CA TYR A 99 2.29 -3.85 10.79
C TYR A 99 2.72 -3.56 12.24
N GLU A 100 3.14 -4.58 12.99
CA GLU A 100 3.65 -4.41 14.36
C GLU A 100 4.84 -3.43 14.45
N SER A 101 5.70 -3.38 13.42
CA SER A 101 6.85 -2.47 13.33
C SER A 101 6.49 -1.03 12.89
N GLU A 102 5.43 -0.86 12.09
CA GLU A 102 5.07 0.38 11.39
C GLU A 102 3.62 0.88 11.61
N LYS A 103 2.98 0.47 12.72
CA LYS A 103 1.68 0.98 13.21
C LYS A 103 1.56 2.50 13.05
N ASP A 104 0.56 2.95 12.29
CA ASP A 104 0.32 4.39 12.07
C ASP A 104 -0.44 4.99 13.28
N GLU A 105 -0.69 6.30 13.25
CA GLU A 105 -1.21 7.07 14.39
C GLU A 105 -2.57 6.58 14.95
N ASP A 106 -3.45 6.00 14.11
CA ASP A 106 -4.75 5.43 14.51
C ASP A 106 -5.14 4.05 13.99
N GLY A 107 -4.31 3.42 13.14
CA GLY A 107 -4.60 2.16 12.47
C GLY A 107 -3.38 1.39 11.97
N PHE A 108 -3.54 0.72 10.82
CA PHE A 108 -2.57 -0.20 10.23
C PHE A 108 -1.31 0.40 9.57
N LEU A 109 -1.30 0.52 8.22
CA LEU A 109 -0.08 0.88 7.48
C LEU A 109 -0.26 1.95 6.39
N TYR A 110 0.82 2.70 6.16
CA TYR A 110 1.04 3.64 5.06
C TYR A 110 2.32 3.33 4.28
N MET A 111 2.28 3.29 2.94
CA MET A 111 3.46 3.10 2.10
C MET A 111 3.56 4.22 1.05
N VAL A 112 4.56 5.09 1.17
CA VAL A 112 4.87 6.07 0.12
C VAL A 112 5.90 5.47 -0.85
N TYR A 113 5.66 5.48 -2.17
CA TYR A 113 6.52 4.75 -3.10
C TYR A 113 7.39 5.76 -3.87
N ALA A 114 8.62 5.37 -4.17
CA ALA A 114 9.66 6.24 -4.69
C ALA A 114 10.67 5.49 -5.56
N SER A 115 11.40 6.21 -6.41
CA SER A 115 12.56 5.72 -7.16
C SER A 115 13.89 5.78 -6.37
N GLN A 116 13.85 6.24 -5.12
CA GLN A 116 14.97 6.33 -4.18
C GLN A 116 14.47 6.28 -2.72
N GLU A 117 15.23 5.67 -1.82
CA GLU A 117 14.98 5.73 -0.37
C GLU A 117 15.56 7.02 0.25
N THR A 118 16.61 7.58 -0.37
CA THR A 118 17.21 8.88 -0.05
C THR A 118 17.99 9.44 -1.26
N PHE A 119 18.13 10.77 -1.34
CA PHE A 119 19.01 11.44 -2.29
C PHE A 119 20.54 11.41 -1.98
N GLY A 120 20.88 10.95 -0.76
CA GLY A 120 22.26 10.88 -0.24
C GLY A 120 22.87 12.24 0.10
N ASP B 1 -8.62 -10.77 -10.48
CA ASP B 1 -9.99 -10.19 -10.46
C ASP B 1 -10.15 -8.99 -9.52
N TYR B 2 -10.34 -9.22 -8.20
CA TYR B 2 -10.62 -8.16 -7.22
C TYR B 2 -9.54 -7.09 -6.96
N GLU B 3 -9.86 -5.85 -7.29
CA GLU B 3 -9.13 -4.63 -6.95
C GLU B 3 -10.04 -3.64 -6.19
N SER B 4 -9.46 -2.57 -5.63
CA SER B 4 -10.16 -1.69 -4.67
C SER B 4 -11.54 -1.13 -5.09
N ASP B 5 -12.46 -1.11 -4.13
CA ASP B 5 -13.78 -0.47 -4.22
C ASP B 5 -14.19 0.13 -2.86
N ASP B 6 -15.09 -0.51 -2.09
CA ASP B 6 -15.42 -0.16 -0.70
C ASP B 6 -16.19 -1.33 -0.04
N ASP B 7 -16.22 -1.33 1.30
CA ASP B 7 -17.02 -2.23 2.15
C ASP B 7 -16.82 -3.76 1.96
N SER B 8 -17.68 -4.42 1.17
CA SER B 8 -17.72 -5.89 1.00
C SER B 8 -16.70 -6.45 0.00
N TYR B 9 -15.95 -5.58 -0.69
CA TYR B 9 -14.97 -5.90 -1.73
C TYR B 9 -13.76 -6.70 -1.17
N GLU B 10 -13.00 -7.28 -2.09
CA GLU B 10 -11.69 -7.91 -1.86
C GLU B 10 -10.60 -7.16 -2.67
N VAL B 11 -9.32 -7.47 -2.45
CA VAL B 11 -8.20 -6.68 -2.99
C VAL B 11 -6.95 -7.48 -3.40
N LEU B 12 -5.96 -6.79 -4.00
CA LEU B 12 -4.62 -7.28 -4.38
C LEU B 12 -4.60 -8.14 -5.65
N ASP B 13 -5.76 -8.27 -6.31
CA ASP B 13 -6.01 -8.86 -7.62
C ASP B 13 -5.72 -10.37 -7.84
N LEU B 14 -4.58 -10.87 -7.36
CA LEU B 14 -4.27 -12.30 -7.29
C LEU B 14 -5.10 -13.04 -6.21
N THR B 15 -5.13 -14.37 -6.26
CA THR B 15 -5.82 -15.22 -5.27
C THR B 15 -5.22 -15.20 -3.85
N GLU B 16 -6.08 -15.29 -2.83
CA GLU B 16 -5.68 -15.30 -1.42
C GLU B 16 -5.18 -16.69 -0.92
N TYR B 17 -4.50 -16.71 0.23
CA TYR B 17 -4.01 -17.91 0.91
C TYR B 17 -5.05 -18.96 1.36
N MET A 1 -11.30 8.49 -7.35
CA MET A 1 -10.03 8.45 -6.56
C MET A 1 -8.85 7.79 -7.32
N PRO A 2 -8.83 6.48 -7.61
CA PRO A 2 -7.61 5.80 -8.13
C PRO A 2 -7.24 6.29 -9.54
N SER A 3 -6.19 7.11 -9.63
CA SER A 3 -5.78 7.86 -10.83
C SER A 3 -4.37 8.48 -10.64
N GLU A 4 -3.95 9.40 -11.51
CA GLU A 4 -2.75 10.23 -11.37
C GLU A 4 -2.83 11.19 -10.15
N LYS A 5 -4.05 11.52 -9.70
CA LYS A 5 -4.34 12.24 -8.43
C LYS A 5 -4.27 11.29 -7.22
N THR A 6 -3.72 11.78 -6.10
CA THR A 6 -3.61 11.01 -4.83
C THR A 6 -4.92 10.87 -4.03
N PHE A 7 -5.02 9.82 -3.19
CA PHE A 7 -6.23 9.41 -2.45
C PHE A 7 -6.62 10.49 -1.41
N LYS A 8 -5.65 11.26 -0.88
CA LYS A 8 -5.85 12.23 0.21
C LYS A 8 -6.83 13.36 -0.14
N GLN A 9 -7.05 13.60 -1.44
CA GLN A 9 -8.06 14.51 -1.98
C GLN A 9 -9.49 14.08 -1.58
N ARG A 10 -9.74 12.78 -1.38
CA ARG A 10 -11.08 12.19 -1.16
C ARG A 10 -11.26 11.52 0.21
N ARG A 11 -10.42 10.53 0.56
CA ARG A 11 -10.60 9.71 1.79
C ARG A 11 -9.76 10.26 2.96
N THR A 12 -10.36 11.18 3.71
CA THR A 12 -9.82 11.76 4.95
C THR A 12 -9.92 10.84 6.18
N PHE A 13 -9.32 11.25 7.31
CA PHE A 13 -9.33 10.47 8.55
C PHE A 13 -10.66 9.91 9.05
N GLU A 14 -11.78 10.64 8.92
CA GLU A 14 -13.09 10.12 9.34
C GLU A 14 -13.52 8.89 8.50
N GLN A 15 -13.33 8.97 7.18
CA GLN A 15 -13.59 7.85 6.26
C GLN A 15 -12.61 6.70 6.51
N ARG A 16 -11.32 7.00 6.71
CA ARG A 16 -10.31 5.98 7.02
C ARG A 16 -10.57 5.26 8.35
N VAL A 17 -10.99 5.97 9.40
CA VAL A 17 -11.23 5.41 10.74
C VAL A 17 -12.41 4.43 10.70
N GLU A 18 -13.50 4.73 9.97
CA GLU A 18 -14.55 3.72 9.75
C GLU A 18 -14.00 2.49 9.02
N ASP A 19 -13.39 2.69 7.85
CA ASP A 19 -12.85 1.59 7.03
C ASP A 19 -11.81 0.69 7.73
N VAL A 20 -10.82 1.29 8.41
CA VAL A 20 -9.81 0.57 9.18
C VAL A 20 -10.37 -0.28 10.33
N ARG A 21 -11.38 0.23 11.05
CA ARG A 21 -12.11 -0.52 12.08
C ARG A 21 -12.96 -1.65 11.47
N LEU A 22 -13.68 -1.36 10.38
CA LEU A 22 -14.51 -2.33 9.66
C LEU A 22 -13.67 -3.50 9.12
N ILE A 23 -12.58 -3.23 8.39
CA ILE A 23 -11.77 -4.31 7.77
C ILE A 23 -11.11 -5.19 8.83
N ARG A 24 -10.52 -4.61 9.90
CA ARG A 24 -9.96 -5.40 11.01
C ARG A 24 -11.00 -6.24 11.76
N GLU A 25 -12.24 -5.76 11.87
CA GLU A 25 -13.35 -6.53 12.41
C GLU A 25 -13.81 -7.68 11.50
N GLN A 26 -14.03 -7.43 10.19
CA GLN A 26 -14.52 -8.45 9.26
C GLN A 26 -13.46 -9.49 8.84
N HIS A 27 -12.18 -9.10 8.74
CA HIS A 27 -11.06 -9.98 8.32
C HIS A 27 -9.78 -9.74 9.15
N PRO A 28 -9.67 -10.26 10.39
CA PRO A 28 -8.48 -10.08 11.24
C PRO A 28 -7.18 -10.69 10.68
N THR A 29 -7.26 -11.59 9.70
CA THR A 29 -6.10 -12.10 8.93
C THR A 29 -5.53 -11.13 7.90
N LYS A 30 -6.24 -10.02 7.58
CA LYS A 30 -5.83 -9.01 6.59
C LYS A 30 -5.39 -7.68 7.22
N ILE A 31 -4.49 -7.01 6.52
CA ILE A 31 -3.73 -5.83 6.98
C ILE A 31 -4.04 -4.59 6.11
N PRO A 32 -4.42 -3.44 6.70
CA PRO A 32 -4.72 -2.20 5.97
C PRO A 32 -3.46 -1.38 5.63
N VAL A 33 -3.26 -1.04 4.35
CA VAL A 33 -2.05 -0.35 3.85
C VAL A 33 -2.32 0.81 2.88
N ILE A 34 -1.67 1.96 3.12
CA ILE A 34 -1.63 3.09 2.19
C ILE A 34 -0.37 2.98 1.32
N ILE A 35 -0.49 3.25 0.02
CA ILE A 35 0.65 3.40 -0.91
C ILE A 35 0.52 4.72 -1.67
N GLU A 36 1.60 5.50 -1.74
CA GLU A 36 1.61 6.78 -2.44
C GLU A 36 2.93 7.03 -3.18
N ARG A 37 2.89 7.62 -4.37
CA ARG A 37 4.12 8.11 -5.03
C ARG A 37 4.76 9.21 -4.16
N TYR A 38 6.06 9.15 -3.92
CA TYR A 38 6.75 10.08 -3.00
C TYR A 38 6.57 11.58 -3.30
N LYS A 39 6.05 12.36 -2.34
CA LYS A 39 5.62 13.77 -2.52
C LYS A 39 6.72 14.70 -3.06
N GLY A 40 7.99 14.40 -2.76
CA GLY A 40 9.16 15.16 -3.20
C GLY A 40 9.72 14.77 -4.58
N GLU A 41 9.18 13.72 -5.23
CA GLU A 41 9.70 13.19 -6.49
C GLU A 41 8.57 12.60 -7.38
N LYS A 42 7.70 13.47 -7.90
CA LYS A 42 6.55 13.11 -8.77
C LYS A 42 6.92 12.69 -10.21
N GLN A 43 8.14 12.18 -10.41
CA GLN A 43 8.69 11.80 -11.72
C GLN A 43 8.10 10.49 -12.28
N LEU A 44 7.96 9.45 -11.44
CA LEU A 44 7.26 8.20 -11.80
C LEU A 44 5.75 8.46 -12.02
N PRO A 45 5.03 7.65 -12.81
CA PRO A 45 3.57 7.70 -12.87
C PRO A 45 2.92 7.13 -11.60
N VAL A 46 1.65 7.44 -11.36
CA VAL A 46 0.81 6.81 -10.32
C VAL A 46 -0.51 6.32 -10.92
N LEU A 47 -0.89 5.08 -10.55
CA LEU A 47 -1.97 4.32 -11.16
C LEU A 47 -3.01 3.86 -10.11
N ASP A 48 -4.03 3.13 -10.56
CA ASP A 48 -5.20 2.71 -9.76
C ASP A 48 -4.98 1.73 -8.58
N LYS A 49 -3.74 1.27 -8.34
CA LYS A 49 -3.34 0.51 -7.14
C LYS A 49 -3.05 1.44 -5.93
N THR A 50 -3.76 2.56 -5.81
CA THR A 50 -3.51 3.68 -4.86
C THR A 50 -3.68 3.41 -3.35
N LYS A 51 -3.99 2.17 -2.98
CA LYS A 51 -4.27 1.63 -1.63
C LYS A 51 -4.26 0.09 -1.73
N PHE A 52 -4.03 -0.65 -0.64
CA PHE A 52 -4.22 -2.11 -0.63
C PHE A 52 -4.52 -2.78 0.73
N LEU A 53 -5.09 -3.98 0.70
CA LEU A 53 -5.23 -4.88 1.85
C LEU A 53 -4.33 -6.09 1.63
N VAL A 54 -3.67 -6.62 2.66
CA VAL A 54 -2.73 -7.75 2.53
C VAL A 54 -2.99 -8.89 3.52
N PRO A 55 -3.10 -10.17 3.10
CA PRO A 55 -3.15 -11.29 4.05
C PRO A 55 -1.80 -11.45 4.77
N ASP A 56 -1.85 -11.75 6.07
CA ASP A 56 -0.68 -11.77 6.97
C ASP A 56 0.51 -12.65 6.56
N HIS A 57 0.28 -13.69 5.75
CA HIS A 57 1.30 -14.59 5.20
C HIS A 57 2.29 -13.94 4.21
N VAL A 58 1.94 -12.79 3.61
CA VAL A 58 2.79 -12.10 2.62
C VAL A 58 4.01 -11.46 3.30
N ASN A 59 5.20 -11.63 2.73
CA ASN A 59 6.45 -10.97 3.16
C ASN A 59 6.71 -9.70 2.36
N MET A 60 7.52 -8.76 2.88
CA MET A 60 7.78 -7.48 2.19
C MET A 60 8.34 -7.63 0.77
N SER A 61 9.31 -8.53 0.55
CA SER A 61 9.85 -8.78 -0.80
C SER A 61 8.76 -9.23 -1.80
N GLU A 62 7.82 -10.07 -1.36
CA GLU A 62 6.69 -10.51 -2.19
C GLU A 62 5.71 -9.37 -2.49
N LEU A 63 5.36 -8.56 -1.48
CA LEU A 63 4.50 -7.38 -1.64
C LEU A 63 5.12 -6.37 -2.63
N ILE A 64 6.42 -6.12 -2.48
CA ILE A 64 7.21 -5.27 -3.37
C ILE A 64 7.11 -5.77 -4.83
N LYS A 65 7.22 -7.09 -5.04
CA LYS A 65 7.16 -7.70 -6.37
C LYS A 65 5.79 -7.53 -7.04
N ILE A 66 4.68 -7.74 -6.33
CA ILE A 66 3.33 -7.54 -6.89
C ILE A 66 3.08 -6.06 -7.22
N ILE A 67 3.48 -5.11 -6.35
CA ILE A 67 3.36 -3.67 -6.66
C ILE A 67 4.21 -3.30 -7.89
N ARG A 68 5.46 -3.77 -8.00
CA ARG A 68 6.35 -3.51 -9.14
C ARG A 68 5.72 -4.01 -10.46
N ARG A 69 5.12 -5.21 -10.45
CA ARG A 69 4.43 -5.79 -11.62
C ARG A 69 3.12 -5.08 -11.97
N ARG A 70 2.34 -4.64 -10.97
CA ARG A 70 1.08 -3.89 -11.16
C ARG A 70 1.31 -2.47 -11.70
N LEU A 71 2.34 -1.77 -11.22
CA LEU A 71 2.79 -0.50 -11.80
C LEU A 71 3.38 -0.74 -13.21
N GLN A 72 3.26 0.23 -14.12
CA GLN A 72 3.80 0.15 -15.49
C GLN A 72 5.31 0.43 -15.56
N LEU A 73 6.09 -0.32 -14.77
CA LEU A 73 7.53 -0.17 -14.60
C LEU A 73 8.24 -1.51 -14.86
N ASN A 74 8.97 -1.61 -15.97
CA ASN A 74 9.85 -2.75 -16.27
C ASN A 74 11.07 -2.75 -15.32
N ALA A 75 11.73 -3.89 -15.13
CA ALA A 75 12.87 -4.05 -14.21
C ALA A 75 14.09 -3.16 -14.54
N ASN A 76 14.20 -2.66 -15.79
CA ASN A 76 15.19 -1.68 -16.22
C ASN A 76 14.98 -0.27 -15.60
N GLN A 77 13.76 0.08 -15.21
CA GLN A 77 13.43 1.37 -14.58
C GLN A 77 13.94 1.45 -13.13
N ALA A 78 14.43 2.62 -12.70
CA ALA A 78 14.79 2.87 -11.31
C ALA A 78 13.52 2.97 -10.43
N PHE A 79 13.33 2.02 -9.51
CA PHE A 79 12.16 1.91 -8.64
C PHE A 79 12.39 1.25 -7.27
N PHE A 80 11.76 1.79 -6.22
CA PHE A 80 11.76 1.25 -4.86
C PHE A 80 10.43 1.51 -4.14
N LEU A 81 9.83 0.47 -3.54
CA LEU A 81 8.68 0.62 -2.63
C LEU A 81 9.24 0.71 -1.21
N LEU A 82 8.89 1.80 -0.53
CA LEU A 82 9.45 2.22 0.76
C LEU A 82 8.41 2.11 1.87
N VAL A 83 8.75 1.51 3.01
CA VAL A 83 7.90 1.53 4.21
C VAL A 83 8.29 2.71 5.11
N ASN A 84 7.33 3.58 5.44
CA ASN A 84 7.56 4.83 6.18
C ASN A 84 8.79 5.62 5.66
N GLY A 85 8.96 5.67 4.33
CA GLY A 85 10.01 6.41 3.63
C GLY A 85 11.39 5.73 3.49
N HIS A 86 11.58 4.49 3.96
CA HIS A 86 12.82 3.71 3.75
C HIS A 86 12.59 2.43 2.94
N SER A 87 13.55 2.03 2.10
CA SER A 87 13.47 0.81 1.28
C SER A 87 13.41 -0.48 2.11
N MET A 88 12.74 -1.51 1.60
CA MET A 88 12.60 -2.84 2.22
C MET A 88 12.77 -4.03 1.24
N VAL A 89 13.45 -3.86 0.10
CA VAL A 89 13.59 -4.92 -0.93
C VAL A 89 14.25 -6.21 -0.41
N SER A 90 15.20 -6.09 0.52
CA SER A 90 15.88 -7.22 1.18
C SER A 90 15.11 -7.85 2.36
N VAL A 91 13.97 -7.29 2.77
CA VAL A 91 13.26 -7.65 4.02
C VAL A 91 12.38 -8.89 3.83
N SER A 92 12.64 -9.92 4.65
CA SER A 92 11.87 -11.18 4.74
C SER A 92 10.67 -11.13 5.68
N THR A 93 10.55 -10.10 6.53
CA THR A 93 9.47 -9.90 7.52
C THR A 93 8.03 -10.01 7.00
N PRO A 94 7.11 -10.73 7.69
CA PRO A 94 5.70 -10.78 7.33
C PRO A 94 4.99 -9.43 7.52
N ILE A 95 4.02 -9.15 6.66
CA ILE A 95 3.34 -7.85 6.58
C ILE A 95 2.57 -7.48 7.87
N SER A 96 2.15 -8.45 8.68
CA SER A 96 1.51 -8.24 9.99
C SER A 96 2.46 -7.64 11.03
N GLU A 97 3.71 -8.11 11.10
CA GLU A 97 4.73 -7.55 12.00
C GLU A 97 5.14 -6.13 11.58
N VAL A 98 5.27 -5.90 10.26
CA VAL A 98 5.47 -4.54 9.71
C VAL A 98 4.27 -3.62 9.99
N TYR A 99 3.04 -4.15 9.95
CA TYR A 99 1.85 -3.44 10.41
C TYR A 99 1.92 -2.93 11.85
N GLU A 100 2.25 -3.80 12.81
CA GLU A 100 2.37 -3.42 14.21
C GLU A 100 3.43 -2.34 14.48
N SER A 101 4.58 -2.37 13.78
CA SER A 101 5.67 -1.40 13.95
C SER A 101 5.49 -0.08 13.18
N GLU A 102 4.58 -0.01 12.20
CA GLU A 102 4.37 1.16 11.31
C GLU A 102 2.91 1.67 11.28
N LYS A 103 2.17 1.51 12.39
CA LYS A 103 0.81 2.06 12.57
C LYS A 103 0.80 3.60 12.57
N ASP A 104 0.06 4.18 11.63
CA ASP A 104 -0.27 5.62 11.60
C ASP A 104 -1.38 5.93 12.65
N GLU A 105 -1.79 7.20 12.80
CA GLU A 105 -2.69 7.68 13.87
C GLU A 105 -4.04 6.95 14.00
N ASP A 106 -4.57 6.37 12.90
CA ASP A 106 -5.79 5.54 12.88
C ASP A 106 -5.53 4.01 12.86
N GLY A 107 -4.28 3.59 12.68
CA GLY A 107 -3.86 2.19 12.53
C GLY A 107 -3.42 1.77 11.12
N PHE A 108 -3.58 2.60 10.08
CA PHE A 108 -3.01 2.30 8.75
C PHE A 108 -1.49 2.07 8.69
N LEU A 109 -1.03 1.07 7.93
CA LEU A 109 0.39 0.90 7.61
C LEU A 109 0.77 1.86 6.47
N TYR A 110 1.76 2.72 6.66
CA TYR A 110 2.30 3.62 5.63
C TYR A 110 3.40 3.09 4.70
N MET A 111 3.18 3.21 3.39
CA MET A 111 4.19 2.99 2.34
C MET A 111 4.16 4.12 1.30
N VAL A 112 5.34 4.46 0.77
CA VAL A 112 5.48 5.36 -0.39
C VAL A 112 6.43 4.74 -1.41
N TYR A 113 6.41 5.11 -2.68
CA TYR A 113 7.39 4.58 -3.65
C TYR A 113 8.03 5.71 -4.46
N ALA A 114 9.25 5.46 -4.93
CA ALA A 114 10.12 6.47 -5.53
C ALA A 114 11.15 5.82 -6.48
N SER A 115 11.89 6.62 -7.23
CA SER A 115 13.02 6.13 -8.04
C SER A 115 14.31 5.89 -7.22
N GLN A 116 14.29 6.15 -5.90
CA GLN A 116 15.43 6.05 -4.98
C GLN A 116 15.01 5.47 -3.61
N GLU A 117 15.98 4.95 -2.83
CA GLU A 117 15.74 4.16 -1.60
C GLU A 117 15.27 4.93 -0.34
N THR A 118 15.46 6.25 -0.26
CA THR A 118 14.97 7.12 0.83
C THR A 118 14.56 8.53 0.36
N PHE A 119 13.85 9.28 1.21
CA PHE A 119 13.55 10.70 0.98
C PHE A 119 14.73 11.68 0.80
N GLY A 120 15.95 11.27 1.18
CA GLY A 120 17.19 12.05 1.09
C GLY A 120 17.23 13.28 2.02
N ASP B 1 -9.97 -9.66 -8.60
CA ASP B 1 -10.89 -8.80 -7.80
C ASP B 1 -10.56 -7.30 -7.83
N TYR B 2 -11.48 -6.44 -7.39
CA TYR B 2 -11.38 -4.98 -7.47
C TYR B 2 -10.33 -4.25 -6.63
N GLU B 3 -9.76 -3.18 -7.18
CA GLU B 3 -8.75 -2.30 -6.56
C GLU B 3 -9.34 -1.09 -5.80
N SER B 4 -10.65 -0.86 -5.91
CA SER B 4 -11.41 0.12 -5.10
C SER B 4 -12.92 -0.10 -5.20
N ASP B 5 -13.57 -0.09 -4.04
CA ASP B 5 -15.03 -0.14 -3.84
C ASP B 5 -15.29 0.37 -2.38
N ASP B 6 -16.45 0.07 -1.80
CA ASP B 6 -16.83 0.31 -0.41
C ASP B 6 -17.41 -0.90 0.37
N ASP B 7 -17.41 -0.80 1.70
CA ASP B 7 -17.84 -1.83 2.67
C ASP B 7 -17.01 -3.13 2.77
N SER B 8 -16.63 -3.74 1.65
CA SER B 8 -15.71 -4.88 1.58
C SER B 8 -15.07 -5.04 0.18
N TYR B 9 -13.83 -5.53 0.16
CA TYR B 9 -12.92 -5.59 -1.00
C TYR B 9 -11.62 -6.40 -0.82
N GLU B 10 -10.89 -6.67 -1.92
CA GLU B 10 -9.53 -7.23 -1.87
C GLU B 10 -8.43 -6.15 -2.03
N VAL B 11 -8.65 -5.14 -2.87
CA VAL B 11 -7.80 -3.94 -3.06
C VAL B 11 -6.39 -4.15 -3.66
N LEU B 12 -5.67 -5.21 -3.28
CA LEU B 12 -4.40 -5.70 -3.88
C LEU B 12 -4.63 -6.44 -5.23
N ASP B 13 -5.86 -6.37 -5.74
CA ASP B 13 -6.48 -7.08 -6.87
C ASP B 13 -6.42 -8.62 -6.93
N LEU B 14 -5.38 -9.24 -6.38
CA LEU B 14 -5.30 -10.69 -6.15
C LEU B 14 -6.30 -11.16 -5.08
N THR B 15 -6.78 -12.40 -5.22
CA THR B 15 -7.74 -13.04 -4.30
C THR B 15 -7.15 -14.11 -3.37
N GLU B 16 -7.44 -14.05 -2.07
CA GLU B 16 -7.00 -15.02 -1.06
C GLU B 16 -8.00 -15.08 0.11
N TYR B 17 -8.27 -16.29 0.62
CA TYR B 17 -9.20 -16.58 1.72
C TYR B 17 -8.86 -17.75 2.66
N MET A 1 -11.90 6.50 -6.85
CA MET A 1 -10.42 6.52 -6.58
C MET A 1 -9.55 6.16 -7.80
N PRO A 2 -9.54 4.91 -8.32
CA PRO A 2 -8.55 4.50 -9.34
C PRO A 2 -8.61 5.34 -10.62
N SER A 3 -7.60 6.20 -10.78
CA SER A 3 -7.50 7.27 -11.79
C SER A 3 -6.07 7.84 -11.85
N GLU A 4 -5.86 8.91 -12.63
CA GLU A 4 -4.59 9.67 -12.68
C GLU A 4 -4.35 10.59 -11.45
N LYS A 5 -5.33 10.71 -10.52
CA LYS A 5 -5.28 11.63 -9.36
C LYS A 5 -5.41 10.91 -8.01
N THR A 6 -5.03 11.60 -6.93
CA THR A 6 -4.87 11.03 -5.58
C THR A 6 -6.14 10.65 -4.80
N PHE A 7 -6.00 9.69 -3.87
CA PHE A 7 -7.05 9.23 -2.93
C PHE A 7 -7.59 10.27 -1.94
N LYS A 8 -6.75 11.26 -1.58
CA LYS A 8 -7.08 12.39 -0.68
C LYS A 8 -8.21 13.28 -1.21
N GLN A 9 -8.45 13.29 -2.52
CA GLN A 9 -9.57 14.01 -3.14
C GLN A 9 -10.94 13.47 -2.68
N ARG A 10 -11.03 12.17 -2.34
CA ARG A 10 -12.26 11.53 -1.82
C ARG A 10 -12.25 11.29 -0.31
N ARG A 11 -11.25 10.57 0.23
CA ARG A 11 -11.19 10.18 1.65
C ARG A 11 -10.40 11.15 2.55
N THR A 12 -10.76 11.15 3.82
CA THR A 12 -10.23 11.98 4.94
C THR A 12 -10.11 11.09 6.18
N PHE A 13 -9.45 11.56 7.24
CA PHE A 13 -9.28 10.80 8.49
C PHE A 13 -10.51 10.10 9.08
N GLU A 14 -11.65 10.79 9.19
CA GLU A 14 -12.88 10.17 9.72
C GLU A 14 -13.38 9.02 8.84
N GLN A 15 -13.28 9.17 7.51
CA GLN A 15 -13.64 8.13 6.55
C GLN A 15 -12.66 6.94 6.59
N ARG A 16 -11.34 7.22 6.69
CA ARG A 16 -10.30 6.19 6.80
C ARG A 16 -10.36 5.41 8.12
N VAL A 17 -10.66 6.08 9.24
CA VAL A 17 -10.83 5.45 10.56
C VAL A 17 -11.97 4.44 10.50
N GLU A 18 -13.12 4.79 9.91
CA GLU A 18 -14.22 3.84 9.69
C GLU A 18 -13.82 2.67 8.78
N ASP A 19 -13.23 2.94 7.60
CA ASP A 19 -12.75 1.91 6.68
C ASP A 19 -11.77 0.89 7.30
N VAL A 20 -10.78 1.39 8.05
CA VAL A 20 -9.83 0.58 8.85
C VAL A 20 -10.59 -0.22 9.90
N ARG A 21 -11.54 0.38 10.64
CA ARG A 21 -12.30 -0.31 11.70
C ARG A 21 -13.09 -1.50 11.15
N LEU A 22 -13.78 -1.34 10.01
CA LEU A 22 -14.44 -2.42 9.29
C LEU A 22 -13.47 -3.58 8.99
N ILE A 23 -12.39 -3.35 8.24
CA ILE A 23 -11.49 -4.45 7.83
C ILE A 23 -10.80 -5.13 9.03
N ARG A 24 -10.24 -4.33 9.96
CA ARG A 24 -9.46 -4.84 11.10
C ARG A 24 -10.29 -5.66 12.09
N GLU A 25 -11.59 -5.39 12.19
CA GLU A 25 -12.54 -6.20 12.97
C GLU A 25 -13.05 -7.42 12.20
N GLN A 26 -13.49 -7.25 10.93
CA GLN A 26 -14.19 -8.30 10.20
C GLN A 26 -13.25 -9.43 9.68
N HIS A 27 -12.00 -9.10 9.33
CA HIS A 27 -10.99 -10.08 8.86
C HIS A 27 -9.61 -9.77 9.50
N PRO A 28 -9.34 -10.16 10.76
CA PRO A 28 -8.05 -9.92 11.42
C PRO A 28 -6.84 -10.58 10.72
N THR A 29 -7.09 -11.58 9.85
CA THR A 29 -6.09 -12.17 8.93
C THR A 29 -5.61 -11.24 7.80
N LYS A 30 -6.25 -10.08 7.59
CA LYS A 30 -5.86 -9.06 6.59
C LYS A 30 -5.45 -7.72 7.23
N ILE A 31 -4.57 -7.01 6.54
CA ILE A 31 -3.90 -5.78 7.00
C ILE A 31 -4.34 -4.59 6.13
N PRO A 32 -4.80 -3.46 6.71
CA PRO A 32 -5.07 -2.24 5.96
C PRO A 32 -3.76 -1.52 5.56
N VAL A 33 -3.57 -1.28 4.27
CA VAL A 33 -2.36 -0.62 3.71
C VAL A 33 -2.72 0.52 2.74
N ILE A 34 -1.98 1.62 2.81
CA ILE A 34 -2.06 2.74 1.84
C ILE A 34 -0.74 2.84 1.08
N ILE A 35 -0.78 3.09 -0.23
CA ILE A 35 0.40 3.24 -1.11
C ILE A 35 0.26 4.51 -1.96
N GLU A 36 1.30 5.34 -2.03
CA GLU A 36 1.26 6.57 -2.86
C GLU A 36 2.64 6.99 -3.41
N ARG A 37 2.69 7.55 -4.62
CA ARG A 37 3.90 8.20 -5.16
C ARG A 37 4.40 9.30 -4.20
N TYR A 38 5.70 9.30 -3.86
CA TYR A 38 6.27 10.23 -2.89
C TYR A 38 6.06 11.74 -3.18
N LYS A 39 5.51 12.48 -2.20
CA LYS A 39 5.05 13.88 -2.36
C LYS A 39 6.17 14.87 -2.67
N GLY A 40 7.35 14.68 -2.08
CA GLY A 40 8.50 15.59 -2.20
C GLY A 40 9.30 15.45 -3.50
N GLU A 41 9.18 14.30 -4.20
CA GLU A 41 9.84 14.04 -5.48
C GLU A 41 8.99 13.08 -6.34
N LYS A 42 8.09 13.65 -7.14
CA LYS A 42 7.15 12.95 -8.05
C LYS A 42 7.82 12.41 -9.33
N GLN A 43 9.06 11.92 -9.24
CA GLN A 43 9.90 11.56 -10.40
C GLN A 43 9.39 10.33 -11.18
N LEU A 44 8.98 9.27 -10.47
CA LEU A 44 8.32 8.09 -11.07
C LEU A 44 6.92 8.44 -11.63
N PRO A 45 6.40 7.68 -12.61
CA PRO A 45 5.01 7.81 -13.06
C PRO A 45 4.03 7.35 -11.96
N VAL A 46 2.85 8.00 -11.88
CA VAL A 46 1.72 7.55 -11.05
C VAL A 46 0.81 6.55 -11.77
N LEU A 47 0.29 5.56 -11.04
CA LEU A 47 -0.69 4.58 -11.53
C LEU A 47 -1.89 4.47 -10.56
N ASP A 48 -2.97 3.85 -11.02
CA ASP A 48 -4.28 3.83 -10.35
C ASP A 48 -4.44 3.09 -8.99
N LYS A 49 -3.49 2.24 -8.59
CA LYS A 49 -3.52 1.54 -7.29
C LYS A 49 -3.02 2.42 -6.13
N THR A 50 -3.92 2.73 -5.17
CA THR A 50 -3.66 3.60 -3.99
C THR A 50 -3.83 2.97 -2.60
N LYS A 51 -4.40 1.76 -2.53
CA LYS A 51 -4.69 1.02 -1.27
C LYS A 51 -4.47 -0.48 -1.46
N PHE A 52 -4.24 -1.21 -0.36
CA PHE A 52 -4.22 -2.68 -0.33
C PHE A 52 -4.79 -3.27 0.97
N LEU A 53 -5.55 -4.36 0.89
CA LEU A 53 -5.98 -5.14 2.06
C LEU A 53 -5.22 -6.48 1.98
N VAL A 54 -4.01 -6.51 2.55
CA VAL A 54 -3.04 -7.61 2.38
C VAL A 54 -3.24 -8.79 3.34
N PRO A 55 -3.29 -10.05 2.89
CA PRO A 55 -3.29 -11.23 3.77
C PRO A 55 -1.99 -11.33 4.60
N ASP A 56 -2.09 -11.69 5.88
CA ASP A 56 -0.97 -11.74 6.83
C ASP A 56 0.22 -12.65 6.43
N HIS A 57 -0.03 -13.66 5.59
CA HIS A 57 0.99 -14.59 5.07
C HIS A 57 1.92 -13.98 4.00
N VAL A 58 1.56 -12.83 3.40
CA VAL A 58 2.41 -12.10 2.44
C VAL A 58 3.62 -11.48 3.19
N ASN A 59 4.81 -11.48 2.60
CA ASN A 59 5.98 -10.77 3.12
C ASN A 59 6.31 -9.51 2.29
N MET A 60 7.14 -8.61 2.82
CA MET A 60 7.46 -7.36 2.12
C MET A 60 8.13 -7.55 0.75
N SER A 61 9.13 -8.44 0.64
CA SER A 61 9.76 -8.74 -0.65
C SER A 61 8.74 -9.22 -1.70
N GLU A 62 7.81 -10.10 -1.31
CA GLU A 62 6.72 -10.59 -2.16
C GLU A 62 5.77 -9.46 -2.60
N LEU A 63 5.29 -8.63 -1.65
CA LEU A 63 4.50 -7.43 -1.97
C LEU A 63 5.24 -6.52 -2.96
N ILE A 64 6.53 -6.30 -2.73
CA ILE A 64 7.37 -5.39 -3.52
C ILE A 64 7.52 -5.86 -4.97
N LYS A 65 7.70 -7.16 -5.25
CA LYS A 65 7.76 -7.67 -6.64
C LYS A 65 6.41 -7.58 -7.38
N ILE A 66 5.26 -7.83 -6.73
CA ILE A 66 3.95 -7.59 -7.39
C ILE A 66 3.72 -6.09 -7.63
N ILE A 67 4.00 -5.21 -6.66
CA ILE A 67 3.89 -3.76 -6.85
C ILE A 67 4.81 -3.24 -7.97
N ARG A 68 6.08 -3.67 -8.02
CA ARG A 68 7.03 -3.29 -9.10
C ARG A 68 6.47 -3.66 -10.49
N ARG A 69 5.92 -4.87 -10.64
CA ARG A 69 5.28 -5.34 -11.88
C ARG A 69 4.00 -4.56 -12.21
N ARG A 70 3.11 -4.32 -11.26
CA ARG A 70 1.87 -3.52 -11.50
C ARG A 70 2.15 -2.05 -11.84
N LEU A 71 3.22 -1.48 -11.29
CA LEU A 71 3.74 -0.15 -11.68
C LEU A 71 4.54 -0.18 -13.01
N GLN A 72 4.76 -1.36 -13.59
CA GLN A 72 5.52 -1.63 -14.82
C GLN A 72 6.98 -1.12 -14.80
N LEU A 73 7.62 -1.14 -13.63
CA LEU A 73 8.98 -0.66 -13.40
C LEU A 73 9.98 -1.83 -13.52
N ASN A 74 10.35 -2.20 -14.75
CA ASN A 74 11.23 -3.35 -15.06
C ASN A 74 12.60 -3.29 -14.37
N ALA A 75 13.37 -4.39 -14.38
CA ALA A 75 14.63 -4.53 -13.62
C ALA A 75 15.66 -3.42 -13.89
N ASN A 76 15.70 -2.90 -15.13
CA ASN A 76 16.58 -1.79 -15.55
C ASN A 76 16.15 -0.43 -14.95
N GLN A 77 14.87 -0.24 -14.62
CA GLN A 77 14.31 0.97 -14.04
C GLN A 77 14.52 1.02 -12.52
N ALA A 78 15.07 2.13 -12.01
CA ALA A 78 15.23 2.37 -10.58
C ALA A 78 13.86 2.50 -9.89
N PHE A 79 13.69 1.84 -8.74
CA PHE A 79 12.46 1.83 -7.93
C PHE A 79 12.64 1.41 -6.47
N PHE A 80 11.97 2.12 -5.55
CA PHE A 80 11.93 1.79 -4.12
C PHE A 80 10.54 1.92 -3.50
N LEU A 81 10.09 0.87 -2.78
CA LEU A 81 8.89 0.90 -1.94
C LEU A 81 9.31 1.29 -0.52
N LEU A 82 8.76 2.40 -0.04
CA LEU A 82 9.16 3.09 1.18
C LEU A 82 8.07 2.97 2.25
N VAL A 83 8.14 1.94 3.10
CA VAL A 83 7.27 1.83 4.28
C VAL A 83 7.67 2.87 5.32
N ASN A 84 6.72 3.71 5.76
CA ASN A 84 6.99 4.86 6.63
C ASN A 84 8.21 5.69 6.15
N GLY A 85 8.27 5.94 4.83
CA GLY A 85 9.31 6.72 4.16
C GLY A 85 10.69 6.07 3.99
N HIS A 86 10.86 4.77 4.33
CA HIS A 86 12.15 4.06 4.29
C HIS A 86 12.08 2.72 3.55
N SER A 87 13.12 2.38 2.78
CA SER A 87 13.15 1.19 1.91
C SER A 87 13.05 -0.14 2.67
N MET A 88 12.24 -1.07 2.14
CA MET A 88 12.06 -2.43 2.68
C MET A 88 12.35 -3.54 1.64
N VAL A 89 13.06 -3.25 0.54
CA VAL A 89 13.23 -4.20 -0.60
C VAL A 89 13.94 -5.53 -0.24
N SER A 90 14.75 -5.55 0.82
CA SER A 90 15.44 -6.76 1.32
C SER A 90 14.68 -7.52 2.42
N VAL A 91 13.49 -7.06 2.84
CA VAL A 91 12.78 -7.57 4.03
C VAL A 91 11.94 -8.82 3.71
N SER A 92 12.27 -9.93 4.37
CA SER A 92 11.56 -11.23 4.27
C SER A 92 10.45 -11.44 5.32
N THR A 93 10.31 -10.54 6.30
CA THR A 93 9.30 -10.64 7.37
C THR A 93 7.82 -10.53 6.94
N PRO A 94 6.85 -11.22 7.58
CA PRO A 94 5.42 -11.12 7.26
C PRO A 94 4.85 -9.70 7.42
N ILE A 95 3.86 -9.35 6.59
CA ILE A 95 3.24 -8.03 6.53
C ILE A 95 2.56 -7.62 7.86
N SER A 96 2.09 -8.59 8.65
CA SER A 96 1.54 -8.38 10.00
C SER A 96 2.58 -7.84 11.01
N GLU A 97 3.82 -8.33 10.97
CA GLU A 97 4.93 -7.83 11.80
C GLU A 97 5.30 -6.39 11.42
N VAL A 98 5.33 -6.08 10.11
CA VAL A 98 5.50 -4.72 9.60
C VAL A 98 4.33 -3.80 9.97
N TYR A 99 3.10 -4.29 9.95
CA TYR A 99 1.93 -3.59 10.49
C TYR A 99 2.04 -3.16 11.95
N GLU A 100 2.37 -4.08 12.86
CA GLU A 100 2.57 -3.78 14.27
C GLU A 100 3.73 -2.77 14.50
N SER A 101 4.74 -2.79 13.64
CA SER A 101 5.90 -1.90 13.71
C SER A 101 5.71 -0.51 13.07
N GLU A 102 4.97 -0.41 11.97
CA GLU A 102 4.89 0.79 11.11
C GLU A 102 3.46 1.33 10.82
N LYS A 103 2.43 0.89 11.56
CA LYS A 103 1.09 1.52 11.49
C LYS A 103 1.18 3.01 11.85
N ASP A 104 0.50 3.86 11.07
CA ASP A 104 0.45 5.31 11.30
C ASP A 104 -0.67 5.62 12.34
N GLU A 105 -0.87 6.91 12.65
CA GLU A 105 -1.71 7.43 13.73
C GLU A 105 -3.10 6.79 13.89
N ASP A 106 -3.80 6.52 12.77
CA ASP A 106 -5.13 5.89 12.72
C ASP A 106 -5.21 4.40 12.32
N GLY A 107 -4.09 3.69 12.47
CA GLY A 107 -4.01 2.22 12.36
C GLY A 107 -3.75 1.64 10.97
N PHE A 108 -3.74 2.45 9.90
CA PHE A 108 -3.28 1.99 8.57
C PHE A 108 -1.77 1.81 8.44
N LEU A 109 -1.31 0.76 7.76
CA LEU A 109 0.11 0.61 7.41
C LEU A 109 0.45 1.54 6.22
N TYR A 110 1.31 2.53 6.47
CA TYR A 110 1.66 3.57 5.51
C TYR A 110 2.87 3.30 4.60
N MET A 111 2.68 3.36 3.27
CA MET A 111 3.74 3.14 2.27
C MET A 111 3.72 4.25 1.19
N VAL A 112 4.91 4.62 0.71
CA VAL A 112 5.07 5.49 -0.48
C VAL A 112 6.07 4.88 -1.45
N TYR A 113 6.19 5.38 -2.69
CA TYR A 113 7.23 4.92 -3.62
C TYR A 113 8.00 6.04 -4.32
N ALA A 114 9.26 5.80 -4.67
CA ALA A 114 10.16 6.79 -5.27
C ALA A 114 11.34 6.14 -6.02
N SER A 115 12.13 6.97 -6.71
CA SER A 115 13.40 6.58 -7.37
C SER A 115 14.60 6.47 -6.40
N GLN A 116 14.37 6.55 -5.08
CA GLN A 116 15.41 6.64 -4.04
C GLN A 116 14.97 5.90 -2.75
N GLU A 117 15.92 5.35 -2.00
CA GLU A 117 15.66 4.48 -0.83
C GLU A 117 15.17 5.20 0.44
N THR A 118 15.33 6.53 0.50
CA THR A 118 15.03 7.35 1.69
C THR A 118 14.78 8.83 1.36
N PHE A 119 14.21 9.55 2.32
CA PHE A 119 14.09 11.03 2.34
C PHE A 119 14.55 11.73 3.63
N GLY A 120 15.32 11.01 4.46
CA GLY A 120 15.83 11.43 5.77
C GLY A 120 14.95 10.97 6.92
N ASP B 1 -12.63 -6.33 -11.08
CA ASP B 1 -13.36 -6.40 -9.78
C ASP B 1 -12.57 -5.94 -8.55
N TYR B 2 -11.73 -6.81 -7.96
CA TYR B 2 -11.00 -6.55 -6.72
C TYR B 2 -9.78 -5.61 -6.75
N GLU B 3 -9.97 -4.41 -7.29
CA GLU B 3 -8.94 -3.36 -7.38
C GLU B 3 -9.39 -1.99 -6.82
N SER B 4 -10.62 -1.92 -6.30
CA SER B 4 -11.22 -0.82 -5.53
C SER B 4 -12.69 -1.18 -5.22
N ASP B 5 -13.03 -1.24 -3.94
CA ASP B 5 -14.41 -1.43 -3.48
C ASP B 5 -14.53 -0.90 -2.02
N ASP B 6 -15.67 -1.17 -1.39
CA ASP B 6 -16.03 -0.78 -0.02
C ASP B 6 -16.56 -2.00 0.79
N ASP B 7 -16.76 -1.83 2.10
CA ASP B 7 -17.23 -2.84 3.05
C ASP B 7 -16.28 -4.04 3.30
N SER B 8 -16.41 -5.12 2.51
CA SER B 8 -15.56 -6.34 2.57
C SER B 8 -15.02 -6.66 1.18
N TYR B 9 -13.70 -6.52 1.00
CA TYR B 9 -13.07 -6.57 -0.32
C TYR B 9 -11.56 -6.89 -0.30
N GLU B 10 -10.91 -6.83 -1.46
CA GLU B 10 -9.47 -6.95 -1.69
C GLU B 10 -9.06 -5.97 -2.81
N VAL B 11 -7.77 -5.64 -2.97
CA VAL B 11 -7.24 -4.58 -3.88
C VAL B 11 -6.03 -4.95 -4.75
N LEU B 12 -5.31 -6.02 -4.41
CA LEU B 12 -4.25 -6.66 -5.21
C LEU B 12 -4.84 -7.51 -6.36
N ASP B 13 -6.17 -7.52 -6.52
CA ASP B 13 -6.96 -8.37 -7.42
C ASP B 13 -6.74 -9.90 -7.35
N LEU B 14 -6.20 -10.40 -6.23
CA LEU B 14 -5.98 -11.85 -5.97
C LEU B 14 -7.03 -12.46 -5.03
N THR B 15 -7.70 -11.67 -4.19
CA THR B 15 -8.87 -12.06 -3.39
C THR B 15 -8.77 -13.34 -2.53
N GLU B 16 -7.57 -13.61 -1.99
CA GLU B 16 -7.27 -14.78 -1.15
C GLU B 16 -8.07 -14.85 0.17
N TYR B 17 -8.25 -16.07 0.69
CA TYR B 17 -9.04 -16.38 1.90
C TYR B 17 -8.83 -15.50 3.15
N MET A 1 -10.87 5.52 -3.72
CA MET A 1 -10.96 6.01 -5.13
C MET A 1 -9.71 5.59 -5.94
N PRO A 2 -9.83 4.65 -6.91
CA PRO A 2 -8.66 4.17 -7.68
C PRO A 2 -8.10 5.19 -8.69
N SER A 3 -8.99 5.86 -9.43
CA SER A 3 -8.64 6.70 -10.60
C SER A 3 -7.75 7.92 -10.30
N GLU A 4 -6.60 7.98 -10.98
CA GLU A 4 -5.63 9.10 -11.09
C GLU A 4 -5.08 9.70 -9.78
N LYS A 5 -5.92 10.43 -9.05
CA LYS A 5 -5.56 11.26 -7.89
C LYS A 5 -5.33 10.46 -6.59
N THR A 6 -4.62 11.06 -5.64
CA THR A 6 -4.50 10.53 -4.27
C THR A 6 -5.82 10.49 -3.49
N PHE A 7 -5.90 9.70 -2.41
CA PHE A 7 -7.15 9.56 -1.63
C PHE A 7 -7.57 10.85 -0.93
N LYS A 8 -6.64 11.76 -0.63
CA LYS A 8 -6.88 12.95 0.23
C LYS A 8 -7.90 13.94 -0.34
N GLN A 9 -8.15 13.87 -1.66
CA GLN A 9 -9.22 14.59 -2.37
C GLN A 9 -10.64 14.19 -1.89
N ARG A 10 -10.82 13.02 -1.27
CA ARG A 10 -12.11 12.52 -0.75
C ARG A 10 -12.07 11.91 0.66
N ARG A 11 -11.08 11.06 0.97
CA ARG A 11 -10.98 10.30 2.24
C ARG A 11 -10.10 11.09 3.23
N THR A 12 -10.71 11.61 4.29
CA THR A 12 -10.05 12.38 5.39
C THR A 12 -9.55 11.42 6.48
N PHE A 13 -8.78 11.92 7.45
CA PHE A 13 -8.31 11.15 8.62
C PHE A 13 -9.39 10.34 9.37
N GLU A 14 -10.54 10.96 9.66
CA GLU A 14 -11.68 10.28 10.28
C GLU A 14 -12.23 9.16 9.38
N GLN A 15 -12.32 9.41 8.06
CA GLN A 15 -12.69 8.37 7.10
C GLN A 15 -11.62 7.27 6.95
N ARG A 16 -10.34 7.55 7.21
CA ARG A 16 -9.27 6.54 7.25
C ARG A 16 -9.39 5.65 8.51
N VAL A 17 -9.76 6.23 9.66
CA VAL A 17 -10.11 5.45 10.86
C VAL A 17 -11.34 4.57 10.58
N GLU A 18 -12.37 5.09 9.91
CA GLU A 18 -13.55 4.30 9.49
C GLU A 18 -13.19 3.16 8.52
N ASP A 19 -12.36 3.44 7.49
CA ASP A 19 -11.75 2.41 6.63
C ASP A 19 -11.13 1.26 7.42
N VAL A 20 -10.18 1.57 8.32
CA VAL A 20 -9.45 0.58 9.12
C VAL A 20 -10.42 -0.21 10.01
N ARG A 21 -11.30 0.48 10.76
CA ARG A 21 -12.23 -0.15 11.71
C ARG A 21 -13.15 -1.14 11.00
N LEU A 22 -13.85 -0.69 9.96
CA LEU A 22 -14.78 -1.52 9.19
C LEU A 22 -14.05 -2.69 8.53
N ILE A 23 -12.94 -2.42 7.82
CA ILE A 23 -12.31 -3.44 6.99
C ILE A 23 -11.60 -4.52 7.80
N ARG A 24 -10.92 -4.19 8.91
CA ARG A 24 -10.24 -5.21 9.73
C ARG A 24 -11.24 -6.03 10.56
N GLU A 25 -12.35 -5.43 11.01
CA GLU A 25 -13.42 -6.17 11.69
C GLU A 25 -14.18 -7.12 10.73
N GLN A 26 -14.53 -6.65 9.52
CA GLN A 26 -15.28 -7.45 8.54
C GLN A 26 -14.40 -8.39 7.68
N HIS A 27 -13.06 -8.20 7.68
CA HIS A 27 -12.08 -9.04 6.97
C HIS A 27 -10.81 -9.32 7.83
N PRO A 28 -10.91 -10.07 8.95
CA PRO A 28 -9.79 -10.30 9.89
C PRO A 28 -8.53 -10.97 9.29
N THR A 29 -8.65 -11.60 8.12
CA THR A 29 -7.55 -12.23 7.36
C THR A 29 -6.60 -11.25 6.66
N LYS A 30 -6.93 -9.95 6.55
CA LYS A 30 -6.13 -8.95 5.80
C LYS A 30 -5.78 -7.67 6.58
N ILE A 31 -4.60 -7.11 6.30
CA ILE A 31 -4.03 -5.86 6.83
C ILE A 31 -4.43 -4.65 5.97
N PRO A 32 -4.86 -3.52 6.55
CA PRO A 32 -5.06 -2.26 5.82
C PRO A 32 -3.72 -1.56 5.51
N VAL A 33 -3.44 -1.25 4.24
CA VAL A 33 -2.19 -0.64 3.76
C VAL A 33 -2.44 0.61 2.87
N ILE A 34 -1.63 1.66 3.00
CA ILE A 34 -1.64 2.85 2.13
C ILE A 34 -0.39 2.89 1.25
N ILE A 35 -0.52 3.34 0.00
CA ILE A 35 0.61 3.65 -0.89
C ILE A 35 0.38 5.01 -1.57
N GLU A 36 1.31 5.94 -1.39
CA GLU A 36 1.25 7.28 -2.00
C GLU A 36 2.44 7.50 -2.95
N ARG A 37 2.19 8.02 -4.16
CA ARG A 37 3.23 8.50 -5.09
C ARG A 37 4.04 9.59 -4.36
N TYR A 38 5.35 9.39 -4.18
CA TYR A 38 6.18 10.22 -3.30
C TYR A 38 6.19 11.75 -3.55
N LYS A 39 6.02 12.55 -2.48
CA LYS A 39 5.81 14.01 -2.57
C LYS A 39 6.98 14.75 -3.24
N GLY A 40 8.21 14.24 -3.08
CA GLY A 40 9.43 14.80 -3.69
C GLY A 40 9.71 14.37 -5.14
N GLU A 41 9.01 13.36 -5.67
CA GLU A 41 9.20 12.86 -7.04
C GLU A 41 7.94 12.20 -7.62
N LYS A 42 7.35 12.82 -8.67
CA LYS A 42 6.23 12.28 -9.48
C LYS A 42 6.67 11.80 -10.88
N GLN A 43 7.96 11.47 -11.04
CA GLN A 43 8.59 11.10 -12.32
C GLN A 43 8.08 9.75 -12.86
N LEU A 44 8.07 8.69 -12.02
CA LEU A 44 7.42 7.41 -12.35
C LEU A 44 5.88 7.58 -12.45
N PRO A 45 5.19 6.82 -13.34
CA PRO A 45 3.78 7.06 -13.65
C PRO A 45 2.82 6.83 -12.46
N VAL A 46 1.74 7.61 -12.44
CA VAL A 46 0.69 7.56 -11.40
C VAL A 46 -0.42 6.55 -11.72
N LEU A 47 -0.14 5.27 -11.53
CA LEU A 47 -1.11 4.18 -11.77
C LEU A 47 -2.29 4.25 -10.79
N ASP A 48 -3.40 3.63 -11.19
CA ASP A 48 -4.74 3.71 -10.56
C ASP A 48 -4.95 2.92 -9.24
N LYS A 49 -3.97 2.95 -8.32
CA LYS A 49 -4.05 2.35 -6.98
C LYS A 49 -3.43 3.24 -5.90
N THR A 50 -4.08 3.29 -4.72
CA THR A 50 -3.72 4.14 -3.56
C THR A 50 -3.88 3.47 -2.18
N LYS A 51 -4.75 2.47 -2.07
CA LYS A 51 -5.08 1.79 -0.80
C LYS A 51 -5.24 0.28 -1.03
N PHE A 52 -4.65 -0.52 -0.14
CA PHE A 52 -4.50 -1.97 -0.24
C PHE A 52 -4.98 -2.79 0.97
N LEU A 53 -5.32 -4.06 0.75
CA LEU A 53 -5.79 -4.98 1.79
C LEU A 53 -5.04 -6.31 1.64
N VAL A 54 -3.90 -6.43 2.32
CA VAL A 54 -2.93 -7.53 2.11
C VAL A 54 -3.18 -8.70 3.08
N PRO A 55 -3.26 -9.97 2.66
CA PRO A 55 -3.49 -11.08 3.59
C PRO A 55 -2.30 -11.25 4.55
N ASP A 56 -2.59 -11.50 5.82
CA ASP A 56 -1.59 -11.48 6.91
C ASP A 56 -0.33 -12.33 6.68
N HIS A 57 -0.46 -13.41 5.90
CA HIS A 57 0.61 -14.36 5.55
C HIS A 57 1.55 -13.91 4.40
N VAL A 58 1.19 -12.91 3.59
CA VAL A 58 2.06 -12.38 2.51
C VAL A 58 3.25 -11.69 3.20
N ASN A 59 4.48 -11.94 2.74
CA ASN A 59 5.66 -11.26 3.26
C ASN A 59 5.94 -9.93 2.54
N MET A 60 6.77 -9.07 3.14
CA MET A 60 7.07 -7.73 2.64
C MET A 60 7.72 -7.72 1.23
N SER A 61 8.67 -8.63 0.96
CA SER A 61 9.27 -8.79 -0.37
C SER A 61 8.26 -9.25 -1.43
N GLU A 62 7.36 -10.17 -1.08
CA GLU A 62 6.27 -10.63 -1.95
C GLU A 62 5.28 -9.50 -2.27
N LEU A 63 4.89 -8.68 -1.26
CA LEU A 63 4.07 -7.48 -1.47
C LEU A 63 4.76 -6.50 -2.44
N ILE A 64 6.05 -6.25 -2.26
CA ILE A 64 6.86 -5.44 -3.19
C ILE A 64 6.78 -5.99 -4.62
N LYS A 65 6.89 -7.30 -4.81
CA LYS A 65 6.85 -7.94 -6.13
C LYS A 65 5.50 -7.76 -6.84
N ILE A 66 4.38 -8.01 -6.16
CA ILE A 66 3.03 -7.79 -6.75
C ILE A 66 2.79 -6.30 -7.02
N ILE A 67 3.17 -5.39 -6.10
CA ILE A 67 3.00 -3.94 -6.29
C ILE A 67 3.84 -3.42 -7.46
N ARG A 68 5.10 -3.86 -7.63
CA ARG A 68 5.95 -3.49 -8.80
C ARG A 68 5.27 -3.83 -10.13
N ARG A 69 4.67 -5.02 -10.21
CA ARG A 69 3.90 -5.48 -11.39
C ARG A 69 2.58 -4.73 -11.60
N ARG A 70 1.84 -4.42 -10.52
CA ARG A 70 0.59 -3.61 -10.58
C ARG A 70 0.83 -2.13 -10.93
N LEU A 71 2.01 -1.60 -10.61
CA LEU A 71 2.51 -0.29 -11.05
C LEU A 71 3.10 -0.30 -12.49
N GLN A 72 3.11 -1.47 -13.16
CA GLN A 72 3.64 -1.69 -14.52
C GLN A 72 5.14 -1.36 -14.67
N LEU A 73 5.92 -1.46 -13.58
CA LEU A 73 7.35 -1.12 -13.56
C LEU A 73 8.21 -2.34 -13.93
N ASN A 74 8.64 -2.42 -15.19
CA ASN A 74 9.51 -3.48 -15.71
C ASN A 74 10.91 -3.45 -15.07
N ALA A 75 11.69 -4.53 -15.20
CA ALA A 75 12.98 -4.72 -14.52
C ALA A 75 14.03 -3.63 -14.83
N ASN A 76 13.93 -2.97 -16.00
CA ASN A 76 14.79 -1.85 -16.39
C ASN A 76 14.51 -0.54 -15.60
N GLN A 77 13.31 -0.37 -15.03
CA GLN A 77 12.94 0.79 -14.20
C GLN A 77 13.50 0.69 -12.77
N ALA A 78 14.17 1.74 -12.31
CA ALA A 78 14.56 1.90 -10.91
C ALA A 78 13.34 2.17 -10.01
N PHE A 79 13.16 1.38 -8.96
CA PHE A 79 11.97 1.40 -8.10
C PHE A 79 12.18 1.17 -6.59
N PHE A 80 11.51 2.00 -5.79
CA PHE A 80 11.57 2.04 -4.33
C PHE A 80 10.21 2.17 -3.65
N LEU A 81 9.67 1.07 -3.11
CA LEU A 81 8.50 1.08 -2.23
C LEU A 81 9.04 1.18 -0.79
N LEU A 82 8.67 2.23 -0.06
CA LEU A 82 9.24 2.61 1.23
C LEU A 82 8.19 2.60 2.34
N VAL A 83 8.41 1.89 3.44
CA VAL A 83 7.54 1.91 4.63
C VAL A 83 7.93 3.05 5.58
N ASN A 84 6.98 3.94 5.90
CA ASN A 84 7.23 5.15 6.69
C ASN A 84 8.46 5.95 6.19
N GLY A 85 8.65 5.99 4.86
CA GLY A 85 9.78 6.65 4.17
C GLY A 85 11.13 5.90 4.17
N HIS A 86 11.22 4.70 4.78
CA HIS A 86 12.43 3.86 4.83
C HIS A 86 12.32 2.62 3.92
N SER A 87 13.42 2.15 3.32
CA SER A 87 13.44 0.94 2.49
C SER A 87 13.31 -0.36 3.29
N MET A 88 12.71 -1.38 2.68
CA MET A 88 12.50 -2.73 3.25
C MET A 88 12.60 -3.85 2.19
N VAL A 89 13.27 -3.62 1.05
CA VAL A 89 13.32 -4.59 -0.07
C VAL A 89 14.02 -5.92 0.23
N SER A 90 14.86 -5.97 1.26
CA SER A 90 15.51 -7.18 1.78
C SER A 90 14.68 -7.98 2.81
N VAL A 91 13.53 -7.45 3.26
CA VAL A 91 12.76 -7.99 4.39
C VAL A 91 11.81 -9.13 3.97
N SER A 92 11.96 -10.29 4.63
CA SER A 92 11.14 -11.50 4.41
C SER A 92 10.05 -11.75 5.47
N THR A 93 9.85 -10.82 6.41
CA THR A 93 8.81 -10.90 7.47
C THR A 93 7.35 -10.81 6.98
N PRO A 94 6.36 -11.47 7.63
CA PRO A 94 4.94 -11.32 7.29
C PRO A 94 4.42 -9.88 7.42
N ILE A 95 3.48 -9.49 6.57
CA ILE A 95 2.95 -8.11 6.51
C ILE A 95 2.25 -7.67 7.80
N SER A 96 1.73 -8.62 8.59
CA SER A 96 1.20 -8.37 9.95
C SER A 96 2.26 -7.86 10.93
N GLU A 97 3.49 -8.38 10.89
CA GLU A 97 4.61 -7.91 11.71
C GLU A 97 5.05 -6.50 11.28
N VAL A 98 5.07 -6.21 9.98
CA VAL A 98 5.27 -4.86 9.45
C VAL A 98 4.16 -3.89 9.91
N TYR A 99 2.90 -4.33 9.91
CA TYR A 99 1.78 -3.60 10.50
C TYR A 99 1.91 -3.21 11.98
N GLU A 100 2.24 -4.17 12.84
CA GLU A 100 2.49 -3.89 14.27
C GLU A 100 3.66 -2.91 14.49
N SER A 101 4.65 -2.89 13.57
CA SER A 101 5.82 -2.00 13.64
C SER A 101 5.58 -0.60 13.06
N GLU A 102 4.87 -0.47 11.92
CA GLU A 102 4.75 0.77 11.13
C GLU A 102 3.32 1.27 10.81
N LYS A 103 2.29 0.82 11.55
CA LYS A 103 0.94 1.42 11.45
C LYS A 103 0.94 2.88 11.95
N ASP A 104 0.36 3.79 11.17
CA ASP A 104 0.22 5.21 11.48
C ASP A 104 -1.01 5.43 12.41
N GLU A 105 -1.23 6.67 12.88
CA GLU A 105 -2.22 7.02 13.91
C GLU A 105 -3.69 6.73 13.53
N ASP A 106 -4.03 6.69 12.23
CA ASP A 106 -5.34 6.22 11.73
C ASP A 106 -5.53 4.69 11.75
N GLY A 107 -4.45 3.94 11.97
CA GLY A 107 -4.36 2.49 11.95
C GLY A 107 -3.93 1.87 10.60
N PHE A 108 -3.70 2.65 9.54
CA PHE A 108 -3.09 2.15 8.30
C PHE A 108 -1.60 1.84 8.33
N LEU A 109 -1.17 0.72 7.73
CA LEU A 109 0.25 0.47 7.49
C LEU A 109 0.68 1.39 6.33
N TYR A 110 1.57 2.34 6.59
CA TYR A 110 1.92 3.42 5.68
C TYR A 110 3.16 3.26 4.78
N MET A 111 2.97 3.31 3.45
CA MET A 111 4.06 3.31 2.47
C MET A 111 4.01 4.49 1.48
N VAL A 112 5.17 4.84 0.93
CA VAL A 112 5.35 5.78 -0.19
C VAL A 112 6.12 5.13 -1.34
N TYR A 113 5.88 5.57 -2.56
CA TYR A 113 6.39 5.03 -3.82
C TYR A 113 7.27 5.99 -4.62
N ALA A 114 8.52 5.63 -4.87
CA ALA A 114 9.57 6.49 -5.43
C ALA A 114 10.51 5.75 -6.40
N SER A 115 11.30 6.47 -7.19
CA SER A 115 12.40 5.92 -8.00
C SER A 115 13.71 5.79 -7.20
N GLN A 116 13.72 6.32 -5.96
CA GLN A 116 14.89 6.50 -5.11
C GLN A 116 14.48 6.42 -3.62
N GLU A 117 15.36 5.96 -2.71
CA GLU A 117 15.08 6.08 -1.26
C GLU A 117 15.28 7.53 -0.78
N THR A 118 16.30 8.21 -1.32
CA THR A 118 16.59 9.64 -1.15
C THR A 118 17.42 10.18 -2.31
N PHE A 119 17.32 11.48 -2.61
CA PHE A 119 18.19 12.16 -3.56
C PHE A 119 19.64 12.46 -3.10
N GLY A 120 19.88 12.37 -1.79
CA GLY A 120 21.19 12.60 -1.14
C GLY A 120 21.06 12.97 0.33
N ASP B 1 -11.23 -5.42 -10.14
CA ASP B 1 -12.33 -5.37 -9.13
C ASP B 1 -11.86 -5.01 -7.72
N TYR B 2 -12.45 -3.96 -7.13
CA TYR B 2 -12.16 -3.47 -5.77
C TYR B 2 -10.72 -3.01 -5.43
N GLU B 3 -9.86 -2.80 -6.43
CA GLU B 3 -8.41 -2.57 -6.31
C GLU B 3 -7.94 -1.31 -5.53
N SER B 4 -8.82 -0.32 -5.27
CA SER B 4 -8.58 0.83 -4.37
C SER B 4 -9.90 1.53 -3.99
N ASP B 5 -10.91 0.73 -3.69
CA ASP B 5 -12.30 1.15 -3.48
C ASP B 5 -12.64 1.76 -2.11
N ASP B 6 -13.91 2.09 -1.86
CA ASP B 6 -14.40 2.73 -0.63
C ASP B 6 -15.55 2.00 0.11
N ASP B 7 -15.72 2.28 1.41
CA ASP B 7 -16.68 1.64 2.34
C ASP B 7 -16.49 0.12 2.66
N SER B 8 -16.40 -0.74 1.65
CA SER B 8 -16.19 -2.19 1.81
C SER B 8 -15.58 -2.79 0.53
N TYR B 9 -14.56 -3.66 0.70
CA TYR B 9 -13.71 -4.15 -0.40
C TYR B 9 -12.87 -5.42 -0.18
N GLU B 10 -12.45 -6.08 -1.27
CA GLU B 10 -11.56 -7.25 -1.26
C GLU B 10 -10.05 -6.89 -1.43
N VAL B 11 -9.72 -6.09 -2.44
CA VAL B 11 -8.38 -5.50 -2.73
C VAL B 11 -7.18 -6.43 -2.99
N LEU B 12 -6.12 -5.89 -3.61
CA LEU B 12 -4.88 -6.56 -4.08
C LEU B 12 -5.09 -7.46 -5.30
N ASP B 13 -6.33 -7.48 -5.82
CA ASP B 13 -6.77 -8.12 -7.06
C ASP B 13 -6.36 -9.60 -7.30
N LEU B 14 -6.10 -10.35 -6.22
CA LEU B 14 -5.69 -11.76 -6.22
C LEU B 14 -6.27 -12.55 -5.03
N THR B 15 -6.42 -13.87 -5.19
CA THR B 15 -6.74 -14.83 -4.11
C THR B 15 -5.51 -15.47 -3.47
N GLU B 16 -5.50 -15.61 -2.14
CA GLU B 16 -4.35 -16.11 -1.35
C GLU B 16 -4.77 -16.75 -0.02
N TYR B 17 -3.84 -17.50 0.59
CA TYR B 17 -3.94 -18.09 1.92
C TYR B 17 -4.15 -17.13 3.11
N MET A 1 -11.11 5.14 -4.86
CA MET A 1 -10.47 5.96 -5.96
C MET A 1 -9.08 5.41 -6.36
N PRO A 2 -8.95 4.49 -7.34
CA PRO A 2 -7.63 4.01 -7.79
C PRO A 2 -7.01 4.83 -8.94
N SER A 3 -7.81 5.19 -9.95
CA SER A 3 -7.32 5.77 -11.22
C SER A 3 -6.80 7.21 -11.16
N GLU A 4 -7.37 8.06 -10.30
CA GLU A 4 -7.09 9.50 -10.25
C GLU A 4 -7.04 10.05 -8.81
N LYS A 5 -6.22 11.09 -8.61
CA LYS A 5 -5.96 11.77 -7.32
C LYS A 5 -5.40 10.86 -6.21
N THR A 6 -5.06 11.45 -5.06
CA THR A 6 -4.66 10.71 -3.84
C THR A 6 -5.82 10.05 -3.10
N PHE A 7 -5.56 8.98 -2.34
CA PHE A 7 -6.57 8.44 -1.42
C PHE A 7 -6.81 9.30 -0.16
N LYS A 8 -5.81 10.09 0.27
CA LYS A 8 -5.97 11.11 1.35
C LYS A 8 -7.03 12.17 0.99
N GLN A 9 -7.11 12.51 -0.30
CA GLN A 9 -8.15 13.36 -0.87
C GLN A 9 -9.56 12.73 -0.81
N ARG A 10 -9.68 11.39 -0.79
CA ARG A 10 -10.97 10.67 -0.70
C ARG A 10 -11.42 10.38 0.74
N ARG A 11 -10.53 9.86 1.61
CA ARG A 11 -10.82 9.58 3.04
C ARG A 11 -9.89 10.37 3.98
N THR A 12 -10.47 11.24 4.81
CA THR A 12 -9.82 11.94 5.94
C THR A 12 -9.84 11.07 7.19
N PHE A 13 -9.17 11.48 8.29
CA PHE A 13 -8.92 10.65 9.47
C PHE A 13 -10.11 9.86 10.07
N GLU A 14 -11.24 10.52 10.35
CA GLU A 14 -12.43 9.84 10.89
C GLU A 14 -13.02 8.82 9.90
N GLN A 15 -12.88 9.07 8.60
CA GLN A 15 -13.30 8.15 7.55
C GLN A 15 -12.28 7.00 7.38
N ARG A 16 -10.98 7.25 7.56
CA ARG A 16 -9.93 6.21 7.64
C ARG A 16 -10.14 5.26 8.83
N VAL A 17 -10.55 5.79 9.97
CA VAL A 17 -10.93 5.00 11.16
C VAL A 17 -12.10 4.07 10.79
N GLU A 18 -13.12 4.55 10.07
CA GLU A 18 -14.20 3.68 9.59
C GLU A 18 -13.71 2.63 8.58
N ASP A 19 -12.88 3.01 7.59
CA ASP A 19 -12.23 2.07 6.66
C ASP A 19 -11.49 0.91 7.34
N VAL A 20 -10.61 1.19 8.32
CA VAL A 20 -9.94 0.12 9.07
C VAL A 20 -10.89 -0.68 9.99
N ARG A 21 -11.94 -0.07 10.54
CA ARG A 21 -12.98 -0.79 11.31
C ARG A 21 -13.76 -1.77 10.43
N LEU A 22 -14.17 -1.31 9.24
CA LEU A 22 -14.82 -2.13 8.20
C LEU A 22 -13.91 -3.27 7.75
N ILE A 23 -12.64 -2.98 7.44
CA ILE A 23 -11.66 -3.98 7.01
C ILE A 23 -11.36 -5.03 8.10
N ARG A 24 -11.17 -4.63 9.36
CA ARG A 24 -10.99 -5.54 10.49
C ARG A 24 -12.20 -6.45 10.73
N GLU A 25 -13.41 -5.92 10.59
CA GLU A 25 -14.66 -6.69 10.70
C GLU A 25 -14.84 -7.68 9.53
N GLN A 26 -14.52 -7.27 8.30
CA GLN A 26 -14.61 -8.11 7.10
C GLN A 26 -13.58 -9.25 7.06
N HIS A 27 -12.30 -8.93 7.31
CA HIS A 27 -11.15 -9.81 7.11
C HIS A 27 -10.13 -9.66 8.26
N PRO A 28 -10.34 -10.29 9.43
CA PRO A 28 -9.52 -10.08 10.63
C PRO A 28 -8.01 -10.33 10.46
N THR A 29 -7.62 -11.22 9.55
CA THR A 29 -6.22 -11.52 9.19
C THR A 29 -5.52 -10.57 8.21
N LYS A 30 -6.24 -9.60 7.61
CA LYS A 30 -5.67 -8.65 6.65
C LYS A 30 -5.36 -7.27 7.25
N ILE A 31 -4.24 -6.71 6.81
CA ILE A 31 -3.67 -5.41 7.20
C ILE A 31 -4.16 -4.33 6.22
N PRO A 32 -4.66 -3.17 6.69
CA PRO A 32 -4.95 -2.01 5.84
C PRO A 32 -3.67 -1.24 5.46
N VAL A 33 -3.46 -0.98 4.17
CA VAL A 33 -2.23 -0.35 3.62
C VAL A 33 -2.54 0.83 2.70
N ILE A 34 -1.80 1.92 2.84
CA ILE A 34 -1.84 3.10 1.96
C ILE A 34 -0.63 3.04 1.01
N ILE A 35 -0.81 3.36 -0.28
CA ILE A 35 0.30 3.47 -1.22
C ILE A 35 0.23 4.79 -2.01
N GLU A 36 1.31 5.58 -2.00
CA GLU A 36 1.38 6.86 -2.73
C GLU A 36 2.80 7.11 -3.25
N ARG A 37 2.88 7.68 -4.44
CA ARG A 37 4.14 8.21 -5.02
C ARG A 37 4.67 9.38 -4.18
N TYR A 38 6.01 9.54 -4.10
CA TYR A 38 6.65 10.55 -3.24
C TYR A 38 6.22 12.02 -3.43
N LYS A 39 6.02 12.75 -2.33
CA LYS A 39 5.44 14.11 -2.31
C LYS A 39 6.22 15.13 -3.13
N GLY A 40 7.53 15.20 -2.94
CA GLY A 40 8.40 16.26 -3.49
C GLY A 40 8.82 16.09 -4.96
N GLU A 41 8.67 14.90 -5.54
CA GLU A 41 9.13 14.59 -6.90
C GLU A 41 8.26 13.51 -7.57
N LYS A 42 7.37 13.92 -8.49
CA LYS A 42 6.44 13.06 -9.25
C LYS A 42 7.10 12.45 -10.51
N GLN A 43 8.30 11.86 -10.35
CA GLN A 43 9.13 11.41 -11.49
C GLN A 43 8.58 10.16 -12.19
N LEU A 44 8.14 9.17 -11.40
CA LEU A 44 7.42 8.00 -11.92
C LEU A 44 5.99 8.37 -12.40
N PRO A 45 5.36 7.56 -13.27
CA PRO A 45 4.05 7.87 -13.87
C PRO A 45 2.90 8.00 -12.85
N VAL A 46 1.80 8.62 -13.28
CA VAL A 46 0.51 8.71 -12.56
C VAL A 46 -0.27 7.38 -12.62
N LEU A 47 0.29 6.35 -11.97
CA LEU A 47 -0.23 4.99 -11.93
C LEU A 47 -1.48 4.87 -11.04
N ASP A 48 -2.34 3.90 -11.33
CA ASP A 48 -3.65 3.68 -10.68
C ASP A 48 -3.62 3.04 -9.28
N LYS A 49 -2.65 3.45 -8.44
CA LYS A 49 -2.39 2.91 -7.09
C LYS A 49 -2.52 3.99 -6.01
N THR A 50 -3.36 3.71 -5.00
CA THR A 50 -3.65 4.59 -3.85
C THR A 50 -3.85 3.88 -2.50
N LYS A 51 -4.33 2.63 -2.51
CA LYS A 51 -4.72 1.84 -1.32
C LYS A 51 -4.54 0.34 -1.58
N PHE A 52 -4.30 -0.45 -0.54
CA PHE A 52 -4.17 -1.92 -0.55
C PHE A 52 -4.59 -2.65 0.75
N LEU A 53 -4.84 -3.96 0.67
CA LEU A 53 -5.03 -4.86 1.82
C LEU A 53 -3.99 -5.98 1.73
N VAL A 54 -3.45 -6.49 2.84
CA VAL A 54 -2.45 -7.58 2.80
C VAL A 54 -2.65 -8.64 3.89
N PRO A 55 -2.71 -9.95 3.60
CA PRO A 55 -2.72 -10.99 4.64
C PRO A 55 -1.47 -10.93 5.53
N ASP A 56 -1.65 -11.06 6.83
CA ASP A 56 -0.61 -10.90 7.86
C ASP A 56 0.72 -11.65 7.65
N HIS A 57 0.66 -12.85 7.04
CA HIS A 57 1.81 -13.72 6.78
C HIS A 57 2.61 -13.39 5.50
N VAL A 58 2.14 -12.48 4.64
CA VAL A 58 2.86 -12.11 3.38
C VAL A 58 4.20 -11.47 3.73
N ASN A 59 5.29 -11.95 3.11
CA ASN A 59 6.64 -11.39 3.25
C ASN A 59 6.75 -10.04 2.51
N MET A 60 7.55 -9.09 3.00
CA MET A 60 7.71 -7.80 2.33
C MET A 60 8.21 -7.91 0.89
N SER A 61 9.25 -8.71 0.62
CA SER A 61 9.73 -8.95 -0.75
C SER A 61 8.65 -9.55 -1.67
N GLU A 62 7.79 -10.43 -1.14
CA GLU A 62 6.63 -10.98 -1.86
C GLU A 62 5.58 -9.90 -2.16
N LEU A 63 5.28 -9.01 -1.19
CA LEU A 63 4.41 -7.85 -1.41
C LEU A 63 5.01 -6.93 -2.50
N ILE A 64 6.30 -6.62 -2.46
CA ILE A 64 6.96 -5.83 -3.51
C ILE A 64 6.78 -6.45 -4.90
N LYS A 65 6.85 -7.78 -5.02
CA LYS A 65 6.67 -8.47 -6.31
C LYS A 65 5.28 -8.25 -6.92
N ILE A 66 4.20 -8.43 -6.14
CA ILE A 66 2.83 -8.11 -6.60
C ILE A 66 2.66 -6.61 -6.85
N ILE A 67 3.16 -5.75 -5.96
CA ILE A 67 3.02 -4.28 -6.07
C ILE A 67 3.72 -3.75 -7.33
N ARG A 68 4.97 -4.14 -7.64
CA ARG A 68 5.70 -3.70 -8.84
C ARG A 68 4.99 -4.15 -10.12
N ARG A 69 4.45 -5.38 -10.15
CA ARG A 69 3.65 -5.88 -11.29
C ARG A 69 2.30 -5.18 -11.44
N ARG A 70 1.59 -4.89 -10.35
CA ARG A 70 0.33 -4.11 -10.34
C ARG A 70 0.52 -2.62 -10.67
N LEU A 71 1.72 -2.08 -10.43
CA LEU A 71 2.17 -0.75 -10.89
C LEU A 71 2.65 -0.79 -12.37
N GLN A 72 2.69 -1.96 -13.02
CA GLN A 72 3.14 -2.17 -14.40
C GLN A 72 4.58 -1.69 -14.69
N LEU A 73 5.43 -1.58 -13.65
CA LEU A 73 6.80 -1.07 -13.78
C LEU A 73 7.76 -2.20 -14.17
N ASN A 74 8.19 -2.19 -15.43
CA ASN A 74 9.20 -3.10 -16.00
C ASN A 74 10.55 -2.98 -15.28
N ALA A 75 11.39 -4.02 -15.30
CA ALA A 75 12.70 -4.05 -14.63
C ALA A 75 13.67 -2.92 -15.08
N ASN A 76 13.47 -2.37 -16.29
CA ASN A 76 14.20 -1.20 -16.79
C ASN A 76 13.85 0.12 -16.06
N GLN A 77 12.68 0.21 -15.42
CA GLN A 77 12.30 1.38 -14.60
C GLN A 77 12.97 1.30 -13.21
N ALA A 78 13.69 2.35 -12.82
CA ALA A 78 14.18 2.51 -11.45
C ALA A 78 13.02 2.76 -10.48
N PHE A 79 12.83 1.86 -9.52
CA PHE A 79 11.73 1.86 -8.55
C PHE A 79 12.05 1.26 -7.18
N PHE A 80 11.59 1.92 -6.12
CA PHE A 80 11.68 1.46 -4.73
C PHE A 80 10.36 1.68 -3.97
N LEU A 81 9.90 0.64 -3.26
CA LEU A 81 8.77 0.71 -2.35
C LEU A 81 9.32 1.01 -0.95
N LEU A 82 8.96 2.18 -0.42
CA LEU A 82 9.49 2.82 0.77
C LEU A 82 8.47 2.80 1.92
N VAL A 83 8.51 1.77 2.77
CA VAL A 83 7.63 1.71 3.95
C VAL A 83 8.05 2.77 4.97
N ASN A 84 7.12 3.67 5.31
CA ASN A 84 7.37 4.84 6.16
C ASN A 84 8.65 5.62 5.73
N GLY A 85 8.88 5.72 4.41
CA GLY A 85 10.02 6.45 3.81
C GLY A 85 11.34 5.69 3.65
N HIS A 86 11.45 4.42 4.09
CA HIS A 86 12.66 3.59 3.93
C HIS A 86 12.41 2.31 3.10
N SER A 87 13.38 1.90 2.28
CA SER A 87 13.23 0.73 1.39
C SER A 87 13.05 -0.60 2.14
N MET A 88 12.18 -1.47 1.62
CA MET A 88 11.98 -2.86 2.08
C MET A 88 12.01 -3.90 0.95
N VAL A 89 12.53 -3.55 -0.24
CA VAL A 89 12.41 -4.40 -1.46
C VAL A 89 13.04 -5.79 -1.36
N SER A 90 14.09 -5.94 -0.55
CA SER A 90 14.84 -7.21 -0.36
C SER A 90 14.49 -7.96 0.94
N VAL A 91 13.70 -7.38 1.85
CA VAL A 91 13.48 -7.91 3.20
C VAL A 91 12.45 -9.06 3.31
N SER A 92 12.77 -10.10 4.09
CA SER A 92 11.94 -11.30 4.27
C SER A 92 10.79 -11.14 5.27
N THR A 93 10.77 -10.07 6.08
CA THR A 93 9.80 -9.84 7.17
C THR A 93 8.32 -10.04 6.84
N PRO A 94 7.52 -10.79 7.62
CA PRO A 94 6.08 -10.84 7.46
C PRO A 94 5.44 -9.49 7.80
N ILE A 95 4.40 -9.10 7.05
CA ILE A 95 3.76 -7.78 7.19
C ILE A 95 3.07 -7.58 8.55
N SER A 96 2.81 -8.64 9.34
CA SER A 96 2.37 -8.54 10.74
C SER A 96 3.28 -7.69 11.63
N GLU A 97 4.59 -7.95 11.58
CA GLU A 97 5.61 -7.18 12.34
C GLU A 97 5.76 -5.76 11.78
N VAL A 98 5.73 -5.62 10.45
CA VAL A 98 5.77 -4.31 9.78
C VAL A 98 4.53 -3.46 10.09
N TYR A 99 3.37 -4.07 10.25
CA TYR A 99 2.17 -3.41 10.77
C TYR A 99 2.31 -2.79 12.16
N GLU A 100 2.72 -3.58 13.15
CA GLU A 100 2.96 -3.06 14.51
C GLU A 100 4.07 -2.00 14.56
N SER A 101 5.06 -2.08 13.66
CA SER A 101 6.20 -1.16 13.58
C SER A 101 5.92 0.13 12.79
N GLU A 102 5.09 0.09 11.74
CA GLU A 102 4.93 1.19 10.76
C GLU A 102 3.49 1.69 10.54
N LYS A 103 2.50 1.24 11.32
CA LYS A 103 1.15 1.83 11.33
C LYS A 103 1.22 3.32 11.75
N ASP A 104 0.53 4.20 11.00
CA ASP A 104 0.69 5.66 11.19
C ASP A 104 -0.07 6.23 12.41
N GLU A 105 -1.40 6.09 12.42
CA GLU A 105 -2.26 6.47 13.55
C GLU A 105 -3.07 5.29 14.12
N ASP A 106 -4.30 5.06 13.63
CA ASP A 106 -5.24 4.10 14.24
C ASP A 106 -5.01 2.63 13.79
N GLY A 107 -4.22 2.43 12.73
CA GLY A 107 -3.88 1.09 12.21
C GLY A 107 -3.39 1.04 10.76
N PHE A 108 -3.73 2.03 9.93
CA PHE A 108 -3.28 2.11 8.53
C PHE A 108 -1.76 2.20 8.31
N LEU A 109 -1.19 1.29 7.50
CA LEU A 109 0.25 1.19 7.24
C LEU A 109 0.65 2.00 5.99
N TYR A 110 1.50 3.00 6.13
CA TYR A 110 2.04 3.78 5.00
C TYR A 110 3.19 3.18 4.19
N MET A 111 3.01 3.10 2.86
CA MET A 111 4.06 2.75 1.89
C MET A 111 4.16 3.86 0.82
N VAL A 112 5.28 4.57 0.81
CA VAL A 112 5.59 5.56 -0.25
C VAL A 112 6.33 4.89 -1.39
N TYR A 113 6.36 5.41 -2.63
CA TYR A 113 7.26 4.89 -3.65
C TYR A 113 7.92 6.00 -4.48
N ALA A 114 9.13 5.73 -4.97
CA ALA A 114 9.96 6.67 -5.72
C ALA A 114 10.99 5.94 -6.60
N SER A 115 11.74 6.68 -7.41
CA SER A 115 12.88 6.13 -8.17
C SER A 115 14.16 5.94 -7.35
N GLN A 116 14.24 6.54 -6.14
CA GLN A 116 15.39 6.43 -5.22
C GLN A 116 15.10 5.49 -4.04
N GLU A 117 16.12 4.84 -3.48
CA GLU A 117 16.04 3.97 -2.30
C GLU A 117 15.67 4.71 -0.99
N THR A 118 15.82 6.04 -0.99
CA THR A 118 15.36 6.99 0.05
C THR A 118 15.25 8.31 -0.72
N PHE A 119 14.14 9.04 -0.57
CA PHE A 119 14.00 10.39 -1.13
C PHE A 119 14.92 11.47 -0.53
N GLY A 120 15.34 12.44 -1.35
CA GLY A 120 16.24 13.53 -0.95
C GLY A 120 16.42 14.58 -2.04
N ASP B 1 -10.92 -10.96 -6.60
CA ASP B 1 -11.16 -9.96 -7.68
C ASP B 1 -11.15 -8.51 -7.18
N TYR B 2 -11.10 -7.54 -8.11
CA TYR B 2 -11.13 -6.08 -7.89
C TYR B 2 -10.00 -5.39 -7.08
N GLU B 3 -9.74 -4.11 -7.40
CA GLU B 3 -8.57 -3.37 -6.89
C GLU B 3 -8.92 -2.02 -6.22
N SER B 4 -10.21 -1.74 -6.00
CA SER B 4 -10.77 -0.64 -5.18
C SER B 4 -12.30 -0.71 -5.18
N ASP B 5 -12.91 -0.70 -3.99
CA ASP B 5 -14.36 -0.59 -3.78
C ASP B 5 -14.60 -0.14 -2.31
N ASP B 6 -15.82 -0.27 -1.81
CA ASP B 6 -16.25 -0.13 -0.41
C ASP B 6 -17.27 -1.18 0.08
N ASP B 7 -17.18 -1.55 1.38
CA ASP B 7 -17.98 -2.57 2.09
C ASP B 7 -18.05 -4.02 1.52
N SER B 8 -17.64 -5.00 2.32
CA SER B 8 -17.49 -6.45 1.96
C SER B 8 -16.78 -6.63 0.60
N TYR B 9 -15.50 -6.24 0.53
CA TYR B 9 -14.75 -6.11 -0.72
C TYR B 9 -13.25 -6.47 -0.55
N GLU B 10 -12.46 -6.25 -1.61
CA GLU B 10 -11.01 -6.47 -1.72
C GLU B 10 -10.34 -5.33 -2.51
N VAL B 11 -9.03 -5.12 -2.30
CA VAL B 11 -8.18 -4.10 -2.95
C VAL B 11 -6.86 -4.65 -3.52
N LEU B 12 -6.29 -5.69 -2.91
CA LEU B 12 -5.16 -6.44 -3.47
C LEU B 12 -5.77 -7.58 -4.30
N ASP B 13 -5.88 -7.37 -5.61
CA ASP B 13 -6.64 -8.27 -6.51
C ASP B 13 -6.15 -9.74 -6.51
N LEU B 14 -4.98 -10.02 -5.94
CA LEU B 14 -4.43 -11.35 -5.64
C LEU B 14 -5.34 -12.16 -4.69
N THR B 15 -6.17 -11.49 -3.88
CA THR B 15 -7.21 -12.02 -2.98
C THR B 15 -6.81 -12.94 -1.81
N GLU B 16 -6.01 -13.99 -2.04
CA GLU B 16 -5.56 -14.96 -1.02
C GLU B 16 -6.69 -15.61 -0.19
N TYR B 17 -7.87 -15.80 -0.82
CA TYR B 17 -9.09 -16.38 -0.24
C TYR B 17 -9.94 -17.26 -1.18
N MET A 1 -10.85 4.80 -4.72
CA MET A 1 -11.02 5.53 -6.02
C MET A 1 -9.79 5.29 -6.92
N PRO A 2 -9.84 4.31 -7.84
CA PRO A 2 -8.68 3.96 -8.68
C PRO A 2 -8.57 4.92 -9.88
N SER A 3 -7.79 6.00 -9.71
CA SER A 3 -7.52 7.01 -10.76
C SER A 3 -6.18 7.75 -10.52
N GLU A 4 -5.84 8.70 -11.40
CA GLU A 4 -4.63 9.55 -11.27
C GLU A 4 -4.67 10.48 -10.03
N LYS A 5 -5.86 10.80 -9.50
CA LYS A 5 -6.03 11.58 -8.27
C LYS A 5 -5.67 10.74 -7.03
N THR A 6 -5.10 11.39 -6.00
CA THR A 6 -4.84 10.76 -4.69
C THR A 6 -6.11 10.35 -3.93
N PHE A 7 -5.99 9.43 -2.96
CA PHE A 7 -7.14 8.95 -2.18
C PHE A 7 -7.71 10.06 -1.27
N LYS A 8 -7.03 11.20 -1.08
CA LYS A 8 -7.53 12.34 -0.26
C LYS A 8 -8.85 12.93 -0.80
N GLN A 9 -9.11 12.77 -2.10
CA GLN A 9 -10.39 13.08 -2.75
C GLN A 9 -11.55 12.18 -2.25
N ARG A 10 -11.24 10.93 -1.84
CA ARG A 10 -12.20 9.88 -1.46
C ARG A 10 -12.34 9.66 0.06
N ARG A 11 -11.27 9.92 0.85
CA ARG A 11 -11.24 9.68 2.32
C ARG A 11 -10.61 10.80 3.14
N THR A 12 -11.09 10.94 4.37
CA THR A 12 -10.56 11.78 5.48
C THR A 12 -10.05 10.94 6.65
N PHE A 13 -9.35 11.54 7.63
CA PHE A 13 -8.85 10.84 8.81
C PHE A 13 -9.87 9.97 9.59
N GLU A 14 -11.02 10.55 9.92
CA GLU A 14 -12.10 9.83 10.62
C GLU A 14 -12.73 8.75 9.73
N GLN A 15 -12.86 9.01 8.43
CA GLN A 15 -13.37 8.01 7.47
C GLN A 15 -12.39 6.84 7.29
N ARG A 16 -11.07 7.08 7.35
CA ARG A 16 -10.06 6.00 7.38
C ARG A 16 -10.10 5.18 8.68
N VAL A 17 -10.29 5.82 9.84
CA VAL A 17 -10.54 5.07 11.11
C VAL A 17 -11.77 4.16 10.95
N GLU A 18 -12.83 4.63 10.30
CA GLU A 18 -13.99 3.79 9.99
C GLU A 18 -13.64 2.65 9.01
N ASP A 19 -12.87 2.91 7.94
CA ASP A 19 -12.33 1.87 7.07
C ASP A 19 -11.51 0.77 7.78
N VAL A 20 -10.73 1.12 8.80
CA VAL A 20 -10.08 0.14 9.69
C VAL A 20 -11.12 -0.73 10.40
N ARG A 21 -12.22 -0.15 10.90
CA ARG A 21 -13.33 -0.91 11.52
C ARG A 21 -13.97 -1.87 10.51
N LEU A 22 -14.35 -1.38 9.31
CA LEU A 22 -14.92 -2.19 8.23
C LEU A 22 -14.02 -3.38 7.86
N ILE A 23 -12.72 -3.15 7.64
CA ILE A 23 -11.82 -4.23 7.22
C ILE A 23 -11.58 -5.23 8.37
N ARG A 24 -11.45 -4.75 9.62
CA ARG A 24 -11.35 -5.62 10.81
C ARG A 24 -12.60 -6.49 11.03
N GLU A 25 -13.78 -6.03 10.59
CA GLU A 25 -15.01 -6.84 10.59
C GLU A 25 -15.04 -7.90 9.47
N GLN A 26 -14.73 -7.53 8.21
CA GLN A 26 -14.80 -8.50 7.09
C GLN A 26 -13.66 -9.54 7.08
N HIS A 27 -12.41 -9.14 7.44
CA HIS A 27 -11.21 -10.00 7.37
C HIS A 27 -10.18 -9.66 8.47
N PRO A 28 -10.27 -10.25 9.69
CA PRO A 28 -9.35 -9.98 10.81
C PRO A 28 -7.87 -10.26 10.52
N THR A 29 -7.57 -11.19 9.58
CA THR A 29 -6.21 -11.54 9.13
C THR A 29 -5.52 -10.55 8.17
N LYS A 30 -6.24 -9.52 7.69
CA LYS A 30 -5.74 -8.53 6.72
C LYS A 30 -5.48 -7.14 7.32
N ILE A 31 -4.44 -6.50 6.82
CA ILE A 31 -3.89 -5.21 7.29
C ILE A 31 -4.32 -4.06 6.35
N PRO A 32 -4.81 -2.92 6.87
CA PRO A 32 -5.08 -1.70 6.08
C PRO A 32 -3.78 -0.95 5.73
N VAL A 33 -3.48 -0.77 4.44
CA VAL A 33 -2.27 -0.09 3.95
C VAL A 33 -2.54 0.98 2.87
N ILE A 34 -1.68 2.01 2.81
CA ILE A 34 -1.74 3.06 1.79
C ILE A 34 -0.51 2.97 0.89
N ILE A 35 -0.64 3.32 -0.40
CA ILE A 35 0.47 3.49 -1.33
C ILE A 35 0.37 4.85 -2.02
N GLU A 36 1.47 5.59 -2.10
CA GLU A 36 1.49 6.89 -2.77
C GLU A 36 2.85 7.21 -3.39
N ARG A 37 2.86 7.95 -4.50
CA ARG A 37 4.09 8.54 -5.06
C ARG A 37 4.75 9.47 -4.02
N TYR A 38 6.08 9.58 -4.01
CA TYR A 38 6.77 10.61 -3.21
C TYR A 38 6.33 12.06 -3.49
N LYS A 39 6.06 12.87 -2.45
CA LYS A 39 5.46 14.22 -2.59
C LYS A 39 6.25 15.16 -3.51
N GLY A 40 7.57 14.99 -3.61
CA GLY A 40 8.46 15.74 -4.50
C GLY A 40 8.64 15.14 -5.91
N GLU A 41 7.90 14.10 -6.28
CA GLU A 41 8.11 13.31 -7.50
C GLU A 41 6.82 12.85 -8.22
N LYS A 42 6.79 13.03 -9.54
CA LYS A 42 5.79 12.47 -10.47
C LYS A 42 6.48 11.76 -11.67
N GLN A 43 7.71 11.30 -11.45
CA GLN A 43 8.64 10.74 -12.46
C GLN A 43 8.26 9.29 -12.82
N LEU A 44 8.05 8.45 -11.80
CA LEU A 44 7.48 7.10 -11.99
C LEU A 44 5.97 7.17 -12.33
N PRO A 45 5.40 6.15 -13.00
CA PRO A 45 4.03 6.18 -13.50
C PRO A 45 2.96 6.54 -12.46
N VAL A 46 2.12 7.52 -12.79
CA VAL A 46 1.04 8.06 -11.92
C VAL A 46 -0.26 7.20 -11.91
N LEU A 47 -0.08 5.88 -11.91
CA LEU A 47 -1.14 4.89 -12.12
C LEU A 47 -2.16 4.81 -10.96
N ASP A 48 -3.28 4.14 -11.21
CA ASP A 48 -4.48 4.09 -10.37
C ASP A 48 -4.39 3.45 -8.97
N LYS A 49 -3.27 2.82 -8.62
CA LYS A 49 -3.02 2.24 -7.28
C LYS A 49 -2.74 3.35 -6.24
N THR A 50 -3.66 3.54 -5.30
CA THR A 50 -3.59 4.54 -4.19
C THR A 50 -3.83 3.99 -2.77
N LYS A 51 -4.24 2.72 -2.65
CA LYS A 51 -4.66 2.05 -1.40
C LYS A 51 -4.42 0.54 -1.56
N PHE A 52 -4.17 -0.19 -0.47
CA PHE A 52 -4.00 -1.65 -0.46
C PHE A 52 -4.42 -2.38 0.83
N LEU A 53 -4.70 -3.68 0.74
CA LEU A 53 -4.91 -4.56 1.89
C LEU A 53 -3.92 -5.72 1.79
N VAL A 54 -3.41 -6.24 2.91
CA VAL A 54 -2.39 -7.31 2.91
C VAL A 54 -2.70 -8.42 3.92
N PRO A 55 -2.77 -9.71 3.56
CA PRO A 55 -2.92 -10.79 4.53
C PRO A 55 -1.62 -11.01 5.31
N ASP A 56 -1.70 -11.33 6.60
CA ASP A 56 -0.55 -11.51 7.49
C ASP A 56 0.57 -12.45 7.02
N HIS A 57 0.24 -13.44 6.18
CA HIS A 57 1.18 -14.40 5.58
C HIS A 57 2.08 -13.81 4.48
N VAL A 58 1.69 -12.71 3.82
CA VAL A 58 2.48 -12.07 2.74
C VAL A 58 3.70 -11.38 3.37
N ASN A 59 4.88 -11.56 2.76
CA ASN A 59 6.12 -10.87 3.12
C ASN A 59 6.22 -9.49 2.43
N MET A 60 7.04 -8.57 2.94
CA MET A 60 7.29 -7.30 2.22
C MET A 60 7.89 -7.51 0.84
N SER A 61 8.84 -8.44 0.67
CA SER A 61 9.39 -8.83 -0.64
C SER A 61 8.31 -9.31 -1.63
N GLU A 62 7.35 -10.13 -1.15
CA GLU A 62 6.19 -10.57 -1.93
C GLU A 62 5.29 -9.39 -2.32
N LEU A 63 4.89 -8.55 -1.35
CA LEU A 63 4.08 -7.35 -1.58
C LEU A 63 4.74 -6.41 -2.61
N ILE A 64 6.06 -6.23 -2.50
CA ILE A 64 6.88 -5.46 -3.44
C ILE A 64 6.78 -6.03 -4.86
N LYS A 65 7.00 -7.33 -5.08
CA LYS A 65 6.97 -7.87 -6.46
C LYS A 65 5.57 -7.95 -7.08
N ILE A 66 4.49 -8.18 -6.31
CA ILE A 66 3.11 -8.05 -6.88
C ILE A 66 2.82 -6.59 -7.27
N ILE A 67 3.22 -5.61 -6.45
CA ILE A 67 3.05 -4.19 -6.78
C ILE A 67 3.90 -3.79 -8.00
N ARG A 68 5.16 -4.23 -8.07
CA ARG A 68 6.07 -3.99 -9.22
C ARG A 68 5.52 -4.61 -10.52
N ARG A 69 4.77 -5.72 -10.46
CA ARG A 69 4.06 -6.30 -11.61
C ARG A 69 2.72 -5.63 -11.94
N ARG A 70 1.94 -5.20 -10.94
CA ARG A 70 0.62 -4.55 -11.13
C ARG A 70 0.78 -3.15 -11.73
N LEU A 71 1.81 -2.42 -11.28
CA LEU A 71 2.29 -1.17 -11.89
C LEU A 71 3.14 -1.53 -13.11
N GLN A 72 3.21 -0.66 -14.13
CA GLN A 72 4.05 -0.87 -15.33
C GLN A 72 5.55 -0.56 -15.09
N LEU A 73 6.10 -1.07 -13.98
CA LEU A 73 7.50 -0.93 -13.59
C LEU A 73 8.36 -2.09 -14.13
N ASN A 74 9.63 -1.81 -14.41
CA ASN A 74 10.61 -2.74 -14.99
C ASN A 74 11.99 -2.54 -14.33
N ALA A 75 12.83 -3.58 -14.26
CA ALA A 75 14.14 -3.54 -13.61
C ALA A 75 15.14 -2.50 -14.19
N ASN A 76 14.92 -2.06 -15.44
CA ASN A 76 15.69 -0.95 -16.04
C ASN A 76 15.39 0.43 -15.43
N GLN A 77 14.23 0.61 -14.79
CA GLN A 77 13.84 1.85 -14.11
C GLN A 77 14.36 1.87 -12.66
N ALA A 78 14.76 3.06 -12.15
CA ALA A 78 15.06 3.25 -10.75
C ALA A 78 13.77 3.22 -9.91
N PHE A 79 13.65 2.28 -8.96
CA PHE A 79 12.45 2.07 -8.15
C PHE A 79 12.68 1.51 -6.73
N PHE A 80 11.98 2.08 -5.74
CA PHE A 80 11.94 1.58 -4.37
C PHE A 80 10.55 1.79 -3.77
N LEU A 81 9.97 0.76 -3.17
CA LEU A 81 8.75 0.84 -2.34
C LEU A 81 9.19 0.88 -0.87
N LEU A 82 8.67 1.85 -0.13
CA LEU A 82 9.09 2.25 1.21
C LEU A 82 7.93 2.19 2.21
N VAL A 83 8.18 1.85 3.48
CA VAL A 83 7.21 1.97 4.60
C VAL A 83 7.55 3.18 5.45
N ASN A 84 6.64 4.16 5.59
CA ASN A 84 6.93 5.47 6.21
C ASN A 84 8.21 6.16 5.66
N GLY A 85 8.53 5.93 4.38
CA GLY A 85 9.76 6.40 3.72
C GLY A 85 11.03 5.57 3.97
N HIS A 86 10.95 4.47 4.74
CA HIS A 86 12.06 3.52 5.00
C HIS A 86 12.09 2.39 3.96
N SER A 87 13.24 2.09 3.37
CA SER A 87 13.39 1.07 2.31
C SER A 87 13.10 -0.36 2.79
N MET A 88 12.32 -1.12 2.00
CA MET A 88 11.86 -2.48 2.36
C MET A 88 12.31 -3.61 1.41
N VAL A 89 13.12 -3.33 0.39
CA VAL A 89 13.46 -4.30 -0.68
C VAL A 89 14.22 -5.56 -0.23
N SER A 90 14.93 -5.48 0.90
CA SER A 90 15.63 -6.61 1.56
C SER A 90 14.78 -7.39 2.57
N VAL A 91 13.54 -6.94 2.86
CA VAL A 91 12.70 -7.46 3.96
C VAL A 91 11.89 -8.69 3.56
N SER A 92 12.40 -9.87 3.91
CA SER A 92 11.71 -11.17 3.83
C SER A 92 10.67 -11.39 4.94
N THR A 93 10.63 -10.52 5.94
CA THR A 93 9.66 -10.53 7.07
C THR A 93 8.17 -10.53 6.66
N PRO A 94 7.29 -11.31 7.32
CA PRO A 94 5.84 -11.19 7.15
C PRO A 94 5.31 -9.81 7.52
N ILE A 95 4.25 -9.36 6.84
CA ILE A 95 3.71 -7.99 6.96
C ILE A 95 3.24 -7.65 8.38
N SER A 96 2.83 -8.62 9.19
CA SER A 96 2.32 -8.40 10.57
C SER A 96 3.34 -7.74 11.50
N GLU A 97 4.61 -8.15 11.45
CA GLU A 97 5.69 -7.57 12.26
C GLU A 97 6.07 -6.16 11.77
N VAL A 98 6.14 -5.97 10.45
CA VAL A 98 6.34 -4.66 9.80
C VAL A 98 5.20 -3.68 10.13
N TYR A 99 3.97 -4.18 10.10
CA TYR A 99 2.77 -3.48 10.55
C TYR A 99 2.83 -2.91 11.95
N GLU A 100 2.99 -3.74 12.98
CA GLU A 100 3.03 -3.28 14.37
C GLU A 100 4.21 -2.32 14.64
N SER A 101 5.31 -2.45 13.87
CA SER A 101 6.46 -1.53 13.93
C SER A 101 6.23 -0.16 13.27
N GLU A 102 5.34 -0.05 12.27
CA GLU A 102 5.17 1.14 11.41
C GLU A 102 3.72 1.69 11.32
N LYS A 103 2.76 1.08 12.03
CA LYS A 103 1.36 1.50 12.16
C LYS A 103 1.22 2.95 12.67
N ASP A 104 0.43 3.76 11.97
CA ASP A 104 0.14 5.15 12.34
C ASP A 104 -1.10 5.24 13.27
N GLU A 105 -1.34 6.40 13.88
CA GLU A 105 -2.33 6.62 14.95
C GLU A 105 -3.78 6.22 14.58
N ASP A 106 -4.20 6.39 13.33
CA ASP A 106 -5.50 5.97 12.81
C ASP A 106 -5.66 4.46 12.50
N GLY A 107 -4.58 3.69 12.61
CA GLY A 107 -4.53 2.25 12.38
C GLY A 107 -4.03 1.83 10.98
N PHE A 108 -3.91 2.75 10.02
CA PHE A 108 -3.24 2.48 8.73
C PHE A 108 -1.72 2.29 8.74
N LEU A 109 -1.22 1.51 7.80
CA LEU A 109 0.20 1.36 7.47
C LEU A 109 0.54 2.17 6.21
N TYR A 110 1.24 3.29 6.34
CA TYR A 110 1.69 4.09 5.20
C TYR A 110 2.86 3.54 4.38
N MET A 111 2.71 3.45 3.05
CA MET A 111 3.80 3.14 2.13
C MET A 111 3.92 4.23 1.04
N VAL A 112 5.14 4.52 0.63
CA VAL A 112 5.47 5.51 -0.43
C VAL A 112 6.38 4.83 -1.44
N TYR A 113 6.29 5.12 -2.73
CA TYR A 113 7.30 4.63 -3.69
C TYR A 113 7.83 5.79 -4.54
N ALA A 114 9.07 5.61 -5.01
CA ALA A 114 9.85 6.67 -5.64
C ALA A 114 11.06 6.14 -6.44
N SER A 115 11.66 7.02 -7.24
CA SER A 115 12.94 6.80 -7.93
C SER A 115 14.12 6.68 -6.93
N GLN A 116 14.02 7.36 -5.78
CA GLN A 116 15.00 7.42 -4.70
C GLN A 116 14.30 7.49 -3.33
N GLU A 117 14.88 6.88 -2.29
CA GLU A 117 14.31 6.83 -0.95
C GLU A 117 14.43 8.15 -0.14
N THR A 118 15.31 9.06 -0.56
CA THR A 118 15.55 10.36 0.10
C THR A 118 14.34 11.27 -0.17
N PHE A 119 14.10 12.18 0.78
CA PHE A 119 13.05 13.20 0.75
C PHE A 119 13.47 14.61 1.22
N GLY A 120 12.94 15.66 0.56
CA GLY A 120 13.24 17.08 0.85
C GLY A 120 12.06 17.80 1.49
N ASP B 1 -11.55 -8.72 -9.27
CA ASP B 1 -12.57 -7.73 -8.81
C ASP B 1 -12.19 -6.98 -7.52
N TYR B 2 -12.82 -5.83 -7.24
CA TYR B 2 -12.61 -5.05 -6.02
C TYR B 2 -11.20 -4.51 -5.72
N GLU B 3 -10.52 -3.99 -6.75
CA GLU B 3 -9.22 -3.30 -6.63
C GLU B 3 -9.27 -1.89 -6.04
N SER B 4 -10.39 -1.51 -5.40
CA SER B 4 -10.50 -0.25 -4.67
C SER B 4 -11.69 -0.20 -3.70
N ASP B 5 -11.73 0.93 -2.99
CA ASP B 5 -12.81 1.43 -2.13
C ASP B 5 -13.03 0.77 -0.75
N ASP B 6 -14.16 0.08 -0.56
CA ASP B 6 -14.67 -0.45 0.73
C ASP B 6 -15.78 -1.53 0.60
N ASP B 7 -16.03 -2.28 1.70
CA ASP B 7 -17.12 -3.26 1.89
C ASP B 7 -17.18 -4.50 0.95
N SER B 8 -16.89 -5.70 1.48
CA SER B 8 -16.79 -6.96 0.71
C SER B 8 -15.80 -6.79 -0.46
N TYR B 9 -14.58 -6.35 -0.12
CA TYR B 9 -13.57 -5.89 -1.07
C TYR B 9 -12.16 -6.35 -0.64
N GLU B 10 -11.20 -6.35 -1.56
CA GLU B 10 -9.86 -6.95 -1.37
C GLU B 10 -8.66 -6.03 -1.70
N VAL B 11 -8.83 -5.07 -2.61
CA VAL B 11 -7.82 -4.08 -3.05
C VAL B 11 -6.55 -4.63 -3.72
N LEU B 12 -5.74 -5.41 -3.00
CA LEU B 12 -4.60 -6.18 -3.53
C LEU B 12 -5.17 -7.46 -4.18
N ASP B 13 -5.97 -7.28 -5.24
CA ASP B 13 -6.78 -8.31 -5.89
C ASP B 13 -6.02 -9.62 -6.25
N LEU B 14 -6.22 -10.66 -5.42
CA LEU B 14 -5.52 -11.94 -5.40
C LEU B 14 -6.47 -13.06 -4.91
N THR B 15 -6.16 -14.31 -5.24
CA THR B 15 -6.88 -15.52 -4.77
C THR B 15 -6.82 -15.83 -3.27
N GLU B 16 -6.01 -15.10 -2.50
CA GLU B 16 -5.90 -15.18 -1.04
C GLU B 16 -7.10 -14.50 -0.34
N TYR B 17 -8.29 -15.08 -0.50
CA TYR B 17 -9.57 -14.60 0.05
C TYR B 17 -9.72 -14.60 1.59
#